data_6DM0
#
_entry.id   6DM0
#
_cell.length_a   1
_cell.length_b   1
_cell.length_c   1
_cell.angle_alpha   90.00
_cell.angle_beta   90.00
_cell.angle_gamma   90.00
#
_symmetry.space_group_name_H-M   'P 1'
#
loop_
_entity.id
_entity.type
_entity.pdbx_description
1 polymer 'Glutamate receptor 2,Voltage-dependent calcium channel gamma-2 subunit'
2 non-polymer 'GLUTAMIC ACID'
3 non-polymer CYCLOTHIAZIDE
4 non-polymer N,N,N-trimethyl-5-({[(3s,5s,7s)-tricyclo[3.3.1.1~3,7~]decan-1-yl]methyl}amino)pentan-1-aminium
#
_entity_poly.entity_id   1
_entity_poly.type   'polypeptide(L)'
_entity_poly.pdbx_seq_one_letter_code
;NSIQIGGLFPRGADQEYSAFRVGMVQFSTSEFRLTPHIDNLEVANSFAVTNAFCSQFSRGVYAIFGFYDKKSVNTITSFC
GTLHVSFITPSFPTDGTHPFVIQMRPDLKGALLSLIEYYQWDKFAYLYDSDRGLSTLQAVLDSAAEKKWQVTAINVGNIN
NDKKDETYRSLFQDLELKKERRVILDCERDKVNDIVDQVITIGKHVKGYHYIIANLGFTDGDLLKIQFGGAEVSGFQIVD
YDDSLVSKFIERWSTLEEKEYPGAHTATIKYTSALTYDAVQVMTEAFRNLRKQRIEISRRGNAGDCLANPAVPWGQGVEI
ERALKQVQVEGLSGNIKFDQNGKRINYTINIMELKTNGPRKIGYWSEVDKMVLTEDDTSGLEQKTVVVTTILESPYVMMK
KNHEMLEGNERYEGYCVDLAAEIAKHCGFKYKLTIVGDGKYGARDADTKIWNGMVGELVYGKADIAIAPLTITLVREEVI
DFSKPFMSLGISIMIKKPQKSKPGVFSFLDPLAYEIWMCIVFAYIGVSVVLFLVSRFSPYEWHTEEFEDGRETQSSESTN
EFGIFNSLWFSLGAFMQQGCDISPRSLSGRIVGGVWWFFTLIIISSYTANLAAFLTVERMVSPIESAEDLSKQTEIAYGT
LDSGSTKEFFRRSKIAVFDKMWTYMRSAEPSVFVRTTAEGVARVRKSKGKYAYLLESTMNEYIEQRKPCDTMKVGGNLDS
KGYGIATPKGSSLGTPVNLAVLKLSEQGVLDKLKNKWWYDKGECGAKDSGSKEKTSALSLSNVAGVFYILVGGLGLAMLV
ALIEFCYKSRAEAKRMKGTGLFDRGVQMLLTTVGAFAAFSLMTIAVGTDYWLYSRGVCKTKSVSEDETSKKNEEVMTHSG
LWRTCCLEGNFKGLCKQIDHFPEDADYEADTAEYFLRAVRASSIFPILSVILLFMGGLCIAASEFYKTRHNIILSAGIFF
VSAGLSNIIGIIVYISANAGDPSKSDSKKNSYSYGWSFYFGALSFIIAEMVGVLAVHMFIDRHKQLTGGAE
;
_entity_poly.pdbx_strand_id   A,B,C,D
#
# COMPACT_ATOMS: atom_id res chain seq x y z
N ASN A 1 2.95 -95.50 30.31
CA ASN A 1 3.30 -94.56 31.36
C ASN A 1 2.18 -93.56 31.59
N SER A 2 1.27 -93.87 32.50
CA SER A 2 0.16 -92.98 32.83
C SER A 2 0.68 -91.83 33.69
N ILE A 3 0.70 -90.63 33.11
CA ILE A 3 1.26 -89.45 33.76
C ILE A 3 0.12 -88.54 34.17
N GLN A 4 0.13 -88.13 35.45
CA GLN A 4 -0.90 -87.24 35.97
C GLN A 4 -0.74 -85.83 35.42
N ILE A 5 -1.76 -85.33 34.74
CA ILE A 5 -1.81 -83.94 34.33
C ILE A 5 -3.04 -83.29 34.93
N GLY A 6 -3.12 -81.97 34.80
CA GLY A 6 -4.21 -81.22 35.39
C GLY A 6 -4.76 -80.17 34.45
N GLY A 7 -6.09 -80.06 34.41
CA GLY A 7 -6.74 -79.14 33.52
C GLY A 7 -7.78 -78.27 34.22
N LEU A 8 -7.77 -76.98 33.92
CA LEU A 8 -8.70 -76.02 34.51
C LEU A 8 -9.51 -75.38 33.41
N PHE A 9 -10.76 -75.79 33.28
CA PHE A 9 -11.54 -75.07 32.31
C PHE A 9 -12.51 -74.12 33.00
N PRO A 10 -12.65 -72.91 32.47
CA PRO A 10 -13.73 -72.04 32.91
C PRO A 10 -15.07 -72.63 32.52
N ARG A 11 -16.07 -72.40 33.35
CA ARG A 11 -17.37 -73.01 33.15
C ARG A 11 -18.08 -72.34 31.98
N GLY A 12 -18.16 -73.04 30.86
CA GLY A 12 -18.71 -72.50 29.64
C GLY A 12 -17.86 -72.82 28.43
N ALA A 13 -16.68 -73.37 28.65
CA ALA A 13 -15.75 -73.68 27.57
C ALA A 13 -15.94 -75.11 27.06
N ASP A 14 -17.18 -75.40 26.67
CA ASP A 14 -17.52 -76.77 26.31
C ASP A 14 -16.91 -77.15 24.98
N GLN A 15 -16.84 -76.19 24.04
CA GLN A 15 -16.19 -76.44 22.76
C GLN A 15 -14.71 -76.72 22.94
N GLU A 16 -14.06 -75.98 23.84
CA GLU A 16 -12.65 -76.22 24.11
C GLU A 16 -12.43 -77.54 24.83
N TYR A 17 -13.36 -77.92 25.70
CA TYR A 17 -13.25 -79.22 26.37
C TYR A 17 -13.42 -80.37 25.38
N SER A 18 -14.34 -80.20 24.43
CA SER A 18 -14.52 -81.20 23.38
C SER A 18 -13.27 -81.28 22.50
N ALA A 19 -12.67 -80.13 22.19
CA ALA A 19 -11.43 -80.14 21.42
C ALA A 19 -10.29 -80.78 22.18
N PHE A 20 -10.30 -80.62 23.51
CA PHE A 20 -9.29 -81.27 24.34
C PHE A 20 -9.43 -82.79 24.31
N ARG A 21 -10.68 -83.28 24.35
CA ARG A 21 -10.87 -84.72 24.24
C ARG A 21 -10.54 -85.23 22.84
N VAL A 22 -10.80 -84.43 21.82
CA VAL A 22 -10.44 -84.80 20.45
C VAL A 22 -8.93 -84.91 20.31
N GLY A 23 -8.20 -83.97 20.90
CA GLY A 23 -6.74 -84.05 20.89
C GLY A 23 -6.22 -85.22 21.70
N MET A 24 -6.91 -85.54 22.80
CA MET A 24 -6.59 -86.73 23.58
C MET A 24 -6.71 -87.99 22.72
N VAL A 25 -7.79 -88.08 21.93
CA VAL A 25 -7.96 -89.18 20.99
C VAL A 25 -6.86 -89.18 19.94
N GLN A 26 -6.62 -88.03 19.31
CA GLN A 26 -5.72 -87.95 18.18
C GLN A 26 -4.26 -88.13 18.55
N PHE A 27 -3.90 -87.92 19.82
CA PHE A 27 -2.50 -87.97 20.17
C PHE A 27 -2.19 -88.93 21.32
N SER A 28 -3.13 -89.76 21.73
CA SER A 28 -2.82 -90.83 22.67
C SER A 28 -1.97 -91.90 21.98
N THR A 29 -0.86 -92.28 22.61
CA THR A 29 0.04 -93.30 22.08
C THR A 29 -0.04 -94.57 22.91
N SER A 30 0.85 -95.52 22.59
CA SER A 30 0.83 -96.83 23.23
C SER A 30 1.63 -96.87 24.52
N GLU A 31 2.81 -96.23 24.57
CA GLU A 31 3.66 -96.34 25.74
C GLU A 31 3.16 -95.47 26.89
N PHE A 32 3.18 -94.15 26.70
CA PHE A 32 2.86 -93.23 27.78
C PHE A 32 1.45 -92.71 27.62
N ARG A 33 0.71 -92.70 28.72
CA ARG A 33 -0.69 -92.34 28.73
C ARG A 33 -0.88 -91.15 29.65
N LEU A 34 -2.08 -90.58 29.61
CA LEU A 34 -2.35 -89.34 30.31
C LEU A 34 -3.43 -89.58 31.35
N THR A 35 -3.28 -88.93 32.50
CA THR A 35 -4.28 -88.96 33.57
C THR A 35 -4.78 -87.52 33.72
N PRO A 36 -5.83 -87.14 32.98
CA PRO A 36 -6.35 -85.77 33.10
C PRO A 36 -7.21 -85.65 34.34
N HIS A 37 -6.97 -84.60 35.11
CA HIS A 37 -7.89 -84.23 36.17
C HIS A 37 -8.53 -82.91 35.75
N ILE A 38 -9.74 -83.00 35.23
CA ILE A 38 -10.44 -81.86 34.66
C ILE A 38 -11.25 -81.17 35.74
N ASP A 39 -11.10 -79.86 35.85
CA ASP A 39 -11.81 -79.06 36.84
C ASP A 39 -12.52 -77.92 36.14
N ASN A 40 -13.80 -78.11 35.87
CA ASN A 40 -14.64 -77.04 35.33
C ASN A 40 -14.98 -76.11 36.46
N LEU A 41 -14.08 -75.17 36.73
CA LEU A 41 -14.23 -74.24 37.84
C LEU A 41 -14.03 -72.82 37.32
N GLU A 42 -14.25 -71.85 38.22
CA GLU A 42 -14.33 -70.46 37.84
C GLU A 42 -12.94 -69.90 37.55
N VAL A 43 -12.92 -68.65 37.09
CA VAL A 43 -11.65 -67.97 36.79
C VAL A 43 -11.55 -66.60 37.42
N ALA A 44 -12.65 -65.96 37.81
CA ALA A 44 -12.57 -64.59 38.29
C ALA A 44 -12.17 -64.53 39.76
N ASN A 45 -12.44 -65.58 40.53
CA ASN A 45 -12.20 -65.58 41.96
C ASN A 45 -10.87 -66.27 42.24
N SER A 46 -9.87 -65.46 42.60
CA SER A 46 -8.53 -65.98 42.88
C SER A 46 -8.50 -66.88 44.10
N PHE A 47 -9.45 -66.71 45.01
CA PHE A 47 -9.64 -67.67 46.10
C PHE A 47 -9.90 -69.08 45.55
N ALA A 48 -10.86 -69.19 44.63
CA ALA A 48 -11.18 -70.49 44.06
C ALA A 48 -10.06 -71.02 43.20
N VAL A 49 -9.35 -70.12 42.51
CA VAL A 49 -8.21 -70.53 41.69
C VAL A 49 -7.10 -71.08 42.58
N THR A 50 -6.86 -70.41 43.71
CA THR A 50 -5.85 -70.86 44.67
C THR A 50 -6.24 -72.19 45.28
N ASN A 51 -7.54 -72.37 45.55
CA ASN A 51 -8.06 -73.62 46.07
C ASN A 51 -7.80 -74.77 45.11
N ALA A 52 -8.14 -74.57 43.85
CA ALA A 52 -7.96 -75.62 42.85
C ALA A 52 -6.49 -75.92 42.62
N PHE A 53 -5.64 -74.89 42.65
CA PHE A 53 -4.23 -75.12 42.38
C PHE A 53 -3.55 -75.84 43.55
N CYS A 54 -3.89 -75.45 44.78
CA CYS A 54 -3.36 -76.15 45.94
C CYS A 54 -3.88 -77.57 46.00
N SER A 55 -5.13 -77.79 45.57
CA SER A 55 -5.68 -79.12 45.56
C SER A 55 -4.98 -80.02 44.56
N GLN A 56 -4.70 -79.52 43.35
CA GLN A 56 -4.06 -80.39 42.38
C GLN A 56 -2.57 -80.54 42.66
N PHE A 57 -1.93 -79.57 43.30
CA PHE A 57 -0.55 -79.81 43.70
C PHE A 57 -0.48 -80.77 44.88
N SER A 58 -1.52 -80.79 45.71
CA SER A 58 -1.64 -81.84 46.73
C SER A 58 -1.86 -83.19 46.07
N ARG A 59 -2.62 -83.22 44.98
CA ARG A 59 -2.78 -84.41 44.18
C ARG A 59 -1.49 -84.85 43.52
N GLY A 60 -0.55 -83.94 43.31
CA GLY A 60 0.74 -84.31 42.81
C GLY A 60 0.78 -84.32 41.29
N VAL A 61 0.27 -83.24 40.71
CA VAL A 61 0.19 -83.12 39.27
C VAL A 61 1.59 -82.93 38.69
N TYR A 62 1.83 -83.49 37.51
CA TYR A 62 3.10 -83.32 36.82
C TYR A 62 3.10 -82.17 35.83
N ALA A 63 1.92 -81.77 35.34
CA ALA A 63 1.85 -80.69 34.36
C ALA A 63 0.49 -80.02 34.49
N ILE A 64 0.49 -78.72 34.78
CA ILE A 64 -0.74 -77.97 34.98
C ILE A 64 -1.11 -77.23 33.71
N PHE A 65 -2.39 -77.30 33.36
CA PHE A 65 -2.93 -76.64 32.19
C PHE A 65 -4.22 -75.96 32.58
N GLY A 66 -4.50 -74.83 31.96
CA GLY A 66 -5.73 -74.13 32.24
C GLY A 66 -5.67 -72.72 31.70
N PHE A 67 -6.77 -72.01 31.88
CA PHE A 67 -6.88 -70.65 31.37
C PHE A 67 -6.73 -69.69 32.53
N TYR A 68 -6.66 -68.40 32.22
CA TYR A 68 -6.68 -67.39 33.27
C TYR A 68 -7.20 -66.09 32.71
N ASP A 69 -7.83 -65.33 33.58
CA ASP A 69 -8.35 -64.02 33.25
C ASP A 69 -7.34 -62.98 33.72
N LYS A 70 -7.69 -61.69 33.62
CA LYS A 70 -6.77 -60.64 34.00
C LYS A 70 -6.57 -60.51 35.49
N LYS A 71 -7.40 -61.17 36.30
CA LYS A 71 -7.32 -60.98 37.72
C LYS A 71 -6.55 -62.07 38.44
N SER A 72 -6.44 -63.25 37.84
CA SER A 72 -5.77 -64.38 38.46
C SER A 72 -4.37 -64.60 37.93
N VAL A 73 -3.94 -63.75 37.00
CA VAL A 73 -2.68 -63.99 36.30
C VAL A 73 -1.50 -63.83 37.24
N ASN A 74 -1.54 -62.84 38.13
CA ASN A 74 -0.47 -62.66 39.09
C ASN A 74 -0.44 -63.78 40.10
N THR A 75 -1.61 -64.29 40.48
CA THR A 75 -1.68 -65.41 41.39
C THR A 75 -1.05 -66.66 40.79
N ILE A 76 -1.36 -66.92 39.52
CA ILE A 76 -0.83 -68.11 38.87
C ILE A 76 0.67 -67.99 38.65
N THR A 77 1.15 -66.82 38.18
CA THR A 77 2.58 -66.71 37.96
C THR A 77 3.35 -66.66 39.27
N SER A 78 2.72 -66.18 40.35
CA SER A 78 3.36 -66.12 41.64
C SER A 78 3.46 -67.49 42.27
N PHE A 79 2.46 -68.35 42.05
CA PHE A 79 2.60 -69.73 42.48
C PHE A 79 3.60 -70.49 41.64
N CYS A 80 3.60 -70.25 40.32
CA CYS A 80 4.43 -71.08 39.45
C CYS A 80 5.91 -70.73 39.54
N GLY A 81 6.23 -69.45 39.78
CA GLY A 81 7.61 -69.09 40.01
C GLY A 81 8.18 -69.68 41.27
N THR A 82 7.36 -69.80 42.32
CA THR A 82 7.82 -70.43 43.54
C THR A 82 7.93 -71.94 43.37
N LEU A 83 6.84 -72.58 42.96
CA LEU A 83 6.76 -74.04 43.02
C LEU A 83 7.38 -74.73 41.82
N HIS A 84 7.82 -73.98 40.80
CA HIS A 84 8.55 -74.49 39.64
C HIS A 84 7.76 -75.56 38.89
N VAL A 85 6.52 -75.23 38.57
CA VAL A 85 5.61 -76.15 37.89
C VAL A 85 5.32 -75.58 36.51
N SER A 86 5.44 -76.42 35.49
CA SER A 86 5.27 -75.98 34.10
C SER A 86 3.79 -75.75 33.80
N PHE A 87 3.44 -74.52 33.46
CA PHE A 87 2.07 -74.16 33.18
C PHE A 87 1.93 -73.76 31.71
N ILE A 88 0.81 -74.18 31.12
CA ILE A 88 0.57 -74.03 29.69
C ILE A 88 -0.78 -73.34 29.53
N THR A 89 -0.86 -72.39 28.61
CA THR A 89 -2.09 -71.63 28.50
C THR A 89 -2.38 -71.19 27.07
N PRO A 90 -3.65 -71.12 26.70
CA PRO A 90 -4.07 -70.38 25.50
C PRO A 90 -4.56 -68.97 25.76
N SER A 91 -4.39 -68.44 26.96
CA SER A 91 -4.97 -67.14 27.31
C SER A 91 -4.13 -66.01 26.71
N PHE A 92 -4.39 -64.79 27.16
CA PHE A 92 -3.65 -63.64 26.69
C PHE A 92 -2.20 -63.71 27.18
N PRO A 93 -1.24 -63.29 26.37
CA PRO A 93 0.15 -63.29 26.81
C PRO A 93 0.40 -62.26 27.88
N THR A 94 1.47 -62.48 28.63
CA THR A 94 1.81 -61.62 29.77
C THR A 94 2.57 -60.40 29.28
N ASP A 95 3.16 -59.68 30.22
CA ASP A 95 3.96 -58.51 29.90
C ASP A 95 5.42 -58.68 30.28
N GLY A 96 5.69 -59.06 31.52
CA GLY A 96 7.05 -59.37 31.90
C GLY A 96 7.40 -60.82 31.62
N THR A 97 8.69 -61.07 31.49
CA THR A 97 9.20 -62.41 31.21
C THR A 97 9.05 -63.25 32.46
N HIS A 98 8.01 -64.06 32.50
CA HIS A 98 7.85 -64.88 33.67
C HIS A 98 8.23 -66.33 33.37
N PRO A 99 8.86 -67.02 34.31
CA PRO A 99 9.23 -68.41 34.07
C PRO A 99 8.03 -69.32 34.13
N PHE A 100 8.22 -70.53 33.58
CA PHE A 100 7.32 -71.67 33.70
C PHE A 100 5.94 -71.43 33.08
N VAL A 101 5.81 -70.46 32.18
CA VAL A 101 4.55 -70.16 31.55
C VAL A 101 4.76 -70.27 30.05
N ILE A 102 4.21 -71.30 29.46
CA ILE A 102 4.18 -71.45 28.02
C ILE A 102 2.83 -70.97 27.54
N GLN A 103 2.82 -70.17 26.48
CA GLN A 103 1.56 -69.58 26.04
C GLN A 103 1.40 -69.70 24.54
N MET A 104 0.25 -70.25 24.13
CA MET A 104 -0.02 -70.61 22.75
C MET A 104 -0.52 -69.43 21.93
N ARG A 105 -1.12 -68.44 22.55
CA ARG A 105 -1.64 -67.31 21.83
C ARG A 105 -0.49 -66.39 21.46
N PRO A 106 -0.25 -66.13 20.19
CA PRO A 106 0.89 -65.29 19.80
C PRO A 106 0.60 -63.82 20.08
N ASP A 107 1.65 -63.01 19.95
CA ASP A 107 1.49 -61.58 20.11
C ASP A 107 0.80 -61.00 18.88
N LEU A 108 0.32 -59.77 19.02
CA LEU A 108 -0.58 -59.19 18.02
C LEU A 108 -0.14 -57.79 17.60
N LYS A 109 0.60 -57.14 18.50
CA LYS A 109 0.78 -55.70 18.45
C LYS A 109 1.62 -55.26 17.26
N GLY A 110 2.62 -56.04 16.88
CA GLY A 110 3.41 -55.70 15.70
C GLY A 110 2.61 -55.79 14.42
N ALA A 111 1.76 -56.82 14.31
CA ALA A 111 0.90 -56.96 13.14
C ALA A 111 -0.11 -55.83 13.07
N LEU A 112 -0.65 -55.42 14.21
CA LEU A 112 -1.67 -54.38 14.19
C LEU A 112 -1.06 -53.03 13.85
N LEU A 113 0.14 -52.75 14.37
CA LEU A 113 0.84 -51.53 13.98
C LEU A 113 1.21 -51.54 12.51
N SER A 114 1.62 -52.70 11.99
CA SER A 114 1.93 -52.82 10.57
C SER A 114 0.71 -52.60 9.71
N LEU A 115 -0.45 -53.04 10.19
CA LEU A 115 -1.69 -52.82 9.45
C LEU A 115 -2.08 -51.35 9.44
N ILE A 116 -1.85 -50.66 10.57
CA ILE A 116 -2.11 -49.23 10.61
C ILE A 116 -1.19 -48.49 9.65
N GLU A 117 0.09 -48.87 9.61
CA GLU A 117 1.01 -48.21 8.70
C GLU A 117 0.70 -48.55 7.24
N TYR A 118 0.14 -49.73 6.97
CA TYR A 118 -0.23 -50.06 5.60
C TYR A 118 -1.45 -49.28 5.15
N TYR A 119 -2.48 -49.21 5.99
CA TYR A 119 -3.63 -48.39 5.65
C TYR A 119 -3.36 -46.90 5.71
N GLN A 120 -2.22 -46.49 6.29
CA GLN A 120 -1.69 -45.12 6.23
C GLN A 120 -2.67 -44.13 6.87
N TRP A 121 -2.83 -44.28 8.18
CA TRP A 121 -3.75 -43.45 8.94
C TRP A 121 -3.02 -42.41 9.76
N ASP A 122 -3.80 -41.45 10.26
CA ASP A 122 -3.33 -40.48 11.23
C ASP A 122 -4.28 -40.25 12.39
N LYS A 123 -5.58 -40.41 12.19
CA LYS A 123 -6.59 -40.06 13.18
C LYS A 123 -7.62 -41.17 13.22
N PHE A 124 -7.86 -41.73 14.40
CA PHE A 124 -8.79 -42.84 14.51
C PHE A 124 -9.27 -42.98 15.93
N ALA A 125 -10.33 -43.74 16.09
CA ALA A 125 -10.89 -44.07 17.38
C ALA A 125 -10.59 -45.52 17.74
N TYR A 126 -10.62 -45.81 19.04
CA TYR A 126 -10.12 -47.07 19.56
C TYR A 126 -10.99 -47.46 20.75
N LEU A 127 -11.90 -48.40 20.54
CA LEU A 127 -12.75 -48.88 21.61
C LEU A 127 -12.14 -50.13 22.22
N TYR A 128 -12.01 -50.14 23.53
CA TYR A 128 -11.36 -51.25 24.19
C TYR A 128 -12.21 -51.81 25.31
N ASP A 129 -11.96 -53.08 25.61
CA ASP A 129 -12.43 -53.74 26.81
C ASP A 129 -11.23 -53.99 27.72
N SER A 130 -11.48 -53.93 29.02
CA SER A 130 -10.41 -54.04 30.00
C SER A 130 -10.08 -55.46 30.39
N ASP A 131 -10.99 -56.41 30.15
CA ASP A 131 -10.86 -57.73 30.74
C ASP A 131 -9.74 -58.55 30.11
N ARG A 132 -9.42 -58.28 28.85
CA ARG A 132 -8.36 -59.03 28.21
C ARG A 132 -6.98 -58.45 28.53
N GLY A 133 -6.93 -57.22 29.01
CA GLY A 133 -5.68 -56.54 29.30
C GLY A 133 -5.64 -55.16 28.68
N LEU A 134 -4.56 -54.46 29.00
CA LEU A 134 -4.37 -53.10 28.49
C LEU A 134 -3.02 -52.93 27.81
N SER A 135 -2.38 -54.05 27.44
CA SER A 135 -1.05 -53.97 26.85
C SER A 135 -1.08 -53.34 25.46
N THR A 136 -2.11 -53.65 24.69
CA THR A 136 -2.22 -53.04 23.37
C THR A 136 -2.52 -51.55 23.47
N LEU A 137 -3.29 -51.16 24.47
CA LEU A 137 -3.54 -49.74 24.71
C LEU A 137 -2.27 -49.02 25.12
N GLN A 138 -1.44 -49.66 25.93
CA GLN A 138 -0.15 -49.08 26.26
C GLN A 138 0.79 -49.07 25.07
N ALA A 139 0.62 -50.01 24.13
CA ALA A 139 1.52 -50.09 22.99
C ALA A 139 1.22 -49.02 21.95
N VAL A 140 -0.05 -48.85 21.60
CA VAL A 140 -0.38 -47.96 20.49
C VAL A 140 -0.18 -46.49 20.84
N LEU A 141 -0.18 -46.16 22.13
CA LEU A 141 0.03 -44.76 22.49
C LEU A 141 1.47 -44.32 22.28
N ASP A 142 2.42 -45.26 22.36
CA ASP A 142 3.81 -44.90 22.12
C ASP A 142 4.04 -44.58 20.65
N SER A 143 3.50 -45.40 19.76
CA SER A 143 3.59 -45.11 18.35
C SER A 143 2.75 -43.91 17.97
N ALA A 144 1.71 -43.59 18.75
CA ALA A 144 1.01 -42.34 18.57
C ALA A 144 1.89 -41.16 18.94
N ALA A 145 2.72 -41.33 19.97
CA ALA A 145 3.63 -40.27 20.37
C ALA A 145 4.75 -40.08 19.36
N GLU A 146 5.15 -41.16 18.69
CA GLU A 146 6.22 -41.05 17.72
C GLU A 146 5.72 -40.55 16.37
N LYS A 147 4.73 -41.23 15.81
CA LYS A 147 4.22 -40.94 14.47
C LYS A 147 3.20 -39.82 14.46
N LYS A 148 3.04 -39.09 15.56
CA LYS A 148 2.10 -37.99 15.79
C LYS A 148 0.68 -38.29 15.30
N TRP A 149 0.07 -39.28 15.94
CA TRP A 149 -1.29 -39.67 15.60
C TRP A 149 -2.29 -38.94 16.49
N GLN A 150 -3.50 -38.78 15.96
CA GLN A 150 -4.63 -38.21 16.71
C GLN A 150 -5.52 -39.36 17.17
N VAL A 151 -5.35 -39.77 18.41
CA VAL A 151 -5.96 -40.99 18.91
C VAL A 151 -6.99 -40.64 19.95
N THR A 152 -8.21 -41.13 19.77
CA THR A 152 -9.25 -41.06 20.78
C THR A 152 -9.60 -42.47 21.22
N ALA A 153 -9.40 -42.76 22.50
CA ALA A 153 -9.57 -44.10 23.03
C ALA A 153 -10.59 -44.08 24.15
N ILE A 154 -11.58 -44.96 24.07
CA ILE A 154 -12.72 -44.95 24.99
C ILE A 154 -12.95 -46.36 25.49
N ASN A 155 -13.13 -46.49 26.81
CA ASN A 155 -13.52 -47.76 27.40
C ASN A 155 -14.97 -48.08 27.07
N VAL A 156 -15.27 -49.38 27.00
CA VAL A 156 -16.64 -49.77 26.76
C VAL A 156 -17.04 -50.90 27.71
N GLY A 157 -16.05 -51.50 28.36
CA GLY A 157 -16.27 -52.74 29.09
C GLY A 157 -17.06 -52.65 30.37
N ASN A 158 -17.30 -51.46 30.89
CA ASN A 158 -18.01 -51.31 32.15
C ASN A 158 -19.53 -51.27 31.99
N ILE A 159 -20.04 -51.15 30.78
CA ILE A 159 -21.45 -50.87 30.57
C ILE A 159 -22.27 -52.13 30.80
N ASN A 160 -23.28 -52.02 31.67
CA ASN A 160 -24.10 -53.16 32.02
C ASN A 160 -25.16 -53.42 30.97
N ASN A 161 -25.73 -54.64 31.02
CA ASN A 161 -26.56 -55.14 29.92
C ASN A 161 -27.90 -54.42 29.84
N ASP A 162 -28.33 -53.81 30.93
CA ASP A 162 -29.64 -53.18 30.94
C ASP A 162 -29.66 -51.83 30.22
N LYS A 163 -28.50 -51.31 29.79
CA LYS A 163 -28.42 -49.99 29.19
C LYS A 163 -27.71 -50.02 27.83
N LYS A 164 -27.52 -51.22 27.27
CA LYS A 164 -26.74 -51.36 26.04
C LYS A 164 -27.62 -51.23 24.80
N ASP A 165 -28.45 -50.24 24.83
CA ASP A 165 -29.15 -49.77 23.65
C ASP A 165 -29.01 -48.26 23.50
N GLU A 166 -28.96 -47.53 24.61
CA GLU A 166 -28.82 -46.10 24.57
C GLU A 166 -27.42 -45.61 24.91
N THR A 167 -26.67 -46.35 25.74
CA THR A 167 -25.31 -45.91 26.04
C THR A 167 -24.41 -45.98 24.83
N TYR A 168 -24.54 -47.05 24.03
CA TYR A 168 -23.77 -47.16 22.80
C TYR A 168 -24.19 -46.11 21.79
N ARG A 169 -25.48 -45.78 21.75
CA ARG A 169 -25.96 -44.73 20.87
C ARG A 169 -25.37 -43.38 21.25
N SER A 170 -25.31 -43.09 22.55
CA SER A 170 -24.67 -41.86 23.03
C SER A 170 -23.19 -41.86 22.70
N LEU A 171 -22.55 -43.03 22.78
CA LEU A 171 -21.14 -43.16 22.42
C LEU A 171 -20.91 -42.84 20.96
N PHE A 172 -21.76 -43.36 20.07
CA PHE A 172 -21.57 -43.09 18.65
C PHE A 172 -21.96 -41.67 18.28
N GLN A 173 -22.92 -41.08 19.00
CA GLN A 173 -23.20 -39.66 18.79
C GLN A 173 -22.02 -38.79 19.21
N ASP A 174 -21.34 -39.19 20.28
CA ASP A 174 -20.15 -38.46 20.71
C ASP A 174 -18.96 -38.71 19.80
N LEU A 175 -18.93 -39.84 19.10
CA LEU A 175 -17.97 -39.99 18.02
C LEU A 175 -18.33 -39.11 16.83
N GLU A 176 -19.63 -38.94 16.58
CA GLU A 176 -20.07 -38.09 15.48
C GLU A 176 -19.98 -36.60 15.81
N LEU A 177 -19.66 -36.24 17.06
CA LEU A 177 -19.23 -34.89 17.33
C LEU A 177 -17.93 -34.57 16.61
N LYS A 178 -17.07 -35.57 16.44
CA LYS A 178 -15.88 -35.42 15.64
C LYS A 178 -15.99 -36.10 14.28
N LYS A 179 -17.06 -36.86 14.04
CA LYS A 179 -17.32 -37.60 12.81
C LYS A 179 -16.16 -38.54 12.48
N GLU A 180 -15.99 -39.54 13.34
CA GLU A 180 -14.90 -40.48 13.15
C GLU A 180 -15.20 -41.43 12.01
N ARG A 181 -14.14 -41.80 11.30
CA ARG A 181 -14.26 -42.64 10.12
C ARG A 181 -13.52 -43.94 10.25
N ARG A 182 -12.61 -44.06 11.21
CA ARG A 182 -11.67 -45.17 11.30
C ARG A 182 -11.70 -45.70 12.72
N VAL A 183 -12.24 -46.90 12.89
CA VAL A 183 -12.48 -47.46 14.20
C VAL A 183 -11.72 -48.76 14.34
N ILE A 184 -10.94 -48.87 15.40
CA ILE A 184 -10.35 -50.14 15.79
C ILE A 184 -11.15 -50.67 16.97
N LEU A 185 -11.79 -51.81 16.79
CA LEU A 185 -12.42 -52.49 17.90
C LEU A 185 -11.45 -53.48 18.49
N ASP A 186 -11.46 -53.59 19.81
CA ASP A 186 -10.55 -54.48 20.53
C ASP A 186 -11.30 -55.07 21.71
N CYS A 187 -11.95 -56.20 21.48
CA CYS A 187 -12.77 -56.84 22.49
C CYS A 187 -12.73 -58.34 22.27
N GLU A 188 -13.69 -59.03 22.87
CA GLU A 188 -13.93 -60.44 22.60
C GLU A 188 -15.09 -60.59 21.64
N ARG A 189 -15.32 -61.84 21.21
CA ARG A 189 -16.28 -62.15 20.17
C ARG A 189 -17.71 -61.82 20.59
N ASP A 190 -18.00 -61.96 21.89
CA ASP A 190 -19.33 -61.63 22.40
C ASP A 190 -19.59 -60.13 22.29
N LYS A 191 -18.62 -59.33 22.72
CA LYS A 191 -18.76 -57.88 22.63
C LYS A 191 -18.77 -57.42 21.18
N VAL A 192 -18.05 -58.11 20.30
CA VAL A 192 -18.07 -57.76 18.88
C VAL A 192 -19.45 -58.01 18.28
N ASN A 193 -20.03 -59.17 18.57
CA ASN A 193 -21.39 -59.45 18.11
C ASN A 193 -22.41 -58.52 18.74
N ASP A 194 -22.15 -58.03 19.95
CA ASP A 194 -23.08 -57.10 20.53
C ASP A 194 -22.94 -55.70 19.93
N ILE A 195 -21.73 -55.34 19.49
CA ILE A 195 -21.54 -53.97 19.04
C ILE A 195 -21.85 -53.80 17.55
N VAL A 196 -21.67 -54.85 16.73
CA VAL A 196 -21.90 -54.71 15.30
C VAL A 196 -23.38 -54.62 15.01
N ASP A 197 -24.21 -55.29 15.82
CA ASP A 197 -25.65 -55.14 15.71
C ASP A 197 -26.08 -53.72 16.02
N GLN A 198 -25.42 -53.09 16.98
CA GLN A 198 -25.71 -51.69 17.30
C GLN A 198 -25.27 -50.77 16.16
N VAL A 199 -24.17 -51.12 15.50
CA VAL A 199 -23.71 -50.35 14.34
C VAL A 199 -24.72 -50.48 13.19
N ILE A 200 -25.33 -51.64 13.04
CA ILE A 200 -26.39 -51.80 12.05
C ILE A 200 -27.61 -50.98 12.42
N THR A 201 -27.96 -50.98 13.71
CA THR A 201 -29.16 -50.25 14.18
C THR A 201 -29.00 -48.75 13.97
N ILE A 202 -27.80 -48.23 14.22
CA ILE A 202 -27.54 -46.83 13.90
C ILE A 202 -27.26 -46.63 12.41
N GLY A 203 -27.03 -47.71 11.67
CA GLY A 203 -26.90 -47.61 10.23
C GLY A 203 -25.58 -47.10 9.74
N LYS A 204 -24.49 -47.44 10.42
CA LYS A 204 -23.16 -46.94 10.05
C LYS A 204 -22.32 -47.99 9.33
N HIS A 205 -22.95 -48.76 8.45
CA HIS A 205 -22.27 -49.76 7.64
C HIS A 205 -22.23 -49.38 6.17
N VAL A 206 -22.42 -48.10 5.86
CA VAL A 206 -22.36 -47.58 4.50
C VAL A 206 -20.91 -47.36 4.11
N LYS A 207 -20.70 -47.01 2.84
CA LYS A 207 -19.40 -46.58 2.33
C LYS A 207 -18.85 -45.40 3.12
N GLY A 208 -17.55 -45.44 3.40
CA GLY A 208 -16.87 -44.35 4.06
C GLY A 208 -16.26 -44.76 5.38
N TYR A 209 -17.01 -45.51 6.16
CA TYR A 209 -16.53 -45.93 7.46
C TYR A 209 -15.57 -47.11 7.29
N HIS A 210 -14.73 -47.33 8.29
CA HIS A 210 -13.71 -48.35 8.16
C HIS A 210 -13.51 -49.02 9.51
N TYR A 211 -13.43 -50.34 9.51
CA TYR A 211 -13.44 -51.11 10.74
C TYR A 211 -12.33 -52.13 10.75
N ILE A 212 -11.64 -52.23 11.89
CA ILE A 212 -10.61 -53.24 12.11
C ILE A 212 -10.95 -53.98 13.40
N ILE A 213 -11.04 -55.31 13.32
CA ILE A 213 -11.35 -56.14 14.46
C ILE A 213 -10.06 -56.76 14.97
N ALA A 214 -9.76 -56.53 16.24
CA ALA A 214 -8.53 -57.05 16.85
C ALA A 214 -8.76 -58.39 17.53
N ASN A 215 -9.41 -59.32 16.85
CA ASN A 215 -9.57 -60.67 17.36
C ASN A 215 -8.95 -61.64 16.36
N LEU A 216 -8.34 -62.70 16.90
CA LEU A 216 -7.68 -63.68 16.05
C LEU A 216 -8.70 -64.48 15.24
N GLY A 217 -9.89 -64.67 15.79
CA GLY A 217 -10.97 -65.36 15.10
C GLY A 217 -11.84 -64.42 14.30
N PHE A 218 -11.32 -63.96 13.16
CA PHE A 218 -11.99 -62.94 12.38
C PHE A 218 -13.27 -63.48 11.73
N THR A 219 -13.32 -64.78 11.46
CA THR A 219 -14.52 -65.39 10.92
C THR A 219 -15.38 -66.04 11.98
N ASP A 220 -15.06 -65.86 13.26
CA ASP A 220 -15.92 -66.44 14.28
C ASP A 220 -17.20 -65.64 14.44
N GLY A 221 -17.12 -64.32 14.31
CA GLY A 221 -18.29 -63.50 14.40
C GLY A 221 -19.18 -63.63 13.18
N ASP A 222 -20.44 -63.20 13.35
CA ASP A 222 -21.43 -63.25 12.28
C ASP A 222 -21.26 -61.99 11.44
N LEU A 223 -20.37 -62.08 10.45
CA LEU A 223 -20.09 -60.96 9.56
C LEU A 223 -21.04 -60.90 8.37
N LEU A 224 -21.98 -61.84 8.27
CA LEU A 224 -22.87 -61.88 7.13
C LEU A 224 -23.91 -60.77 7.18
N LYS A 225 -24.11 -60.16 8.35
CA LYS A 225 -25.05 -59.07 8.48
C LYS A 225 -24.44 -57.71 8.16
N ILE A 226 -23.14 -57.65 7.85
CA ILE A 226 -22.53 -56.43 7.34
C ILE A 226 -21.69 -56.71 6.11
N GLN A 227 -21.88 -57.89 5.50
CA GLN A 227 -21.12 -58.20 4.30
C GLN A 227 -21.54 -57.32 3.13
N PHE A 228 -22.83 -57.04 3.03
CA PHE A 228 -23.40 -56.39 1.86
C PHE A 228 -23.76 -54.93 2.14
N GLY A 229 -23.29 -54.36 3.24
CA GLY A 229 -23.66 -53.01 3.62
C GLY A 229 -22.97 -51.93 2.84
N GLY A 230 -21.64 -51.90 2.88
CA GLY A 230 -20.89 -50.87 2.20
C GLY A 230 -19.65 -50.45 2.95
N ALA A 231 -19.57 -50.82 4.22
CA ALA A 231 -18.40 -50.51 5.00
C ALA A 231 -17.24 -51.42 4.61
N GLU A 232 -16.08 -51.18 5.22
CA GLU A 232 -14.86 -51.92 4.92
C GLU A 232 -14.31 -52.48 6.21
N VAL A 233 -14.40 -53.80 6.36
CA VAL A 233 -14.03 -54.48 7.60
C VAL A 233 -12.86 -55.40 7.31
N SER A 234 -11.74 -55.16 8.00
CA SER A 234 -10.57 -55.99 7.86
C SER A 234 -10.24 -56.63 9.20
N GLY A 235 -9.55 -57.76 9.12
CA GLY A 235 -9.08 -58.44 10.30
C GLY A 235 -8.00 -59.45 9.95
N PHE A 236 -7.89 -60.50 10.75
CA PHE A 236 -6.77 -61.42 10.60
C PHE A 236 -7.09 -62.77 11.22
N GLN A 237 -6.42 -63.80 10.71
CA GLN A 237 -6.61 -65.15 11.16
C GLN A 237 -5.29 -65.80 11.54
N ILE A 238 -5.40 -66.81 12.39
CA ILE A 238 -4.32 -67.74 12.64
C ILE A 238 -4.64 -69.15 12.14
N VAL A 239 -5.91 -69.44 11.92
CA VAL A 239 -6.35 -70.75 11.44
C VAL A 239 -6.50 -70.67 9.93
N ASP A 240 -5.83 -71.56 9.22
CA ASP A 240 -5.80 -71.52 7.77
C ASP A 240 -6.65 -72.66 7.22
N TYR A 241 -7.88 -72.33 6.82
CA TYR A 241 -8.76 -73.30 6.20
C TYR A 241 -8.29 -73.77 4.84
N ASP A 242 -7.30 -73.11 4.23
CA ASP A 242 -6.73 -73.53 2.97
C ASP A 242 -5.69 -74.63 3.12
N ASP A 243 -5.35 -75.05 4.33
CA ASP A 243 -4.35 -76.08 4.50
C ASP A 243 -4.95 -77.47 4.55
N SER A 244 -4.15 -78.45 4.15
CA SER A 244 -4.64 -79.82 3.97
C SER A 244 -4.96 -80.47 5.30
N LEU A 245 -4.06 -80.33 6.28
CA LEU A 245 -4.27 -80.93 7.59
C LEU A 245 -5.45 -80.28 8.30
N VAL A 246 -5.61 -78.97 8.10
CA VAL A 246 -6.74 -78.26 8.68
C VAL A 246 -8.04 -78.73 8.05
N SER A 247 -8.04 -78.93 6.73
CA SER A 247 -9.22 -79.42 6.04
C SER A 247 -9.57 -80.84 6.48
N LYS A 248 -8.55 -81.67 6.69
CA LYS A 248 -8.77 -82.99 7.26
C LYS A 248 -9.38 -82.91 8.65
N PHE A 249 -8.91 -81.96 9.45
CA PHE A 249 -9.44 -81.78 10.79
C PHE A 249 -10.89 -81.31 10.76
N ILE A 250 -11.24 -80.48 9.77
CA ILE A 250 -12.62 -80.03 9.61
C ILE A 250 -13.51 -81.19 9.20
N GLU A 251 -13.01 -82.04 8.29
CA GLU A 251 -13.79 -83.20 7.84
C GLU A 251 -14.00 -84.19 8.97
N ARG A 252 -12.98 -84.40 9.80
CA ARG A 252 -13.17 -85.17 11.02
C ARG A 252 -14.13 -84.49 11.98
N TRP A 253 -14.10 -83.17 12.01
CA TRP A 253 -14.76 -82.39 13.05
C TRP A 253 -16.27 -82.36 12.86
N SER A 254 -16.70 -81.86 11.70
CA SER A 254 -18.09 -81.48 11.49
C SER A 254 -19.03 -82.68 11.53
N THR A 255 -18.52 -83.85 11.18
CA THR A 255 -19.33 -85.06 11.11
C THR A 255 -19.66 -85.63 12.49
N LEU A 256 -19.06 -85.12 13.55
CA LEU A 256 -19.19 -85.76 14.85
C LEU A 256 -20.54 -85.47 15.50
N GLU A 257 -20.75 -86.07 16.64
CA GLU A 257 -22.01 -85.99 17.36
C GLU A 257 -22.04 -84.73 18.22
N GLU A 258 -23.09 -83.93 18.06
CA GLU A 258 -23.27 -82.74 18.89
C GLU A 258 -23.56 -83.10 20.34
N LYS A 259 -24.22 -84.23 20.57
CA LYS A 259 -24.56 -84.62 21.93
C LYS A 259 -23.33 -85.11 22.69
N GLU A 260 -22.50 -85.92 22.04
CA GLU A 260 -21.30 -86.42 22.70
C GLU A 260 -20.25 -85.33 22.84
N TYR A 261 -20.21 -84.38 21.91
CA TYR A 261 -19.29 -83.25 21.99
C TYR A 261 -20.06 -81.99 21.65
N PRO A 262 -20.41 -81.19 22.66
CA PRO A 262 -21.21 -79.98 22.40
C PRO A 262 -20.39 -78.91 21.71
N GLY A 263 -21.03 -78.23 20.77
CA GLY A 263 -20.35 -77.18 20.02
C GLY A 263 -19.32 -77.70 19.05
N ALA A 264 -19.62 -78.79 18.34
CA ALA A 264 -18.66 -79.40 17.45
C ALA A 264 -19.22 -79.77 16.08
N HIS A 265 -20.53 -79.67 15.89
CA HIS A 265 -21.13 -80.07 14.61
C HIS A 265 -21.35 -78.84 13.74
N THR A 266 -20.25 -78.12 13.49
CA THR A 266 -20.25 -76.93 12.65
C THR A 266 -19.07 -77.01 11.67
N ALA A 267 -19.03 -76.05 10.76
CA ALA A 267 -17.94 -76.01 9.80
C ALA A 267 -16.73 -75.26 10.35
N THR A 268 -16.96 -74.28 11.21
CA THR A 268 -15.90 -73.43 11.75
C THR A 268 -15.56 -73.84 13.17
N ILE A 269 -14.54 -73.20 13.72
CA ILE A 269 -14.03 -73.52 15.05
C ILE A 269 -13.39 -72.27 15.63
N LYS A 270 -13.28 -72.24 16.95
CA LYS A 270 -12.66 -71.10 17.62
C LYS A 270 -11.16 -71.31 17.75
N TYR A 271 -10.43 -70.20 17.72
CA TYR A 271 -8.98 -70.26 17.81
C TYR A 271 -8.52 -70.72 19.19
N THR A 272 -9.33 -70.46 20.22
CA THR A 272 -9.09 -71.01 21.54
C THR A 272 -9.12 -72.53 21.51
N SER A 273 -10.13 -73.09 20.86
CA SER A 273 -10.20 -74.55 20.73
C SER A 273 -9.09 -75.08 19.84
N ALA A 274 -8.65 -74.30 18.87
CA ALA A 274 -7.55 -74.73 18.01
C ALA A 274 -6.26 -74.81 18.79
N LEU A 275 -5.98 -73.81 19.62
CA LEU A 275 -4.81 -73.88 20.48
C LEU A 275 -4.94 -74.96 21.54
N THR A 276 -6.19 -75.23 21.96
CA THR A 276 -6.44 -76.34 22.88
C THR A 276 -6.06 -77.67 22.24
N TYR A 277 -6.44 -77.85 20.97
CA TYR A 277 -6.04 -79.04 20.24
C TYR A 277 -4.54 -79.11 20.03
N ASP A 278 -3.89 -77.96 19.85
CA ASP A 278 -2.46 -77.96 19.62
C ASP A 278 -1.68 -78.26 20.90
N ALA A 279 -2.24 -77.88 22.05
CA ALA A 279 -1.54 -78.07 23.32
C ALA A 279 -1.36 -79.54 23.68
N VAL A 280 -2.30 -80.38 23.26
CA VAL A 280 -2.19 -81.82 23.54
C VAL A 280 -1.05 -82.43 22.73
N GLN A 281 -0.91 -82.02 21.48
CA GLN A 281 0.23 -82.44 20.66
C GLN A 281 1.54 -81.95 21.25
N VAL A 282 1.55 -80.74 21.80
CA VAL A 282 2.72 -80.22 22.50
C VAL A 282 3.07 -81.09 23.69
N MET A 283 2.05 -81.48 24.46
CA MET A 283 2.26 -82.30 25.66
C MET A 283 2.79 -83.68 25.30
N THR A 284 2.22 -84.29 24.26
CA THR A 284 2.64 -85.61 23.83
C THR A 284 4.06 -85.60 23.28
N GLU A 285 4.42 -84.56 22.52
CA GLU A 285 5.78 -84.45 22.00
C GLU A 285 6.78 -84.23 23.12
N ALA A 286 6.39 -83.44 24.14
CA ALA A 286 7.26 -83.20 25.28
C ALA A 286 7.55 -84.49 26.03
N PHE A 287 6.50 -85.23 26.41
CA PHE A 287 6.74 -86.46 27.15
C PHE A 287 7.28 -87.59 26.28
N ARG A 288 7.20 -87.45 24.95
CA ARG A 288 7.93 -88.34 24.04
C ARG A 288 9.43 -88.11 24.13
N ASN A 289 9.84 -86.84 24.01
CA ASN A 289 11.26 -86.53 24.05
C ASN A 289 11.85 -86.69 25.44
N LEU A 290 11.01 -86.69 26.48
CA LEU A 290 11.49 -87.09 27.80
C LEU A 290 11.91 -88.56 27.84
N ARG A 291 11.21 -89.43 27.12
CA ARG A 291 11.63 -90.83 27.07
C ARG A 291 12.85 -91.01 26.19
N LYS A 292 12.91 -90.30 25.06
CA LYS A 292 14.05 -90.45 24.17
C LYS A 292 15.32 -89.84 24.76
N GLN A 293 15.19 -88.79 25.56
CA GLN A 293 16.33 -88.28 26.30
C GLN A 293 16.51 -88.98 27.64
N ARG A 294 15.60 -89.92 27.97
CA ARG A 294 15.66 -90.78 29.15
C ARG A 294 15.67 -89.98 30.44
N ILE A 295 14.98 -88.85 30.44
CA ILE A 295 14.79 -88.04 31.62
C ILE A 295 13.61 -88.61 32.39
N GLU A 296 13.84 -89.02 33.63
CA GLU A 296 12.79 -89.61 34.45
C GLU A 296 12.20 -88.56 35.39
N ILE A 297 10.88 -88.44 35.35
CA ILE A 297 10.16 -87.45 36.13
C ILE A 297 9.37 -88.18 37.21
N SER A 298 9.94 -89.29 37.66
CA SER A 298 9.31 -90.16 38.65
C SER A 298 9.02 -89.41 39.94
N ARG A 299 8.07 -89.95 40.70
CA ARG A 299 7.33 -89.20 41.72
C ARG A 299 8.22 -88.72 42.86
N ARG A 300 7.96 -87.50 43.29
CA ARG A 300 8.64 -86.82 44.38
C ARG A 300 7.80 -87.01 45.65
N GLY A 301 8.13 -86.24 46.69
CA GLY A 301 7.28 -86.18 47.86
C GLY A 301 5.88 -85.70 47.50
N ASN A 302 4.88 -86.25 48.19
CA ASN A 302 3.49 -86.26 47.74
C ASN A 302 2.86 -84.89 47.60
N ALA A 303 2.66 -84.16 48.69
CA ALA A 303 1.97 -82.87 48.60
C ALA A 303 2.85 -81.69 48.99
N GLY A 304 3.24 -81.57 50.26
CA GLY A 304 3.73 -80.31 50.80
C GLY A 304 2.83 -79.14 50.42
N ASP A 305 1.60 -79.11 50.97
CA ASP A 305 0.38 -78.77 50.23
C ASP A 305 0.43 -77.57 49.29
N CYS A 306 0.44 -76.35 49.81
CA CYS A 306 0.96 -75.21 49.07
C CYS A 306 1.57 -74.20 50.03
N LEU A 307 1.29 -74.36 51.33
CA LEU A 307 1.71 -73.40 52.34
C LEU A 307 3.01 -73.82 53.01
N ALA A 308 3.91 -74.47 52.26
CA ALA A 308 5.23 -74.80 52.77
C ALA A 308 6.04 -73.52 52.93
N ASN A 309 6.50 -73.25 54.15
CA ASN A 309 7.17 -71.98 54.39
C ASN A 309 8.61 -72.04 53.89
N PRO A 310 9.41 -73.13 54.13
CA PRO A 310 10.57 -73.31 53.24
C PRO A 310 10.21 -74.20 52.04
N ALA A 311 9.48 -73.62 51.09
CA ALA A 311 8.91 -74.39 50.00
C ALA A 311 9.99 -74.98 49.10
N VAL A 312 9.78 -76.22 48.68
CA VAL A 312 10.84 -77.04 48.10
C VAL A 312 10.56 -77.23 46.61
N PRO A 313 11.47 -76.85 45.74
CA PRO A 313 11.31 -77.13 44.32
C PRO A 313 11.88 -78.48 43.92
N TRP A 314 11.82 -78.78 42.62
CA TRP A 314 12.51 -79.93 42.04
C TRP A 314 12.69 -79.68 40.55
N GLY A 315 13.95 -79.66 40.12
CA GLY A 315 14.39 -79.22 38.80
C GLY A 315 14.16 -80.17 37.65
N GLN A 316 13.56 -81.32 37.92
CA GLN A 316 13.10 -82.17 36.82
C GLN A 316 12.03 -81.46 36.01
N GLY A 317 11.19 -80.66 36.68
CA GLY A 317 10.28 -79.79 35.95
C GLY A 317 10.98 -78.68 35.18
N VAL A 318 12.15 -78.26 35.65
CA VAL A 318 12.94 -77.29 34.88
C VAL A 318 13.45 -77.96 33.60
N GLU A 319 13.83 -79.23 33.69
CA GLU A 319 14.23 -79.90 32.46
C GLU A 319 13.04 -80.26 31.58
N ILE A 320 11.87 -80.45 32.19
CA ILE A 320 10.62 -80.53 31.44
C ILE A 320 10.42 -79.25 30.64
N GLU A 321 10.62 -78.11 31.29
CA GLU A 321 10.52 -76.81 30.62
C GLU A 321 11.54 -76.68 29.50
N ARG A 322 12.75 -77.20 29.72
CA ARG A 322 13.79 -77.16 28.69
C ARG A 322 13.39 -78.00 27.47
N ALA A 323 12.76 -79.16 27.71
CA ALA A 323 12.24 -79.94 26.60
C ALA A 323 11.06 -79.25 25.93
N LEU A 324 10.27 -78.50 26.72
CA LEU A 324 9.14 -77.77 26.17
C LEU A 324 9.60 -76.69 25.20
N LYS A 325 10.62 -75.91 25.59
CA LYS A 325 11.14 -74.87 24.70
C LYS A 325 11.79 -75.45 23.44
N GLN A 326 12.20 -76.71 23.46
CA GLN A 326 12.85 -77.31 22.30
C GLN A 326 11.88 -78.07 21.41
N VAL A 327 10.57 -77.95 21.64
CA VAL A 327 9.61 -78.55 20.74
C VAL A 327 9.51 -77.70 19.48
N GLN A 328 9.61 -78.34 18.31
CA GLN A 328 9.35 -77.70 17.03
C GLN A 328 8.48 -78.66 16.23
N VAL A 329 7.17 -78.55 16.39
CA VAL A 329 6.24 -79.39 15.64
C VAL A 329 5.29 -78.50 14.86
N GLU A 330 4.35 -79.12 14.16
CA GLU A 330 3.45 -78.43 13.26
C GLU A 330 2.02 -78.68 13.69
N GLY A 331 1.30 -77.61 14.01
CA GLY A 331 -0.08 -77.72 14.45
C GLY A 331 -1.00 -76.88 13.61
N LEU A 332 -2.18 -76.56 14.16
CA LEU A 332 -3.18 -75.84 13.39
C LEU A 332 -2.82 -74.38 13.18
N SER A 333 -1.92 -73.83 13.99
CA SER A 333 -1.40 -72.50 13.76
C SER A 333 -0.17 -72.50 12.87
N GLY A 334 0.22 -73.66 12.36
CA GLY A 334 1.40 -73.78 11.53
C GLY A 334 2.62 -74.16 12.36
N ASN A 335 3.72 -73.45 12.16
CA ASN A 335 4.95 -73.71 12.90
C ASN A 335 4.85 -73.07 14.28
N ILE A 336 5.52 -73.71 15.24
CA ILE A 336 5.67 -73.17 16.58
C ILE A 336 7.15 -73.15 16.94
N LYS A 337 7.54 -72.18 17.77
CA LYS A 337 8.91 -72.05 18.25
C LYS A 337 8.90 -71.16 19.48
N PHE A 338 9.68 -71.54 20.49
CA PHE A 338 9.66 -70.86 21.77
C PHE A 338 10.98 -70.12 21.98
N ASP A 339 10.90 -69.02 22.71
CA ASP A 339 12.08 -68.26 23.11
C ASP A 339 12.65 -68.83 24.39
N GLN A 340 13.52 -68.07 25.04
CA GLN A 340 13.97 -68.45 26.37
C GLN A 340 12.92 -68.17 27.45
N ASN A 341 11.82 -67.50 27.09
CA ASN A 341 10.83 -67.08 28.06
C ASN A 341 9.52 -67.85 27.96
N GLY A 342 9.29 -68.56 26.86
CA GLY A 342 8.05 -69.27 26.66
C GLY A 342 7.11 -68.64 25.66
N LYS A 343 7.47 -67.51 25.08
CA LYS A 343 6.61 -66.86 24.11
C LYS A 343 6.91 -67.41 22.72
N ARG A 344 5.90 -67.35 21.86
CA ARG A 344 5.98 -68.00 20.56
C ARG A 344 6.61 -67.10 19.52
N ILE A 345 7.59 -67.65 18.81
CA ILE A 345 8.14 -67.06 17.61
C ILE A 345 8.02 -68.07 16.49
N ASN A 346 8.52 -67.70 15.31
CA ASN A 346 8.39 -68.44 14.05
C ASN A 346 6.94 -68.77 13.76
N TYR A 347 6.08 -67.76 13.95
CA TYR A 347 4.67 -67.85 13.66
C TYR A 347 4.34 -66.93 12.50
N THR A 348 3.14 -67.10 11.96
CA THR A 348 2.74 -66.34 10.79
C THR A 348 1.26 -66.02 10.88
N ILE A 349 0.91 -64.77 10.70
CA ILE A 349 -0.47 -64.29 10.81
C ILE A 349 -0.93 -63.86 9.43
N ASN A 350 -2.11 -64.33 9.03
CA ASN A 350 -2.66 -63.99 7.73
C ASN A 350 -3.68 -62.87 7.88
N ILE A 351 -3.68 -61.94 6.94
CA ILE A 351 -4.52 -60.75 7.00
C ILE A 351 -5.72 -60.97 6.10
N MET A 352 -6.91 -60.72 6.64
CA MET A 352 -8.16 -60.98 5.94
C MET A 352 -8.90 -59.67 5.72
N GLU A 353 -9.72 -59.65 4.66
CA GLU A 353 -10.51 -58.48 4.32
C GLU A 353 -11.88 -58.94 3.85
N LEU A 354 -12.93 -58.33 4.37
CA LEU A 354 -14.28 -58.70 3.97
C LEU A 354 -14.61 -58.08 2.62
N LYS A 355 -15.16 -58.90 1.73
CA LYS A 355 -15.64 -58.42 0.44
C LYS A 355 -17.04 -58.95 0.17
N THR A 356 -17.52 -58.78 -1.06
CA THR A 356 -18.85 -59.26 -1.42
C THR A 356 -18.89 -60.78 -1.45
N ASN A 357 -17.84 -61.42 -1.96
CA ASN A 357 -17.77 -62.87 -1.97
C ASN A 357 -17.56 -63.45 -0.58
N GLY A 358 -17.10 -62.63 0.37
CA GLY A 358 -16.85 -63.09 1.71
C GLY A 358 -15.48 -62.66 2.19
N PRO A 359 -14.97 -63.33 3.21
CA PRO A 359 -13.60 -63.05 3.66
C PRO A 359 -12.60 -63.59 2.65
N ARG A 360 -11.50 -62.88 2.49
CA ARG A 360 -10.46 -63.31 1.58
C ARG A 360 -9.12 -62.81 2.09
N LYS A 361 -8.06 -63.46 1.65
CA LYS A 361 -6.71 -63.16 2.09
C LYS A 361 -6.06 -62.17 1.13
N ILE A 362 -5.33 -61.20 1.69
CA ILE A 362 -4.57 -60.26 0.89
C ILE A 362 -3.09 -60.27 1.22
N GLY A 363 -2.67 -60.94 2.29
CA GLY A 363 -1.26 -60.98 2.62
C GLY A 363 -1.07 -61.65 3.96
N TYR A 364 0.20 -61.78 4.33
CA TYR A 364 0.56 -62.43 5.59
C TYR A 364 1.58 -61.57 6.31
N TRP A 365 1.93 -61.99 7.52
CA TRP A 365 2.91 -61.27 8.32
C TRP A 365 3.67 -62.27 9.17
N SER A 366 4.99 -62.16 9.16
CA SER A 366 5.86 -63.08 9.88
C SER A 366 6.44 -62.39 11.10
N GLU A 367 7.33 -63.11 11.79
CA GLU A 367 7.81 -62.67 13.10
C GLU A 367 8.84 -61.55 12.98
N VAL A 368 9.73 -61.63 12.00
CA VAL A 368 10.68 -60.54 11.78
C VAL A 368 10.47 -60.03 10.36
N ASP A 369 9.97 -60.90 9.49
CA ASP A 369 9.62 -60.47 8.16
C ASP A 369 8.29 -59.74 8.23
N LYS A 370 8.28 -58.53 7.70
CA LYS A 370 7.13 -57.65 7.88
C LYS A 370 6.07 -57.99 6.83
N MET A 371 5.08 -57.10 6.68
CA MET A 371 3.87 -57.40 5.94
C MET A 371 4.14 -57.65 4.46
N VAL A 372 3.90 -58.87 4.03
CA VAL A 372 4.09 -59.26 2.63
C VAL A 372 2.71 -59.54 2.06
N LEU A 373 2.22 -58.64 1.22
CA LEU A 373 0.93 -58.82 0.58
C LEU A 373 1.10 -59.70 -0.65
N THR A 374 0.17 -60.64 -0.82
CA THR A 374 0.16 -61.54 -1.97
C THR A 374 -1.16 -61.35 -2.69
N GLU A 375 -1.13 -60.65 -3.82
CA GLU A 375 -2.33 -60.38 -4.61
C GLU A 375 -2.76 -61.68 -5.28
N ASP A 376 -3.80 -62.31 -4.73
CA ASP A 376 -4.21 -63.62 -5.21
C ASP A 376 -4.99 -63.52 -6.51
N ASP A 377 -6.09 -62.77 -6.52
CA ASP A 377 -6.96 -62.67 -7.68
C ASP A 377 -7.16 -61.19 -8.03
N THR A 378 -6.27 -60.67 -8.88
CA THR A 378 -6.47 -59.35 -9.45
C THR A 378 -7.46 -59.36 -10.61
N SER A 379 -7.83 -60.54 -11.11
CA SER A 379 -8.79 -60.66 -12.19
C SER A 379 -10.20 -60.59 -11.62
N GLY A 380 -11.19 -60.85 -12.48
CA GLY A 380 -12.57 -60.59 -12.12
C GLY A 380 -12.79 -59.10 -11.99
N LEU A 381 -13.13 -58.66 -10.78
CA LEU A 381 -13.15 -57.25 -10.36
C LEU A 381 -14.09 -56.44 -11.26
N GLU A 382 -15.38 -56.73 -11.08
CA GLU A 382 -16.41 -55.83 -11.61
C GLU A 382 -16.18 -54.45 -11.06
N GLN A 383 -15.86 -53.52 -11.96
CA GLN A 383 -15.42 -52.17 -11.59
C GLN A 383 -16.56 -51.44 -10.89
N LYS A 384 -16.31 -51.04 -9.64
CA LYS A 384 -17.35 -50.39 -8.85
C LYS A 384 -17.65 -49.00 -9.41
N THR A 385 -18.87 -48.54 -9.16
CA THR A 385 -19.27 -47.23 -9.67
C THR A 385 -18.57 -46.13 -8.87
N VAL A 386 -17.89 -45.26 -9.59
CA VAL A 386 -17.18 -44.14 -8.98
C VAL A 386 -18.22 -43.09 -8.62
N VAL A 387 -18.40 -42.84 -7.33
CA VAL A 387 -19.43 -41.91 -6.87
C VAL A 387 -18.92 -40.50 -7.11
N VAL A 388 -19.44 -39.87 -8.16
CA VAL A 388 -19.01 -38.53 -8.55
C VAL A 388 -20.00 -37.53 -7.98
N THR A 389 -19.49 -36.60 -7.18
CA THR A 389 -20.32 -35.54 -6.66
C THR A 389 -20.16 -34.28 -7.49
N THR A 390 -21.24 -33.52 -7.58
CA THR A 390 -21.27 -32.21 -8.19
C THR A 390 -22.49 -31.48 -7.69
N ILE A 391 -22.61 -30.22 -8.07
CA ILE A 391 -23.67 -29.37 -7.59
C ILE A 391 -24.35 -28.73 -8.80
N LEU A 392 -25.66 -28.58 -8.73
CA LEU A 392 -26.41 -28.04 -9.87
C LEU A 392 -26.11 -26.55 -10.03
N GLU A 393 -25.65 -26.18 -11.22
CA GLU A 393 -25.29 -24.80 -11.49
C GLU A 393 -25.27 -24.60 -12.99
N SER A 394 -26.02 -23.64 -13.45
CA SER A 394 -25.94 -23.29 -14.85
C SER A 394 -24.65 -22.53 -15.13
N PRO A 395 -23.93 -22.86 -16.20
CA PRO A 395 -24.26 -23.93 -17.14
C PRO A 395 -23.45 -25.20 -16.90
N TYR A 396 -22.91 -25.38 -15.71
CA TYR A 396 -22.07 -26.56 -15.48
C TYR A 396 -22.92 -27.81 -15.33
N VAL A 397 -23.91 -27.75 -14.45
CA VAL A 397 -24.84 -28.85 -14.24
C VAL A 397 -26.24 -28.29 -14.38
N MET A 398 -26.97 -28.77 -15.38
CA MET A 398 -28.32 -28.31 -15.64
C MET A 398 -29.25 -29.50 -15.80
N MET A 399 -30.46 -29.34 -15.28
CA MET A 399 -31.48 -30.38 -15.42
C MET A 399 -32.02 -30.40 -16.84
N LYS A 400 -32.16 -31.60 -17.38
CA LYS A 400 -32.91 -31.75 -18.62
C LYS A 400 -34.39 -31.75 -18.28
N LYS A 401 -35.21 -31.26 -19.21
CA LYS A 401 -36.60 -30.97 -18.93
C LYS A 401 -37.45 -32.22 -18.72
N ASN A 402 -37.01 -33.37 -19.22
CA ASN A 402 -37.78 -34.59 -19.15
C ASN A 402 -37.17 -35.57 -18.16
N HIS A 403 -36.67 -35.04 -17.05
CA HIS A 403 -36.04 -35.83 -16.02
C HIS A 403 -37.02 -36.73 -15.27
N GLU A 404 -38.31 -36.47 -15.40
CA GLU A 404 -39.33 -37.39 -14.88
C GLU A 404 -39.23 -38.74 -15.58
N MET A 405 -39.22 -38.71 -16.92
CA MET A 405 -39.21 -39.94 -17.69
C MET A 405 -37.83 -40.58 -17.68
N LEU A 406 -36.78 -39.77 -17.77
CA LEU A 406 -35.43 -40.29 -17.92
C LEU A 406 -34.92 -40.87 -16.60
N GLU A 407 -33.69 -41.35 -16.61
CA GLU A 407 -33.18 -42.11 -15.48
C GLU A 407 -31.73 -41.77 -15.20
N GLY A 408 -31.46 -41.42 -13.94
CA GLY A 408 -30.12 -41.37 -13.40
C GLY A 408 -29.17 -40.39 -14.05
N ASN A 409 -28.22 -40.94 -14.80
CA ASN A 409 -27.23 -40.11 -15.49
C ASN A 409 -27.84 -39.26 -16.57
N GLU A 410 -28.88 -39.76 -17.22
CA GLU A 410 -29.40 -39.08 -18.40
C GLU A 410 -30.34 -37.94 -18.06
N ARG A 411 -30.59 -37.70 -16.78
CA ARG A 411 -31.40 -36.55 -16.37
C ARG A 411 -30.61 -35.25 -16.38
N TYR A 412 -29.29 -35.31 -16.56
CA TYR A 412 -28.40 -34.20 -16.29
C TYR A 412 -27.69 -33.79 -17.57
N GLU A 413 -27.60 -32.49 -17.80
CA GLU A 413 -26.80 -31.94 -18.89
C GLU A 413 -26.01 -30.75 -18.37
N GLY A 414 -25.20 -30.16 -19.24
CA GLY A 414 -24.43 -29.00 -18.89
C GLY A 414 -23.00 -29.14 -19.34
N TYR A 415 -22.12 -28.36 -18.71
CA TYR A 415 -20.73 -28.32 -19.11
C TYR A 415 -20.01 -29.58 -18.67
N CYS A 416 -19.97 -29.81 -17.36
CA CYS A 416 -19.15 -30.89 -16.82
C CYS A 416 -19.74 -32.26 -17.07
N VAL A 417 -21.00 -32.33 -17.47
CA VAL A 417 -21.62 -33.61 -17.81
C VAL A 417 -20.94 -34.21 -19.03
N ASP A 418 -20.53 -33.37 -19.98
CA ASP A 418 -19.71 -33.83 -21.10
C ASP A 418 -18.34 -34.28 -20.62
N LEU A 419 -17.77 -33.52 -19.67
CA LEU A 419 -16.41 -33.77 -19.22
C LEU A 419 -16.31 -35.07 -18.46
N ALA A 420 -17.37 -35.44 -17.74
CA ALA A 420 -17.38 -36.68 -16.97
C ALA A 420 -17.25 -37.89 -17.89
N ALA A 421 -18.01 -37.89 -18.99
CA ALA A 421 -17.89 -38.96 -19.96
C ALA A 421 -16.54 -38.94 -20.65
N GLU A 422 -15.97 -37.74 -20.84
CA GLU A 422 -14.63 -37.67 -21.41
C GLU A 422 -13.58 -38.33 -20.52
N ILE A 423 -13.64 -38.02 -19.23
CA ILE A 423 -12.66 -38.57 -18.29
C ILE A 423 -12.87 -40.07 -18.12
N ALA A 424 -14.12 -40.51 -18.09
CA ALA A 424 -14.39 -41.93 -17.96
C ALA A 424 -14.00 -42.71 -19.21
N LYS A 425 -14.15 -42.10 -20.39
CA LYS A 425 -13.67 -42.74 -21.61
C LYS A 425 -12.16 -42.79 -21.63
N HIS A 426 -11.51 -41.80 -21.03
CA HIS A 426 -10.06 -41.82 -21.03
C HIS A 426 -9.48 -42.80 -20.01
N CYS A 427 -10.19 -43.05 -18.91
CA CYS A 427 -9.63 -43.88 -17.84
C CYS A 427 -10.40 -45.17 -17.57
N GLY A 428 -11.35 -45.54 -18.42
CA GLY A 428 -11.90 -46.89 -18.43
C GLY A 428 -12.88 -47.26 -17.33
N PHE A 429 -13.18 -46.35 -16.41
CA PHE A 429 -14.00 -46.72 -15.27
C PHE A 429 -15.48 -46.45 -15.55
N LYS A 430 -16.32 -46.70 -14.55
CA LYS A 430 -17.74 -46.40 -14.58
C LYS A 430 -18.06 -45.46 -13.44
N TYR A 431 -19.22 -44.83 -13.48
CA TYR A 431 -19.53 -43.81 -12.49
C TYR A 431 -21.04 -43.63 -12.36
N LYS A 432 -21.41 -42.74 -11.45
CA LYS A 432 -22.79 -42.37 -11.18
C LYS A 432 -22.79 -40.97 -10.61
N LEU A 433 -23.61 -40.10 -11.17
CA LEU A 433 -23.65 -38.72 -10.74
C LEU A 433 -24.48 -38.58 -9.48
N THR A 434 -24.02 -37.71 -8.58
CA THR A 434 -24.74 -37.42 -7.35
C THR A 434 -24.72 -35.92 -7.10
N ILE A 435 -25.79 -35.43 -6.50
CA ILE A 435 -25.92 -34.03 -6.15
C ILE A 435 -25.68 -33.91 -4.64
N VAL A 436 -24.94 -32.87 -4.23
CA VAL A 436 -24.63 -32.68 -2.82
C VAL A 436 -25.90 -32.29 -2.07
N GLY A 437 -25.97 -32.69 -0.80
CA GLY A 437 -27.17 -32.54 0.00
C GLY A 437 -27.49 -31.12 0.40
N ASP A 438 -26.57 -30.48 1.12
CA ASP A 438 -26.84 -29.13 1.61
C ASP A 438 -26.84 -28.10 0.49
N GLY A 439 -26.15 -28.39 -0.61
CA GLY A 439 -26.09 -27.45 -1.71
C GLY A 439 -25.09 -26.35 -1.53
N LYS A 440 -24.03 -26.59 -0.76
CA LYS A 440 -23.00 -25.58 -0.55
C LYS A 440 -21.68 -26.13 -1.04
N TYR A 441 -20.77 -25.20 -1.37
CA TYR A 441 -19.50 -25.60 -1.95
C TYR A 441 -18.59 -26.24 -0.92
N GLY A 442 -18.48 -25.63 0.25
CA GLY A 442 -17.72 -26.24 1.32
C GLY A 442 -16.64 -25.36 1.90
N ALA A 443 -16.75 -25.11 3.20
CA ALA A 443 -15.73 -24.42 3.96
C ALA A 443 -15.65 -25.09 5.33
N ARG A 444 -14.61 -24.76 6.09
CA ARG A 444 -14.55 -25.26 7.44
C ARG A 444 -15.47 -24.44 8.33
N ASP A 445 -15.95 -25.06 9.38
CA ASP A 445 -16.78 -24.36 10.34
C ASP A 445 -15.89 -23.49 11.23
N ALA A 446 -16.51 -22.50 11.87
CA ALA A 446 -15.83 -21.72 12.89
C ALA A 446 -15.53 -22.59 14.09
N ASP A 447 -14.27 -22.60 14.51
CA ASP A 447 -13.74 -23.13 15.77
C ASP A 447 -13.80 -24.64 15.90
N THR A 448 -14.37 -25.36 14.94
CA THR A 448 -14.44 -26.81 15.04
C THR A 448 -13.64 -27.52 13.96
N LYS A 449 -13.33 -26.84 12.84
CA LYS A 449 -12.71 -27.42 11.65
C LYS A 449 -13.51 -28.63 11.18
N ILE A 450 -14.74 -28.33 10.75
CA ILE A 450 -15.63 -29.32 10.19
C ILE A 450 -16.01 -28.84 8.80
N TRP A 451 -15.58 -29.58 7.78
CA TRP A 451 -15.83 -29.22 6.39
C TRP A 451 -17.22 -29.67 6.02
N ASN A 452 -18.13 -28.73 5.76
CA ASN A 452 -19.41 -29.07 5.17
C ASN A 452 -19.25 -29.08 3.66
N GLY A 453 -20.37 -29.17 2.94
CA GLY A 453 -20.33 -29.04 1.50
C GLY A 453 -19.68 -30.23 0.83
N MET A 454 -19.09 -29.98 -0.33
CA MET A 454 -18.52 -31.04 -1.14
C MET A 454 -17.14 -31.45 -0.70
N VAL A 455 -16.37 -30.51 -0.13
CA VAL A 455 -15.04 -30.85 0.33
C VAL A 455 -15.12 -31.81 1.48
N GLY A 456 -16.15 -31.67 2.32
CA GLY A 456 -16.41 -32.66 3.35
C GLY A 456 -16.79 -34.01 2.78
N GLU A 457 -17.45 -34.01 1.62
CA GLU A 457 -17.78 -35.28 0.97
C GLU A 457 -16.53 -35.97 0.46
N LEU A 458 -15.51 -35.21 0.10
CA LEU A 458 -14.25 -35.87 -0.25
C LEU A 458 -13.43 -36.25 0.97
N VAL A 459 -13.47 -35.45 2.04
CA VAL A 459 -12.63 -35.75 3.19
C VAL A 459 -13.19 -36.92 3.98
N TYR A 460 -14.50 -36.95 4.17
CA TYR A 460 -15.10 -37.90 5.09
C TYR A 460 -15.43 -39.23 4.42
N GLY A 461 -14.79 -39.55 3.29
CA GLY A 461 -14.93 -40.85 2.67
C GLY A 461 -16.26 -41.12 1.99
N LYS A 462 -17.11 -40.11 1.83
CA LYS A 462 -18.42 -40.32 1.25
C LYS A 462 -18.41 -40.29 -0.26
N ALA A 463 -17.54 -39.51 -0.87
CA ALA A 463 -17.49 -39.36 -2.32
C ALA A 463 -16.21 -39.99 -2.85
N ASP A 464 -16.03 -39.88 -4.17
CA ASP A 464 -14.87 -40.47 -4.81
C ASP A 464 -14.10 -39.46 -5.64
N ILE A 465 -14.81 -38.55 -6.32
CA ILE A 465 -14.19 -37.52 -7.14
C ILE A 465 -15.22 -36.41 -7.32
N ALA A 466 -14.74 -35.21 -7.58
CA ALA A 466 -15.62 -34.03 -7.65
C ALA A 466 -15.28 -33.23 -8.89
N ILE A 467 -15.98 -33.52 -9.99
CA ILE A 467 -15.93 -32.67 -11.17
C ILE A 467 -16.96 -31.56 -10.97
N ALA A 468 -16.48 -30.36 -10.70
CA ALA A 468 -17.33 -29.29 -10.19
C ALA A 468 -16.62 -27.97 -10.40
N PRO A 469 -17.36 -26.88 -10.46
CA PRO A 469 -16.73 -25.56 -10.46
C PRO A 469 -16.15 -25.21 -9.10
N LEU A 470 -14.93 -25.67 -8.84
CA LEU A 470 -14.33 -25.58 -7.51
C LEU A 470 -13.03 -24.80 -7.60
N THR A 471 -12.89 -23.80 -6.73
CA THR A 471 -11.74 -22.91 -6.75
C THR A 471 -10.60 -23.46 -5.91
N ILE A 472 -9.42 -23.57 -6.52
CA ILE A 472 -8.23 -24.00 -5.79
C ILE A 472 -7.79 -22.87 -4.88
N THR A 473 -8.01 -23.04 -3.58
CA THR A 473 -7.56 -22.10 -2.58
C THR A 473 -6.33 -22.68 -1.89
N LEU A 474 -5.90 -22.01 -0.82
CA LEU A 474 -4.79 -22.55 -0.03
C LEU A 474 -5.25 -23.70 0.85
N VAL A 475 -6.25 -23.46 1.69
CA VAL A 475 -6.58 -24.40 2.76
C VAL A 475 -7.24 -25.67 2.23
N ARG A 476 -7.70 -25.65 0.98
CA ARG A 476 -8.23 -26.87 0.39
C ARG A 476 -7.13 -27.81 -0.07
N GLU A 477 -5.89 -27.32 -0.20
CA GLU A 477 -4.79 -28.20 -0.57
C GLU A 477 -4.37 -29.11 0.56
N GLU A 478 -4.57 -28.70 1.80
CA GLU A 478 -4.04 -29.47 2.91
C GLU A 478 -4.89 -30.68 3.26
N VAL A 479 -6.06 -30.83 2.67
CA VAL A 479 -6.92 -31.94 3.04
C VAL A 479 -7.18 -32.85 1.86
N ILE A 480 -7.15 -32.30 0.64
CA ILE A 480 -7.37 -33.10 -0.56
C ILE A 480 -6.34 -32.71 -1.60
N ASP A 481 -6.48 -33.28 -2.79
CA ASP A 481 -5.54 -33.01 -3.86
C ASP A 481 -6.27 -32.47 -5.09
N PHE A 482 -5.62 -31.53 -5.77
CA PHE A 482 -6.11 -30.99 -7.03
C PHE A 482 -5.22 -31.41 -8.17
N SER A 483 -5.80 -31.44 -9.36
CA SER A 483 -5.04 -31.62 -10.58
C SER A 483 -4.55 -30.26 -11.05
N LYS A 484 -4.05 -30.19 -12.28
CA LYS A 484 -3.73 -28.91 -12.85
C LYS A 484 -5.04 -28.19 -13.19
N PRO A 485 -5.05 -26.86 -13.16
CA PRO A 485 -6.28 -26.13 -13.49
C PRO A 485 -6.61 -26.25 -14.97
N PHE A 486 -7.90 -26.29 -15.26
CA PHE A 486 -8.35 -26.41 -16.64
C PHE A 486 -9.02 -25.15 -17.16
N MET A 487 -9.50 -24.28 -16.30
CA MET A 487 -10.15 -23.06 -16.76
C MET A 487 -9.86 -21.94 -15.77
N SER A 488 -9.44 -20.79 -16.28
CA SER A 488 -8.95 -19.70 -15.47
C SER A 488 -10.01 -18.60 -15.38
N LEU A 489 -10.05 -17.92 -14.24
CA LEU A 489 -11.04 -16.88 -14.02
C LEU A 489 -10.54 -15.93 -12.94
N GLY A 490 -11.41 -14.99 -12.58
CA GLY A 490 -11.16 -14.05 -11.50
C GLY A 490 -12.47 -13.52 -10.96
N ILE A 491 -12.37 -12.83 -9.84
CA ILE A 491 -13.52 -12.21 -9.20
C ILE A 491 -13.93 -10.98 -10.00
N SER A 492 -15.21 -10.89 -10.35
CA SER A 492 -15.75 -9.75 -11.07
C SER A 492 -16.95 -9.18 -10.32
N ILE A 493 -17.40 -8.02 -10.78
CA ILE A 493 -18.48 -7.26 -10.15
C ILE A 493 -19.64 -7.18 -11.14
N MET A 494 -20.83 -7.57 -10.70
CA MET A 494 -22.02 -7.54 -11.53
C MET A 494 -23.02 -6.57 -10.93
N ILE A 495 -23.61 -5.72 -11.77
CA ILE A 495 -24.63 -4.77 -11.35
C ILE A 495 -25.76 -4.76 -12.38
N LYS A 496 -26.81 -4.03 -12.05
CA LYS A 496 -27.91 -3.82 -12.98
C LYS A 496 -27.49 -2.80 -14.04
N LYS A 497 -27.65 -3.18 -15.30
CA LYS A 497 -27.36 -2.29 -16.40
C LYS A 497 -28.34 -1.13 -16.43
N PRO A 498 -27.89 0.12 -16.41
CA PRO A 498 -28.83 1.25 -16.53
C PRO A 498 -29.39 1.33 -17.93
N GLN A 499 -30.69 1.60 -18.03
CA GLN A 499 -31.37 1.60 -19.31
C GLN A 499 -31.06 2.87 -20.06
N LYS A 500 -30.37 2.74 -21.19
CA LYS A 500 -29.95 3.88 -21.97
C LYS A 500 -31.08 4.35 -22.88
N SER A 501 -31.01 5.62 -23.25
CA SER A 501 -32.04 6.25 -24.07
C SER A 501 -31.62 6.25 -25.53
N LYS A 502 -32.57 5.94 -26.40
CA LYS A 502 -32.28 5.92 -27.82
C LYS A 502 -32.76 7.20 -28.49
N PRO A 503 -31.99 7.71 -29.45
CA PRO A 503 -32.47 8.86 -30.23
C PRO A 503 -33.63 8.45 -31.11
N GLY A 504 -34.73 9.19 -30.99
CA GLY A 504 -35.92 8.90 -31.76
C GLY A 504 -35.80 9.34 -33.20
N VAL A 505 -36.96 9.46 -33.83
CA VAL A 505 -37.00 9.88 -35.22
C VAL A 505 -36.64 11.35 -35.35
N PHE A 506 -37.30 12.19 -34.56
CA PHE A 506 -37.04 13.62 -34.63
C PHE A 506 -35.96 14.00 -33.61
N SER A 507 -34.78 13.44 -33.83
CA SER A 507 -33.66 13.65 -32.94
C SER A 507 -32.76 14.79 -33.39
N PHE A 508 -33.30 15.70 -34.19
CA PHE A 508 -32.55 16.87 -34.61
C PHE A 508 -33.12 18.15 -34.04
N LEU A 509 -34.33 18.09 -33.49
CA LEU A 509 -34.90 19.21 -32.76
C LEU A 509 -34.48 19.23 -31.31
N ASP A 510 -33.50 18.40 -30.96
CA ASP A 510 -33.09 18.24 -29.57
C ASP A 510 -32.44 19.46 -28.92
N PRO A 511 -31.47 20.18 -29.54
CA PRO A 511 -30.84 21.25 -28.74
C PRO A 511 -31.62 22.54 -28.65
N LEU A 512 -32.93 22.44 -28.51
CA LEU A 512 -33.77 23.48 -27.93
C LEU A 512 -34.89 22.76 -27.23
N ALA A 513 -35.78 23.50 -26.61
CA ALA A 513 -36.97 22.86 -26.08
C ALA A 513 -38.22 23.39 -26.77
N TYR A 514 -39.32 22.67 -26.56
CA TYR A 514 -40.53 22.88 -27.31
C TYR A 514 -41.16 24.24 -27.02
N GLU A 515 -40.89 24.80 -25.85
CA GLU A 515 -41.29 26.16 -25.54
C GLU A 515 -40.61 27.15 -26.48
N ILE A 516 -39.31 26.97 -26.68
CA ILE A 516 -38.56 27.82 -27.59
C ILE A 516 -39.05 27.64 -29.02
N TRP A 517 -39.37 26.40 -29.38
CA TRP A 517 -39.88 26.15 -30.73
C TRP A 517 -41.24 26.77 -30.96
N MET A 518 -42.07 26.92 -29.93
CA MET A 518 -43.33 27.59 -30.20
C MET A 518 -43.17 29.11 -30.14
N CYS A 519 -42.23 29.60 -29.31
CA CYS A 519 -42.04 31.04 -29.20
C CYS A 519 -41.43 31.62 -30.46
N ILE A 520 -40.57 30.85 -31.13
CA ILE A 520 -40.00 31.34 -32.36
C ILE A 520 -41.04 31.40 -33.48
N VAL A 521 -42.03 30.51 -33.45
CA VAL A 521 -43.12 30.57 -34.41
C VAL A 521 -43.99 31.80 -34.17
N PHE A 522 -44.34 32.02 -32.90
CA PHE A 522 -45.13 33.20 -32.52
C PHE A 522 -44.45 34.48 -32.95
N ALA A 523 -43.15 34.59 -32.64
CA ALA A 523 -42.40 35.80 -32.94
C ALA A 523 -42.24 35.99 -34.44
N TYR A 524 -42.12 34.90 -35.19
CA TYR A 524 -42.09 34.97 -36.64
C TYR A 524 -43.34 35.64 -37.19
N ILE A 525 -44.50 35.18 -36.71
CA ILE A 525 -45.77 35.75 -37.16
C ILE A 525 -45.85 37.23 -36.81
N GLY A 526 -45.48 37.56 -35.57
CA GLY A 526 -45.61 38.94 -35.12
C GLY A 526 -44.70 39.89 -35.84
N VAL A 527 -43.46 39.47 -36.09
CA VAL A 527 -42.50 40.33 -36.78
C VAL A 527 -42.96 40.59 -38.21
N SER A 528 -43.44 39.55 -38.88
CA SER A 528 -43.85 39.76 -40.26
C SER A 528 -45.09 40.63 -40.37
N VAL A 529 -46.04 40.48 -39.44
CA VAL A 529 -47.24 41.29 -39.55
C VAL A 529 -46.98 42.74 -39.15
N VAL A 530 -46.04 42.98 -38.25
CA VAL A 530 -45.68 44.35 -37.91
C VAL A 530 -44.98 45.02 -39.09
N LEU A 531 -44.15 44.25 -39.80
CA LEU A 531 -43.50 44.79 -40.99
C LEU A 531 -44.53 45.11 -42.08
N PHE A 532 -45.57 44.28 -42.20
CA PHE A 532 -46.64 44.60 -43.14
C PHE A 532 -47.36 45.88 -42.76
N LEU A 533 -47.73 45.99 -41.48
CA LEU A 533 -48.44 47.15 -40.97
C LEU A 533 -47.66 48.43 -41.20
N VAL A 534 -46.35 48.38 -40.95
CA VAL A 534 -45.56 49.59 -41.12
C VAL A 534 -45.32 49.87 -42.60
N SER A 535 -45.37 48.86 -43.46
CA SER A 535 -45.17 49.13 -44.88
C SER A 535 -46.40 49.78 -45.51
N ARG A 536 -47.54 49.10 -45.46
CA ARG A 536 -48.72 49.59 -46.17
C ARG A 536 -49.55 50.46 -45.23
N PHE A 537 -49.30 51.77 -45.27
CA PHE A 537 -49.87 52.63 -44.25
C PHE A 537 -50.31 53.97 -44.82
N SER A 538 -50.58 54.04 -46.14
CA SER A 538 -50.86 55.24 -46.91
C SER A 538 -49.79 56.31 -46.70
N PRO A 539 -48.60 56.16 -47.31
CA PRO A 539 -47.50 57.10 -47.05
C PRO A 539 -47.74 58.48 -47.62
N TYR A 540 -48.12 58.56 -48.90
CA TYR A 540 -48.24 59.77 -49.72
C TYR A 540 -47.19 60.86 -49.46
N SER A 556 -47.55 56.32 -55.77
CA SER A 556 -48.09 56.97 -54.59
C SER A 556 -48.35 55.95 -53.48
N GLU A 557 -49.23 55.00 -53.79
CA GLU A 557 -49.56 53.94 -52.86
C GLU A 557 -48.97 52.60 -53.27
N SER A 558 -49.03 52.25 -54.54
CA SER A 558 -48.43 51.03 -55.05
C SER A 558 -46.93 51.18 -55.30
N THR A 559 -46.32 52.24 -54.78
CA THR A 559 -44.89 52.48 -54.98
C THR A 559 -44.05 51.45 -54.24
N ASN A 560 -44.32 51.25 -52.97
CA ASN A 560 -43.59 50.25 -52.20
C ASN A 560 -44.04 48.85 -52.60
N GLU A 561 -43.19 47.87 -52.32
CA GLU A 561 -43.38 46.52 -52.84
C GLU A 561 -43.83 45.53 -51.79
N PHE A 562 -44.00 45.94 -50.56
CA PHE A 562 -44.27 44.97 -49.51
C PHE A 562 -45.76 44.70 -49.36
N GLY A 563 -46.06 43.45 -49.03
CA GLY A 563 -47.39 43.03 -48.64
C GLY A 563 -47.26 41.96 -47.60
N ILE A 564 -48.41 41.36 -47.25
CA ILE A 564 -48.43 40.28 -46.28
C ILE A 564 -47.62 39.10 -46.77
N PHE A 565 -47.67 38.82 -48.06
CA PHE A 565 -47.14 37.58 -48.56
C PHE A 565 -45.64 37.69 -48.77
N ASN A 566 -45.23 38.76 -49.46
CA ASN A 566 -43.84 39.18 -49.54
C ASN A 566 -43.20 39.24 -48.16
N SER A 567 -43.89 39.82 -47.18
CA SER A 567 -43.32 39.97 -45.85
C SER A 567 -43.16 38.63 -45.15
N LEU A 568 -44.17 37.76 -45.29
CA LEU A 568 -44.10 36.42 -44.73
C LEU A 568 -42.89 35.66 -45.21
N TRP A 569 -42.57 35.72 -46.51
CA TRP A 569 -41.39 34.93 -46.83
C TRP A 569 -40.10 35.75 -46.78
N PHE A 570 -40.20 37.08 -46.66
CA PHE A 570 -39.01 37.87 -46.40
C PHE A 570 -38.44 37.57 -45.03
N SER A 571 -39.32 37.45 -44.03
CA SER A 571 -38.82 37.14 -42.70
C SER A 571 -38.20 35.76 -42.64
N LEU A 572 -38.75 34.82 -43.39
CA LEU A 572 -38.19 33.48 -43.37
C LEU A 572 -36.86 33.43 -44.10
N GLY A 573 -36.76 34.13 -45.24
CA GLY A 573 -35.50 34.20 -45.95
C GLY A 573 -34.45 35.04 -45.25
N ALA A 574 -34.88 35.89 -44.33
CA ALA A 574 -33.90 36.51 -43.45
C ALA A 574 -33.49 35.56 -42.34
N PHE A 575 -34.43 34.74 -41.86
CA PHE A 575 -34.16 33.85 -40.74
C PHE A 575 -33.19 32.76 -41.13
N MET A 576 -33.60 31.91 -42.06
CA MET A 576 -32.63 31.00 -42.66
C MET A 576 -31.79 31.81 -43.63
N GLN A 577 -30.47 31.63 -43.56
CA GLN A 577 -29.57 32.53 -44.29
C GLN A 577 -29.62 32.19 -45.77
N GLN A 578 -30.66 32.67 -46.44
CA GLN A 578 -30.80 32.44 -47.87
C GLN A 578 -30.96 33.74 -48.63
N GLY A 579 -30.85 34.87 -47.97
CA GLY A 579 -30.98 36.11 -48.67
C GLY A 579 -32.41 36.51 -48.87
N CYS A 580 -32.60 37.41 -49.83
CA CYS A 580 -33.92 37.94 -50.07
C CYS A 580 -34.02 38.29 -51.54
N ASP A 581 -35.05 39.02 -51.87
CA ASP A 581 -35.14 39.68 -53.16
C ASP A 581 -35.27 41.18 -53.03
N ILE A 582 -35.79 41.67 -51.91
CA ILE A 582 -36.09 43.08 -51.70
C ILE A 582 -35.80 43.44 -50.25
N SER A 583 -35.61 44.72 -50.02
CA SER A 583 -35.26 45.24 -48.72
C SER A 583 -36.28 46.30 -48.32
N PRO A 584 -36.52 46.50 -47.03
CA PRO A 584 -37.31 47.65 -46.61
C PRO A 584 -36.55 48.93 -46.90
N ARG A 585 -37.25 49.91 -47.45
CA ARG A 585 -36.64 51.19 -47.76
C ARG A 585 -37.11 52.31 -46.86
N SER A 586 -38.29 52.19 -46.28
CA SER A 586 -38.75 53.16 -45.30
C SER A 586 -37.95 53.02 -44.01
N LEU A 587 -37.90 54.13 -43.27
CA LEU A 587 -37.07 54.22 -42.08
C LEU A 587 -37.51 53.22 -41.01
N SER A 588 -38.81 53.17 -40.74
CA SER A 588 -39.27 52.27 -39.70
C SER A 588 -39.22 50.83 -40.16
N GLY A 589 -39.35 50.59 -41.47
CA GLY A 589 -39.17 49.24 -41.98
C GLY A 589 -37.74 48.76 -41.83
N ARG A 590 -36.78 49.64 -42.05
CA ARG A 590 -35.39 49.27 -41.82
C ARG A 590 -35.14 49.04 -40.34
N ILE A 591 -35.74 49.88 -39.49
CA ILE A 591 -35.45 49.78 -38.07
C ILE A 591 -36.21 48.63 -37.43
N VAL A 592 -37.19 48.06 -38.12
CA VAL A 592 -37.75 46.82 -37.63
C VAL A 592 -37.02 45.61 -38.23
N GLY A 593 -36.48 45.74 -39.43
CA GLY A 593 -35.77 44.62 -40.02
C GLY A 593 -34.44 44.34 -39.33
N GLY A 594 -33.78 45.39 -38.85
CA GLY A 594 -32.53 45.19 -38.13
C GLY A 594 -32.70 44.42 -36.85
N VAL A 595 -33.86 44.55 -36.21
CA VAL A 595 -34.12 43.82 -34.99
C VAL A 595 -34.22 42.33 -35.28
N TRP A 596 -34.87 41.97 -36.38
CA TRP A 596 -34.99 40.57 -36.76
C TRP A 596 -33.65 40.00 -37.16
N TRP A 597 -32.85 40.83 -37.83
CA TRP A 597 -31.47 40.46 -38.13
C TRP A 597 -30.67 40.19 -36.89
N PHE A 598 -30.88 40.97 -35.83
CA PHE A 598 -30.16 40.67 -34.61
C PHE A 598 -30.73 39.44 -33.94
N PHE A 599 -32.02 39.20 -34.13
CA PHE A 599 -32.68 38.10 -33.46
C PHE A 599 -32.20 36.77 -33.98
N THR A 600 -31.94 36.68 -35.28
CA THR A 600 -31.57 35.38 -35.82
C THR A 600 -30.15 34.99 -35.43
N LEU A 601 -29.27 35.98 -35.24
CA LEU A 601 -27.85 35.71 -35.12
C LEU A 601 -27.52 35.11 -33.77
N ILE A 602 -28.36 35.35 -32.77
CA ILE A 602 -28.17 34.66 -31.51
C ILE A 602 -28.62 33.22 -31.62
N ILE A 603 -29.82 33.01 -32.11
CA ILE A 603 -30.48 31.72 -31.98
C ILE A 603 -29.86 30.67 -32.88
N ILE A 604 -29.66 31.00 -34.16
CA ILE A 604 -29.17 29.97 -35.06
C ILE A 604 -27.71 29.64 -34.76
N SER A 605 -26.98 30.59 -34.20
CA SER A 605 -25.62 30.32 -33.76
C SER A 605 -25.63 29.40 -32.56
N SER A 606 -26.52 29.67 -31.61
CA SER A 606 -26.68 28.77 -30.47
C SER A 606 -27.06 27.38 -30.93
N TYR A 607 -27.88 27.30 -31.98
CA TYR A 607 -28.32 26.04 -32.52
C TYR A 607 -27.18 25.22 -33.06
N THR A 608 -26.36 25.83 -33.92
CA THR A 608 -25.25 25.10 -34.51
C THR A 608 -24.21 24.73 -33.47
N ALA A 609 -23.91 25.67 -32.58
CA ALA A 609 -22.88 25.43 -31.58
C ALA A 609 -23.31 24.37 -30.57
N ASN A 610 -24.60 24.21 -30.32
CA ASN A 610 -24.99 23.16 -29.40
C ASN A 610 -25.24 21.85 -30.10
N LEU A 611 -25.57 21.89 -31.40
CA LEU A 611 -25.64 20.63 -32.14
C LEU A 611 -24.28 20.01 -32.27
N ALA A 612 -23.25 20.86 -32.37
CA ALA A 612 -21.87 20.41 -32.25
C ALA A 612 -21.59 19.76 -30.88
N ALA A 613 -22.30 20.16 -29.84
CA ALA A 613 -22.12 19.48 -28.57
C ALA A 613 -22.87 18.15 -28.51
N PHE A 614 -24.07 18.08 -29.10
CA PHE A 614 -24.79 16.81 -29.11
C PHE A 614 -24.17 15.77 -30.01
N LEU A 615 -23.38 16.16 -31.00
CA LEU A 615 -22.82 15.17 -31.90
C LEU A 615 -21.39 14.81 -31.54
N THR A 616 -21.06 14.80 -30.25
CA THR A 616 -19.76 14.31 -29.81
C THR A 616 -19.84 13.12 -28.88
N VAL A 617 -20.84 13.06 -28.01
CA VAL A 617 -20.88 12.04 -26.96
C VAL A 617 -22.32 11.54 -26.80
N GLU A 618 -22.44 10.24 -26.55
CA GLU A 618 -23.72 9.62 -26.26
C GLU A 618 -23.58 8.58 -25.14
N ARG A 619 -22.38 8.42 -24.60
CA ARG A 619 -22.04 7.32 -23.71
C ARG A 619 -22.25 7.71 -22.25
N MET A 620 -22.65 6.74 -21.44
CA MET A 620 -22.98 7.01 -20.05
C MET A 620 -21.73 7.15 -19.20
N VAL A 621 -21.91 7.71 -18.00
CA VAL A 621 -20.80 8.19 -17.19
C VAL A 621 -20.13 7.07 -16.41
N SER A 622 -20.67 5.83 -16.46
CA SER A 622 -20.08 4.63 -15.88
C SER A 622 -19.81 4.73 -14.38
N PRO A 623 -20.80 4.41 -13.54
CA PRO A 623 -20.62 4.41 -12.08
C PRO A 623 -19.61 3.38 -11.54
N ILE A 624 -19.83 2.93 -10.32
CA ILE A 624 -18.93 2.64 -9.19
C ILE A 624 -17.66 1.79 -9.49
N GLU A 625 -17.23 1.71 -10.76
CA GLU A 625 -16.07 1.00 -11.31
C GLU A 625 -14.84 0.83 -10.42
N SER A 626 -14.22 -0.35 -10.50
CA SER A 626 -12.95 -0.76 -9.90
C SER A 626 -13.02 -0.87 -8.38
N ALA A 627 -14.22 -0.91 -7.80
CA ALA A 627 -14.50 -1.32 -6.43
C ALA A 627 -13.91 -0.42 -5.35
N GLU A 628 -13.23 0.65 -5.73
CA GLU A 628 -12.65 1.52 -4.72
C GLU A 628 -13.72 2.42 -4.12
N ASP A 629 -14.63 2.91 -4.95
CA ASP A 629 -15.80 3.60 -4.42
C ASP A 629 -16.74 2.63 -3.74
N LEU A 630 -16.68 1.33 -4.06
CA LEU A 630 -17.39 0.36 -3.24
C LEU A 630 -16.81 0.31 -1.82
N SER A 631 -15.53 0.63 -1.67
CA SER A 631 -15.01 0.82 -0.33
C SER A 631 -15.32 2.22 0.21
N LYS A 632 -15.52 3.20 -0.67
CA LYS A 632 -15.63 4.58 -0.21
C LYS A 632 -17.04 4.96 0.18
N GLN A 633 -18.01 4.76 -0.72
CA GLN A 633 -19.37 5.16 -0.46
C GLN A 633 -20.02 4.23 0.56
N THR A 634 -21.19 4.66 1.04
CA THR A 634 -22.03 3.81 1.87
C THR A 634 -23.38 3.55 1.24
N GLU A 635 -23.57 3.96 -0.02
CA GLU A 635 -24.91 3.91 -0.59
C GLU A 635 -25.27 2.51 -1.10
N ILE A 636 -24.53 2.02 -2.08
CA ILE A 636 -24.85 0.75 -2.70
C ILE A 636 -24.18 -0.36 -1.90
N ALA A 637 -24.96 -1.31 -1.40
CA ALA A 637 -24.43 -2.44 -0.69
C ALA A 637 -23.87 -3.47 -1.66
N TYR A 638 -23.27 -4.51 -1.10
CA TYR A 638 -22.65 -5.57 -1.89
C TYR A 638 -22.38 -6.77 -0.99
N GLY A 639 -22.40 -7.96 -1.58
CA GLY A 639 -22.12 -9.17 -0.85
C GLY A 639 -21.57 -10.26 -1.75
N THR A 640 -21.31 -11.41 -1.12
CA THR A 640 -20.78 -12.58 -1.80
C THR A 640 -21.68 -13.79 -1.55
N LEU A 641 -21.19 -14.96 -1.91
CA LEU A 641 -21.88 -16.19 -1.63
C LEU A 641 -21.39 -16.76 -0.31
N ASP A 642 -22.31 -17.21 0.53
CA ASP A 642 -21.92 -17.88 1.76
C ASP A 642 -21.41 -19.28 1.45
N SER A 643 -20.58 -19.79 2.38
CA SER A 643 -19.78 -21.00 2.20
C SER A 643 -18.94 -20.91 0.93
N GLY A 644 -18.33 -19.75 0.72
CA GLY A 644 -17.73 -19.41 -0.55
C GLY A 644 -16.27 -19.04 -0.42
N SER A 645 -15.50 -19.42 -1.45
CA SER A 645 -14.08 -19.13 -1.47
C SER A 645 -13.81 -17.64 -1.58
N THR A 646 -14.70 -16.89 -2.24
CA THR A 646 -14.53 -15.45 -2.33
C THR A 646 -14.77 -14.80 -0.97
N LYS A 647 -15.76 -15.29 -0.24
CA LYS A 647 -16.03 -14.77 1.10
C LYS A 647 -14.86 -15.08 2.04
N GLU A 648 -14.27 -16.28 1.90
CA GLU A 648 -13.10 -16.60 2.69
C GLU A 648 -11.89 -15.78 2.26
N PHE A 649 -11.81 -15.45 0.96
CA PHE A 649 -10.73 -14.64 0.44
C PHE A 649 -10.78 -13.22 1.00
N PHE A 650 -11.98 -12.65 1.09
CA PHE A 650 -12.08 -11.35 1.72
C PHE A 650 -11.90 -11.41 3.23
N ARG A 651 -12.17 -12.56 3.84
CA ARG A 651 -11.84 -12.70 5.25
C ARG A 651 -10.31 -12.68 5.47
N ARG A 652 -9.59 -13.46 4.68
CA ARG A 652 -8.16 -13.63 4.91
C ARG A 652 -7.31 -12.57 4.23
N SER A 653 -7.92 -11.74 3.38
CA SER A 653 -7.17 -10.77 2.58
C SER A 653 -6.58 -9.67 3.45
N LYS A 654 -5.43 -9.14 3.02
CA LYS A 654 -4.68 -8.17 3.80
C LYS A 654 -4.47 -6.84 3.09
N ILE A 655 -4.87 -6.72 1.83
CA ILE A 655 -4.89 -5.41 1.18
C ILE A 655 -5.97 -4.57 1.82
N ALA A 656 -5.66 -3.29 2.10
CA ALA A 656 -6.44 -2.49 3.02
C ALA A 656 -7.82 -2.14 2.45
N VAL A 657 -7.92 -1.95 1.13
CA VAL A 657 -9.22 -1.69 0.53
C VAL A 657 -10.12 -2.91 0.64
N PHE A 658 -9.52 -4.10 0.47
CA PHE A 658 -10.26 -5.34 0.67
C PHE A 658 -10.61 -5.54 2.13
N ASP A 659 -9.76 -5.03 3.02
CA ASP A 659 -10.02 -5.09 4.45
C ASP A 659 -11.23 -4.25 4.82
N LYS A 660 -11.32 -3.05 4.26
CA LYS A 660 -12.47 -2.20 4.54
C LYS A 660 -13.73 -2.77 3.92
N MET A 661 -13.60 -3.41 2.76
CA MET A 661 -14.76 -4.10 2.17
C MET A 661 -15.23 -5.24 3.04
N TRP A 662 -14.29 -6.01 3.60
CA TRP A 662 -14.64 -7.07 4.53
C TRP A 662 -15.27 -6.53 5.79
N THR A 663 -14.80 -5.36 6.23
CA THR A 663 -15.39 -4.70 7.40
C THR A 663 -16.84 -4.33 7.15
N TYR A 664 -17.11 -3.73 5.99
CA TYR A 664 -18.49 -3.40 5.64
C TYR A 664 -19.35 -4.63 5.44
N MET A 665 -18.78 -5.71 4.92
CA MET A 665 -19.58 -6.91 4.72
C MET A 665 -19.90 -7.60 6.04
N ARG A 666 -18.96 -7.61 6.98
CA ARG A 666 -19.25 -8.23 8.26
C ARG A 666 -20.12 -7.34 9.15
N SER A 667 -20.13 -6.03 8.91
CA SER A 667 -21.02 -5.13 9.62
C SER A 667 -22.16 -4.75 8.68
N ALA A 668 -23.17 -5.61 8.63
CA ALA A 668 -24.23 -5.48 7.63
C ALA A 668 -25.59 -5.53 8.30
N GLU A 669 -26.48 -4.63 7.85
CA GLU A 669 -27.85 -4.55 8.35
C GLU A 669 -28.80 -4.29 7.18
N PRO A 670 -29.53 -5.32 6.71
CA PRO A 670 -29.51 -6.75 7.04
C PRO A 670 -28.35 -7.47 6.40
N SER A 671 -28.49 -8.79 6.25
CA SER A 671 -27.45 -9.61 5.65
C SER A 671 -27.23 -9.22 4.20
N VAL A 672 -26.01 -8.79 3.89
CA VAL A 672 -25.61 -8.62 2.49
C VAL A 672 -25.24 -9.95 1.85
N PHE A 673 -25.15 -11.02 2.63
CA PHE A 673 -24.77 -12.31 2.10
C PHE A 673 -26.00 -13.08 1.65
N VAL A 674 -25.79 -13.95 0.66
CA VAL A 674 -26.87 -14.77 0.13
C VAL A 674 -26.49 -16.24 0.23
N ARG A 675 -27.42 -17.11 -0.12
CA ARG A 675 -27.24 -18.55 0.03
C ARG A 675 -26.96 -19.25 -1.30
N THR A 676 -27.56 -18.80 -2.39
CA THR A 676 -27.29 -19.37 -3.69
C THR A 676 -27.13 -18.25 -4.71
N THR A 677 -26.67 -18.63 -5.90
CA THR A 677 -26.28 -17.65 -6.91
C THR A 677 -27.49 -16.91 -7.47
N ALA A 678 -28.53 -17.66 -7.82
CA ALA A 678 -29.72 -17.06 -8.42
C ALA A 678 -30.45 -16.16 -7.43
N GLU A 679 -30.29 -16.41 -6.13
CA GLU A 679 -30.82 -15.52 -5.10
C GLU A 679 -30.22 -14.12 -5.22
N GLY A 680 -28.88 -14.05 -5.28
CA GLY A 680 -28.24 -12.76 -5.45
C GLY A 680 -28.49 -12.14 -6.81
N VAL A 681 -28.68 -12.98 -7.83
CA VAL A 681 -29.06 -12.49 -9.16
C VAL A 681 -30.39 -11.75 -9.09
N ALA A 682 -31.40 -12.38 -8.47
CA ALA A 682 -32.71 -11.74 -8.35
C ALA A 682 -32.66 -10.54 -7.42
N ARG A 683 -31.80 -10.58 -6.41
CA ARG A 683 -31.68 -9.43 -5.50
C ARG A 683 -31.08 -8.23 -6.21
N VAL A 684 -30.11 -8.45 -7.09
CA VAL A 684 -29.58 -7.32 -7.84
C VAL A 684 -30.56 -6.87 -8.93
N ARG A 685 -31.30 -7.81 -9.52
CA ARG A 685 -32.32 -7.45 -10.50
C ARG A 685 -33.48 -6.69 -9.89
N LYS A 686 -33.66 -6.76 -8.58
CA LYS A 686 -34.72 -6.00 -7.93
C LYS A 686 -34.23 -4.88 -7.03
N SER A 687 -32.93 -4.74 -6.82
CA SER A 687 -32.44 -3.71 -5.93
C SER A 687 -32.38 -2.33 -6.57
N LYS A 688 -32.43 -2.27 -7.90
CA LYS A 688 -32.43 -1.02 -8.68
C LYS A 688 -31.19 -0.19 -8.41
N GLY A 689 -30.03 -0.82 -8.52
CA GLY A 689 -28.78 -0.11 -8.30
C GLY A 689 -28.53 0.25 -6.85
N LYS A 690 -28.97 -0.58 -5.91
CA LYS A 690 -28.71 -0.36 -4.51
C LYS A 690 -27.98 -1.52 -3.85
N TYR A 691 -27.78 -2.61 -4.57
CA TYR A 691 -27.05 -3.76 -4.03
C TYR A 691 -26.19 -4.34 -5.15
N ALA A 692 -24.87 -4.21 -4.99
CA ALA A 692 -23.94 -4.82 -5.93
C ALA A 692 -23.76 -6.29 -5.59
N TYR A 693 -23.01 -7.01 -6.43
CA TYR A 693 -22.83 -8.43 -6.21
C TYR A 693 -21.47 -8.86 -6.71
N LEU A 694 -20.87 -9.78 -6.00
CA LEU A 694 -19.56 -10.31 -6.34
C LEU A 694 -19.70 -11.77 -6.74
N LEU A 695 -19.16 -12.12 -7.90
CA LEU A 695 -19.03 -13.52 -8.30
C LEU A 695 -17.83 -13.64 -9.23
N GLU A 696 -17.77 -14.74 -9.95
CA GLU A 696 -16.65 -15.08 -10.81
C GLU A 696 -16.98 -14.78 -12.27
N SER A 697 -15.92 -14.58 -13.06
CA SER A 697 -16.06 -13.96 -14.37
C SER A 697 -16.83 -14.83 -15.36
N THR A 698 -16.70 -16.14 -15.27
CA THR A 698 -17.43 -17.02 -16.17
C THR A 698 -18.92 -16.98 -15.90
N MET A 699 -19.28 -17.01 -14.60
CA MET A 699 -20.66 -16.80 -14.18
C MET A 699 -21.19 -15.46 -14.69
N ASN A 700 -20.34 -14.44 -14.63
CA ASN A 700 -20.75 -13.09 -14.99
C ASN A 700 -21.05 -12.99 -16.47
N GLU A 701 -20.16 -13.53 -17.31
CA GLU A 701 -20.41 -13.44 -18.73
C GLU A 701 -21.54 -14.36 -19.16
N TYR A 702 -21.76 -15.48 -18.44
CA TYR A 702 -22.90 -16.31 -18.79
C TYR A 702 -24.21 -15.62 -18.46
N ILE A 703 -24.27 -14.92 -17.32
CA ILE A 703 -25.47 -14.16 -17.01
C ILE A 703 -25.66 -12.99 -17.96
N GLU A 704 -24.56 -12.43 -18.47
CA GLU A 704 -24.68 -11.37 -19.47
C GLU A 704 -25.24 -11.89 -20.78
N GLN A 705 -24.87 -13.11 -21.17
CA GLN A 705 -25.30 -13.63 -22.47
C GLN A 705 -26.66 -14.31 -22.43
N ARG A 706 -27.53 -13.96 -21.49
CA ARG A 706 -28.88 -14.51 -21.45
C ARG A 706 -29.89 -13.39 -21.46
N LYS A 707 -31.14 -13.76 -21.73
CA LYS A 707 -32.24 -12.83 -21.52
C LYS A 707 -32.51 -12.68 -20.02
N PRO A 708 -32.89 -11.48 -19.56
CA PRO A 708 -33.25 -10.27 -20.28
C PRO A 708 -32.12 -9.28 -20.50
N CYS A 709 -30.86 -9.69 -20.32
CA CYS A 709 -29.67 -8.85 -20.49
C CYS A 709 -29.69 -7.59 -19.62
N ASP A 710 -30.38 -7.62 -18.49
CA ASP A 710 -30.47 -6.43 -17.66
C ASP A 710 -29.28 -6.25 -16.72
N THR A 711 -28.31 -7.16 -16.77
CA THR A 711 -27.13 -7.11 -15.92
C THR A 711 -25.94 -6.59 -16.72
N MET A 712 -24.86 -6.31 -16.00
CA MET A 712 -23.70 -5.72 -16.66
C MET A 712 -22.46 -5.95 -15.83
N LYS A 713 -21.38 -6.39 -16.48
CA LYS A 713 -20.09 -6.47 -15.85
C LYS A 713 -19.40 -5.12 -15.88
N VAL A 714 -18.90 -4.68 -14.74
CA VAL A 714 -18.15 -3.44 -14.66
C VAL A 714 -16.73 -3.74 -14.17
N GLY A 715 -15.83 -2.82 -14.46
CA GLY A 715 -14.45 -2.92 -14.03
C GLY A 715 -13.69 -4.05 -14.71
N GLY A 716 -12.52 -4.34 -14.16
CA GLY A 716 -11.69 -5.43 -14.59
C GLY A 716 -11.80 -6.63 -13.67
N ASN A 717 -10.74 -7.42 -13.64
CA ASN A 717 -10.71 -8.56 -12.75
C ASN A 717 -9.99 -8.16 -11.46
N LEU A 718 -9.82 -9.12 -10.55
CA LEU A 718 -9.10 -8.86 -9.33
C LEU A 718 -7.94 -9.79 -9.07
N ASP A 719 -8.00 -11.03 -9.53
CA ASP A 719 -6.97 -12.02 -9.25
C ASP A 719 -7.04 -13.12 -10.30
N SER A 720 -6.35 -14.23 -10.02
CA SER A 720 -6.25 -15.34 -10.97
C SER A 720 -6.50 -16.64 -10.22
N LYS A 721 -7.76 -17.04 -10.15
CA LYS A 721 -8.12 -18.32 -9.58
C LYS A 721 -8.16 -19.37 -10.69
N GLY A 722 -8.59 -20.58 -10.35
CA GLY A 722 -8.69 -21.63 -11.34
C GLY A 722 -9.49 -22.83 -10.87
N TYR A 723 -10.33 -23.35 -11.75
CA TYR A 723 -11.08 -24.57 -11.46
C TYR A 723 -10.23 -25.79 -11.73
N GLY A 724 -10.47 -26.84 -10.94
CA GLY A 724 -9.68 -28.04 -11.06
C GLY A 724 -10.52 -29.27 -10.76
N ILE A 725 -9.89 -30.42 -10.90
CA ILE A 725 -10.47 -31.69 -10.50
C ILE A 725 -9.92 -32.05 -9.13
N ALA A 726 -10.81 -32.43 -8.22
CA ALA A 726 -10.46 -32.68 -6.84
C ALA A 726 -10.60 -34.16 -6.52
N THR A 727 -9.59 -34.72 -5.87
CA THR A 727 -9.51 -36.11 -5.48
C THR A 727 -9.22 -36.19 -3.99
N PRO A 728 -9.63 -37.26 -3.32
CA PRO A 728 -9.20 -37.47 -1.94
C PRO A 728 -7.71 -37.74 -1.89
N LYS A 729 -7.11 -37.37 -0.76
CA LYS A 729 -5.67 -37.32 -0.67
C LYS A 729 -5.11 -38.73 -0.52
N GLY A 730 -4.35 -39.17 -1.53
CA GLY A 730 -3.62 -40.41 -1.45
C GLY A 730 -4.17 -41.53 -2.30
N SER A 731 -5.31 -41.35 -2.95
CA SER A 731 -5.84 -42.41 -3.78
C SER A 731 -5.04 -42.55 -5.08
N SER A 732 -5.30 -43.63 -5.78
CA SER A 732 -4.56 -43.96 -6.99
C SER A 732 -5.11 -43.24 -8.23
N LEU A 733 -6.16 -42.46 -8.08
CA LEU A 733 -6.75 -41.81 -9.24
C LEU A 733 -6.03 -40.54 -9.64
N GLY A 734 -5.18 -40.01 -8.78
CA GLY A 734 -4.60 -38.69 -8.91
C GLY A 734 -3.76 -38.48 -10.16
N THR A 735 -2.71 -39.26 -10.30
CA THR A 735 -1.88 -39.15 -11.49
C THR A 735 -2.54 -39.56 -12.82
N PRO A 736 -3.42 -40.56 -12.92
CA PRO A 736 -4.10 -40.74 -14.22
C PRO A 736 -5.09 -39.65 -14.55
N VAL A 737 -5.80 -39.09 -13.57
CA VAL A 737 -6.67 -37.94 -13.87
C VAL A 737 -5.84 -36.73 -14.27
N ASN A 738 -4.73 -36.49 -13.57
CA ASN A 738 -3.86 -35.36 -13.88
C ASN A 738 -3.22 -35.52 -15.25
N LEU A 739 -2.91 -36.76 -15.64
CA LEU A 739 -2.45 -37.00 -16.99
C LEU A 739 -3.57 -36.78 -18.00
N ALA A 740 -4.80 -37.15 -17.63
CA ALA A 740 -5.91 -37.08 -18.57
C ALA A 740 -6.32 -35.65 -18.87
N VAL A 741 -6.11 -34.74 -17.93
CA VAL A 741 -6.50 -33.35 -18.16
C VAL A 741 -5.66 -32.73 -19.26
N LEU A 742 -4.37 -33.06 -19.30
CA LEU A 742 -3.47 -32.41 -20.23
C LEU A 742 -3.73 -32.81 -21.67
N LYS A 743 -4.19 -34.04 -21.88
CA LYS A 743 -4.55 -34.48 -23.22
C LYS A 743 -5.73 -33.69 -23.76
N LEU A 744 -6.75 -33.50 -22.92
CA LEU A 744 -7.91 -32.70 -23.31
C LEU A 744 -7.55 -31.23 -23.47
N SER A 745 -6.53 -30.76 -22.76
CA SER A 745 -6.10 -29.39 -22.94
C SER A 745 -5.39 -29.22 -24.28
N GLU A 746 -4.50 -30.13 -24.61
CA GLU A 746 -3.71 -29.99 -25.81
C GLU A 746 -4.51 -30.31 -27.07
N GLN A 747 -5.58 -31.10 -26.95
CA GLN A 747 -6.39 -31.45 -28.11
C GLN A 747 -7.55 -30.49 -28.36
N GLY A 748 -7.61 -29.38 -27.64
CA GLY A 748 -8.60 -28.34 -27.89
C GLY A 748 -10.02 -28.69 -27.54
N VAL A 749 -10.24 -29.85 -26.91
CA VAL A 749 -11.57 -30.30 -26.55
C VAL A 749 -12.19 -29.34 -25.53
N LEU A 750 -11.34 -28.78 -24.67
CA LEU A 750 -11.80 -27.81 -23.69
C LEU A 750 -12.32 -26.55 -24.36
N ASP A 751 -11.61 -26.07 -25.39
CA ASP A 751 -12.07 -24.88 -26.10
C ASP A 751 -13.36 -25.15 -26.85
N LYS A 752 -13.47 -26.34 -27.43
CA LYS A 752 -14.69 -26.72 -28.14
C LYS A 752 -15.89 -26.76 -27.19
N LEU A 753 -15.71 -27.37 -26.03
CA LEU A 753 -16.79 -27.44 -25.05
C LEU A 753 -17.12 -26.08 -24.48
N LYS A 754 -16.10 -25.23 -24.29
CA LYS A 754 -16.32 -23.91 -23.72
C LYS A 754 -17.12 -23.04 -24.67
N ASN A 755 -16.79 -23.09 -25.96
CA ASN A 755 -17.59 -22.38 -26.94
C ASN A 755 -19.00 -22.96 -27.03
N LYS A 756 -19.10 -24.28 -26.92
CA LYS A 756 -20.39 -24.96 -27.04
C LYS A 756 -21.34 -24.56 -25.91
N TRP A 757 -20.81 -24.40 -24.70
CA TRP A 757 -21.66 -24.13 -23.56
C TRP A 757 -21.59 -22.69 -23.07
N TRP A 758 -20.87 -21.81 -23.75
CA TRP A 758 -21.03 -20.38 -23.51
C TRP A 758 -21.53 -19.61 -24.72
N TYR A 759 -20.85 -19.68 -25.86
CA TYR A 759 -21.08 -18.68 -26.88
C TYR A 759 -22.01 -19.14 -27.99
N ASP A 760 -22.16 -20.45 -28.16
CA ASP A 760 -23.08 -20.95 -29.17
C ASP A 760 -24.52 -20.87 -28.73
N LYS A 761 -24.78 -20.62 -27.45
CA LYS A 761 -26.12 -20.34 -26.96
C LYS A 761 -26.38 -18.84 -26.91
N GLY A 762 -25.80 -18.09 -27.83
CA GLY A 762 -26.03 -16.67 -27.90
C GLY A 762 -27.45 -16.37 -28.33
N GLU A 763 -28.28 -15.98 -27.36
CA GLU A 763 -29.68 -15.67 -27.61
C GLU A 763 -29.91 -14.17 -27.54
N CYS A 764 -29.56 -13.55 -26.42
CA CYS A 764 -29.69 -12.12 -26.22
C CYS A 764 -28.38 -11.46 -26.66
N GLY A 765 -28.14 -11.52 -27.97
CA GLY A 765 -26.92 -11.00 -28.54
C GLY A 765 -26.89 -9.49 -28.57
N ALA A 766 -26.81 -8.87 -27.39
CA ALA A 766 -26.81 -7.41 -27.31
C ALA A 766 -25.53 -6.83 -27.87
N LYS A 767 -24.38 -7.35 -27.40
CA LYS A 767 -23.06 -7.14 -27.99
C LYS A 767 -22.64 -5.67 -27.98
N ASP A 768 -22.90 -5.00 -26.86
CA ASP A 768 -22.52 -3.60 -26.68
C ASP A 768 -21.18 -3.53 -25.96
N SER A 769 -20.16 -2.99 -26.66
CA SER A 769 -18.83 -2.85 -26.10
C SER A 769 -18.43 -1.38 -25.95
N GLY A 770 -18.50 -0.60 -27.02
CA GLY A 770 -18.22 0.81 -26.94
C GLY A 770 -16.82 1.19 -27.41
N SER A 771 -16.74 1.97 -28.49
CA SER A 771 -15.48 2.48 -29.00
C SER A 771 -15.43 3.99 -28.80
N LYS A 772 -14.32 4.48 -28.25
CA LYS A 772 -14.14 5.89 -27.96
C LYS A 772 -13.78 6.72 -29.19
N GLU A 773 -13.79 6.11 -30.37
CA GLU A 773 -13.42 6.78 -31.62
C GLU A 773 -14.50 7.79 -31.96
N LYS A 774 -14.23 9.06 -31.66
CA LYS A 774 -15.20 10.12 -31.91
C LYS A 774 -15.27 10.53 -33.38
N THR A 775 -14.46 9.92 -34.24
CA THR A 775 -14.50 10.17 -35.67
C THR A 775 -15.40 9.19 -36.41
N SER A 776 -16.48 8.76 -35.77
CA SER A 776 -17.45 7.89 -36.42
C SER A 776 -18.46 8.73 -37.18
N ALA A 777 -18.67 8.40 -38.45
CA ALA A 777 -19.57 9.15 -39.30
C ALA A 777 -21.02 8.91 -38.89
N LEU A 778 -21.92 9.64 -39.53
CA LEU A 778 -23.34 9.50 -39.22
C LEU A 778 -23.97 8.44 -40.09
N SER A 779 -24.88 7.67 -39.50
CA SER A 779 -25.72 6.79 -40.26
C SER A 779 -26.85 7.59 -40.88
N LEU A 780 -27.58 6.94 -41.79
CA LEU A 780 -28.78 7.55 -42.32
C LEU A 780 -29.89 7.55 -41.30
N SER A 781 -29.86 6.59 -40.38
CA SER A 781 -30.88 6.38 -39.37
C SER A 781 -31.02 7.54 -38.39
N ASN A 782 -30.01 8.38 -38.25
CA ASN A 782 -30.16 9.55 -37.41
C ASN A 782 -30.76 10.71 -38.16
N VAL A 783 -30.85 10.64 -39.48
CA VAL A 783 -31.11 11.81 -40.29
C VAL A 783 -32.45 11.72 -41.02
N ALA A 784 -32.95 10.50 -41.30
CA ALA A 784 -34.04 10.26 -42.24
C ALA A 784 -35.35 10.99 -41.91
N GLY A 785 -35.53 11.38 -40.64
CA GLY A 785 -36.70 12.15 -40.24
C GLY A 785 -36.82 13.46 -40.98
N VAL A 786 -35.69 14.05 -41.36
CA VAL A 786 -35.72 15.26 -42.17
C VAL A 786 -36.27 14.96 -43.56
N PHE A 787 -35.82 13.83 -44.14
CA PHE A 787 -36.23 13.46 -45.48
C PHE A 787 -37.72 13.21 -45.57
N TYR A 788 -38.32 12.70 -44.49
CA TYR A 788 -39.77 12.51 -44.51
C TYR A 788 -40.50 13.85 -44.64
N ILE A 789 -40.06 14.87 -43.91
CA ILE A 789 -40.64 16.20 -44.03
C ILE A 789 -40.43 16.75 -45.42
N LEU A 790 -39.27 16.46 -46.02
CA LEU A 790 -38.98 16.92 -47.39
C LEU A 790 -39.97 16.34 -48.39
N VAL A 791 -40.19 15.02 -48.31
CA VAL A 791 -41.08 14.35 -49.25
C VAL A 791 -42.51 14.81 -49.07
N GLY A 792 -42.94 14.96 -47.81
CA GLY A 792 -44.29 15.41 -47.53
C GLY A 792 -44.55 16.83 -48.00
N GLY A 793 -43.55 17.70 -47.85
CA GLY A 793 -43.69 19.06 -48.33
C GLY A 793 -43.75 19.14 -49.84
N LEU A 794 -42.99 18.29 -50.52
CA LEU A 794 -43.06 18.24 -51.98
C LEU A 794 -44.46 17.85 -52.44
N GLY A 795 -45.02 16.83 -51.80
CA GLY A 795 -46.37 16.42 -52.15
C GLY A 795 -47.41 17.48 -51.85
N LEU A 796 -47.25 18.18 -50.72
CA LEU A 796 -48.17 19.25 -50.36
C LEU A 796 -48.15 20.38 -51.38
N ALA A 797 -46.96 20.77 -51.80
CA ALA A 797 -46.84 21.87 -52.75
C ALA A 797 -47.41 21.49 -54.10
N MET A 798 -47.17 20.25 -54.53
CA MET A 798 -47.74 19.77 -55.78
C MET A 798 -49.26 19.76 -55.74
N LEU A 799 -49.81 19.37 -54.58
CA LEU A 799 -51.26 19.34 -54.42
C LEU A 799 -51.86 20.74 -54.47
N VAL A 800 -51.18 21.71 -53.84
CA VAL A 800 -51.68 23.07 -53.81
C VAL A 800 -51.64 23.68 -55.22
N ALA A 801 -50.56 23.42 -55.96
CA ALA A 801 -50.48 23.91 -57.33
C ALA A 801 -51.55 23.28 -58.22
N LEU A 802 -51.85 21.99 -57.99
CA LEU A 802 -52.87 21.32 -58.77
C LEU A 802 -54.26 21.87 -58.48
N ILE A 803 -54.58 22.12 -57.21
CA ILE A 803 -55.92 22.60 -56.92
C ILE A 803 -56.07 24.06 -57.32
N GLU A 804 -54.98 24.82 -57.34
CA GLU A 804 -55.09 26.18 -57.86
C GLU A 804 -55.25 26.17 -59.37
N PHE A 805 -54.65 25.20 -60.06
CA PHE A 805 -54.92 25.09 -61.50
C PHE A 805 -56.36 24.64 -61.75
N CYS A 806 -56.91 23.80 -60.87
CA CYS A 806 -58.32 23.41 -61.03
C CYS A 806 -59.25 24.59 -60.81
N TYR A 807 -58.91 25.47 -59.86
CA TYR A 807 -59.68 26.70 -59.68
C TYR A 807 -59.56 27.61 -60.89
N LYS A 808 -58.37 27.69 -61.48
CA LYS A 808 -58.20 28.47 -62.70
C LYS A 808 -58.96 27.86 -63.87
N SER A 809 -59.04 26.53 -63.94
CA SER A 809 -59.73 25.89 -65.06
C SER A 809 -61.23 26.01 -64.93
N ARG A 810 -61.76 25.96 -63.71
CA ARG A 810 -63.16 26.30 -63.51
C ARG A 810 -63.40 27.77 -63.77
N ALA A 811 -62.39 28.61 -63.52
CA ALA A 811 -62.47 30.03 -63.85
C ALA A 811 -62.27 30.28 -65.34
N LEU A 821 -60.00 39.41 -49.35
CA LEU A 821 -60.74 38.19 -49.64
C LEU A 821 -61.77 38.39 -50.76
N PHE A 822 -62.78 37.54 -50.78
CA PHE A 822 -63.75 37.52 -51.86
C PHE A 822 -65.04 38.19 -51.39
N ASP A 823 -65.59 39.07 -52.23
CA ASP A 823 -66.83 39.82 -51.98
C ASP A 823 -66.75 40.65 -50.70
N ARG A 824 -65.94 41.71 -50.78
CA ARG A 824 -65.81 42.71 -49.72
C ARG A 824 -67.17 43.21 -49.25
N GLY A 825 -67.30 43.34 -47.93
CA GLY A 825 -68.57 43.57 -47.28
C GLY A 825 -68.79 42.51 -46.24
N VAL A 826 -68.41 41.27 -46.58
CA VAL A 826 -68.41 40.17 -45.63
C VAL A 826 -67.19 40.24 -44.72
N GLN A 827 -66.22 41.08 -45.07
CA GLN A 827 -65.00 41.22 -44.30
C GLN A 827 -65.27 41.81 -42.92
N MET A 828 -66.23 42.73 -42.83
CA MET A 828 -66.54 43.34 -41.54
C MET A 828 -67.22 42.34 -40.62
N LEU A 829 -68.14 41.54 -41.17
CA LEU A 829 -68.71 40.41 -40.44
C LEU A 829 -67.63 39.45 -39.97
N LEU A 830 -66.68 39.16 -40.84
CA LEU A 830 -65.66 38.17 -40.54
C LEU A 830 -64.70 38.69 -39.47
N THR A 831 -64.36 39.98 -39.52
CA THR A 831 -63.46 40.50 -38.50
C THR A 831 -64.18 40.72 -37.17
N THR A 832 -65.48 40.99 -37.18
CA THR A 832 -66.20 41.09 -35.91
C THR A 832 -66.31 39.73 -35.24
N VAL A 833 -66.62 38.68 -36.02
CA VAL A 833 -66.75 37.37 -35.39
C VAL A 833 -65.38 36.83 -34.98
N GLY A 834 -64.31 37.21 -35.70
CA GLY A 834 -62.98 36.81 -35.28
C GLY A 834 -62.54 37.51 -34.01
N ALA A 835 -62.80 38.81 -33.91
CA ALA A 835 -62.46 39.55 -32.69
C ALA A 835 -63.29 39.08 -31.51
N PHE A 836 -64.54 38.71 -31.75
CA PHE A 836 -65.37 38.18 -30.69
C PHE A 836 -64.85 36.83 -30.22
N ALA A 837 -64.42 35.98 -31.16
CA ALA A 837 -63.85 34.68 -30.79
C ALA A 837 -62.56 34.85 -30.00
N ALA A 838 -61.73 35.80 -30.40
CA ALA A 838 -60.47 36.04 -29.70
C ALA A 838 -60.73 36.59 -28.30
N PHE A 839 -61.71 37.49 -28.16
CA PHE A 839 -62.05 38.03 -26.86
C PHE A 839 -62.61 36.95 -25.95
N SER A 840 -63.44 36.08 -26.51
CA SER A 840 -64.01 34.97 -25.75
C SER A 840 -62.92 34.03 -25.26
N LEU A 841 -62.02 33.62 -26.16
CA LEU A 841 -60.98 32.68 -25.79
C LEU A 841 -59.98 33.28 -24.81
N MET A 842 -59.67 34.57 -24.96
CA MET A 842 -58.74 35.19 -24.03
C MET A 842 -59.35 35.37 -22.65
N THR A 843 -60.63 35.76 -22.58
CA THR A 843 -61.28 35.87 -21.28
C THR A 843 -61.47 34.52 -20.63
N ILE A 844 -61.70 33.47 -21.42
CA ILE A 844 -61.74 32.12 -20.86
C ILE A 844 -60.37 31.73 -20.32
N ALA A 845 -59.31 31.98 -21.09
CA ALA A 845 -57.97 31.59 -20.69
C ALA A 845 -57.48 32.36 -19.47
N VAL A 846 -57.95 33.58 -19.28
CA VAL A 846 -57.65 34.29 -18.04
C VAL A 846 -58.48 33.71 -16.90
N GLY A 847 -59.78 33.59 -17.10
CA GLY A 847 -60.62 33.02 -16.07
C GLY A 847 -60.52 31.51 -16.06
N THR A 848 -59.44 30.99 -15.51
CA THR A 848 -59.07 29.60 -15.73
C THR A 848 -58.13 29.14 -14.62
N ASP A 849 -58.41 27.96 -14.05
CA ASP A 849 -57.49 27.31 -13.13
C ASP A 849 -56.78 26.11 -13.73
N TYR A 850 -56.97 25.85 -15.02
CA TYR A 850 -56.39 24.68 -15.68
C TYR A 850 -55.45 25.16 -16.80
N TRP A 851 -54.21 25.43 -16.44
CA TRP A 851 -53.18 25.59 -17.45
C TRP A 851 -52.18 24.45 -17.43
N LEU A 852 -51.47 24.22 -16.32
CA LEU A 852 -50.49 23.16 -16.32
C LEU A 852 -50.89 22.06 -15.35
N TYR A 853 -50.16 20.96 -15.46
CA TYR A 853 -50.35 19.83 -14.57
C TYR A 853 -48.98 19.30 -14.18
N SER A 854 -48.75 19.20 -12.88
CA SER A 854 -47.47 18.80 -12.33
C SER A 854 -47.73 18.04 -11.04
N ARG A 855 -46.70 17.89 -10.22
CA ARG A 855 -46.81 17.21 -8.94
C ARG A 855 -46.45 18.20 -7.83
N GLY A 856 -47.41 18.49 -6.98
CA GLY A 856 -47.20 19.44 -5.90
C GLY A 856 -48.03 19.08 -4.70
N VAL A 857 -48.40 20.11 -3.93
CA VAL A 857 -49.22 19.94 -2.75
C VAL A 857 -50.55 20.65 -2.98
N CYS A 858 -51.49 20.44 -2.05
CA CYS A 858 -52.76 21.16 -2.07
C CYS A 858 -52.76 22.32 -1.09
N LYS A 859 -52.56 22.04 0.20
CA LYS A 859 -52.56 23.06 1.25
C LYS A 859 -51.82 22.51 2.44
N THR A 860 -50.69 23.11 2.77
CA THR A 860 -49.87 22.66 3.89
C THR A 860 -50.10 23.55 5.10
N LYS A 861 -49.59 23.07 6.24
CA LYS A 861 -49.50 23.80 7.51
C LYS A 861 -50.85 24.28 8.04
N VAL A 875 -48.71 14.95 -5.42
CA VAL A 875 -50.12 15.09 -5.77
C VAL A 875 -50.23 15.73 -7.14
N MET A 876 -50.96 15.09 -8.05
CA MET A 876 -51.21 15.66 -9.36
C MET A 876 -52.03 16.94 -9.23
N THR A 877 -51.49 18.04 -9.74
CA THR A 877 -51.94 19.38 -9.38
C THR A 877 -52.66 20.03 -10.56
N HIS A 878 -53.89 20.45 -10.31
CA HIS A 878 -54.77 21.11 -11.29
C HIS A 878 -54.46 22.61 -11.35
N SER A 879 -53.24 22.92 -11.73
CA SER A 879 -52.67 24.24 -11.48
C SER A 879 -53.01 25.22 -12.59
N GLY A 880 -53.20 26.48 -12.20
CA GLY A 880 -53.54 27.53 -13.14
C GLY A 880 -52.79 28.83 -12.89
N LEU A 881 -53.52 29.94 -12.78
CA LEU A 881 -52.89 31.25 -12.68
C LEU A 881 -52.41 31.54 -11.27
N TRP A 882 -53.33 31.59 -10.31
CA TRP A 882 -52.94 31.75 -8.91
C TRP A 882 -53.59 30.67 -8.07
N ARG A 883 -54.79 30.26 -8.45
CA ARG A 883 -55.44 29.15 -7.77
C ARG A 883 -54.72 27.87 -8.15
N THR A 884 -53.74 27.46 -7.34
CA THR A 884 -53.04 26.19 -7.55
C THR A 884 -53.90 25.05 -6.99
N CYS A 885 -55.01 24.82 -7.68
CA CYS A 885 -55.98 23.85 -7.22
C CYS A 885 -55.46 22.46 -7.53
N CYS A 886 -56.09 21.44 -6.95
CA CYS A 886 -55.54 20.11 -7.06
C CYS A 886 -56.64 19.08 -7.16
N LEU A 887 -56.23 17.85 -7.48
CA LEU A 887 -57.12 16.71 -7.58
C LEU A 887 -56.32 15.46 -7.25
N GLU A 888 -57.04 14.33 -7.17
CA GLU A 888 -56.49 12.98 -6.99
C GLU A 888 -55.67 12.88 -5.69
N GLY A 889 -56.39 12.98 -4.58
CA GLY A 889 -55.77 12.85 -3.27
C GLY A 889 -56.78 12.60 -2.18
N ASN A 890 -56.46 13.09 -0.99
CA ASN A 890 -57.41 13.00 0.13
C ASN A 890 -58.65 13.84 -0.14
N PHE A 891 -58.50 15.00 -0.76
CA PHE A 891 -59.61 15.83 -1.20
C PHE A 891 -59.33 16.36 -2.60
N LYS A 892 -60.39 16.56 -3.36
CA LYS A 892 -60.28 16.95 -4.76
C LYS A 892 -61.04 18.26 -4.97
N GLY A 893 -60.31 19.34 -5.24
CA GLY A 893 -60.96 20.58 -5.60
C GLY A 893 -60.92 21.65 -4.52
N LEU A 894 -59.81 21.75 -3.80
CA LEU A 894 -59.59 22.80 -2.82
C LEU A 894 -58.50 23.72 -3.37
N CYS A 895 -58.90 24.89 -3.82
CA CYS A 895 -58.06 25.74 -4.67
C CYS A 895 -57.32 26.74 -3.78
N LYS A 896 -56.08 26.41 -3.44
CA LYS A 896 -55.24 27.33 -2.68
C LYS A 896 -54.80 28.48 -3.57
N GLN A 897 -54.87 29.70 -3.04
CA GLN A 897 -54.38 30.87 -3.75
C GLN A 897 -52.90 31.06 -3.44
N ILE A 898 -52.08 31.08 -4.49
CA ILE A 898 -50.63 31.10 -4.33
C ILE A 898 -50.12 32.51 -4.61
N ASP A 899 -48.95 32.81 -4.05
CA ASP A 899 -48.17 33.98 -4.39
C ASP A 899 -46.70 33.60 -4.21
N HIS A 900 -45.82 34.58 -4.18
CA HIS A 900 -44.39 34.34 -4.03
C HIS A 900 -43.99 34.50 -2.57
N PHE A 901 -43.35 33.47 -2.02
CA PHE A 901 -42.58 33.57 -0.80
C PHE A 901 -41.61 32.42 -0.73
N PRO A 902 -40.42 32.55 -1.29
CA PRO A 902 -39.38 31.53 -1.11
C PRO A 902 -38.71 31.67 0.26
N GLU A 903 -37.80 30.75 0.55
CA GLU A 903 -36.93 30.84 1.72
C GLU A 903 -35.49 30.75 1.20
N ASP A 904 -35.01 31.88 0.71
CA ASP A 904 -33.77 31.96 -0.04
C ASP A 904 -32.61 32.36 0.87
N ALA A 905 -31.50 32.77 0.25
CA ALA A 905 -30.35 33.37 0.92
C ALA A 905 -30.50 34.88 1.08
N ASP A 906 -31.75 35.37 1.13
CA ASP A 906 -32.11 36.79 1.29
C ASP A 906 -31.53 37.65 0.16
N TYR A 907 -32.07 37.40 -1.04
CA TYR A 907 -31.77 38.26 -2.18
C TYR A 907 -32.38 39.64 -1.91
N GLU A 908 -31.54 40.67 -1.93
CA GLU A 908 -31.95 41.98 -1.44
C GLU A 908 -32.75 42.75 -2.49
N ALA A 909 -32.11 43.06 -3.60
CA ALA A 909 -32.72 43.72 -4.75
C ALA A 909 -32.31 43.02 -6.02
N ASP A 910 -32.27 41.70 -5.97
CA ASP A 910 -31.92 40.87 -7.12
C ASP A 910 -33.05 41.03 -8.13
N THR A 911 -32.82 41.90 -9.11
CA THR A 911 -33.92 42.45 -9.90
C THR A 911 -34.50 41.43 -10.87
N ALA A 912 -33.64 40.68 -11.57
CA ALA A 912 -34.10 39.66 -12.51
C ALA A 912 -34.78 38.48 -11.83
N GLU A 913 -34.67 38.35 -10.51
CA GLU A 913 -35.39 37.34 -9.75
C GLU A 913 -36.39 37.94 -8.77
N TYR A 914 -36.58 39.26 -8.80
CA TYR A 914 -37.52 39.93 -7.92
C TYR A 914 -38.59 40.70 -8.70
N PHE A 915 -38.17 41.60 -9.57
CA PHE A 915 -39.10 42.35 -10.41
C PHE A 915 -39.79 41.44 -11.41
N LEU A 916 -39.07 40.38 -11.82
CA LEU A 916 -39.67 39.32 -12.63
C LEU A 916 -40.80 38.64 -11.89
N ARG A 917 -40.59 38.34 -10.60
CA ARG A 917 -41.66 37.78 -9.77
C ARG A 917 -42.80 38.77 -9.59
N ALA A 918 -42.47 40.06 -9.49
CA ALA A 918 -43.48 41.09 -9.32
C ALA A 918 -44.37 41.20 -10.55
N VAL A 919 -43.80 41.01 -11.74
CA VAL A 919 -44.64 40.95 -12.93
C VAL A 919 -45.33 39.58 -13.02
N ARG A 920 -44.74 38.54 -12.45
CA ARG A 920 -45.33 37.20 -12.55
C ARG A 920 -46.61 37.07 -11.72
N ALA A 921 -46.50 37.21 -10.39
CA ALA A 921 -47.70 36.99 -9.58
C ALA A 921 -48.51 38.26 -9.41
N SER A 922 -48.63 39.00 -10.52
CA SER A 922 -49.66 39.99 -10.75
C SER A 922 -49.68 40.13 -12.26
N SER A 923 -50.62 39.45 -12.91
CA SER A 923 -50.63 39.41 -14.37
C SER A 923 -51.09 40.76 -14.89
N ILE A 924 -50.15 41.55 -15.39
CA ILE A 924 -50.45 42.84 -16.00
C ILE A 924 -50.35 42.76 -17.52
N PHE A 925 -49.31 42.15 -18.03
CA PHE A 925 -49.19 41.84 -19.44
C PHE A 925 -50.25 40.85 -19.93
N PRO A 926 -50.63 39.77 -19.21
CA PRO A 926 -51.77 38.99 -19.69
C PRO A 926 -53.10 39.71 -19.60
N ILE A 927 -53.29 40.58 -18.59
CA ILE A 927 -54.59 41.20 -18.43
C ILE A 927 -54.76 42.35 -19.42
N LEU A 928 -53.66 42.92 -19.92
CA LEU A 928 -53.77 44.05 -20.80
C LEU A 928 -54.20 43.65 -22.21
N SER A 929 -54.05 42.36 -22.54
CA SER A 929 -54.54 41.86 -23.81
C SER A 929 -56.05 41.96 -23.90
N VAL A 930 -56.75 41.64 -22.80
CA VAL A 930 -58.20 41.78 -22.73
C VAL A 930 -58.60 43.24 -22.89
N ILE A 931 -57.82 44.13 -22.29
CA ILE A 931 -58.14 45.55 -22.30
C ILE A 931 -58.03 46.12 -23.71
N LEU A 932 -56.88 45.88 -24.35
CA LEU A 932 -56.72 46.35 -25.73
C LEU A 932 -57.65 45.64 -26.69
N LEU A 933 -57.97 44.38 -26.41
CA LEU A 933 -58.80 43.60 -27.31
C LEU A 933 -60.23 44.11 -27.32
N PHE A 934 -60.78 44.39 -26.14
CA PHE A 934 -62.11 45.00 -26.12
C PHE A 934 -62.06 46.47 -26.52
N MET A 935 -60.92 47.14 -26.33
CA MET A 935 -60.79 48.51 -26.77
C MET A 935 -60.85 48.61 -28.29
N GLY A 936 -60.23 47.65 -28.98
CA GLY A 936 -60.36 47.59 -30.43
C GLY A 936 -61.70 47.07 -30.89
N GLY A 937 -62.32 46.19 -30.11
CA GLY A 937 -63.67 45.75 -30.43
C GLY A 937 -64.68 46.86 -30.36
N LEU A 938 -64.48 47.81 -29.44
CA LEU A 938 -65.31 49.00 -29.41
C LEU A 938 -65.13 49.85 -30.66
N CYS A 939 -63.91 49.93 -31.19
CA CYS A 939 -63.69 50.75 -32.37
C CYS A 939 -64.25 50.09 -33.63
N ILE A 940 -64.14 48.76 -33.73
CA ILE A 940 -64.76 48.10 -34.87
C ILE A 940 -66.28 48.08 -34.71
N ALA A 941 -66.78 48.20 -33.48
CA ALA A 941 -68.21 48.40 -33.29
C ALA A 941 -68.63 49.83 -33.62
N ALA A 942 -67.75 50.80 -33.40
CA ALA A 942 -68.02 52.20 -33.67
C ALA A 942 -67.63 52.61 -35.06
N SER A 943 -67.26 51.65 -35.90
CA SER A 943 -67.04 51.92 -37.31
C SER A 943 -68.28 52.50 -38.00
N GLU A 944 -69.46 51.94 -37.73
CA GLU A 944 -70.67 52.32 -38.47
C GLU A 944 -71.12 53.73 -38.10
N PHE A 945 -71.21 54.03 -36.81
CA PHE A 945 -71.53 55.38 -36.40
C PHE A 945 -70.31 56.27 -36.62
N TYR A 946 -70.58 57.56 -36.85
CA TYR A 946 -69.56 58.62 -36.99
C TYR A 946 -68.63 58.33 -38.17
N LYS A 947 -69.19 57.74 -39.21
CA LYS A 947 -68.42 57.20 -40.32
C LYS A 947 -68.14 58.28 -41.36
N THR A 948 -67.58 57.86 -42.49
CA THR A 948 -67.17 58.70 -43.62
C THR A 948 -66.19 59.77 -43.15
N ARG A 949 -65.18 59.29 -42.42
CA ARG A 949 -63.99 60.06 -42.14
C ARG A 949 -62.75 59.27 -42.48
N HIS A 950 -62.93 58.01 -42.91
CA HIS A 950 -61.91 57.10 -43.48
C HIS A 950 -60.63 57.03 -42.66
N ASN A 951 -60.78 57.14 -41.35
CA ASN A 951 -59.61 57.22 -40.47
C ASN A 951 -59.74 56.36 -39.23
N ILE A 952 -60.95 56.01 -38.80
CA ILE A 952 -61.14 55.50 -37.46
C ILE A 952 -60.76 54.02 -37.36
N ILE A 953 -61.02 53.24 -38.40
CA ILE A 953 -60.82 51.80 -38.27
C ILE A 953 -59.34 51.43 -38.38
N LEU A 954 -58.50 52.36 -38.88
CA LEU A 954 -57.06 52.21 -38.77
C LEU A 954 -56.62 52.13 -37.30
N SER A 955 -57.24 52.94 -36.45
CA SER A 955 -56.91 52.93 -35.04
C SER A 955 -57.29 51.62 -34.37
N ALA A 956 -58.29 50.92 -34.91
CA ALA A 956 -58.81 49.70 -34.30
C ALA A 956 -57.77 48.59 -34.29
N GLY A 957 -57.20 48.29 -35.44
CA GLY A 957 -56.31 47.14 -35.59
C GLY A 957 -55.01 47.26 -34.82
N ILE A 958 -54.61 48.48 -34.47
CA ILE A 958 -53.43 48.71 -33.67
C ILE A 958 -53.58 48.05 -32.31
N PHE A 959 -54.80 48.11 -31.76
CA PHE A 959 -55.09 47.44 -30.49
C PHE A 959 -54.97 45.93 -30.64
N PHE A 960 -55.45 45.39 -31.75
CA PHE A 960 -55.41 43.94 -31.96
C PHE A 960 -53.98 43.44 -32.14
N VAL A 961 -53.13 44.27 -32.75
CA VAL A 961 -51.72 43.93 -32.87
C VAL A 961 -51.04 43.97 -31.51
N SER A 962 -51.19 45.10 -30.80
CA SER A 962 -50.48 45.31 -29.57
C SER A 962 -50.96 44.39 -28.45
N ALA A 963 -52.20 43.91 -28.52
CA ALA A 963 -52.67 42.97 -27.52
C ALA A 963 -51.96 41.63 -27.64
N GLY A 964 -51.75 41.17 -28.87
CA GLY A 964 -50.96 39.97 -29.05
C GLY A 964 -49.50 40.19 -28.68
N LEU A 965 -49.02 41.41 -28.89
CA LEU A 965 -47.69 41.76 -28.41
C LEU A 965 -47.59 41.70 -26.89
N SER A 966 -48.68 42.01 -26.21
CA SER A 966 -48.70 41.84 -24.76
C SER A 966 -48.79 40.36 -24.40
N ASN A 967 -49.57 39.61 -25.18
CA ASN A 967 -49.82 38.20 -24.91
C ASN A 967 -48.55 37.38 -24.97
N ILE A 968 -47.73 37.62 -26.00
CA ILE A 968 -46.51 36.83 -26.18
C ILE A 968 -45.52 37.10 -25.04
N ILE A 969 -45.50 38.34 -24.53
CA ILE A 969 -44.66 38.66 -23.38
C ILE A 969 -45.16 37.95 -22.14
N GLY A 970 -46.49 37.91 -21.96
CA GLY A 970 -47.05 37.21 -20.82
C GLY A 970 -46.74 35.72 -20.83
N ILE A 971 -46.78 35.11 -22.02
CA ILE A 971 -46.45 33.70 -22.14
C ILE A 971 -44.99 33.46 -21.80
N ILE A 972 -44.11 34.32 -22.30
CA ILE A 972 -42.68 34.19 -22.03
C ILE A 972 -42.40 34.32 -20.54
N VAL A 973 -43.01 35.31 -19.89
CA VAL A 973 -42.68 35.50 -18.49
C VAL A 973 -43.34 34.42 -17.63
N TYR A 974 -44.44 33.83 -18.10
CA TYR A 974 -45.05 32.75 -17.34
C TYR A 974 -44.20 31.50 -17.39
N ILE A 975 -43.69 31.14 -18.57
CA ILE A 975 -42.81 29.99 -18.67
C ILE A 975 -41.51 30.25 -17.93
N SER A 976 -41.04 31.51 -17.99
CA SER A 976 -39.83 31.93 -17.31
C SER A 976 -39.94 31.73 -15.81
N ALA A 977 -41.00 32.23 -15.20
CA ALA A 977 -41.11 32.09 -13.76
C ALA A 977 -41.70 30.76 -13.33
N ASN A 978 -42.22 29.96 -14.25
CA ASN A 978 -42.43 28.56 -13.89
C ASN A 978 -41.12 27.87 -13.65
N ALA A 979 -40.16 28.06 -14.54
CA ALA A 979 -38.84 27.52 -14.31
C ALA A 979 -37.97 28.44 -13.45
N GLY A 980 -38.54 29.51 -12.91
CA GLY A 980 -37.79 30.48 -12.14
C GLY A 980 -37.38 30.00 -10.76
N LYS A 988 -35.87 16.87 -11.02
CA LYS A 988 -35.75 16.68 -12.45
C LYS A 988 -36.60 15.46 -12.82
N LYS A 989 -36.97 15.37 -14.10
CA LYS A 989 -37.89 14.37 -14.65
C LYS A 989 -39.23 14.44 -13.94
N ASN A 990 -39.84 15.62 -14.01
CA ASN A 990 -41.15 15.87 -13.45
C ASN A 990 -42.25 15.77 -14.49
N SER A 991 -41.91 15.98 -15.76
CA SER A 991 -42.78 15.79 -16.93
C SER A 991 -44.06 16.61 -16.81
N TYR A 992 -43.90 17.86 -16.41
CA TYR A 992 -45.02 18.78 -16.29
C TYR A 992 -45.61 19.04 -17.68
N SER A 993 -46.92 19.13 -17.75
CA SER A 993 -47.62 19.26 -19.02
C SER A 993 -48.25 20.65 -19.10
N TYR A 994 -48.05 21.33 -20.24
CA TYR A 994 -48.71 22.62 -20.46
C TYR A 994 -50.18 22.49 -20.76
N GLY A 995 -50.69 21.26 -20.90
CA GLY A 995 -52.06 20.82 -20.78
C GLY A 995 -53.04 21.62 -21.63
N TRP A 996 -54.19 21.86 -21.03
CA TRP A 996 -55.33 22.52 -21.68
C TRP A 996 -55.21 24.03 -21.58
N SER A 997 -56.33 24.74 -21.56
CA SER A 997 -56.65 26.03 -22.18
C SER A 997 -55.62 27.16 -22.25
N PHE A 998 -54.43 26.99 -21.69
CA PHE A 998 -53.26 27.75 -22.14
C PHE A 998 -53.14 27.85 -23.67
N TYR A 999 -53.40 26.74 -24.34
CA TYR A 999 -53.52 26.74 -25.80
C TYR A 999 -54.63 27.63 -26.33
N PHE A 1000 -55.66 27.94 -25.52
CA PHE A 1000 -56.67 28.87 -26.02
C PHE A 1000 -56.11 30.28 -26.11
N GLY A 1001 -55.24 30.66 -25.17
CA GLY A 1001 -54.55 31.93 -25.30
C GLY A 1001 -53.61 31.94 -26.48
N ALA A 1002 -52.93 30.82 -26.70
CA ALA A 1002 -52.07 30.68 -27.88
C ALA A 1002 -52.86 30.80 -29.18
N LEU A 1003 -54.05 30.22 -29.21
CA LEU A 1003 -54.90 30.32 -30.38
C LEU A 1003 -55.45 31.73 -30.54
N SER A 1004 -55.76 32.38 -29.42
CA SER A 1004 -56.32 33.73 -29.44
C SER A 1004 -55.32 34.73 -29.98
N PHE A 1005 -54.03 34.48 -29.74
CA PHE A 1005 -52.98 35.30 -30.36
C PHE A 1005 -53.09 35.30 -31.88
N ILE A 1006 -53.17 34.10 -32.46
CA ILE A 1006 -53.22 33.96 -33.92
C ILE A 1006 -54.50 34.57 -34.47
N ILE A 1007 -55.62 34.35 -33.76
CA ILE A 1007 -56.91 34.85 -34.22
C ILE A 1007 -56.95 36.37 -34.17
N ALA A 1008 -56.47 36.96 -33.07
CA ALA A 1008 -56.45 38.41 -32.94
C ALA A 1008 -55.51 39.06 -33.94
N GLU A 1009 -54.42 38.38 -34.25
CA GLU A 1009 -53.51 38.98 -35.21
C GLU A 1009 -54.08 38.91 -36.62
N MET A 1010 -54.80 37.83 -36.92
CA MET A 1010 -55.48 37.73 -38.21
C MET A 1010 -56.61 38.74 -38.31
N VAL A 1011 -57.19 39.12 -37.18
CA VAL A 1011 -58.14 40.24 -37.17
C VAL A 1011 -57.44 41.54 -37.54
N GLY A 1012 -56.34 41.81 -36.84
CA GLY A 1012 -55.69 43.10 -36.97
C GLY A 1012 -55.10 43.35 -38.35
N VAL A 1013 -54.70 42.29 -39.04
CA VAL A 1013 -54.16 42.51 -40.40
C VAL A 1013 -55.29 42.84 -41.39
N LEU A 1014 -56.45 42.24 -41.19
CA LEU A 1014 -57.55 42.45 -42.11
C LEU A 1014 -58.16 43.83 -41.92
N ALA A 1015 -58.02 44.38 -40.71
CA ALA A 1015 -58.39 45.76 -40.48
C ALA A 1015 -57.59 46.72 -41.36
N VAL A 1016 -56.29 46.44 -41.53
CA VAL A 1016 -55.45 47.30 -42.35
C VAL A 1016 -55.80 47.14 -43.81
N HIS A 1017 -56.16 45.91 -44.21
CA HIS A 1017 -56.71 45.69 -45.55
C HIS A 1017 -57.94 46.57 -45.80
N MET A 1018 -58.85 46.59 -44.83
CA MET A 1018 -60.06 47.39 -44.97
C MET A 1018 -59.73 48.88 -45.02
N PHE A 1019 -58.74 49.31 -44.24
CA PHE A 1019 -58.34 50.72 -44.28
C PHE A 1019 -57.81 51.11 -45.64
N ILE A 1020 -56.86 50.34 -46.16
CA ILE A 1020 -56.20 50.78 -47.37
C ILE A 1020 -57.12 50.63 -48.57
N ASP A 1021 -58.02 49.64 -48.55
CA ASP A 1021 -58.97 49.49 -49.64
C ASP A 1021 -60.03 50.59 -49.58
N ARG A 1022 -60.51 50.90 -48.37
CA ARG A 1022 -61.52 51.92 -48.19
C ARG A 1022 -60.98 53.29 -48.52
N HIS A 1023 -59.71 53.55 -48.22
CA HIS A 1023 -59.13 54.83 -48.61
C HIS A 1023 -58.83 54.87 -50.11
N LYS A 1024 -58.48 53.74 -50.72
CA LYS A 1024 -58.26 53.71 -52.16
C LYS A 1024 -59.55 53.93 -52.92
N GLN A 1025 -60.69 53.60 -52.31
CA GLN A 1025 -61.99 53.89 -52.91
C GLN A 1025 -62.19 55.40 -53.10
N LEU A 1026 -61.80 56.22 -52.13
CA LEU A 1026 -61.87 57.67 -52.35
C LEU A 1026 -60.53 58.24 -52.82
N THR A 1027 -59.97 57.62 -53.85
CA THR A 1027 -58.84 58.19 -54.56
C THR A 1027 -59.09 58.41 -56.04
N GLY A 1028 -60.00 57.66 -56.65
CA GLY A 1028 -60.30 57.81 -58.06
C GLY A 1028 -60.64 56.49 -58.72
N ASN B 1 -9.07 -55.80 77.27
CA ASN B 1 -9.36 -56.69 76.15
C ASN B 1 -8.32 -56.54 75.05
N SER B 2 -7.18 -57.21 75.19
CA SER B 2 -6.15 -57.17 74.17
C SER B 2 -6.61 -58.00 72.98
N ILE B 3 -7.06 -57.31 71.92
CA ILE B 3 -7.69 -57.96 70.77
C ILE B 3 -6.63 -58.23 69.72
N GLN B 4 -6.58 -59.48 69.24
CA GLN B 4 -5.61 -59.90 68.25
C GLN B 4 -5.93 -59.28 66.90
N ILE B 5 -4.94 -58.58 66.32
CA ILE B 5 -5.05 -58.02 64.98
C ILE B 5 -3.83 -58.45 64.17
N GLY B 6 -3.87 -58.18 62.87
CA GLY B 6 -2.79 -58.53 61.99
C GLY B 6 -2.28 -57.32 61.23
N GLY B 7 -0.98 -57.32 61.00
CA GLY B 7 -0.32 -56.19 60.37
C GLY B 7 0.61 -56.59 59.26
N LEU B 8 0.46 -55.93 58.11
CA LEU B 8 1.28 -56.19 56.94
C LEU B 8 2.10 -54.95 56.60
N PHE B 9 3.42 -55.13 56.50
CA PHE B 9 4.28 -53.99 56.24
C PHE B 9 5.40 -54.37 55.30
N PRO B 10 5.70 -53.51 54.33
CA PRO B 10 6.81 -53.79 53.41
C PRO B 10 8.14 -53.62 54.09
N ARG B 11 9.18 -54.12 53.43
CA ARG B 11 10.53 -53.99 53.95
C ARG B 11 11.13 -52.71 53.40
N GLY B 12 10.91 -51.62 54.12
CA GLY B 12 11.34 -50.31 53.68
C GLY B 12 10.35 -49.22 54.02
N ALA B 13 9.22 -49.59 54.60
CA ALA B 13 8.19 -48.62 55.00
C ALA B 13 8.40 -48.21 56.47
N ASP B 14 9.63 -47.73 56.73
CA ASP B 14 10.07 -47.55 58.10
C ASP B 14 9.39 -46.37 58.76
N GLN B 15 9.22 -45.27 58.01
CA GLN B 15 8.52 -44.11 58.53
C GLN B 15 7.07 -44.43 58.83
N GLU B 16 6.44 -45.24 57.99
CA GLU B 16 5.05 -45.60 58.18
C GLU B 16 4.88 -46.51 59.40
N TYR B 17 5.77 -47.49 59.55
CA TYR B 17 5.65 -48.37 60.71
C TYR B 17 6.01 -47.64 61.99
N SER B 18 6.90 -46.66 61.91
CA SER B 18 7.21 -45.83 63.07
C SER B 18 6.03 -44.95 63.45
N ALA B 19 5.33 -44.42 62.46
CA ALA B 19 4.13 -43.65 62.74
C ALA B 19 3.03 -44.52 63.31
N PHE B 20 2.96 -45.79 62.88
CA PHE B 20 2.02 -46.72 63.49
C PHE B 20 2.38 -46.97 64.96
N ARG B 21 3.67 -47.10 65.25
CA ARG B 21 4.09 -47.30 66.64
C ARG B 21 3.83 -46.06 67.49
N VAL B 22 3.89 -44.88 66.89
CA VAL B 22 3.54 -43.65 67.61
C VAL B 22 2.06 -43.61 67.90
N GLY B 23 1.23 -43.82 66.88
CA GLY B 23 -0.22 -43.78 67.06
C GLY B 23 -0.77 -44.91 67.90
N MET B 24 0.02 -45.98 68.10
CA MET B 24 -0.35 -47.04 69.03
C MET B 24 -0.56 -46.52 70.43
N VAL B 25 0.33 -45.65 70.91
CA VAL B 25 0.25 -45.14 72.27
C VAL B 25 -0.06 -43.66 72.30
N GLN B 26 -0.34 -43.04 71.14
CA GLN B 26 -0.74 -41.65 71.12
C GLN B 26 -2.08 -41.44 71.80
N PHE B 27 -2.98 -42.40 71.68
CA PHE B 27 -4.27 -42.37 72.36
C PHE B 27 -4.81 -43.80 72.40
N SER B 28 -4.89 -44.36 73.60
CA SER B 28 -5.40 -45.72 73.84
C SER B 28 -5.57 -45.90 75.35
N THR B 29 -5.95 -47.12 75.73
CA THR B 29 -5.81 -47.68 77.08
C THR B 29 -6.60 -46.87 78.12
N SER B 30 -7.92 -46.87 77.93
CA SER B 30 -8.88 -46.74 79.01
C SER B 30 -9.79 -47.96 79.01
N GLU B 31 -9.39 -48.98 78.26
CA GLU B 31 -10.27 -49.98 77.70
C GLU B 31 -9.44 -51.11 77.11
N PHE B 32 -10.06 -51.84 76.18
CA PHE B 32 -9.41 -52.79 75.27
C PHE B 32 -8.06 -52.30 74.75
N ARG B 33 -7.13 -53.23 74.61
CA ARG B 33 -5.87 -52.97 73.95
C ARG B 33 -5.82 -53.74 72.63
N LEU B 34 -4.69 -53.63 71.95
CA LEU B 34 -4.50 -54.26 70.66
C LEU B 34 -3.32 -55.20 70.71
N THR B 35 -3.39 -56.28 69.94
CA THR B 35 -2.32 -57.25 69.84
C THR B 35 -1.83 -57.27 68.39
N PRO B 36 -0.88 -56.40 68.04
CA PRO B 36 -0.41 -56.37 66.65
C PRO B 36 0.66 -57.40 66.37
N HIS B 37 0.37 -58.40 65.55
CA HIS B 37 1.42 -59.25 65.02
C HIS B 37 1.86 -58.69 63.68
N ILE B 38 3.11 -58.29 63.60
CA ILE B 38 3.64 -57.51 62.49
C ILE B 38 4.34 -58.46 61.52
N ASP B 39 4.10 -58.26 60.23
CA ASP B 39 4.71 -59.06 59.17
C ASP B 39 5.49 -58.12 58.26
N ASN B 40 6.79 -57.99 58.52
CA ASN B 40 7.68 -57.18 57.68
C ASN B 40 8.09 -58.00 56.46
N LEU B 41 7.15 -58.16 55.54
CA LEU B 41 7.34 -59.02 54.39
C LEU B 41 7.07 -58.22 53.12
N GLU B 42 7.31 -58.86 51.97
CA GLU B 42 7.18 -58.17 50.69
C GLU B 42 5.72 -57.98 50.33
N VAL B 43 5.48 -57.28 49.21
CA VAL B 43 4.12 -56.99 48.80
C VAL B 43 4.00 -57.37 47.33
N ALA B 44 5.13 -57.57 46.66
CA ALA B 44 5.09 -57.92 45.25
C ALA B 44 4.65 -59.36 45.05
N ASN B 45 5.23 -60.28 45.81
CA ASN B 45 4.91 -61.69 45.66
C ASN B 45 3.55 -61.96 46.29
N SER B 46 2.55 -62.21 45.44
CA SER B 46 1.24 -62.58 45.95
C SER B 46 1.24 -63.93 46.63
N PHE B 47 2.19 -64.81 46.31
CA PHE B 47 2.36 -66.02 47.09
C PHE B 47 2.80 -65.71 48.51
N ALA B 48 3.67 -64.71 48.66
CA ALA B 48 4.07 -64.30 49.99
C ALA B 48 2.92 -63.63 50.73
N VAL B 49 2.11 -62.87 50.00
CA VAL B 49 0.93 -62.26 50.59
C VAL B 49 -0.06 -63.34 51.04
N THR B 50 -0.19 -64.39 50.24
CA THR B 50 -1.06 -65.50 50.56
C THR B 50 -0.57 -66.24 51.79
N ASN B 51 0.74 -66.46 51.87
CA ASN B 51 1.35 -67.12 53.02
C ASN B 51 1.13 -66.30 54.30
N ALA B 52 1.31 -64.99 54.20
CA ALA B 52 1.12 -64.11 55.36
C ALA B 52 -0.35 -64.05 55.76
N PHE B 53 -1.25 -64.06 54.78
CA PHE B 53 -2.67 -63.97 55.09
C PHE B 53 -3.17 -65.24 55.73
N CYS B 54 -2.72 -66.40 55.23
CA CYS B 54 -3.10 -67.66 55.88
C CYS B 54 -2.43 -67.83 57.23
N SER B 55 -1.23 -67.25 57.42
CA SER B 55 -0.60 -67.31 58.74
C SER B 55 -1.37 -66.48 59.76
N GLN B 56 -1.77 -65.27 59.38
CA GLN B 56 -2.56 -64.46 60.31
C GLN B 56 -3.98 -64.98 60.46
N PHE B 57 -4.49 -65.72 59.48
CA PHE B 57 -5.78 -66.35 59.69
C PHE B 57 -5.66 -67.60 60.55
N SER B 58 -4.52 -68.28 60.51
CA SER B 58 -4.27 -69.36 61.46
C SER B 58 -4.12 -68.81 62.87
N ARG B 59 -3.57 -67.60 62.99
CA ARG B 59 -3.66 -66.87 64.25
C ARG B 59 -5.12 -66.58 64.61
N GLY B 60 -5.93 -66.26 63.62
CA GLY B 60 -7.35 -66.07 63.87
C GLY B 60 -7.66 -64.71 64.44
N VAL B 61 -7.07 -63.68 63.86
CA VAL B 61 -7.26 -62.31 64.30
C VAL B 61 -8.61 -61.80 63.83
N TYR B 62 -9.03 -60.65 64.36
CA TYR B 62 -10.32 -60.08 64.00
C TYR B 62 -10.23 -59.02 62.92
N ALA B 63 -9.07 -58.40 62.74
CA ALA B 63 -8.91 -57.37 61.73
C ALA B 63 -7.45 -57.33 61.28
N ILE B 64 -7.25 -57.06 60.00
CA ILE B 64 -5.92 -57.01 59.41
C ILE B 64 -5.74 -55.64 58.75
N PHE B 65 -4.67 -54.96 59.12
CA PHE B 65 -4.32 -53.67 58.56
C PHE B 65 -2.98 -53.76 57.84
N GLY B 66 -2.89 -53.11 56.68
CA GLY B 66 -1.63 -53.13 55.95
C GLY B 66 -1.77 -52.50 54.57
N PHE B 67 -0.76 -52.75 53.75
CA PHE B 67 -0.68 -52.19 52.40
C PHE B 67 -1.01 -53.26 51.37
N TYR B 68 -1.06 -52.84 50.11
CA TYR B 68 -1.09 -53.78 49.01
C TYR B 68 -0.51 -53.14 47.78
N ASP B 69 -0.21 -53.98 46.81
CA ASP B 69 0.31 -53.58 45.50
C ASP B 69 -0.74 -53.92 44.44
N LYS B 70 -0.53 -53.37 43.25
CA LYS B 70 -1.42 -53.66 42.13
C LYS B 70 -1.29 -55.10 41.63
N LYS B 71 -0.27 -55.82 42.05
CA LYS B 71 -0.20 -57.24 41.77
C LYS B 71 -0.83 -58.07 42.87
N SER B 72 -1.52 -57.44 43.81
CA SER B 72 -2.02 -58.13 44.98
C SER B 72 -3.45 -57.75 45.35
N VAL B 73 -4.00 -56.69 44.74
CA VAL B 73 -5.32 -56.19 45.12
C VAL B 73 -6.40 -57.21 44.81
N ASN B 74 -6.22 -57.96 43.72
CA ASN B 74 -7.16 -59.03 43.38
C ASN B 74 -7.11 -60.12 44.42
N THR B 75 -5.91 -60.44 44.92
CA THR B 75 -5.77 -61.48 45.92
C THR B 75 -6.42 -61.06 47.23
N ILE B 76 -6.21 -59.82 47.65
CA ILE B 76 -6.76 -59.34 48.91
C ILE B 76 -8.27 -59.27 48.85
N THR B 77 -8.81 -58.74 47.75
CA THR B 77 -10.27 -58.69 47.61
C THR B 77 -10.88 -60.08 47.50
N SER B 78 -10.21 -60.99 46.78
CA SER B 78 -10.74 -62.33 46.58
C SER B 78 -10.74 -63.15 47.86
N PHE B 79 -9.77 -62.92 48.75
CA PHE B 79 -9.82 -63.61 50.03
C PHE B 79 -10.75 -62.93 51.02
N CYS B 80 -10.78 -61.61 51.03
CA CYS B 80 -11.59 -60.94 52.04
C CYS B 80 -13.08 -61.03 51.76
N GLY B 81 -13.48 -60.95 50.48
CA GLY B 81 -14.87 -61.17 50.14
C GLY B 81 -15.34 -62.59 50.40
N THR B 82 -14.44 -63.55 50.35
CA THR B 82 -14.78 -64.90 50.78
C THR B 82 -14.94 -64.95 52.28
N LEU B 83 -13.87 -64.68 53.01
CA LEU B 83 -13.81 -65.05 54.42
C LEU B 83 -14.34 -63.97 55.35
N HIS B 84 -14.93 -62.90 54.80
CA HIS B 84 -15.69 -61.90 55.57
C HIS B 84 -14.84 -61.17 56.61
N VAL B 85 -13.53 -61.15 56.42
CA VAL B 85 -12.62 -60.47 57.34
C VAL B 85 -12.43 -59.05 56.86
N SER B 86 -12.66 -58.09 57.73
CA SER B 86 -12.54 -56.69 57.35
C SER B 86 -11.08 -56.31 57.19
N PHE B 87 -10.77 -55.63 56.08
CA PHE B 87 -9.41 -55.25 55.76
C PHE B 87 -9.35 -53.74 55.53
N ILE B 88 -8.33 -53.11 56.09
CA ILE B 88 -8.22 -51.65 56.08
C ILE B 88 -6.83 -51.31 55.54
N THR B 89 -6.76 -50.29 54.67
CA THR B 89 -5.55 -50.01 53.92
C THR B 89 -5.42 -48.53 53.58
N PRO B 90 -4.20 -48.02 53.50
CA PRO B 90 -3.96 -46.65 52.99
C PRO B 90 -3.54 -46.55 51.53
N SER B 91 -3.56 -47.65 50.77
CA SER B 91 -2.99 -47.64 49.42
C SER B 91 -3.89 -46.97 48.40
N PHE B 92 -3.61 -47.17 47.12
CA PHE B 92 -4.44 -46.59 46.07
C PHE B 92 -5.84 -47.21 46.10
N PRO B 93 -6.87 -46.43 45.82
CA PRO B 93 -8.24 -46.95 45.94
C PRO B 93 -8.56 -47.96 44.85
N THR B 94 -9.45 -48.88 45.19
CA THR B 94 -9.81 -49.94 44.25
C THR B 94 -10.71 -49.41 43.14
N ASP B 95 -10.91 -50.24 42.13
CA ASP B 95 -11.69 -49.85 40.97
C ASP B 95 -13.14 -50.26 41.13
N GLY B 96 -13.39 -51.54 41.33
CA GLY B 96 -14.72 -52.03 41.59
C GLY B 96 -15.09 -51.88 43.05
N THR B 97 -16.38 -51.75 43.29
CA THR B 97 -16.90 -51.66 44.66
C THR B 97 -16.77 -53.02 45.31
N HIS B 98 -15.86 -53.15 46.23
CA HIS B 98 -15.64 -54.44 46.84
C HIS B 98 -16.06 -54.43 48.30
N PRO B 99 -16.61 -55.53 48.81
CA PRO B 99 -16.96 -55.60 50.23
C PRO B 99 -15.74 -55.79 51.10
N PHE B 100 -15.92 -55.46 52.39
CA PHE B 100 -14.96 -55.73 53.47
C PHE B 100 -13.62 -55.03 53.26
N VAL B 101 -13.60 -53.92 52.55
CA VAL B 101 -12.39 -53.15 52.35
C VAL B 101 -12.68 -51.71 52.75
N ILE B 102 -11.91 -51.21 53.70
CA ILE B 102 -11.94 -49.80 54.06
C ILE B 102 -10.64 -49.20 53.55
N GLN B 103 -10.74 -48.19 52.70
CA GLN B 103 -9.53 -47.65 52.10
C GLN B 103 -9.37 -46.18 52.44
N MET B 104 -8.18 -45.83 52.93
CA MET B 104 -7.90 -44.57 53.60
C MET B 104 -7.51 -43.45 52.65
N ARG B 105 -7.34 -43.73 51.40
CA ARG B 105 -6.87 -42.66 50.53
C ARG B 105 -8.04 -42.06 49.78
N PRO B 106 -8.21 -40.75 49.79
CA PRO B 106 -9.28 -40.14 49.01
C PRO B 106 -9.00 -40.20 47.53
N ASP B 107 -10.02 -39.85 46.75
CA ASP B 107 -9.84 -39.79 45.31
C ASP B 107 -8.99 -38.57 44.96
N LEU B 108 -8.32 -38.67 43.82
CA LEU B 108 -7.57 -37.57 43.24
C LEU B 108 -8.16 -37.10 41.94
N LYS B 109 -8.98 -37.92 41.30
CA LYS B 109 -9.27 -37.75 39.88
C LYS B 109 -10.18 -36.56 39.62
N GLY B 110 -11.23 -36.41 40.45
CA GLY B 110 -12.09 -35.25 40.30
C GLY B 110 -11.39 -33.95 40.60
N ALA B 111 -10.49 -33.96 41.58
CA ALA B 111 -9.67 -32.80 41.87
C ALA B 111 -8.78 -32.45 40.69
N LEU B 112 -8.22 -33.46 40.03
CA LEU B 112 -7.29 -33.19 38.95
C LEU B 112 -8.02 -32.67 37.73
N LEU B 113 -9.22 -33.19 37.47
CA LEU B 113 -10.06 -32.65 36.41
C LEU B 113 -10.46 -31.22 36.71
N SER B 114 -10.75 -30.92 37.97
CA SER B 114 -11.06 -29.56 38.37
C SER B 114 -9.88 -28.63 38.15
N LEU B 115 -8.67 -29.11 38.44
CA LEU B 115 -7.47 -28.31 38.27
C LEU B 115 -7.21 -28.00 36.81
N ILE B 116 -7.40 -29.01 35.94
CA ILE B 116 -7.16 -28.79 34.53
C ILE B 116 -8.18 -27.83 33.96
N GLU B 117 -9.44 -27.96 34.38
CA GLU B 117 -10.46 -27.02 33.91
C GLU B 117 -10.25 -25.63 34.46
N TYR B 118 -9.57 -25.50 35.61
CA TYR B 118 -9.26 -24.18 36.11
C TYR B 118 -8.15 -23.52 35.31
N TYR B 119 -7.06 -24.25 35.06
CA TYR B 119 -5.97 -23.67 34.29
C TYR B 119 -6.30 -23.53 32.81
N GLN B 120 -7.34 -24.21 32.32
CA GLN B 120 -7.87 -24.10 30.96
C GLN B 120 -6.79 -24.48 29.93
N TRP B 121 -6.41 -25.74 29.97
CA TRP B 121 -5.50 -26.28 28.98
C TRP B 121 -6.26 -26.92 27.83
N ASP B 122 -5.54 -27.18 26.75
CA ASP B 122 -6.11 -27.86 25.61
C ASP B 122 -5.22 -28.98 25.11
N LYS B 123 -3.91 -28.83 25.28
CA LYS B 123 -2.94 -29.77 24.74
C LYS B 123 -1.81 -29.92 25.75
N PHE B 124 -1.47 -31.17 26.08
CA PHE B 124 -0.46 -31.41 27.10
C PHE B 124 0.04 -32.83 26.99
N ALA B 125 1.11 -33.10 27.72
CA ALA B 125 1.68 -34.43 27.82
C ALA B 125 1.47 -34.97 29.23
N TYR B 126 1.42 -36.30 29.33
CA TYR B 126 0.99 -36.97 30.55
C TYR B 126 1.94 -38.15 30.80
N LEU B 127 2.99 -37.91 31.58
CA LEU B 127 3.91 -38.97 31.95
C LEU B 127 3.31 -39.75 33.11
N TYR B 128 3.06 -41.04 32.89
CA TYR B 128 2.48 -41.86 33.93
C TYR B 128 3.41 -43.00 34.29
N ASP B 129 3.17 -43.58 35.45
CA ASP B 129 3.86 -44.78 35.90
C ASP B 129 2.87 -45.93 35.87
N SER B 130 3.33 -47.06 35.34
CA SER B 130 2.45 -48.22 35.23
C SER B 130 2.21 -48.88 36.57
N ASP B 131 3.20 -48.87 37.46
CA ASP B 131 3.15 -49.71 38.64
C ASP B 131 2.26 -49.15 39.74
N ARG B 132 1.71 -47.96 39.58
CA ARG B 132 0.67 -47.50 40.48
C ARG B 132 -0.73 -47.81 39.97
N GLY B 133 -0.86 -48.43 38.80
CA GLY B 133 -2.17 -48.61 38.18
C GLY B 133 -2.41 -47.59 37.10
N LEU B 134 -3.59 -47.69 36.49
CA LEU B 134 -3.92 -46.87 35.34
C LEU B 134 -5.29 -46.23 35.45
N SER B 135 -5.81 -46.08 36.66
CA SER B 135 -7.18 -45.60 36.82
C SER B 135 -7.30 -44.15 36.41
N THR B 136 -6.33 -43.33 36.80
CA THR B 136 -6.33 -41.93 36.37
C THR B 136 -6.12 -41.80 34.88
N LEU B 137 -5.32 -42.69 34.30
CA LEU B 137 -5.09 -42.67 32.87
C LEU B 137 -6.37 -43.00 32.12
N GLN B 138 -7.15 -43.94 32.64
CA GLN B 138 -8.46 -44.21 32.05
C GLN B 138 -9.41 -43.04 32.25
N ALA B 139 -9.33 -42.36 33.39
CA ALA B 139 -10.27 -41.31 33.69
C ALA B 139 -10.04 -40.07 32.85
N VAL B 140 -8.78 -39.72 32.62
CA VAL B 140 -8.52 -38.46 31.92
C VAL B 140 -8.82 -38.56 30.45
N LEU B 141 -8.78 -39.76 29.86
CA LEU B 141 -8.99 -39.86 28.42
C LEU B 141 -10.43 -39.64 28.04
N ASP B 142 -11.36 -40.00 28.94
CA ASP B 142 -12.78 -39.77 28.68
C ASP B 142 -13.09 -38.29 28.60
N SER B 143 -12.66 -37.55 29.61
CA SER B 143 -12.87 -36.11 29.59
C SER B 143 -12.00 -35.44 28.56
N ALA B 144 -10.91 -36.07 28.13
CA ALA B 144 -10.14 -35.53 27.02
C ALA B 144 -10.88 -35.66 25.71
N ALA B 145 -11.58 -36.76 25.52
CA ALA B 145 -12.38 -36.94 24.33
C ALA B 145 -13.58 -36.00 24.34
N GLU B 146 -14.19 -35.80 25.51
CA GLU B 146 -15.37 -34.95 25.56
C GLU B 146 -15.00 -33.47 25.48
N LYS B 147 -13.96 -33.05 26.18
CA LYS B 147 -13.54 -31.67 26.23
C LYS B 147 -12.52 -31.31 25.17
N LYS B 148 -12.47 -32.10 24.08
CA LYS B 148 -11.62 -31.91 22.89
C LYS B 148 -10.15 -31.64 23.21
N TRP B 149 -9.64 -32.28 24.26
CA TRP B 149 -8.24 -32.13 24.60
C TRP B 149 -7.38 -32.95 23.63
N GLN B 150 -6.08 -32.64 23.63
CA GLN B 150 -5.09 -33.37 22.84
C GLN B 150 -4.06 -33.91 23.81
N VAL B 151 -4.13 -35.20 24.09
CA VAL B 151 -3.30 -35.82 25.10
C VAL B 151 -2.24 -36.68 24.43
N THR B 152 -0.98 -36.44 24.78
CA THR B 152 0.11 -37.33 24.44
C THR B 152 0.53 -38.01 25.74
N ALA B 153 0.03 -39.21 25.97
CA ALA B 153 0.41 -39.98 27.14
C ALA B 153 1.61 -40.84 26.82
N ILE B 154 2.52 -40.99 27.78
CA ILE B 154 3.75 -41.74 27.59
C ILE B 154 4.00 -42.56 28.84
N ASN B 155 4.22 -43.86 28.66
CA ASN B 155 4.67 -44.71 29.76
C ASN B 155 6.16 -44.49 29.99
N VAL B 156 6.55 -44.44 31.26
CA VAL B 156 7.93 -44.15 31.59
C VAL B 156 8.43 -45.11 32.66
N GLY B 157 7.51 -45.90 33.23
CA GLY B 157 7.80 -46.59 34.47
C GLY B 157 8.74 -47.77 34.37
N ASN B 158 8.86 -48.40 33.21
CA ASN B 158 9.61 -49.63 33.10
C ASN B 158 11.06 -49.43 32.69
N ILE B 159 11.56 -48.20 32.70
CA ILE B 159 12.92 -47.93 32.27
C ILE B 159 13.89 -48.29 33.38
N ASN B 160 14.92 -49.05 33.04
CA ASN B 160 15.93 -49.49 33.98
C ASN B 160 16.79 -48.32 34.45
N ASN B 161 17.58 -48.58 35.50
CA ASN B 161 18.42 -47.55 36.08
C ASN B 161 19.64 -47.28 35.22
N ASP B 162 20.07 -48.26 34.45
CA ASP B 162 21.39 -48.21 33.84
C ASP B 162 21.38 -47.52 32.48
N LYS B 163 20.25 -46.99 32.05
CA LYS B 163 20.17 -46.16 30.86
C LYS B 163 19.41 -44.89 31.18
N LYS B 164 19.14 -44.69 32.48
CA LYS B 164 18.31 -43.64 33.06
C LYS B 164 19.10 -42.34 33.21
N ASP B 165 19.79 -42.00 32.14
CA ASP B 165 20.31 -40.65 31.97
C ASP B 165 20.12 -40.17 30.56
N GLU B 166 19.97 -41.08 29.61
CA GLU B 166 19.78 -40.75 28.21
C GLU B 166 18.40 -41.12 27.70
N THR B 167 17.71 -42.05 28.36
CA THR B 167 16.30 -42.29 28.03
C THR B 167 15.46 -41.04 28.20
N TYR B 168 15.67 -40.31 29.30
CA TYR B 168 14.91 -39.08 29.54
C TYR B 168 15.27 -38.00 28.55
N ARG B 169 16.54 -37.93 28.15
CA ARG B 169 16.94 -36.95 27.16
C ARG B 169 16.27 -37.21 25.83
N SER B 170 16.24 -38.49 25.41
CA SER B 170 15.54 -38.84 24.18
C SER B 170 14.05 -38.56 24.30
N LEU B 171 13.49 -38.77 25.50
CA LEU B 171 12.07 -38.54 25.72
C LEU B 171 11.70 -37.07 25.59
N PHE B 172 12.43 -36.20 26.30
CA PHE B 172 12.10 -34.79 26.23
C PHE B 172 12.50 -34.16 24.92
N GLN B 173 13.49 -34.70 24.21
CA GLN B 173 13.75 -34.20 22.86
C GLN B 173 12.67 -34.64 21.89
N ASP B 174 12.03 -35.78 22.15
CA ASP B 174 10.83 -36.10 21.37
C ASP B 174 9.68 -35.19 21.74
N LEU B 175 9.63 -34.73 23.00
CA LEU B 175 8.64 -33.74 23.37
C LEU B 175 8.93 -32.38 22.75
N GLU B 176 10.19 -32.12 22.41
CA GLU B 176 10.56 -30.90 21.71
C GLU B 176 10.05 -30.87 20.28
N LEU B 177 9.65 -32.01 19.73
CA LEU B 177 9.19 -32.07 18.34
C LEU B 177 7.89 -31.31 18.17
N LYS B 178 6.92 -31.55 19.04
CA LYS B 178 5.71 -30.76 19.03
C LYS B 178 5.83 -29.50 19.87
N LYS B 179 7.01 -29.28 20.48
CA LYS B 179 7.30 -28.13 21.35
C LYS B 179 6.30 -28.08 22.51
N GLU B 180 6.40 -29.11 23.36
CA GLU B 180 5.51 -29.22 24.49
C GLU B 180 5.81 -28.17 25.54
N ARG B 181 4.77 -27.80 26.27
CA ARG B 181 4.91 -26.79 27.30
C ARG B 181 4.27 -27.20 28.62
N ARG B 182 3.41 -28.20 28.64
CA ARG B 182 2.56 -28.46 29.79
C ARG B 182 2.64 -29.94 30.11
N VAL B 183 3.15 -30.26 31.29
CA VAL B 183 3.46 -31.62 31.67
C VAL B 183 2.70 -31.96 32.95
N ILE B 184 2.04 -33.10 32.97
CA ILE B 184 1.45 -33.63 34.18
C ILE B 184 2.20 -34.89 34.56
N LEU B 185 2.76 -34.90 35.76
CA LEU B 185 3.51 -36.05 36.25
C LEU B 185 2.64 -36.87 37.17
N ASP B 186 2.76 -38.19 37.07
CA ASP B 186 1.98 -39.10 37.89
C ASP B 186 2.91 -40.25 38.27
N CYS B 187 3.58 -40.11 39.40
CA CYS B 187 4.57 -41.08 39.83
C CYS B 187 4.58 -41.19 41.34
N GLU B 188 5.47 -42.06 41.82
CA GLU B 188 5.88 -42.07 43.21
C GLU B 188 6.94 -41.00 43.44
N ARG B 189 7.24 -40.76 44.71
CA ARG B 189 8.14 -39.67 45.08
C ARG B 189 9.56 -39.92 44.60
N ASP B 190 9.98 -41.18 44.54
CA ASP B 190 11.32 -41.49 44.03
C ASP B 190 11.44 -41.17 42.56
N LYS B 191 10.43 -41.54 41.77
CA LYS B 191 10.46 -41.22 40.35
C LYS B 191 10.33 -39.72 40.12
N VAL B 192 9.61 -39.03 41.00
CA VAL B 192 9.54 -37.57 40.93
C VAL B 192 10.91 -36.95 41.16
N ASN B 193 11.59 -37.38 42.23
CA ASN B 193 12.90 -36.82 42.52
C ASN B 193 13.95 -37.22 41.50
N ASP B 194 13.75 -38.31 40.76
CA ASP B 194 14.65 -38.60 39.67
C ASP B 194 14.37 -37.70 38.46
N ILE B 195 13.09 -37.54 38.12
CA ILE B 195 12.77 -36.86 36.88
C ILE B 195 12.99 -35.36 37.02
N VAL B 196 12.81 -34.80 38.21
CA VAL B 196 13.05 -33.37 38.41
C VAL B 196 14.53 -33.07 38.25
N ASP B 197 15.38 -33.96 38.76
CA ASP B 197 16.82 -33.80 38.62
C ASP B 197 17.26 -33.89 37.17
N GLN B 198 16.64 -34.79 36.41
CA GLN B 198 17.03 -34.85 35.00
C GLN B 198 16.51 -33.65 34.21
N VAL B 199 15.34 -33.12 34.57
CA VAL B 199 14.85 -31.90 33.93
C VAL B 199 15.76 -30.73 34.24
N ILE B 200 16.18 -30.61 35.51
CA ILE B 200 17.02 -29.50 35.90
C ILE B 200 18.42 -29.66 35.35
N THR B 201 18.82 -30.88 34.97
CA THR B 201 20.09 -31.03 34.27
C THR B 201 19.96 -30.58 32.82
N ILE B 202 18.94 -31.05 32.11
CA ILE B 202 18.82 -30.67 30.71
C ILE B 202 18.25 -29.28 30.51
N GLY B 203 17.96 -28.56 31.59
CA GLY B 203 17.62 -27.16 31.47
C GLY B 203 16.23 -26.91 30.92
N LYS B 204 15.23 -27.43 31.62
CA LYS B 204 13.86 -27.22 31.17
C LYS B 204 12.98 -26.76 32.33
N HIS B 205 13.43 -25.74 33.03
CA HIS B 205 12.69 -25.19 34.16
C HIS B 205 12.75 -23.67 34.12
N VAL B 206 12.89 -23.11 32.93
CA VAL B 206 12.86 -21.67 32.70
C VAL B 206 11.42 -21.19 32.73
N LYS B 207 11.23 -19.88 32.67
CA LYS B 207 9.92 -19.33 32.40
C LYS B 207 9.40 -19.82 31.07
N GLY B 208 8.20 -20.39 31.08
CA GLY B 208 7.59 -20.93 29.88
C GLY B 208 7.01 -22.31 30.09
N TYR B 209 7.67 -23.12 30.91
CA TYR B 209 7.17 -24.44 31.17
C TYR B 209 6.26 -24.43 32.40
N HIS B 210 5.53 -25.52 32.59
CA HIS B 210 4.52 -25.55 33.64
C HIS B 210 4.30 -27.00 34.05
N TYR B 211 4.22 -27.25 35.35
CA TYR B 211 4.21 -28.61 35.85
C TYR B 211 3.12 -28.82 36.88
N ILE B 212 2.51 -30.00 36.84
CA ILE B 212 1.51 -30.41 37.82
C ILE B 212 1.91 -31.76 38.37
N ILE B 213 2.11 -31.80 39.68
CA ILE B 213 2.41 -33.06 40.37
C ILE B 213 1.10 -33.68 40.82
N ALA B 214 0.87 -34.93 40.43
CA ALA B 214 -0.33 -35.65 40.84
C ALA B 214 0.00 -36.60 41.98
N ASN B 215 0.18 -36.00 43.15
CA ASN B 215 0.33 -36.79 44.37
C ASN B 215 -0.39 -36.06 45.49
N LEU B 216 -0.20 -36.57 46.70
CA LEU B 216 -0.81 -35.98 47.88
C LEU B 216 0.20 -35.27 48.76
N GLY B 217 1.44 -35.75 48.79
CA GLY B 217 2.52 -35.06 49.47
C GLY B 217 3.27 -34.15 48.52
N PHE B 218 2.63 -33.05 48.13
CA PHE B 218 3.22 -32.11 47.17
C PHE B 218 4.52 -31.52 47.70
N THR B 219 4.56 -31.17 48.96
CA THR B 219 5.80 -30.67 49.54
C THR B 219 6.63 -31.76 50.18
N ASP B 220 6.19 -33.01 50.11
CA ASP B 220 6.97 -34.08 50.72
C ASP B 220 8.20 -34.41 49.90
N GLY B 221 8.20 -34.08 48.61
CA GLY B 221 9.37 -34.23 47.79
C GLY B 221 10.24 -32.98 47.81
N ASP B 222 11.26 -33.00 46.96
CA ASP B 222 12.20 -31.89 46.87
C ASP B 222 11.63 -30.78 46.03
N LEU B 223 11.70 -29.55 46.52
CA LEU B 223 11.28 -28.39 45.76
C LEU B 223 12.29 -27.26 45.77
N LEU B 224 13.38 -27.38 46.53
CA LEU B 224 14.42 -26.38 46.52
C LEU B 224 15.18 -26.35 45.20
N LYS B 225 15.10 -27.42 44.41
CA LYS B 225 15.79 -27.45 43.13
C LYS B 225 15.19 -26.45 42.15
N ILE B 226 13.91 -26.60 41.85
CA ILE B 226 13.26 -25.79 40.85
C ILE B 226 12.44 -24.67 41.48
N GLN B 227 12.75 -24.28 42.71
CA GLN B 227 12.04 -23.18 43.33
C GLN B 227 12.32 -21.87 42.62
N PHE B 228 13.58 -21.64 42.27
CA PHE B 228 14.02 -20.40 41.68
C PHE B 228 14.08 -20.46 40.17
N GLY B 229 13.36 -21.39 39.56
CA GLY B 229 13.54 -21.65 38.15
C GLY B 229 12.98 -20.60 37.23
N GLY B 230 11.66 -20.47 37.24
CA GLY B 230 10.98 -19.64 36.27
C GLY B 230 9.74 -20.35 35.79
N ALA B 231 9.80 -21.67 35.81
CA ALA B 231 8.61 -22.46 35.58
C ALA B 231 7.70 -22.40 36.79
N GLU B 232 6.50 -22.92 36.62
CA GLU B 232 5.49 -22.87 37.66
C GLU B 232 5.00 -24.27 37.97
N VAL B 233 4.92 -24.59 39.25
CA VAL B 233 4.65 -25.94 39.72
C VAL B 233 3.47 -25.90 40.67
N SER B 234 2.48 -26.75 40.41
CA SER B 234 1.30 -26.84 41.26
C SER B 234 1.05 -28.29 41.65
N GLY B 235 0.41 -28.47 42.80
CA GLY B 235 0.07 -29.80 43.27
C GLY B 235 -1.00 -29.79 44.35
N PHE B 236 -1.04 -30.88 45.11
CA PHE B 236 -2.14 -31.13 46.03
C PHE B 236 -1.61 -31.55 47.40
N GLN B 237 -2.27 -31.04 48.44
CA GLN B 237 -2.02 -31.45 49.82
C GLN B 237 -3.30 -31.88 50.50
N ILE B 238 -3.18 -32.93 51.30
CA ILE B 238 -4.22 -33.32 52.24
C ILE B 238 -3.78 -33.15 53.67
N VAL B 239 -2.53 -32.75 53.90
CA VAL B 239 -2.01 -32.51 55.24
C VAL B 239 -1.64 -31.03 55.31
N ASP B 240 -2.40 -30.28 56.10
CA ASP B 240 -2.25 -28.83 56.16
C ASP B 240 -1.60 -28.43 57.48
N TYR B 241 -0.42 -27.83 57.41
CA TYR B 241 0.39 -27.56 58.60
C TYR B 241 -0.10 -26.38 59.41
N ASP B 242 -1.13 -25.66 58.96
CA ASP B 242 -1.60 -24.49 59.69
C ASP B 242 -2.48 -24.85 60.88
N ASP B 243 -2.97 -26.08 60.96
CA ASP B 243 -4.01 -26.39 61.92
C ASP B 243 -3.43 -26.78 63.29
N SER B 244 -4.32 -26.80 64.27
CA SER B 244 -3.94 -26.91 65.67
C SER B 244 -3.39 -28.29 66.00
N LEU B 245 -4.20 -29.32 65.76
CA LEU B 245 -3.79 -30.69 66.04
C LEU B 245 -2.64 -31.10 65.14
N VAL B 246 -2.60 -30.55 63.93
CA VAL B 246 -1.50 -30.83 63.01
C VAL B 246 -0.20 -30.31 63.57
N SER B 247 -0.19 -29.03 63.98
CA SER B 247 1.03 -28.44 64.53
C SER B 247 1.42 -29.07 65.86
N LYS B 248 0.43 -29.51 66.63
CA LYS B 248 0.71 -30.27 67.85
C LYS B 248 1.44 -31.56 67.54
N PHE B 249 0.97 -32.29 66.52
CA PHE B 249 1.68 -33.49 66.11
C PHE B 249 3.03 -33.17 65.50
N ILE B 250 3.17 -31.98 64.88
CA ILE B 250 4.46 -31.56 64.34
C ILE B 250 5.48 -31.39 65.45
N GLU B 251 5.08 -30.71 66.53
CA GLU B 251 5.98 -30.50 67.65
C GLU B 251 6.31 -31.82 68.35
N ARG B 252 5.28 -32.65 68.57
CA ARG B 252 5.47 -33.96 69.17
C ARG B 252 6.38 -34.84 68.32
N TRP B 253 6.24 -34.75 66.99
CA TRP B 253 6.99 -35.59 66.08
C TRP B 253 8.43 -35.11 65.94
N SER B 254 8.64 -33.80 65.91
CA SER B 254 9.98 -33.24 65.80
C SER B 254 10.79 -33.51 67.04
N THR B 255 10.16 -33.52 68.21
CA THR B 255 10.92 -33.74 69.44
C THR B 255 11.30 -35.19 69.67
N LEU B 256 10.87 -36.13 68.83
CA LEU B 256 11.23 -37.51 69.07
C LEU B 256 12.66 -37.80 68.63
N GLU B 257 13.21 -38.88 69.16
CA GLU B 257 14.56 -39.30 68.84
C GLU B 257 14.57 -40.10 67.54
N GLU B 258 15.51 -39.76 66.66
CA GLU B 258 15.64 -40.47 65.39
C GLU B 258 16.07 -41.93 65.59
N LYS B 259 16.81 -42.21 66.67
CA LYS B 259 17.32 -43.56 66.87
C LYS B 259 16.24 -44.54 67.31
N GLU B 260 15.23 -44.06 68.02
CA GLU B 260 14.13 -44.94 68.41
C GLU B 260 13.13 -45.12 67.27
N TYR B 261 12.83 -44.04 66.56
CA TYR B 261 11.91 -44.07 65.44
C TYR B 261 12.64 -43.48 64.23
N PRO B 262 13.01 -44.31 63.25
CA PRO B 262 13.77 -43.78 62.11
C PRO B 262 12.90 -42.92 61.21
N GLY B 263 13.49 -41.85 60.70
CA GLY B 263 12.77 -40.92 59.87
C GLY B 263 11.76 -40.06 60.59
N ALA B 264 11.88 -39.92 61.90
CA ALA B 264 10.90 -39.17 62.68
C ALA B 264 11.39 -37.81 63.13
N HIS B 265 12.69 -37.58 63.16
CA HIS B 265 13.22 -36.34 63.73
C HIS B 265 13.37 -35.27 62.65
N THR B 266 12.28 -35.05 61.92
CA THR B 266 12.22 -34.07 60.84
C THR B 266 11.08 -33.09 61.15
N ALA B 267 10.88 -32.14 60.25
CA ALA B 267 9.78 -31.19 60.39
C ALA B 267 8.50 -31.72 59.75
N THR B 268 8.57 -32.09 58.48
CA THR B 268 7.40 -32.59 57.77
C THR B 268 7.24 -34.08 57.97
N ILE B 269 6.24 -34.66 57.31
CA ILE B 269 5.94 -36.08 57.43
C ILE B 269 5.25 -36.52 56.15
N LYS B 270 5.31 -37.81 55.86
CA LYS B 270 4.63 -38.35 54.68
C LYS B 270 3.14 -38.51 54.93
N TYR B 271 2.38 -38.29 53.85
CA TYR B 271 0.93 -38.45 53.90
C TYR B 271 0.54 -39.89 54.15
N THR B 272 1.38 -40.82 53.69
CA THR B 272 1.15 -42.24 53.98
C THR B 272 1.22 -42.50 55.47
N SER B 273 2.21 -41.92 56.14
CA SER B 273 2.30 -42.06 57.59
C SER B 273 1.17 -41.33 58.29
N ALA B 274 0.69 -40.24 57.69
CA ALA B 274 -0.44 -39.52 58.28
C ALA B 274 -1.72 -40.35 58.23
N LEU B 275 -1.96 -41.00 57.10
CA LEU B 275 -3.13 -41.88 57.01
C LEU B 275 -2.95 -43.11 57.88
N THR B 276 -1.71 -43.56 58.06
CA THR B 276 -1.43 -44.65 58.99
C THR B 276 -1.78 -44.25 60.42
N TYR B 277 -1.51 -42.99 60.76
CA TYR B 277 -1.86 -42.48 62.08
C TYR B 277 -3.37 -42.39 62.26
N ASP B 278 -4.08 -41.92 61.23
CA ASP B 278 -5.53 -41.79 61.35
C ASP B 278 -6.24 -43.14 61.34
N ALA B 279 -5.60 -44.16 60.75
CA ALA B 279 -6.20 -45.50 60.71
C ALA B 279 -6.36 -46.09 62.11
N VAL B 280 -5.42 -45.78 63.00
CA VAL B 280 -5.52 -46.27 64.38
C VAL B 280 -6.69 -45.60 65.10
N GLN B 281 -6.94 -44.32 64.80
CA GLN B 281 -8.08 -43.63 65.39
C GLN B 281 -9.39 -44.26 64.95
N VAL B 282 -9.50 -44.60 63.66
CA VAL B 282 -10.70 -45.26 63.17
C VAL B 282 -10.84 -46.66 63.78
N MET B 283 -9.74 -47.40 63.84
CA MET B 283 -9.76 -48.79 64.27
C MET B 283 -10.05 -48.91 65.76
N THR B 284 -9.69 -47.89 66.54
CA THR B 284 -10.01 -47.87 67.96
C THR B 284 -11.43 -47.39 68.22
N GLU B 285 -11.90 -46.42 67.41
CA GLU B 285 -13.30 -45.99 67.48
C GLU B 285 -14.25 -47.15 67.20
N ALA B 286 -13.85 -48.08 66.34
CA ALA B 286 -14.65 -49.27 66.04
C ALA B 286 -14.94 -50.09 67.30
N PHE B 287 -13.89 -50.58 67.95
CA PHE B 287 -14.07 -51.40 69.16
C PHE B 287 -14.65 -50.60 70.31
N ARG B 288 -14.41 -49.29 70.33
CA ARG B 288 -15.07 -48.40 71.28
C ARG B 288 -16.59 -48.47 71.11
N ASN B 289 -17.06 -48.34 69.87
CA ASN B 289 -18.50 -48.38 69.63
C ASN B 289 -19.08 -49.76 69.82
N LEU B 290 -18.30 -50.81 69.57
CA LEU B 290 -18.80 -52.16 69.85
C LEU B 290 -18.93 -52.44 71.33
N ARG B 291 -18.07 -51.85 72.16
CA ARG B 291 -18.33 -51.93 73.59
C ARG B 291 -19.42 -50.96 74.04
N LYS B 292 -19.67 -49.90 73.28
CA LYS B 292 -20.83 -49.05 73.56
C LYS B 292 -22.13 -49.81 73.33
N GLN B 293 -22.22 -50.54 72.23
CA GLN B 293 -23.38 -51.40 71.99
C GLN B 293 -23.26 -52.77 72.64
N ARG B 294 -22.13 -53.04 73.29
CA ARG B 294 -21.91 -54.22 74.15
C ARG B 294 -22.06 -55.54 73.39
N ILE B 295 -21.75 -55.54 72.11
CA ILE B 295 -21.86 -56.75 71.30
C ILE B 295 -20.56 -57.52 71.44
N GLU B 296 -20.65 -58.77 71.89
CA GLU B 296 -19.46 -59.56 72.11
C GLU B 296 -18.93 -60.11 70.79
N ILE B 297 -17.60 -60.16 70.69
CA ILE B 297 -16.91 -60.62 69.50
C ILE B 297 -16.20 -61.93 69.81
N SER B 298 -16.76 -62.71 70.72
CA SER B 298 -16.14 -63.96 71.17
C SER B 298 -16.09 -64.97 70.03
N ARG B 299 -14.87 -65.33 69.63
CA ARG B 299 -14.67 -66.28 68.54
C ARG B 299 -15.15 -67.67 68.94
N ARG B 300 -15.03 -68.00 70.22
CA ARG B 300 -15.57 -69.20 70.88
C ARG B 300 -14.99 -70.49 70.34
N GLY B 301 -13.89 -70.42 69.61
CA GLY B 301 -13.27 -71.58 68.99
C GLY B 301 -12.04 -71.12 68.26
N ASN B 302 -11.34 -72.09 67.68
CA ASN B 302 -10.14 -71.77 66.92
C ASN B 302 -10.50 -71.52 65.47
N ALA B 303 -9.57 -70.91 64.75
CA ALA B 303 -9.63 -70.87 63.30
C ALA B 303 -8.95 -72.13 62.78
N GLY B 304 -8.90 -72.29 61.47
CA GLY B 304 -8.34 -73.49 60.86
C GLY B 304 -7.66 -73.21 59.57
N ASP B 305 -7.84 -74.10 58.60
CA ASP B 305 -7.23 -73.95 57.30
C ASP B 305 -7.93 -72.83 56.53
N CYS B 306 -7.13 -71.97 55.91
CA CYS B 306 -7.65 -71.01 54.95
C CYS B 306 -8.13 -71.69 53.67
N LEU B 307 -7.73 -72.93 53.43
CA LEU B 307 -8.20 -73.73 52.32
C LEU B 307 -9.32 -74.68 52.72
N ALA B 308 -10.16 -74.28 53.67
CA ALA B 308 -11.25 -75.13 54.13
C ALA B 308 -12.31 -75.27 53.04
N ASN B 309 -12.71 -76.50 52.76
CA ASN B 309 -13.50 -76.82 51.58
C ASN B 309 -14.82 -77.43 52.00
N PRO B 310 -15.93 -76.67 52.00
CA PRO B 310 -15.95 -75.22 51.81
C PRO B 310 -15.76 -74.49 53.12
N ALA B 311 -15.05 -73.37 53.10
CA ALA B 311 -14.91 -72.56 54.29
C ALA B 311 -16.21 -71.80 54.55
N VAL B 312 -16.52 -71.62 55.83
CA VAL B 312 -17.71 -70.90 56.25
C VAL B 312 -17.32 -69.77 57.19
N PRO B 313 -17.67 -68.54 56.89
CA PRO B 313 -17.30 -67.41 57.76
C PRO B 313 -18.36 -67.06 58.79
N TRP B 314 -18.11 -65.98 59.53
CA TRP B 314 -18.94 -65.57 60.66
C TRP B 314 -19.33 -64.11 60.52
N GLY B 315 -20.65 -63.84 60.57
CA GLY B 315 -21.26 -62.57 60.25
C GLY B 315 -21.10 -61.47 61.27
N GLN B 316 -20.47 -61.76 62.40
CA GLN B 316 -20.13 -60.66 63.30
C GLN B 316 -19.04 -59.80 62.70
N GLY B 317 -18.24 -60.33 61.78
CA GLY B 317 -17.36 -59.48 60.99
C GLY B 317 -18.12 -58.58 60.05
N VAL B 318 -19.28 -59.03 59.54
CA VAL B 318 -20.15 -58.16 58.76
C VAL B 318 -20.63 -57.01 59.64
N GLU B 319 -20.98 -57.31 60.89
CA GLU B 319 -21.38 -56.24 61.79
C GLU B 319 -20.20 -55.33 62.16
N ILE B 320 -18.98 -55.88 62.22
CA ILE B 320 -17.78 -55.08 62.45
C ILE B 320 -17.60 -54.07 61.33
N GLU B 321 -17.68 -54.54 60.09
CA GLU B 321 -17.55 -53.66 58.93
C GLU B 321 -18.71 -52.65 58.88
N ARG B 322 -19.89 -53.07 59.34
CA ARG B 322 -21.05 -52.19 59.40
C ARG B 322 -20.83 -51.04 60.38
N ALA B 323 -20.22 -51.34 61.53
CA ALA B 323 -19.89 -50.27 62.46
C ALA B 323 -18.68 -49.48 61.98
N LEU B 324 -17.82 -50.10 61.18
CA LEU B 324 -16.68 -49.38 60.60
C LEU B 324 -17.16 -48.32 59.64
N LYS B 325 -18.22 -48.59 58.87
CA LYS B 325 -18.70 -47.61 57.91
C LYS B 325 -19.44 -46.45 58.56
N GLN B 326 -19.62 -46.44 59.87
CA GLN B 326 -20.36 -45.39 60.55
C GLN B 326 -19.46 -44.48 61.37
N VAL B 327 -18.15 -44.75 61.37
CA VAL B 327 -17.19 -43.96 62.12
C VAL B 327 -17.05 -42.59 61.47
N GLN B 328 -17.05 -41.54 62.30
CA GLN B 328 -16.82 -40.18 61.81
C GLN B 328 -16.04 -39.42 62.88
N VAL B 329 -14.72 -39.33 62.71
CA VAL B 329 -13.88 -38.60 63.65
C VAL B 329 -13.11 -37.52 62.91
N GLU B 330 -12.26 -36.79 63.63
CA GLU B 330 -11.37 -35.80 63.05
C GLU B 330 -9.94 -36.28 63.17
N GLY B 331 -9.17 -36.08 62.10
CA GLY B 331 -7.79 -36.53 62.08
C GLY B 331 -6.87 -35.62 61.29
N LEU B 332 -5.77 -36.19 60.79
CA LEU B 332 -4.78 -35.38 60.08
C LEU B 332 -5.29 -34.94 58.72
N SER B 333 -6.10 -35.76 58.07
CA SER B 333 -6.71 -35.36 56.81
C SER B 333 -7.92 -34.46 57.01
N GLY B 334 -8.40 -34.32 58.24
CA GLY B 334 -9.61 -33.57 58.49
C GLY B 334 -10.75 -34.49 58.88
N ASN B 335 -11.96 -34.14 58.48
CA ASN B 335 -13.09 -35.02 58.74
C ASN B 335 -13.02 -36.23 57.81
N ILE B 336 -13.66 -37.31 58.23
CA ILE B 336 -13.79 -38.52 57.42
C ILE B 336 -15.25 -38.95 57.41
N LYS B 337 -15.69 -39.47 56.27
CA LYS B 337 -16.95 -40.20 56.16
C LYS B 337 -16.77 -41.32 55.16
N PHE B 338 -17.61 -42.35 55.30
CA PHE B 338 -17.53 -43.52 54.45
C PHE B 338 -18.81 -43.68 53.66
N ASP B 339 -18.73 -44.46 52.59
CA ASP B 339 -19.88 -44.79 51.78
C ASP B 339 -20.49 -46.09 52.30
N GLN B 340 -21.33 -46.71 51.48
CA GLN B 340 -21.84 -48.05 51.75
C GLN B 340 -20.83 -49.14 51.39
N ASN B 341 -19.63 -48.78 50.96
CA ASN B 341 -18.66 -49.76 50.49
C ASN B 341 -17.35 -49.73 51.24
N GLY B 342 -17.00 -48.61 51.87
CA GLY B 342 -15.71 -48.47 52.51
C GLY B 342 -14.81 -47.42 51.87
N LYS B 343 -15.30 -46.71 50.86
CA LYS B 343 -14.54 -45.63 50.24
C LYS B 343 -14.79 -44.35 51.01
N ARG B 344 -13.79 -43.49 51.04
CA ARG B 344 -13.89 -42.26 51.82
C ARG B 344 -14.63 -41.19 51.05
N ILE B 345 -15.56 -40.54 51.74
CA ILE B 345 -16.16 -39.30 51.27
C ILE B 345 -15.97 -38.27 52.35
N ASN B 346 -16.46 -37.06 52.11
CA ASN B 346 -16.35 -35.91 53.01
C ASN B 346 -14.88 -35.60 53.35
N TYR B 347 -14.13 -35.24 52.33
CA TYR B 347 -12.75 -34.83 52.47
C TYR B 347 -12.57 -33.45 51.86
N THR B 348 -11.37 -32.89 52.03
CA THR B 348 -11.06 -31.58 51.48
C THR B 348 -9.60 -31.55 51.11
N ILE B 349 -9.30 -31.05 49.91
CA ILE B 349 -7.95 -31.07 49.37
C ILE B 349 -7.53 -29.65 49.03
N ASN B 350 -6.35 -29.25 49.51
CA ASN B 350 -5.82 -27.92 49.27
C ASN B 350 -5.01 -27.90 48.00
N ILE B 351 -5.14 -26.81 47.25
CA ILE B 351 -4.39 -26.61 46.02
C ILE B 351 -3.14 -25.80 46.34
N MET B 352 -1.98 -26.35 46.02
CA MET B 352 -0.71 -25.80 46.47
C MET B 352 0.13 -25.41 45.26
N GLU B 353 0.41 -24.11 45.14
CA GLU B 353 1.26 -23.58 44.09
C GLU B 353 2.58 -23.12 44.67
N LEU B 354 3.67 -23.40 43.96
CA LEU B 354 5.00 -23.03 44.42
C LEU B 354 5.32 -21.61 44.00
N LYS B 355 5.80 -20.80 44.94
CA LYS B 355 6.27 -19.46 44.66
C LYS B 355 7.71 -19.32 45.09
N THR B 356 8.22 -18.09 45.00
CA THR B 356 9.63 -17.84 45.25
C THR B 356 9.98 -18.02 46.72
N ASN B 357 9.12 -17.51 47.60
CA ASN B 357 9.31 -17.74 49.02
C ASN B 357 9.06 -19.20 49.40
N GLY B 358 8.22 -19.89 48.63
CA GLY B 358 7.95 -21.28 48.90
C GLY B 358 6.54 -21.67 48.50
N PRO B 359 6.07 -22.80 49.01
CA PRO B 359 4.72 -23.23 48.68
C PRO B 359 3.68 -22.41 49.43
N ARG B 360 2.49 -22.34 48.84
CA ARG B 360 1.36 -21.65 49.45
C ARG B 360 0.09 -22.18 48.82
N LYS B 361 -1.03 -21.93 49.48
CA LYS B 361 -2.32 -22.38 48.98
C LYS B 361 -3.05 -21.23 48.30
N ILE B 362 -3.94 -21.58 47.37
CA ILE B 362 -4.75 -20.58 46.69
C ILE B 362 -6.22 -20.97 46.79
N GLY B 363 -6.51 -22.19 47.21
CA GLY B 363 -7.89 -22.62 47.29
C GLY B 363 -8.01 -24.06 47.71
N TYR B 364 -9.27 -24.49 47.86
CA TYR B 364 -9.60 -25.84 48.28
C TYR B 364 -10.58 -26.45 47.29
N TRP B 365 -10.77 -27.75 47.44
CA TRP B 365 -11.70 -28.51 46.60
C TRP B 365 -12.33 -29.57 47.46
N SER B 366 -13.65 -29.67 47.42
CA SER B 366 -14.37 -30.57 48.30
C SER B 366 -14.79 -31.83 47.55
N GLU B 367 -15.46 -32.73 48.27
CA GLU B 367 -15.93 -33.97 47.68
C GLU B 367 -17.10 -33.73 46.74
N VAL B 368 -17.86 -32.67 46.97
CA VAL B 368 -18.97 -32.29 46.12
C VAL B 368 -18.79 -30.90 45.54
N ASP B 369 -18.25 -29.97 46.31
CA ASP B 369 -18.05 -28.63 45.83
C ASP B 369 -16.82 -28.57 44.95
N LYS B 370 -16.87 -27.71 43.94
CA LYS B 370 -15.78 -27.61 42.99
C LYS B 370 -14.69 -26.73 43.56
N MET B 371 -13.76 -26.31 42.71
CA MET B 371 -12.60 -25.55 43.16
C MET B 371 -13.02 -24.17 43.66
N VAL B 372 -12.82 -23.95 44.95
CA VAL B 372 -13.14 -22.67 45.57
C VAL B 372 -11.82 -22.01 45.96
N LEU B 373 -11.44 -21.00 45.19
CA LEU B 373 -10.27 -20.21 45.53
C LEU B 373 -10.55 -19.35 46.74
N THR B 374 -9.52 -19.15 47.57
CA THR B 374 -9.66 -18.45 48.84
C THR B 374 -9.39 -16.97 48.74
N GLU B 375 -9.43 -16.42 47.51
CA GLU B 375 -9.35 -14.98 47.23
C GLU B 375 -8.05 -14.36 47.73
N ASP B 376 -6.97 -15.14 47.68
CA ASP B 376 -5.67 -14.69 48.17
C ASP B 376 -5.05 -13.81 47.08
N ASP B 377 -5.50 -12.55 47.05
CA ASP B 377 -5.04 -11.59 46.05
C ASP B 377 -3.93 -10.74 46.65
N THR B 378 -2.72 -11.30 46.64
CA THR B 378 -1.53 -10.58 47.06
C THR B 378 -0.87 -9.84 45.90
N SER B 379 -1.60 -9.61 44.82
CA SER B 379 -1.08 -8.85 43.68
C SER B 379 -1.00 -7.37 44.03
N GLY B 380 0.17 -6.92 44.50
CA GLY B 380 0.31 -5.54 44.93
C GLY B 380 0.46 -4.54 43.81
N LEU B 381 0.91 -4.98 42.63
CA LEU B 381 1.12 -4.11 41.49
C LEU B 381 0.13 -4.51 40.40
N GLU B 382 -0.93 -3.72 40.24
CA GLU B 382 -1.85 -3.84 39.12
C GLU B 382 -1.72 -2.61 38.24
N GLN B 383 -1.50 -2.83 36.96
CA GLN B 383 -1.35 -1.75 36.00
C GLN B 383 -2.70 -1.08 35.80
N LYS B 384 -2.88 0.11 36.38
CA LYS B 384 -4.18 0.75 36.40
C LYS B 384 -4.55 1.26 35.01
N THR B 385 -5.80 0.99 34.62
CA THR B 385 -6.35 1.53 33.38
C THR B 385 -6.44 3.04 33.53
N VAL B 386 -5.57 3.76 32.81
CA VAL B 386 -5.36 5.16 33.11
C VAL B 386 -6.56 6.00 32.67
N VAL B 387 -6.66 7.19 33.26
CA VAL B 387 -7.80 8.04 33.05
C VAL B 387 -7.58 8.82 31.76
N VAL B 388 -8.44 8.58 30.77
CA VAL B 388 -8.36 9.25 29.48
C VAL B 388 -9.63 10.06 29.31
N THR B 389 -9.51 11.39 29.34
CA THR B 389 -10.65 12.26 29.17
C THR B 389 -10.69 12.81 27.76
N THR B 390 -11.91 13.05 27.28
CA THR B 390 -12.15 13.58 25.95
C THR B 390 -13.53 14.22 25.93
N ILE B 391 -14.02 14.54 24.73
CA ILE B 391 -15.34 15.13 24.56
C ILE B 391 -15.87 14.67 23.22
N LEU B 392 -17.19 14.61 23.09
CA LEU B 392 -17.82 14.13 21.87
C LEU B 392 -17.72 15.18 20.76
N GLU B 393 -17.07 14.81 19.66
CA GLU B 393 -16.99 15.69 18.51
C GLU B 393 -16.77 14.85 17.26
N SER B 394 -17.54 15.11 16.25
CA SER B 394 -17.32 14.38 15.02
C SER B 394 -16.16 14.99 14.25
N PRO B 395 -15.30 14.16 13.65
CA PRO B 395 -15.26 12.71 13.77
C PRO B 395 -14.20 12.30 14.78
N TYR B 396 -13.92 13.20 15.71
CA TYR B 396 -12.85 12.99 16.67
C TYR B 396 -13.23 11.88 17.65
N VAL B 397 -14.31 12.09 18.38
CA VAL B 397 -14.88 11.11 19.29
C VAL B 397 -16.39 11.09 19.03
N MET B 398 -16.90 9.94 18.62
CA MET B 398 -18.32 9.79 18.34
C MET B 398 -18.86 8.56 19.06
N MET B 399 -20.13 8.63 19.40
CA MET B 399 -20.86 7.48 19.88
C MET B 399 -21.04 6.47 18.75
N LYS B 400 -21.23 5.22 19.12
CA LYS B 400 -21.74 4.23 18.19
C LYS B 400 -23.24 4.07 18.41
N LYS B 401 -23.92 3.54 17.40
CA LYS B 401 -25.36 3.39 17.50
C LYS B 401 -25.79 2.23 18.38
N ASN B 402 -24.85 1.32 18.69
CA ASN B 402 -25.13 0.11 19.43
C ASN B 402 -24.37 0.12 20.75
N HIS B 403 -24.33 1.30 21.38
CA HIS B 403 -23.49 1.52 22.54
C HIS B 403 -24.02 0.83 23.79
N GLU B 404 -25.34 0.65 23.88
CA GLU B 404 -25.91 0.01 25.07
C GLU B 404 -25.57 -1.47 25.12
N MET B 405 -25.59 -2.13 23.97
CA MET B 405 -25.23 -3.55 23.93
C MET B 405 -23.73 -3.74 24.11
N LEU B 406 -22.94 -2.84 23.56
CA LEU B 406 -21.51 -2.91 23.71
C LEU B 406 -21.12 -2.26 25.05
N GLU B 407 -19.82 -2.17 25.30
CA GLU B 407 -19.38 -1.76 26.63
C GLU B 407 -18.10 -0.97 26.60
N GLY B 408 -18.11 0.18 27.30
CA GLY B 408 -16.91 0.89 27.67
C GLY B 408 -16.11 1.45 26.53
N ASN B 409 -14.88 0.95 26.39
CA ASN B 409 -13.97 1.44 25.37
C ASN B 409 -14.37 1.01 23.98
N GLU B 410 -15.26 0.02 23.86
CA GLU B 410 -15.79 -0.35 22.56
C GLU B 410 -16.84 0.63 22.06
N ARG B 411 -17.42 1.44 22.96
CA ARG B 411 -18.57 2.24 22.60
C ARG B 411 -18.21 3.45 21.74
N TYR B 412 -16.98 3.93 21.85
CA TYR B 412 -16.61 5.18 21.23
C TYR B 412 -15.86 4.90 19.94
N GLU B 413 -15.94 5.84 19.00
CA GLU B 413 -15.35 5.61 17.70
C GLU B 413 -14.96 6.93 17.09
N GLY B 414 -13.76 6.97 16.52
CA GLY B 414 -13.34 8.15 15.79
C GLY B 414 -11.83 8.23 15.67
N TYR B 415 -11.39 9.40 15.22
CA TYR B 415 -9.98 9.69 15.02
C TYR B 415 -9.21 9.59 16.32
N CYS B 416 -9.75 10.19 17.39
CA CYS B 416 -9.07 10.17 18.68
C CYS B 416 -9.06 8.78 19.28
N VAL B 417 -10.11 7.99 19.03
CA VAL B 417 -10.16 6.62 19.51
C VAL B 417 -9.06 5.78 18.86
N ASP B 418 -8.93 5.90 17.54
CA ASP B 418 -7.89 5.19 16.82
C ASP B 418 -6.49 5.63 17.27
N LEU B 419 -6.33 6.93 17.50
CA LEU B 419 -5.05 7.47 17.93
C LEU B 419 -4.67 6.97 19.32
N ALA B 420 -5.62 6.95 20.24
CA ALA B 420 -5.35 6.48 21.59
C ALA B 420 -5.03 5.00 21.60
N ALA B 421 -5.64 4.24 20.70
CA ALA B 421 -5.26 2.84 20.53
C ALA B 421 -3.81 2.72 20.07
N GLU B 422 -3.38 3.60 19.16
CA GLU B 422 -2.00 3.55 18.69
C GLU B 422 -1.01 3.92 19.80
N ILE B 423 -1.36 4.93 20.61
CA ILE B 423 -0.49 5.36 21.70
C ILE B 423 -0.37 4.27 22.74
N ALA B 424 -1.49 3.63 23.09
CA ALA B 424 -1.46 2.54 24.06
C ALA B 424 -0.74 1.32 23.52
N LYS B 425 -0.79 1.11 22.20
CA LYS B 425 -0.02 0.02 21.62
C LYS B 425 1.48 0.29 21.71
N HIS B 426 1.89 1.53 21.46
CA HIS B 426 3.32 1.81 21.51
C HIS B 426 3.84 1.91 22.93
N CYS B 427 3.00 2.26 23.91
CA CYS B 427 3.49 2.48 25.25
C CYS B 427 3.06 1.44 26.26
N GLY B 428 2.28 0.44 25.88
CA GLY B 428 2.06 -0.74 26.69
C GLY B 428 1.25 -0.56 27.95
N PHE B 429 0.55 0.56 28.11
CA PHE B 429 -0.24 0.76 29.32
C PHE B 429 -1.70 0.39 29.07
N LYS B 430 -2.46 0.36 30.15
CA LYS B 430 -3.90 0.15 30.11
C LYS B 430 -4.61 1.48 30.24
N TYR B 431 -5.84 1.54 29.73
CA TYR B 431 -6.54 2.82 29.72
C TYR B 431 -8.04 2.57 29.76
N LYS B 432 -8.77 3.58 30.23
CA LYS B 432 -10.22 3.60 30.17
C LYS B 432 -10.66 4.95 29.65
N LEU B 433 -11.58 4.94 28.70
CA LEU B 433 -11.99 6.16 28.01
C LEU B 433 -13.12 6.83 28.78
N THR B 434 -12.89 8.07 29.21
CA THR B 434 -13.86 8.82 30.01
C THR B 434 -14.27 10.09 29.27
N ILE B 435 -15.32 10.73 29.79
CA ILE B 435 -15.87 11.95 29.23
C ILE B 435 -15.77 13.04 30.29
N VAL B 436 -15.46 14.27 29.86
CA VAL B 436 -15.48 15.40 30.77
C VAL B 436 -16.93 15.66 31.20
N GLY B 437 -17.09 16.10 32.45
CA GLY B 437 -18.40 16.27 33.02
C GLY B 437 -19.16 17.47 32.50
N ASP B 438 -18.57 18.66 32.63
CA ASP B 438 -19.26 19.90 32.31
C ASP B 438 -19.38 20.16 30.82
N GLY B 439 -18.78 19.33 29.97
CA GLY B 439 -18.96 19.45 28.54
C GLY B 439 -18.31 20.67 27.93
N LYS B 440 -17.21 21.13 28.49
CA LYS B 440 -16.50 22.29 27.98
C LYS B 440 -15.08 21.92 27.61
N TYR B 441 -14.41 22.85 26.94
CA TYR B 441 -12.98 22.72 26.75
C TYR B 441 -12.24 23.21 27.99
N GLY B 442 -12.60 24.39 28.49
CA GLY B 442 -12.07 24.78 29.78
C GLY B 442 -11.25 26.07 29.73
N ALA B 443 -11.53 26.95 30.69
CA ALA B 443 -10.76 28.17 30.88
C ALA B 443 -10.74 28.49 32.37
N ARG B 444 -9.95 29.48 32.73
CA ARG B 444 -9.84 29.82 34.14
C ARG B 444 -11.00 30.69 34.57
N ASP B 445 -11.27 30.67 35.87
CA ASP B 445 -12.26 31.57 36.43
C ASP B 445 -11.62 32.93 36.68
N ALA B 446 -12.44 33.96 36.61
CA ALA B 446 -12.00 35.27 37.08
C ALA B 446 -11.89 35.26 38.60
N ASP B 447 -10.77 35.80 39.10
CA ASP B 447 -10.49 36.13 40.49
C ASP B 447 -10.28 34.93 41.40
N THR B 448 -10.50 33.71 40.88
CA THR B 448 -10.25 32.51 41.64
C THR B 448 -9.40 31.50 40.89
N LYS B 449 -9.12 31.73 39.59
CA LYS B 449 -8.28 30.89 38.74
C LYS B 449 -8.79 29.45 38.64
N ILE B 450 -10.09 29.26 38.80
CA ILE B 450 -10.66 27.92 38.78
C ILE B 450 -10.79 27.49 37.32
N TRP B 451 -9.85 26.67 36.87
CA TRP B 451 -9.91 26.10 35.54
C TRP B 451 -11.00 25.02 35.50
N ASN B 452 -12.03 25.24 34.68
CA ASN B 452 -13.07 24.24 34.50
C ASN B 452 -12.74 23.38 33.29
N GLY B 453 -13.73 22.61 32.84
CA GLY B 453 -13.62 21.88 31.60
C GLY B 453 -12.60 20.77 31.66
N MET B 454 -11.98 20.50 30.52
CA MET B 454 -10.92 19.50 30.46
C MET B 454 -9.60 20.00 31.03
N VAL B 455 -9.48 21.31 31.26
CA VAL B 455 -8.24 21.84 31.82
C VAL B 455 -8.11 21.44 33.29
N GLY B 456 -9.15 21.72 34.08
CA GLY B 456 -9.13 21.41 35.49
C GLY B 456 -9.07 19.93 35.80
N GLU B 457 -9.49 19.09 34.86
CA GLU B 457 -9.35 17.65 35.02
C GLU B 457 -7.90 17.23 35.05
N LEU B 458 -7.03 17.98 34.38
CA LEU B 458 -5.60 17.69 34.40
C LEU B 458 -4.84 18.52 35.41
N VAL B 459 -5.30 19.75 35.67
CA VAL B 459 -4.64 20.59 36.65
C VAL B 459 -4.90 20.07 38.06
N TYR B 460 -6.15 19.73 38.36
CA TYR B 460 -6.55 19.38 39.70
C TYR B 460 -6.38 17.90 40.00
N GLY B 461 -5.57 17.20 39.21
CA GLY B 461 -5.26 15.82 39.49
C GLY B 461 -6.37 14.83 39.23
N LYS B 462 -7.41 15.24 38.51
CA LYS B 462 -8.56 14.37 38.31
C LYS B 462 -8.29 13.35 37.21
N ALA B 463 -7.97 13.84 36.02
CA ALA B 463 -7.73 12.97 34.87
C ALA B 463 -6.23 12.77 34.67
N ASP B 464 -5.87 11.68 33.99
CA ASP B 464 -4.49 11.30 33.86
C ASP B 464 -3.87 11.72 32.53
N ILE B 465 -4.61 11.64 31.43
CA ILE B 465 -4.11 12.06 30.13
C ILE B 465 -5.31 12.47 29.29
N ALA B 466 -5.05 13.26 28.24
CA ALA B 466 -6.13 13.82 27.41
C ALA B 466 -5.70 13.81 25.94
N ILE B 467 -6.10 12.77 25.22
CA ILE B 467 -6.02 12.75 23.77
C ILE B 467 -7.33 13.31 23.25
N ALA B 468 -7.31 14.55 22.78
CA ALA B 468 -8.52 15.31 22.53
C ALA B 468 -8.16 16.49 21.63
N PRO B 469 -9.14 17.07 20.95
CA PRO B 469 -8.88 18.31 20.21
C PRO B 469 -8.65 19.48 21.15
N LEU B 470 -7.43 19.62 21.66
CA LEU B 470 -7.08 20.72 22.53
C LEU B 470 -5.99 21.56 21.87
N THR B 471 -6.11 22.87 22.00
CA THR B 471 -5.24 23.81 21.31
C THR B 471 -4.17 24.35 22.25
N ILE B 472 -2.92 24.26 21.81
CA ILE B 472 -1.80 24.80 22.57
C ILE B 472 -1.89 26.32 22.55
N THR B 473 -1.99 26.92 23.74
CA THR B 473 -2.01 28.36 23.88
C THR B 473 -0.80 28.78 24.70
N LEU B 474 -0.77 30.06 25.08
CA LEU B 474 0.23 30.54 26.01
C LEU B 474 -0.19 30.31 27.45
N VAL B 475 -1.48 30.49 27.75
CA VAL B 475 -1.98 30.39 29.13
C VAL B 475 -2.20 28.96 29.57
N ARG B 476 -1.92 27.98 28.73
CA ARG B 476 -2.11 26.59 29.11
C ARG B 476 -0.80 25.88 29.42
N GLU B 477 0.32 26.38 28.92
CA GLU B 477 1.61 25.77 29.22
C GLU B 477 2.03 25.95 30.68
N GLU B 478 1.47 26.93 31.38
CA GLU B 478 1.90 27.19 32.74
C GLU B 478 1.35 26.15 33.72
N VAL B 479 0.25 25.51 33.37
CA VAL B 479 -0.40 24.59 34.28
C VAL B 479 -0.30 23.14 33.83
N ILE B 480 -0.25 22.87 32.54
CA ILE B 480 -0.06 21.52 32.03
C ILE B 480 1.00 21.57 30.94
N ASP B 481 1.34 20.40 30.41
CA ASP B 481 2.36 20.29 29.39
C ASP B 481 1.81 19.61 28.15
N PHE B 482 2.32 20.04 27.01
CA PHE B 482 1.92 19.52 25.72
C PHE B 482 3.10 18.82 25.06
N SER B 483 2.78 17.85 24.21
CA SER B 483 3.78 17.21 23.37
C SER B 483 4.01 18.07 22.14
N LYS B 484 4.72 17.52 21.16
CA LYS B 484 4.81 18.18 19.88
C LYS B 484 3.45 18.11 19.18
N PRO B 485 3.08 19.14 18.43
CA PRO B 485 1.74 19.14 17.81
C PRO B 485 1.67 18.15 16.66
N PHE B 486 0.49 17.57 16.49
CA PHE B 486 0.31 16.51 15.52
C PHE B 486 -0.61 16.88 14.37
N MET B 487 -1.37 17.96 14.46
CA MET B 487 -2.24 18.35 13.36
C MET B 487 -2.45 19.85 13.38
N SER B 488 -2.16 20.48 12.24
CA SER B 488 -2.17 21.92 12.13
C SER B 488 -3.53 22.41 11.65
N LEU B 489 -3.85 23.65 12.00
CA LEU B 489 -5.14 24.24 11.68
C LEU B 489 -5.05 25.75 11.83
N GLY B 490 -6.19 26.41 11.69
CA GLY B 490 -6.28 27.85 11.86
C GLY B 490 -7.72 28.28 12.06
N ILE B 491 -7.86 29.57 12.39
CA ILE B 491 -9.18 30.16 12.57
C ILE B 491 -9.83 30.28 11.20
N SER B 492 -11.01 29.67 11.06
CA SER B 492 -11.74 29.67 9.80
C SER B 492 -13.13 30.24 10.00
N ILE B 493 -13.71 30.72 8.90
CA ILE B 493 -15.02 31.33 8.89
C ILE B 493 -15.99 30.39 8.19
N MET B 494 -17.00 29.93 8.92
CA MET B 494 -18.10 29.18 8.31
C MET B 494 -19.29 30.09 8.11
N ILE B 495 -19.81 30.11 6.90
CA ILE B 495 -21.11 30.68 6.60
C ILE B 495 -21.92 29.66 5.82
N LYS B 496 -23.14 30.04 5.47
CA LYS B 496 -24.10 29.14 4.86
C LYS B 496 -23.69 28.78 3.44
N LYS B 497 -24.49 27.95 2.82
CA LYS B 497 -24.33 27.82 1.39
C LYS B 497 -25.04 28.98 0.70
N PRO B 498 -24.52 29.45 -0.42
CA PRO B 498 -25.26 30.41 -1.23
C PRO B 498 -26.08 29.66 -2.29
N GLN B 499 -26.92 30.42 -2.99
CA GLN B 499 -27.73 29.87 -4.06
C GLN B 499 -27.14 30.19 -5.42
N LYS B 500 -27.29 29.24 -6.35
CA LYS B 500 -26.60 29.26 -7.63
C LYS B 500 -27.20 30.35 -8.51
N SER B 501 -26.46 31.44 -8.65
CA SER B 501 -26.91 32.57 -9.46
C SER B 501 -26.82 32.21 -10.94
N LYS B 502 -27.97 32.00 -11.56
CA LYS B 502 -28.10 31.81 -12.99
C LYS B 502 -27.85 33.14 -13.71
N PRO B 503 -27.37 33.10 -14.95
CA PRO B 503 -27.00 34.36 -15.63
C PRO B 503 -28.21 35.18 -16.02
N GLY B 504 -28.00 36.48 -16.05
CA GLY B 504 -29.10 37.42 -16.14
C GLY B 504 -29.59 37.65 -17.55
N VAL B 505 -30.21 38.81 -17.73
CA VAL B 505 -30.85 39.16 -18.99
C VAL B 505 -29.81 39.41 -20.06
N PHE B 506 -28.98 40.42 -19.86
CA PHE B 506 -28.00 40.83 -20.86
C PHE B 506 -26.75 39.96 -20.75
N SER B 507 -26.94 38.67 -20.99
CA SER B 507 -25.86 37.70 -20.95
C SER B 507 -25.51 37.15 -22.32
N PHE B 508 -26.19 37.58 -23.36
CA PHE B 508 -25.85 37.12 -24.70
C PHE B 508 -24.57 37.77 -25.19
N LEU B 509 -24.31 39.01 -24.81
CA LEU B 509 -23.12 39.72 -25.23
C LEU B 509 -21.94 39.42 -24.33
N ASP B 510 -22.14 38.51 -23.37
CA ASP B 510 -21.09 38.13 -22.43
C ASP B 510 -19.77 37.61 -23.00
N PRO B 511 -19.69 36.77 -24.05
CA PRO B 511 -18.39 36.21 -24.42
C PRO B 511 -17.41 37.21 -25.01
N LEU B 512 -17.85 38.41 -25.34
CA LEU B 512 -16.96 39.45 -25.85
C LEU B 512 -16.94 40.59 -24.86
N ALA B 513 -15.75 41.15 -24.62
CA ALA B 513 -15.61 42.18 -23.62
C ALA B 513 -16.08 43.53 -24.13
N TYR B 514 -16.45 44.39 -23.16
CA TYR B 514 -17.12 45.65 -23.44
C TYR B 514 -16.27 46.58 -24.27
N GLU B 515 -14.96 46.52 -24.10
CA GLU B 515 -14.03 47.33 -24.88
C GLU B 515 -14.10 46.95 -26.35
N ILE B 516 -14.22 45.65 -26.61
CA ILE B 516 -14.33 45.17 -27.97
C ILE B 516 -15.64 45.63 -28.59
N TRP B 517 -16.72 45.61 -27.80
CA TRP B 517 -18.00 46.13 -28.29
C TRP B 517 -17.92 47.61 -28.62
N MET B 518 -17.18 48.37 -27.80
CA MET B 518 -16.99 49.80 -28.02
C MET B 518 -16.24 50.06 -29.32
N CYS B 519 -15.16 49.31 -29.55
CA CYS B 519 -14.41 49.47 -30.78
C CYS B 519 -15.22 49.03 -31.99
N ILE B 520 -16.11 48.05 -31.81
CA ILE B 520 -17.03 47.66 -32.88
C ILE B 520 -17.91 48.81 -33.30
N VAL B 521 -18.51 49.50 -32.33
CA VAL B 521 -19.41 50.61 -32.63
C VAL B 521 -18.65 51.74 -33.33
N PHE B 522 -17.44 52.03 -32.86
CA PHE B 522 -16.65 53.09 -33.46
C PHE B 522 -16.24 52.74 -34.88
N ALA B 523 -15.81 51.50 -35.10
CA ALA B 523 -15.42 51.08 -36.43
C ALA B 523 -16.59 51.04 -37.38
N TYR B 524 -17.77 50.68 -36.88
CA TYR B 524 -18.98 50.66 -37.68
C TYR B 524 -19.31 52.05 -38.21
N ILE B 525 -19.27 53.04 -37.31
CA ILE B 525 -19.52 54.42 -37.72
C ILE B 525 -18.46 54.87 -38.72
N GLY B 526 -17.20 54.56 -38.44
CA GLY B 526 -16.12 55.04 -39.29
C GLY B 526 -16.15 54.45 -40.68
N VAL B 527 -16.42 53.15 -40.77
CA VAL B 527 -16.49 52.49 -42.07
C VAL B 527 -17.64 53.04 -42.88
N SER B 528 -18.79 53.26 -42.25
CA SER B 528 -19.92 53.79 -43.00
C SER B 528 -19.65 55.21 -43.48
N VAL B 529 -18.97 56.03 -42.67
CA VAL B 529 -18.74 57.41 -43.06
C VAL B 529 -17.70 57.48 -44.18
N VAL B 530 -16.64 56.68 -44.09
CA VAL B 530 -15.61 56.68 -45.12
C VAL B 530 -16.18 56.17 -46.44
N LEU B 531 -17.06 55.16 -46.38
CA LEU B 531 -17.71 54.68 -47.58
C LEU B 531 -18.65 55.72 -48.15
N PHE B 532 -19.27 56.54 -47.29
CA PHE B 532 -20.02 57.68 -47.81
C PHE B 532 -19.12 58.68 -48.50
N LEU B 533 -17.92 58.87 -47.99
CA LEU B 533 -17.03 59.86 -48.56
C LEU B 533 -16.52 59.45 -49.93
N VAL B 534 -16.30 58.14 -50.12
CA VAL B 534 -15.74 57.67 -51.38
C VAL B 534 -16.71 57.91 -52.52
N SER B 535 -17.96 57.55 -52.35
CA SER B 535 -18.96 57.95 -53.31
C SER B 535 -19.37 59.39 -53.04
N ARG B 536 -20.28 59.89 -53.89
CA ARG B 536 -20.88 61.23 -53.79
C ARG B 536 -19.82 62.33 -53.80
N PHE B 537 -18.80 62.13 -54.61
CA PHE B 537 -17.59 62.92 -54.55
C PHE B 537 -17.39 63.63 -55.89
N SER B 538 -18.48 64.22 -56.38
CA SER B 538 -18.65 64.73 -57.74
C SER B 538 -18.21 63.70 -58.78
N PRO B 539 -18.98 62.62 -59.01
CA PRO B 539 -18.58 61.67 -60.05
C PRO B 539 -18.80 62.21 -61.46
N TYR B 540 -17.72 62.61 -62.11
CA TYR B 540 -17.79 63.02 -63.50
C TYR B 540 -16.74 62.26 -64.31
N GLN B 554 -27.40 63.61 -67.74
CA GLN B 554 -26.71 64.67 -67.02
C GLN B 554 -26.40 64.22 -65.60
N SER B 555 -26.40 62.90 -65.40
CA SER B 555 -26.16 62.32 -64.07
C SER B 555 -24.70 62.52 -63.72
N SER B 556 -24.44 63.54 -62.92
CA SER B 556 -23.09 63.87 -62.48
C SER B 556 -22.93 63.76 -60.98
N GLU B 557 -24.01 63.51 -60.24
CA GLU B 557 -23.93 63.27 -58.81
C GLU B 557 -24.71 62.06 -58.34
N SER B 558 -25.84 61.72 -58.97
CA SER B 558 -26.68 60.59 -58.57
C SER B 558 -26.31 59.31 -59.31
N THR B 559 -25.03 59.15 -59.66
CA THR B 559 -24.56 57.95 -60.32
C THR B 559 -24.74 56.72 -59.43
N ASN B 560 -24.47 56.86 -58.16
CA ASN B 560 -24.64 55.78 -57.20
C ASN B 560 -25.94 56.00 -56.42
N GLU B 561 -26.22 55.07 -55.52
CA GLU B 561 -27.38 55.16 -54.66
C GLU B 561 -26.95 55.28 -53.19
N PHE B 562 -25.65 55.39 -52.94
CA PHE B 562 -25.13 55.43 -51.57
C PHE B 562 -25.26 56.81 -50.98
N GLY B 563 -26.36 57.05 -50.29
CA GLY B 563 -26.43 58.12 -49.34
C GLY B 563 -25.73 57.71 -48.05
N ILE B 564 -25.65 58.67 -47.13
CA ILE B 564 -25.08 58.37 -45.81
C ILE B 564 -25.95 57.35 -45.09
N PHE B 565 -27.26 57.44 -45.26
CA PHE B 565 -28.13 56.49 -44.58
C PHE B 565 -28.12 55.15 -45.29
N ASN B 566 -27.97 55.13 -46.61
CA ASN B 566 -27.83 53.87 -47.31
C ASN B 566 -26.54 53.16 -46.94
N SER B 567 -25.46 53.92 -46.74
CA SER B 567 -24.21 53.30 -46.30
C SER B 567 -24.32 52.80 -44.88
N LEU B 568 -25.02 53.55 -44.02
CA LEU B 568 -25.31 53.10 -42.67
C LEU B 568 -26.12 51.82 -42.68
N TRP B 569 -27.00 51.67 -43.67
CA TRP B 569 -27.74 50.43 -43.82
C TRP B 569 -26.85 49.30 -44.32
N PHE B 570 -25.98 49.60 -45.29
CA PHE B 570 -25.18 48.58 -45.94
C PHE B 570 -24.17 47.97 -44.98
N SER B 571 -23.59 48.79 -44.11
CA SER B 571 -22.60 48.29 -43.18
C SER B 571 -23.23 47.32 -42.19
N LEU B 572 -24.37 47.72 -41.62
CA LEU B 572 -25.06 46.86 -40.68
C LEU B 572 -25.59 45.61 -41.36
N GLY B 573 -25.95 45.72 -42.63
CA GLY B 573 -26.38 44.53 -43.35
C GLY B 573 -25.24 43.56 -43.58
N ALA B 574 -24.09 44.09 -43.97
CA ALA B 574 -22.94 43.24 -44.20
C ALA B 574 -22.40 42.63 -42.92
N PHE B 575 -22.66 43.28 -41.78
CA PHE B 575 -22.11 42.75 -40.54
C PHE B 575 -22.81 41.47 -40.11
N MET B 576 -24.11 41.38 -40.32
CA MET B 576 -24.88 40.27 -39.79
C MET B 576 -25.35 39.29 -40.86
N GLN B 577 -24.47 38.99 -41.81
CA GLN B 577 -24.56 37.85 -42.72
C GLN B 577 -25.68 37.92 -43.75
N GLN B 578 -26.41 39.02 -43.87
CA GLN B 578 -27.34 39.18 -44.99
C GLN B 578 -26.98 40.43 -45.77
N GLY B 579 -26.41 40.24 -46.95
CA GLY B 579 -26.13 41.36 -47.82
C GLY B 579 -27.40 42.03 -48.32
N CYS B 580 -27.33 43.33 -48.48
CA CYS B 580 -28.47 44.11 -48.94
C CYS B 580 -28.55 44.03 -50.46
N ASP B 581 -29.43 44.84 -51.03
CA ASP B 581 -29.67 44.75 -52.46
C ASP B 581 -28.59 45.46 -53.26
N ILE B 582 -28.19 46.64 -52.80
CA ILE B 582 -27.21 47.44 -53.53
C ILE B 582 -25.82 46.89 -53.32
N SER B 583 -24.87 47.38 -54.11
CA SER B 583 -23.48 46.98 -54.09
C SER B 583 -22.68 48.23 -54.40
N PRO B 584 -21.41 48.29 -53.97
CA PRO B 584 -20.62 49.54 -54.13
C PRO B 584 -20.44 50.02 -55.56
N ARG B 585 -20.39 49.10 -56.54
CA ARG B 585 -20.55 49.36 -57.97
C ARG B 585 -19.37 50.13 -58.59
N SER B 586 -18.44 50.61 -57.78
CA SER B 586 -17.25 51.26 -58.29
C SER B 586 -16.07 50.90 -57.42
N LEU B 587 -14.88 51.25 -57.91
CA LEU B 587 -13.65 51.00 -57.19
C LEU B 587 -13.54 51.96 -56.01
N SER B 588 -12.66 51.58 -55.06
CA SER B 588 -12.14 52.38 -53.95
C SER B 588 -13.16 52.58 -52.84
N GLY B 589 -14.40 52.16 -53.05
CA GLY B 589 -15.29 52.02 -51.92
C GLY B 589 -15.26 50.54 -51.58
N ARG B 590 -14.83 49.78 -52.55
CA ARG B 590 -14.84 48.35 -52.35
C ARG B 590 -13.60 47.86 -51.63
N ILE B 591 -12.52 48.62 -51.65
CA ILE B 591 -11.41 48.23 -50.81
C ILE B 591 -11.61 48.83 -49.43
N VAL B 592 -12.74 49.51 -49.21
CA VAL B 592 -13.30 49.57 -47.87
C VAL B 592 -14.10 48.30 -47.58
N GLY B 593 -15.01 47.98 -48.50
CA GLY B 593 -16.00 46.95 -48.21
C GLY B 593 -15.43 45.55 -48.07
N GLY B 594 -14.38 45.26 -48.81
CA GLY B 594 -13.75 43.96 -48.69
C GLY B 594 -13.01 43.83 -47.37
N VAL B 595 -12.43 44.94 -46.90
CA VAL B 595 -11.79 44.92 -45.60
C VAL B 595 -12.84 44.77 -44.51
N TRP B 596 -13.99 45.39 -44.72
CA TRP B 596 -15.09 45.24 -43.77
C TRP B 596 -15.65 43.82 -43.81
N TRP B 597 -15.62 43.17 -44.97
CA TRP B 597 -16.01 41.78 -45.07
C TRP B 597 -15.03 40.87 -44.36
N PHE B 598 -13.73 41.15 -44.48
CA PHE B 598 -12.73 40.37 -43.79
C PHE B 598 -12.89 40.53 -42.27
N PHE B 599 -13.19 41.75 -41.86
CA PHE B 599 -13.47 42.05 -40.46
C PHE B 599 -14.67 41.28 -39.96
N THR B 600 -15.75 41.26 -40.72
CA THR B 600 -16.94 40.60 -40.22
C THR B 600 -16.83 39.10 -40.30
N LEU B 601 -15.89 38.57 -41.08
CA LEU B 601 -15.64 37.14 -41.00
C LEU B 601 -14.91 36.81 -39.70
N ILE B 602 -13.77 37.49 -39.49
CA ILE B 602 -12.92 37.15 -38.35
C ILE B 602 -13.57 37.47 -37.01
N ILE B 603 -14.48 38.44 -36.96
CA ILE B 603 -15.09 38.77 -35.68
C ILE B 603 -16.14 37.74 -35.29
N ILE B 604 -17.13 37.52 -36.16
CA ILE B 604 -18.25 36.72 -35.69
C ILE B 604 -17.91 35.24 -35.70
N SER B 605 -16.90 34.81 -36.48
CA SER B 605 -16.44 33.45 -36.31
C SER B 605 -15.80 33.27 -34.96
N SER B 606 -15.14 34.31 -34.46
CA SER B 606 -14.63 34.27 -33.10
C SER B 606 -15.75 34.41 -32.09
N TYR B 607 -16.86 35.03 -32.47
CA TYR B 607 -17.99 35.18 -31.56
C TYR B 607 -18.62 33.84 -31.29
N THR B 608 -18.92 33.09 -32.34
CA THR B 608 -19.77 31.92 -32.21
C THR B 608 -18.98 30.65 -31.97
N ALA B 609 -17.82 30.76 -31.33
CA ALA B 609 -17.01 29.58 -31.09
C ALA B 609 -17.62 28.69 -30.03
N ASN B 610 -17.88 29.24 -28.86
CA ASN B 610 -18.33 28.46 -27.72
C ASN B 610 -19.45 29.18 -26.99
N LEU B 611 -20.44 29.66 -27.75
CA LEU B 611 -21.49 30.51 -27.20
C LEU B 611 -22.34 29.78 -26.19
N ALA B 612 -22.58 28.48 -26.40
CA ALA B 612 -23.47 27.71 -25.54
C ALA B 612 -22.89 27.52 -24.15
N ALA B 613 -21.58 27.56 -24.01
CA ALA B 613 -20.98 27.52 -22.68
C ALA B 613 -21.21 28.81 -21.91
N PHE B 614 -21.52 29.91 -22.59
CA PHE B 614 -21.71 31.19 -21.93
C PHE B 614 -23.14 31.46 -21.53
N LEU B 615 -24.08 30.58 -21.86
CA LEU B 615 -25.45 30.82 -21.45
C LEU B 615 -25.92 29.84 -20.40
N THR B 616 -25.06 28.92 -19.97
CA THR B 616 -25.29 28.04 -18.82
C THR B 616 -24.02 28.05 -17.99
N VAL B 617 -23.93 28.94 -17.02
CA VAL B 617 -22.71 29.04 -16.23
C VAL B 617 -22.96 28.76 -14.76
N GLU B 618 -23.81 29.56 -14.10
CA GLU B 618 -24.22 29.41 -12.70
C GLU B 618 -23.01 29.45 -11.76
N ARG B 619 -22.38 30.62 -11.71
CA ARG B 619 -21.33 30.85 -10.72
C ARG B 619 -21.92 31.45 -9.46
N MET B 620 -21.12 31.43 -8.38
CA MET B 620 -21.59 31.82 -7.06
C MET B 620 -21.31 33.29 -6.78
N VAL B 621 -21.75 33.77 -5.62
CA VAL B 621 -21.77 35.19 -5.32
C VAL B 621 -20.72 35.58 -4.30
N SER B 622 -20.56 34.81 -3.20
CA SER B 622 -19.53 34.95 -2.17
C SER B 622 -19.46 36.35 -1.56
N PRO B 623 -20.37 36.70 -0.63
CA PRO B 623 -20.41 38.09 -0.11
C PRO B 623 -19.14 38.55 0.58
N ILE B 624 -18.57 37.78 1.49
CA ILE B 624 -17.39 38.20 2.23
C ILE B 624 -16.36 37.07 2.27
N GLU B 625 -15.08 37.45 2.26
CA GLU B 625 -14.07 36.39 2.39
C GLU B 625 -13.00 36.63 3.44
N SER B 626 -12.50 37.85 3.58
CA SER B 626 -11.42 38.17 4.51
C SER B 626 -12.00 39.22 5.43
N ALA B 627 -12.64 38.74 6.50
CA ALA B 627 -14.00 39.14 6.84
C ALA B 627 -14.27 40.62 6.75
N GLU B 628 -13.84 41.41 7.74
CA GLU B 628 -13.64 42.87 7.71
C GLU B 628 -14.88 43.70 7.37
N ASP B 629 -15.86 43.11 6.70
CA ASP B 629 -17.20 43.65 6.65
C ASP B 629 -17.96 43.20 7.87
N LEU B 630 -17.50 42.12 8.49
CA LEU B 630 -17.97 41.82 9.83
C LEU B 630 -17.55 42.89 10.83
N SER B 631 -16.49 43.64 10.52
CA SER B 631 -16.27 44.91 11.21
C SER B 631 -17.16 46.00 10.62
N LYS B 632 -17.26 46.09 9.29
CA LYS B 632 -17.84 47.29 8.67
C LYS B 632 -19.36 47.34 8.81
N GLN B 633 -20.08 46.39 8.22
CA GLN B 633 -21.53 46.44 8.28
C GLN B 633 -22.02 46.01 9.67
N THR B 634 -23.31 46.19 9.88
CA THR B 634 -23.99 45.73 11.09
C THR B 634 -24.93 44.58 10.83
N GLU B 635 -25.06 44.13 9.58
CA GLU B 635 -26.17 43.27 9.21
C GLU B 635 -25.97 41.82 9.63
N ILE B 636 -24.95 41.18 9.11
CA ILE B 636 -24.75 39.76 9.37
C ILE B 636 -23.99 39.62 10.68
N ALA B 637 -24.55 38.84 11.60
CA ALA B 637 -23.91 38.64 12.89
C ALA B 637 -22.84 37.56 12.78
N TYR B 638 -22.08 37.40 13.86
CA TYR B 638 -21.04 36.40 13.97
C TYR B 638 -20.66 36.23 15.43
N GLY B 639 -20.38 35.00 15.82
CA GLY B 639 -19.98 34.70 17.18
C GLY B 639 -19.16 33.42 17.22
N THR B 640 -18.63 33.13 18.40
CA THR B 640 -17.78 31.97 18.62
C THR B 640 -18.40 31.07 19.68
N LEU B 641 -17.63 30.06 20.07
CA LEU B 641 -18.01 29.15 21.13
C LEU B 641 -17.73 29.78 22.49
N ASP B 642 -18.53 29.41 23.49
CA ASP B 642 -18.20 29.77 24.86
C ASP B 642 -17.01 28.97 25.36
N SER B 643 -16.30 29.57 26.32
CA SER B 643 -15.11 28.98 26.97
C SER B 643 -14.03 28.62 25.96
N GLY B 644 -13.88 29.45 24.94
CA GLY B 644 -13.07 29.11 23.79
C GLY B 644 -11.72 29.79 23.77
N SER B 645 -10.75 29.07 23.21
CA SER B 645 -9.43 29.66 23.03
C SER B 645 -9.46 30.77 22.01
N THR B 646 -10.31 30.65 20.99
CA THR B 646 -10.48 31.75 20.04
C THR B 646 -11.21 32.92 20.71
N LYS B 647 -12.14 32.61 21.61
CA LYS B 647 -12.81 33.63 22.39
C LYS B 647 -11.83 34.40 23.26
N GLU B 648 -10.80 33.75 23.76
CA GLU B 648 -9.76 34.47 24.48
C GLU B 648 -8.76 35.14 23.53
N PHE B 649 -8.57 34.55 22.36
CA PHE B 649 -7.68 35.10 21.34
C PHE B 649 -8.16 36.47 20.89
N PHE B 650 -9.46 36.63 20.72
CA PHE B 650 -9.97 37.96 20.41
C PHE B 650 -9.96 38.88 21.62
N ARG B 651 -10.03 38.30 22.82
CA ARG B 651 -9.98 39.13 24.01
C ARG B 651 -8.61 39.73 24.22
N ARG B 652 -7.56 39.00 23.83
CA ARG B 652 -6.20 39.44 24.05
C ARG B 652 -5.53 39.91 22.76
N SER B 653 -6.26 39.92 21.64
CA SER B 653 -5.67 40.34 20.37
C SER B 653 -5.40 41.84 20.36
N LYS B 654 -4.52 42.24 19.43
CA LYS B 654 -4.03 43.61 19.37
C LYS B 654 -4.19 44.28 18.01
N ILE B 655 -4.50 43.51 16.97
CA ILE B 655 -4.74 44.09 15.64
C ILE B 655 -6.04 44.88 15.70
N ALA B 656 -6.09 46.01 14.98
CA ALA B 656 -7.20 46.95 15.13
C ALA B 656 -8.50 46.39 14.58
N VAL B 657 -8.41 45.63 13.49
CA VAL B 657 -9.61 45.01 12.93
C VAL B 657 -10.15 43.95 13.89
N PHE B 658 -9.24 43.20 14.53
CA PHE B 658 -9.66 42.23 15.53
C PHE B 658 -10.20 42.93 16.77
N ASP B 659 -9.70 44.12 17.06
CA ASP B 659 -10.19 44.89 18.20
C ASP B 659 -11.61 45.34 17.95
N LYS B 660 -11.90 45.78 16.72
CA LYS B 660 -13.26 46.16 16.37
C LYS B 660 -14.18 44.95 16.38
N MET B 661 -13.65 43.79 15.98
CA MET B 661 -14.40 42.54 16.06
C MET B 661 -14.76 42.20 17.50
N TRP B 662 -13.77 42.20 18.40
CA TRP B 662 -14.02 41.87 19.79
C TRP B 662 -14.87 42.92 20.48
N THR B 663 -14.80 44.17 20.01
CA THR B 663 -15.70 45.21 20.50
C THR B 663 -17.14 44.87 20.16
N TYR B 664 -17.40 44.43 18.92
CA TYR B 664 -18.74 43.99 18.58
C TYR B 664 -19.14 42.72 19.34
N MET B 665 -18.17 41.83 19.57
CA MET B 665 -18.43 40.60 20.30
C MET B 665 -18.86 40.87 21.73
N ARG B 666 -18.23 41.85 22.38
CA ARG B 666 -18.61 42.16 23.75
C ARG B 666 -19.83 43.07 23.83
N SER B 667 -20.10 43.86 22.79
CA SER B 667 -21.30 44.66 22.74
C SER B 667 -22.46 43.95 22.04
N ALA B 668 -22.34 42.65 21.83
CA ALA B 668 -23.38 41.88 21.15
C ALA B 668 -24.63 41.76 22.02
N GLU B 669 -25.76 42.25 21.50
CA GLU B 669 -27.05 42.14 22.17
C GLU B 669 -28.08 41.61 21.18
N PRO B 670 -28.60 40.38 21.38
CA PRO B 670 -28.29 39.40 22.42
C PRO B 670 -27.02 38.60 22.15
N SER B 671 -26.95 37.41 22.73
CA SER B 671 -25.74 36.60 22.67
C SER B 671 -25.47 36.11 21.25
N VAL B 672 -24.34 36.54 20.69
CA VAL B 672 -23.76 35.85 19.55
C VAL B 672 -22.93 34.65 20.01
N PHE B 673 -22.67 34.56 21.31
CA PHE B 673 -21.96 33.43 21.86
C PHE B 673 -22.91 32.25 21.96
N VAL B 674 -22.42 31.07 21.59
CA VAL B 674 -23.19 29.84 21.72
C VAL B 674 -22.37 28.84 22.50
N ARG B 675 -23.07 27.87 23.07
CA ARG B 675 -22.45 26.96 24.02
C ARG B 675 -21.87 25.71 23.38
N THR B 676 -22.49 25.18 22.32
CA THR B 676 -22.01 23.96 21.71
C THR B 676 -21.91 24.11 20.19
N THR B 677 -21.20 23.13 19.62
CA THR B 677 -20.84 23.16 18.21
C THR B 677 -22.06 23.05 17.32
N ALA B 678 -22.90 22.04 17.56
CA ALA B 678 -24.09 21.85 16.76
C ALA B 678 -25.11 22.96 17.00
N GLU B 679 -25.09 23.57 18.18
CA GLU B 679 -25.87 24.78 18.44
C GLU B 679 -25.50 25.88 17.46
N GLY B 680 -24.19 26.15 17.33
CA GLY B 680 -23.75 27.15 16.37
C GLY B 680 -24.04 26.79 14.92
N VAL B 681 -23.90 25.49 14.59
CA VAL B 681 -24.17 25.04 13.22
C VAL B 681 -25.64 25.22 12.87
N ALA B 682 -26.52 24.81 13.78
CA ALA B 682 -27.95 24.98 13.55
C ALA B 682 -28.35 26.44 13.56
N ARG B 683 -27.64 27.27 14.32
CA ARG B 683 -27.93 28.70 14.29
C ARG B 683 -27.58 29.31 12.94
N VAL B 684 -26.44 28.90 12.37
CA VAL B 684 -26.05 29.38 11.05
C VAL B 684 -27.03 28.86 10.00
N ARG B 685 -27.50 27.62 10.16
CA ARG B 685 -28.45 27.05 9.20
C ARG B 685 -29.79 27.76 9.23
N LYS B 686 -30.27 28.09 10.41
CA LYS B 686 -31.59 28.69 10.51
C LYS B 686 -31.56 30.20 10.37
N SER B 687 -30.39 30.82 10.49
CA SER B 687 -30.31 32.28 10.43
C SER B 687 -30.55 32.82 9.03
N LYS B 688 -30.37 31.98 8.01
CA LYS B 688 -30.54 32.32 6.60
C LYS B 688 -29.65 33.50 6.21
N GLY B 689 -28.35 33.36 6.48
CA GLY B 689 -27.40 34.38 6.09
C GLY B 689 -27.36 35.59 6.98
N LYS B 690 -27.72 35.45 8.24
CA LYS B 690 -27.66 36.56 9.17
C LYS B 690 -26.67 36.32 10.30
N TYR B 691 -26.08 35.14 10.39
CA TYR B 691 -25.18 34.83 11.49
C TYR B 691 -24.03 33.99 10.96
N ALA B 692 -22.83 34.58 10.93
CA ALA B 692 -21.63 33.85 10.57
C ALA B 692 -21.13 33.06 11.76
N TYR B 693 -20.01 32.37 11.58
CA TYR B 693 -19.50 31.54 12.66
C TYR B 693 -17.99 31.43 12.52
N LEU B 694 -17.32 31.26 13.66
CA LEU B 694 -15.88 31.08 13.69
C LEU B 694 -15.55 29.77 14.39
N LEU B 695 -14.76 28.94 13.72
CA LEU B 695 -14.22 27.74 14.35
C LEU B 695 -12.89 27.40 13.67
N GLU B 696 -12.44 26.16 13.88
CA GLU B 696 -11.17 25.69 13.37
C GLU B 696 -11.38 24.88 12.10
N SER B 697 -10.43 25.03 11.17
CA SER B 697 -10.63 24.69 9.77
C SER B 697 -10.88 23.20 9.53
N THR B 698 -10.37 22.34 10.39
CA THR B 698 -10.62 20.90 10.24
C THR B 698 -12.09 20.59 10.42
N MET B 699 -12.69 21.16 11.46
CA MET B 699 -14.13 21.01 11.66
C MET B 699 -14.89 21.70 10.53
N ASN B 700 -14.35 22.80 10.01
CA ASN B 700 -15.02 23.53 8.93
C ASN B 700 -15.13 22.67 7.68
N GLU B 701 -14.02 22.10 7.24
CA GLU B 701 -14.08 21.28 6.03
C GLU B 701 -14.76 19.94 6.29
N TYR B 702 -14.73 19.44 7.53
CA TYR B 702 -15.43 18.19 7.80
C TYR B 702 -16.94 18.39 7.70
N ILE B 703 -17.45 19.46 8.30
CA ILE B 703 -18.88 19.75 8.17
C ILE B 703 -19.22 20.17 6.74
N GLU B 704 -18.25 20.75 6.03
CA GLU B 704 -18.44 21.05 4.61
C GLU B 704 -18.57 19.78 3.78
N GLN B 705 -17.97 18.69 4.22
CA GLN B 705 -18.17 17.41 3.55
C GLN B 705 -19.26 16.57 4.21
N ARG B 706 -20.29 17.21 4.74
CA ARG B 706 -21.45 16.49 5.26
C ARG B 706 -22.70 16.88 4.49
N LYS B 707 -23.68 16.04 4.58
CA LYS B 707 -24.97 16.36 4.01
C LYS B 707 -25.71 17.33 4.94
N PRO B 708 -26.48 18.27 4.40
CA PRO B 708 -26.78 18.49 2.98
C PRO B 708 -25.98 19.61 2.32
N CYS B 709 -24.67 19.69 2.59
CA CYS B 709 -23.76 20.64 1.94
C CYS B 709 -24.18 22.10 2.12
N ASP B 710 -24.85 22.41 3.22
CA ASP B 710 -25.39 23.75 3.39
C ASP B 710 -24.39 24.71 4.02
N THR B 711 -23.19 24.27 4.32
CA THR B 711 -22.13 25.11 4.88
C THR B 711 -21.12 25.46 3.79
N MET B 712 -20.34 26.51 4.05
CA MET B 712 -19.29 26.91 3.12
C MET B 712 -18.20 27.66 3.86
N LYS B 713 -16.96 27.22 3.67
CA LYS B 713 -15.80 27.97 4.11
C LYS B 713 -15.58 29.15 3.18
N VAL B 714 -15.22 30.30 3.76
CA VAL B 714 -14.79 31.44 2.95
C VAL B 714 -13.41 31.88 3.41
N GLY B 715 -12.68 32.49 2.47
CA GLY B 715 -11.38 33.09 2.73
C GLY B 715 -10.28 32.16 3.21
N GLY B 716 -9.15 32.74 3.54
CA GLY B 716 -8.06 31.99 4.12
C GLY B 716 -8.18 31.90 5.63
N ASN B 717 -7.11 31.46 6.25
CA ASN B 717 -7.10 31.33 7.69
C ASN B 717 -6.64 32.65 8.33
N LEU B 718 -6.48 32.64 9.64
CA LEU B 718 -6.07 33.82 10.38
C LEU B 718 -4.80 33.63 11.18
N ASP B 719 -4.39 32.40 11.44
CA ASP B 719 -3.18 32.11 12.21
C ASP B 719 -2.77 30.68 11.90
N SER B 720 -1.85 30.14 12.70
CA SER B 720 -1.47 28.73 12.61
C SER B 720 -1.46 28.16 14.01
N LYS B 721 -2.37 27.23 14.28
CA LYS B 721 -2.42 26.58 15.57
C LYS B 721 -2.40 25.07 15.37
N GLY B 722 -2.08 24.37 16.46
CA GLY B 722 -1.99 22.92 16.40
C GLY B 722 -2.50 22.19 17.62
N TYR B 723 -3.08 21.02 17.41
CA TYR B 723 -3.51 20.17 18.50
C TYR B 723 -2.32 19.40 19.06
N GLY B 724 -2.33 19.17 20.36
CA GLY B 724 -1.27 18.42 21.00
C GLY B 724 -1.83 17.53 22.09
N ILE B 725 -1.02 16.55 22.49
CA ILE B 725 -1.40 15.66 23.57
C ILE B 725 -1.15 16.38 24.88
N ALA B 726 -2.16 16.39 25.75
CA ALA B 726 -2.12 17.13 27.00
C ALA B 726 -1.89 16.19 28.17
N THR B 727 -0.85 16.47 28.95
CA THR B 727 -0.57 15.74 30.18
C THR B 727 -0.48 16.72 31.33
N PRO B 728 -0.82 16.30 32.55
CA PRO B 728 -0.55 17.13 33.73
C PRO B 728 0.94 17.29 33.96
N LYS B 729 1.30 18.42 34.55
CA LYS B 729 2.68 18.85 34.61
C LYS B 729 3.48 17.96 35.58
N GLY B 730 4.72 17.69 35.20
CA GLY B 730 5.63 16.93 36.03
C GLY B 730 5.45 15.43 35.99
N SER B 731 4.56 14.92 35.14
CA SER B 731 4.32 13.49 35.07
C SER B 731 5.48 12.77 34.41
N SER B 732 5.44 11.44 34.47
CA SER B 732 6.45 10.62 33.83
C SER B 732 6.04 10.18 32.43
N LEU B 733 4.87 10.59 31.96
CA LEU B 733 4.41 10.18 30.65
C LEU B 733 4.73 11.17 29.55
N GLY B 734 5.55 12.18 29.84
CA GLY B 734 5.87 13.20 28.86
C GLY B 734 6.74 12.70 27.73
N THR B 735 7.95 12.26 28.07
CA THR B 735 8.87 11.75 27.06
C THR B 735 8.41 10.52 26.27
N PRO B 736 7.64 9.54 26.79
CA PRO B 736 7.18 8.49 25.87
C PRO B 736 6.19 8.97 24.83
N VAL B 737 5.28 9.87 25.20
CA VAL B 737 4.39 10.46 24.21
C VAL B 737 5.18 11.31 23.22
N ASN B 738 6.18 12.03 23.74
CA ASN B 738 7.04 12.87 22.90
C ASN B 738 7.80 12.02 21.89
N LEU B 739 8.18 10.81 22.26
CA LEU B 739 8.83 9.95 21.29
C LEU B 739 7.86 9.18 20.42
N ALA B 740 6.61 9.02 20.85
CA ALA B 740 5.68 8.17 20.11
C ALA B 740 4.98 8.93 18.97
N VAL B 741 4.63 10.19 19.23
CA VAL B 741 3.95 11.00 18.22
C VAL B 741 4.84 11.20 17.02
N LEU B 742 6.15 11.31 17.24
CA LEU B 742 7.09 11.44 16.15
C LEU B 742 7.19 10.16 15.33
N LYS B 743 7.03 9.00 15.96
CA LYS B 743 7.00 7.75 15.20
C LYS B 743 5.81 7.73 14.27
N LEU B 744 4.66 8.17 14.76
CA LEU B 744 3.47 8.19 13.91
C LEU B 744 3.61 9.19 12.76
N SER B 745 4.22 10.35 13.05
CA SER B 745 4.45 11.34 12.00
C SER B 745 5.49 10.87 10.99
N GLU B 746 6.45 10.07 11.44
CA GLU B 746 7.47 9.57 10.56
C GLU B 746 6.94 8.50 9.63
N GLN B 747 6.07 7.63 10.14
CA GLN B 747 5.58 6.51 9.36
C GLN B 747 4.25 6.79 8.67
N GLY B 748 3.72 8.01 8.80
CA GLY B 748 2.58 8.34 7.97
C GLY B 748 1.27 7.80 8.49
N VAL B 749 1.28 7.30 9.71
CA VAL B 749 0.08 6.80 10.35
C VAL B 749 -0.93 7.91 10.53
N LEU B 750 -0.45 9.13 10.81
CA LEU B 750 -1.33 10.29 10.89
C LEU B 750 -1.99 10.59 9.55
N ASP B 751 -1.23 10.46 8.46
CA ASP B 751 -1.79 10.64 7.12
C ASP B 751 -2.86 9.60 6.83
N LYS B 752 -2.59 8.35 7.20
CA LYS B 752 -3.53 7.28 6.94
C LYS B 752 -4.82 7.48 7.74
N LEU B 753 -4.70 7.91 8.99
CA LEU B 753 -5.87 8.16 9.81
C LEU B 753 -6.66 9.37 9.33
N LYS B 754 -5.95 10.41 8.87
CA LYS B 754 -6.62 11.60 8.37
C LYS B 754 -7.36 11.30 7.07
N ASN B 755 -6.77 10.47 6.23
CA ASN B 755 -7.46 10.03 5.02
C ASN B 755 -8.69 9.20 5.36
N LYS B 756 -8.57 8.32 6.36
CA LYS B 756 -9.69 7.47 6.75
C LYS B 756 -10.84 8.30 7.31
N TRP B 757 -10.55 9.29 8.13
CA TRP B 757 -11.61 10.01 8.83
C TRP B 757 -11.95 11.34 8.21
N TRP B 758 -11.38 11.70 7.06
CA TRP B 758 -11.94 12.81 6.31
C TRP B 758 -12.21 12.51 4.85
N TYR B 759 -11.33 11.75 4.19
CA TYR B 759 -11.42 11.72 2.75
C TYR B 759 -12.08 10.46 2.21
N ASP B 760 -12.10 9.38 2.99
CA ASP B 760 -12.82 8.19 2.58
C ASP B 760 -14.32 8.31 2.77
N LYS B 761 -14.78 9.34 3.47
CA LYS B 761 -16.20 9.60 3.65
C LYS B 761 -16.63 10.85 2.89
N GLY B 762 -16.12 11.02 1.68
CA GLY B 762 -16.67 12.01 0.78
C GLY B 762 -18.05 11.60 0.33
N GLU B 763 -19.06 12.28 0.87
CA GLU B 763 -20.45 11.86 0.71
C GLU B 763 -21.25 12.87 -0.09
N CYS B 764 -21.25 14.12 0.31
CA CYS B 764 -22.24 15.09 -0.13
C CYS B 764 -21.73 15.81 -1.37
N GLY B 765 -22.38 15.52 -2.50
CA GLY B 765 -22.36 16.41 -3.65
C GLY B 765 -21.06 16.67 -4.36
N ALA B 766 -20.51 17.87 -4.12
CA ALA B 766 -19.53 18.49 -5.02
C ALA B 766 -18.22 17.71 -5.09
N LYS B 767 -17.84 17.03 -4.01
CA LYS B 767 -16.60 16.25 -4.02
C LYS B 767 -16.69 15.09 -5.01
N ASP B 768 -17.84 14.44 -5.08
CA ASP B 768 -17.99 13.30 -5.95
C ASP B 768 -18.41 13.73 -7.36
N SER B 769 -19.35 14.65 -7.45
CA SER B 769 -19.97 15.04 -8.71
C SER B 769 -19.34 16.28 -9.34
N GLY B 770 -18.24 16.77 -8.81
CA GLY B 770 -17.61 17.94 -9.40
C GLY B 770 -16.79 17.69 -10.64
N SER B 771 -16.52 16.43 -10.96
CA SER B 771 -15.67 16.07 -12.09
C SER B 771 -16.44 15.28 -13.14
N LYS B 772 -17.74 15.54 -13.27
CA LYS B 772 -18.58 14.88 -14.26
C LYS B 772 -19.03 15.91 -15.30
N GLU B 773 -19.83 15.45 -16.26
CA GLU B 773 -20.19 16.27 -17.40
C GLU B 773 -21.59 15.92 -17.87
N LYS B 774 -22.39 16.96 -18.11
CA LYS B 774 -23.67 16.85 -18.79
C LYS B 774 -23.59 17.71 -20.03
N THR B 775 -24.32 17.33 -21.08
CA THR B 775 -24.08 18.00 -22.34
C THR B 775 -24.77 19.36 -22.39
N SER B 776 -26.10 19.36 -22.55
CA SER B 776 -26.94 20.55 -22.60
C SER B 776 -28.39 20.17 -22.84
N ALA B 777 -29.27 21.13 -22.58
CA ALA B 777 -30.59 21.24 -23.17
C ALA B 777 -31.03 22.67 -22.96
N LEU B 778 -31.20 23.42 -24.04
CA LEU B 778 -31.49 24.84 -23.92
C LEU B 778 -32.93 25.09 -23.53
N SER B 779 -33.14 25.82 -22.45
CA SER B 779 -34.45 26.19 -21.98
C SER B 779 -34.69 27.66 -22.26
N LEU B 780 -35.95 28.06 -22.13
CA LEU B 780 -36.34 29.43 -22.44
C LEU B 780 -35.79 30.42 -21.41
N SER B 781 -35.51 29.96 -20.19
CA SER B 781 -34.98 30.85 -19.17
C SER B 781 -33.60 31.35 -19.51
N ASN B 782 -32.87 30.63 -20.36
CA ASN B 782 -31.61 31.14 -20.84
C ASN B 782 -31.81 32.29 -21.81
N VAL B 783 -32.71 32.14 -22.76
CA VAL B 783 -32.89 33.11 -23.83
C VAL B 783 -34.22 33.80 -23.58
N ALA B 784 -34.18 34.91 -22.89
CA ALA B 784 -35.39 35.70 -22.70
C ALA B 784 -35.20 37.16 -23.08
N GLY B 785 -34.03 37.72 -22.78
CA GLY B 785 -33.74 39.09 -23.14
C GLY B 785 -33.70 39.33 -24.62
N VAL B 786 -33.40 38.30 -25.40
CA VAL B 786 -33.42 38.41 -26.85
C VAL B 786 -34.83 38.66 -27.34
N PHE B 787 -35.80 37.89 -26.83
CA PHE B 787 -37.20 38.13 -27.14
C PHE B 787 -37.65 39.48 -26.63
N TYR B 788 -37.14 39.90 -25.47
CA TYR B 788 -37.50 41.19 -24.91
C TYR B 788 -37.09 42.32 -25.84
N ILE B 789 -35.84 42.25 -26.33
CA ILE B 789 -35.32 43.23 -27.28
C ILE B 789 -36.12 43.20 -28.57
N LEU B 790 -36.50 42.01 -29.01
CA LEU B 790 -37.30 41.87 -30.24
C LEU B 790 -38.63 42.58 -30.14
N VAL B 791 -39.36 42.34 -29.05
CA VAL B 791 -40.68 42.92 -28.90
C VAL B 791 -40.59 44.43 -28.68
N GLY B 792 -39.59 44.87 -27.91
CA GLY B 792 -39.40 46.29 -27.70
C GLY B 792 -39.05 47.04 -28.97
N GLY B 793 -38.26 46.41 -29.85
CA GLY B 793 -37.97 47.01 -31.12
C GLY B 793 -39.18 47.11 -32.02
N LEU B 794 -40.07 46.11 -31.94
CA LEU B 794 -41.33 46.18 -32.66
C LEU B 794 -42.13 47.40 -32.25
N GLY B 795 -42.27 47.59 -30.93
CA GLY B 795 -43.03 48.73 -30.43
C GLY B 795 -42.39 50.05 -30.81
N LEU B 796 -41.05 50.12 -30.80
CA LEU B 796 -40.36 51.34 -31.15
C LEU B 796 -40.57 51.70 -32.62
N ALA B 797 -40.45 50.70 -33.51
CA ALA B 797 -40.63 50.95 -34.94
C ALA B 797 -42.06 51.39 -35.25
N MET B 798 -43.03 50.77 -34.56
CA MET B 798 -44.42 51.14 -34.76
C MET B 798 -44.68 52.58 -34.32
N LEU B 799 -44.10 52.97 -33.18
CA LEU B 799 -44.22 54.33 -32.70
C LEU B 799 -43.60 55.33 -33.67
N VAL B 800 -42.47 54.95 -34.28
CA VAL B 800 -41.81 55.81 -35.25
C VAL B 800 -42.72 56.07 -36.45
N ALA B 801 -43.36 55.01 -36.95
CA ALA B 801 -44.24 55.19 -38.09
C ALA B 801 -45.47 56.01 -37.73
N LEU B 802 -45.97 55.87 -36.50
CA LEU B 802 -47.13 56.64 -36.09
C LEU B 802 -46.81 58.13 -36.05
N ILE B 803 -45.64 58.50 -35.52
CA ILE B 803 -45.33 59.93 -35.52
C ILE B 803 -44.92 60.42 -36.91
N GLU B 804 -44.47 59.52 -37.78
CA GLU B 804 -44.23 59.91 -39.16
C GLU B 804 -45.53 60.27 -39.86
N PHE B 805 -46.56 59.44 -39.69
CA PHE B 805 -47.86 59.75 -40.27
C PHE B 805 -48.50 60.95 -39.59
N CYS B 806 -48.16 61.19 -38.31
CA CYS B 806 -48.64 62.38 -37.62
C CYS B 806 -48.03 63.65 -38.22
N TYR B 807 -46.73 63.62 -38.50
CA TYR B 807 -46.09 64.81 -39.04
C TYR B 807 -46.47 65.05 -40.49
N LYS B 808 -46.51 63.99 -41.30
CA LYS B 808 -46.89 64.16 -42.70
C LYS B 808 -48.40 63.95 -42.86
N SER B 809 -49.15 64.72 -42.07
CA SER B 809 -50.58 64.90 -42.27
C SER B 809 -50.85 66.39 -42.27
N ARG B 810 -50.01 67.13 -41.53
CA ARG B 810 -50.04 68.57 -41.57
C ARG B 810 -49.13 69.05 -42.69
N LEU B 821 -30.56 69.80 -43.81
CA LEU B 821 -31.24 70.51 -42.73
C LEU B 821 -32.02 71.72 -43.23
N PHE B 822 -32.41 72.56 -42.29
CA PHE B 822 -33.15 73.77 -42.59
C PHE B 822 -32.18 74.94 -42.72
N ASP B 823 -32.43 75.80 -43.72
CA ASP B 823 -31.61 76.98 -44.02
C ASP B 823 -30.15 76.61 -44.28
N ARG B 824 -29.96 76.00 -45.45
CA ARG B 824 -28.67 76.02 -46.13
C ARG B 824 -28.13 77.44 -46.10
N GLY B 825 -26.98 77.62 -45.45
CA GLY B 825 -26.83 78.81 -44.64
C GLY B 825 -26.43 78.38 -43.23
N VAL B 826 -27.35 78.41 -42.26
CA VAL B 826 -27.07 78.14 -40.85
C VAL B 826 -26.49 76.75 -40.57
N GLN B 827 -26.50 75.85 -41.57
CA GLN B 827 -25.63 74.68 -41.52
C GLN B 827 -24.17 75.06 -41.33
N MET B 828 -23.73 76.19 -41.90
CA MET B 828 -22.38 76.67 -41.68
C MET B 828 -22.17 77.05 -40.21
N LEU B 829 -23.17 77.70 -39.60
CA LEU B 829 -23.14 77.98 -38.17
C LEU B 829 -23.05 76.69 -37.36
N LEU B 830 -23.85 75.69 -37.75
CA LEU B 830 -23.88 74.42 -37.04
C LEU B 830 -22.54 73.70 -37.14
N THR B 831 -21.92 73.70 -38.32
CA THR B 831 -20.67 72.99 -38.46
C THR B 831 -19.50 73.75 -37.83
N THR B 832 -19.56 75.09 -37.78
CA THR B 832 -18.50 75.80 -37.09
C THR B 832 -18.58 75.63 -35.58
N VAL B 833 -19.79 75.66 -35.01
CA VAL B 833 -19.89 75.44 -33.58
C VAL B 833 -19.61 73.98 -33.25
N GLY B 834 -19.89 73.07 -34.18
CA GLY B 834 -19.54 71.68 -33.95
C GLY B 834 -18.05 71.43 -34.01
N ALA B 835 -17.35 72.13 -34.91
CA ALA B 835 -15.90 71.99 -35.00
C ALA B 835 -15.21 72.55 -33.75
N PHE B 836 -15.71 73.69 -33.24
CA PHE B 836 -15.14 74.22 -32.00
C PHE B 836 -15.44 73.32 -30.81
N ALA B 837 -16.66 72.81 -30.70
CA ALA B 837 -17.02 71.94 -29.60
C ALA B 837 -16.29 70.62 -29.66
N ALA B 838 -15.93 70.18 -30.87
CA ALA B 838 -15.09 69.00 -31.00
C ALA B 838 -13.67 69.29 -30.56
N PHE B 839 -13.09 70.39 -31.06
CA PHE B 839 -11.67 70.65 -30.87
C PHE B 839 -11.35 70.98 -29.41
N SER B 840 -12.17 71.82 -28.78
CA SER B 840 -11.92 72.20 -27.40
C SER B 840 -12.02 71.02 -26.46
N LEU B 841 -13.07 70.22 -26.63
CA LEU B 841 -13.26 69.07 -25.76
C LEU B 841 -12.23 67.98 -26.05
N MET B 842 -11.74 67.91 -27.28
CA MET B 842 -10.65 66.98 -27.61
C MET B 842 -9.36 67.38 -26.89
N THR B 843 -9.05 68.67 -26.90
CA THR B 843 -7.85 69.15 -26.22
C THR B 843 -7.96 68.99 -24.71
N ILE B 844 -9.15 69.23 -24.16
CA ILE B 844 -9.42 68.98 -22.75
C ILE B 844 -9.23 67.51 -22.44
N ALA B 845 -9.71 66.62 -23.31
CA ALA B 845 -9.56 65.19 -23.11
C ALA B 845 -8.11 64.76 -23.16
N VAL B 846 -7.30 65.42 -23.98
CA VAL B 846 -5.87 65.09 -24.04
C VAL B 846 -5.19 65.52 -22.75
N GLY B 847 -5.26 66.81 -22.42
CA GLY B 847 -4.55 67.28 -21.24
C GLY B 847 -5.31 67.07 -19.96
N THR B 848 -5.35 65.85 -19.45
CA THR B 848 -6.22 65.52 -18.32
C THR B 848 -5.66 64.31 -17.59
N ASP B 849 -5.78 64.30 -16.26
CA ASP B 849 -5.32 63.20 -15.42
C ASP B 849 -6.37 62.14 -15.11
N TYR B 850 -7.62 62.31 -15.53
CA TYR B 850 -8.61 61.24 -15.30
C TYR B 850 -8.82 60.42 -16.56
N TRP B 851 -7.93 59.45 -16.76
CA TRP B 851 -8.11 58.42 -17.78
C TRP B 851 -8.59 57.11 -17.17
N LEU B 852 -7.85 56.55 -16.21
CA LEU B 852 -8.33 55.34 -15.57
C LEU B 852 -8.07 55.39 -14.07
N TYR B 853 -9.03 54.85 -13.32
CA TYR B 853 -8.89 54.69 -11.88
C TYR B 853 -8.55 53.24 -11.60
N SER B 854 -7.41 53.02 -10.94
CA SER B 854 -6.97 51.69 -10.54
C SER B 854 -6.16 51.85 -9.26
N ARG B 855 -5.39 50.82 -8.91
CA ARG B 855 -4.58 50.89 -7.71
C ARG B 855 -3.16 50.44 -8.00
N GLY B 856 -2.20 51.29 -7.60
CA GLY B 856 -0.78 50.99 -7.76
C GLY B 856 0.01 51.68 -6.67
N VAL B 857 1.10 52.33 -7.05
CA VAL B 857 1.90 53.11 -6.12
C VAL B 857 1.86 54.57 -6.54
N CYS B 858 2.40 55.45 -5.70
CA CYS B 858 2.48 56.87 -6.00
C CYS B 858 3.87 57.27 -6.48
N LYS B 859 4.88 57.05 -5.64
CA LYS B 859 6.26 57.41 -5.98
C LYS B 859 7.18 56.59 -5.11
N THR B 860 8.00 55.75 -5.72
CA THR B 860 8.89 54.87 -5.00
C THR B 860 10.33 55.37 -5.08
N LYS B 861 11.14 54.88 -4.15
CA LYS B 861 12.60 55.02 -4.14
C LYS B 861 13.08 56.48 -4.11
N VAL B 875 -2.71 51.25 -3.41
CA VAL B 875 -3.03 52.67 -3.35
C VAL B 875 -3.80 53.08 -4.59
N MET B 876 -5.04 53.54 -4.40
CA MET B 876 -5.88 53.99 -5.50
C MET B 876 -5.27 55.20 -6.20
N THR B 877 -5.51 55.29 -7.50
CA THR B 877 -4.75 56.24 -8.31
C THR B 877 -5.67 56.95 -9.31
N HIS B 878 -5.58 58.27 -9.31
CA HIS B 878 -6.25 59.15 -10.28
C HIS B 878 -5.37 59.29 -11.52
N SER B 879 -5.12 58.16 -12.16
CA SER B 879 -4.07 58.05 -13.17
C SER B 879 -4.56 58.51 -14.52
N GLY B 880 -3.68 59.20 -15.25
CA GLY B 880 -4.01 59.72 -16.56
C GLY B 880 -3.10 59.22 -17.66
N LEU B 881 -2.95 60.01 -18.71
CA LEU B 881 -2.15 59.57 -19.86
C LEU B 881 -0.66 59.65 -19.56
N TRP B 882 -0.22 60.70 -18.90
CA TRP B 882 1.18 60.79 -18.50
C TRP B 882 1.38 60.77 -17.00
N ARG B 883 0.49 61.39 -16.24
CA ARG B 883 0.62 61.42 -14.79
C ARG B 883 -0.15 60.27 -14.18
N THR B 884 0.54 59.45 -13.40
CA THR B 884 -0.13 58.50 -12.51
C THR B 884 -0.35 59.12 -11.12
N CYS B 885 -0.97 60.30 -11.16
CA CYS B 885 -1.10 61.13 -9.97
C CYS B 885 -2.16 60.56 -9.06
N CYS B 886 -1.78 60.24 -7.83
CA CYS B 886 -2.61 59.40 -6.98
C CYS B 886 -3.41 60.23 -5.99
N LEU B 887 -4.47 59.62 -5.47
CA LEU B 887 -5.22 60.12 -4.33
C LEU B 887 -5.26 59.03 -3.27
N GLU B 888 -5.93 59.33 -2.15
CA GLU B 888 -6.16 58.42 -1.03
C GLU B 888 -4.83 57.91 -0.46
N GLY B 889 -4.09 58.83 0.15
CA GLY B 889 -2.82 58.43 0.70
C GLY B 889 -2.33 59.38 1.76
N ASN B 890 -1.10 59.10 2.21
CA ASN B 890 -0.40 60.01 3.11
C ASN B 890 -0.11 61.35 2.44
N PHE B 891 0.03 61.37 1.12
CA PHE B 891 0.03 62.61 0.35
C PHE B 891 -0.88 62.44 -0.86
N LYS B 892 -1.67 63.47 -1.13
CA LYS B 892 -2.60 63.48 -2.25
C LYS B 892 -2.23 64.61 -3.19
N GLY B 893 -2.26 64.34 -4.49
CA GLY B 893 -2.01 65.34 -5.49
C GLY B 893 -0.58 65.44 -5.96
N LEU B 894 0.31 64.58 -5.46
CA LEU B 894 1.70 64.57 -5.89
C LEU B 894 1.83 63.55 -7.02
N CYS B 895 2.15 64.03 -8.20
CA CYS B 895 2.02 63.25 -9.42
C CYS B 895 3.34 62.57 -9.75
N LYS B 896 3.27 61.61 -10.67
CA LYS B 896 4.45 60.92 -11.18
C LYS B 896 4.26 60.66 -12.66
N GLN B 897 5.33 60.81 -13.43
CA GLN B 897 5.29 60.63 -14.87
C GLN B 897 5.58 59.17 -15.19
N ILE B 898 4.62 58.49 -15.82
CA ILE B 898 4.66 57.05 -15.99
C ILE B 898 4.85 56.70 -17.46
N ASP B 899 5.72 55.73 -17.71
CA ASP B 899 5.96 55.14 -19.02
C ASP B 899 6.55 53.75 -18.80
N HIS B 900 7.15 53.18 -19.84
CA HIS B 900 7.61 51.80 -19.78
C HIS B 900 8.88 51.69 -18.94
N PHE B 901 9.40 50.47 -18.90
CA PHE B 901 10.54 50.15 -18.07
C PHE B 901 11.24 48.93 -18.63
N PRO B 902 12.58 48.93 -18.67
CA PRO B 902 13.32 47.77 -19.18
C PRO B 902 13.47 46.67 -18.13
N GLU B 903 12.89 45.51 -18.43
CA GLU B 903 12.97 44.33 -17.58
C GLU B 903 14.15 43.45 -18.04
N ASP B 904 14.17 42.20 -17.59
CA ASP B 904 15.23 41.24 -17.89
C ASP B 904 15.24 40.94 -19.39
N ALA B 905 16.25 41.48 -20.09
CA ALA B 905 16.54 41.30 -21.52
C ALA B 905 15.45 41.85 -22.46
N ASP B 906 14.42 42.48 -21.89
CA ASP B 906 13.37 43.27 -22.54
C ASP B 906 12.48 42.47 -23.49
N TYR B 907 12.72 41.17 -23.66
CA TYR B 907 12.28 40.35 -24.80
C TYR B 907 12.35 41.13 -26.11
N GLU B 908 13.57 41.57 -26.43
CA GLU B 908 13.84 42.40 -27.59
C GLU B 908 13.61 41.65 -28.90
N ALA B 909 13.59 40.31 -28.85
CA ALA B 909 13.11 39.50 -29.98
C ALA B 909 11.65 39.83 -30.32
N ASP B 910 10.85 40.24 -29.34
CA ASP B 910 9.58 40.89 -29.60
C ASP B 910 9.79 42.40 -29.78
N THR B 911 10.54 42.73 -30.83
CA THR B 911 10.71 44.12 -31.19
C THR B 911 9.44 44.70 -31.78
N ALA B 912 8.50 43.87 -32.22
CA ALA B 912 7.15 44.33 -32.51
C ALA B 912 6.47 44.84 -31.25
N GLU B 913 6.66 44.12 -30.13
CA GLU B 913 6.13 44.61 -28.85
C GLU B 913 6.85 45.87 -28.42
N TYR B 914 8.16 45.96 -28.69
CA TYR B 914 8.90 47.18 -28.40
C TYR B 914 8.37 48.36 -29.21
N PHE B 915 8.06 48.11 -30.48
CA PHE B 915 7.50 49.13 -31.37
C PHE B 915 6.14 49.60 -30.87
N LEU B 916 5.27 48.66 -30.48
CA LEU B 916 3.95 49.03 -29.96
C LEU B 916 4.07 49.77 -28.64
N ARG B 917 5.03 49.38 -27.80
CA ARG B 917 5.27 50.07 -26.54
C ARG B 917 5.75 51.49 -26.77
N ALA B 918 6.62 51.68 -27.78
CA ALA B 918 7.14 53.00 -28.10
C ALA B 918 6.04 53.90 -28.67
N VAL B 919 5.13 53.30 -29.43
CA VAL B 919 3.98 54.07 -29.91
C VAL B 919 3.05 54.41 -28.75
N ARG B 920 2.97 53.55 -27.73
CA ARG B 920 2.15 53.87 -26.57
C ARG B 920 2.71 55.05 -25.79
N ALA B 921 3.97 54.95 -25.37
CA ALA B 921 4.54 55.97 -24.50
C ALA B 921 4.63 57.30 -25.21
N SER B 922 5.04 57.28 -26.48
CA SER B 922 4.95 58.47 -27.33
C SER B 922 3.62 58.41 -28.06
N SER B 923 2.57 58.82 -27.35
CA SER B 923 1.21 58.71 -27.88
C SER B 923 0.99 59.73 -29.00
N ILE B 924 1.57 59.45 -30.15
CA ILE B 924 1.60 60.41 -31.25
C ILE B 924 0.23 60.51 -31.92
N PHE B 925 -0.60 59.48 -31.81
CA PHE B 925 -1.87 59.48 -32.53
C PHE B 925 -2.91 60.44 -31.94
N PRO B 926 -3.16 60.52 -30.62
CA PRO B 926 -4.11 61.54 -30.16
C PRO B 926 -3.60 62.96 -30.34
N ILE B 927 -2.27 63.14 -30.24
CA ILE B 927 -1.67 64.43 -30.52
C ILE B 927 -1.90 64.82 -31.98
N LEU B 928 -1.69 63.87 -32.90
CA LEU B 928 -1.86 64.16 -34.31
C LEU B 928 -3.34 64.32 -34.66
N SER B 929 -4.23 63.70 -33.89
CA SER B 929 -5.65 63.96 -34.02
C SER B 929 -5.96 65.40 -33.68
N VAL B 930 -5.38 65.92 -32.61
CA VAL B 930 -5.54 67.33 -32.26
C VAL B 930 -4.96 68.23 -33.35
N ILE B 931 -3.83 67.81 -33.93
CA ILE B 931 -3.18 68.59 -34.99
C ILE B 931 -4.07 68.70 -36.22
N LEU B 932 -4.58 67.57 -36.70
CA LEU B 932 -5.42 67.60 -37.90
C LEU B 932 -6.77 68.23 -37.62
N LEU B 933 -7.28 68.12 -36.40
CA LEU B 933 -8.53 68.77 -36.07
C LEU B 933 -8.36 70.28 -35.97
N PHE B 934 -7.18 70.72 -35.51
CA PHE B 934 -6.87 72.14 -35.52
C PHE B 934 -6.68 72.67 -36.93
N MET B 935 -6.07 71.86 -37.80
CA MET B 935 -5.96 72.20 -39.21
C MET B 935 -7.32 72.33 -39.87
N GLY B 936 -8.24 71.42 -39.53
CA GLY B 936 -9.59 71.52 -40.04
C GLY B 936 -10.35 72.72 -39.49
N GLY B 937 -10.05 73.11 -38.25
CA GLY B 937 -10.66 74.31 -37.70
C GLY B 937 -10.18 75.58 -38.40
N LEU B 938 -8.88 75.64 -38.69
CA LEU B 938 -8.34 76.73 -39.50
C LEU B 938 -8.96 76.73 -40.89
N CYS B 939 -9.17 75.55 -41.46
CA CYS B 939 -9.74 75.42 -42.79
C CYS B 939 -11.20 75.86 -42.83
N ILE B 940 -11.98 75.49 -41.82
CA ILE B 940 -13.40 75.84 -41.80
C ILE B 940 -13.57 77.33 -41.48
N ALA B 941 -12.63 77.94 -40.75
CA ALA B 941 -12.68 79.38 -40.59
C ALA B 941 -12.19 80.12 -41.83
N ALA B 942 -11.39 79.46 -42.68
CA ALA B 942 -10.88 80.06 -43.90
C ALA B 942 -11.76 79.79 -45.11
N SER B 943 -13.08 79.70 -44.92
CA SER B 943 -13.99 79.31 -45.99
C SER B 943 -14.53 80.50 -46.77
N GLU B 944 -15.24 81.40 -46.09
CA GLU B 944 -15.87 82.52 -46.78
C GLU B 944 -14.87 83.64 -47.06
N PHE B 945 -13.94 83.86 -46.13
CA PHE B 945 -12.79 84.71 -46.42
C PHE B 945 -11.97 84.02 -47.51
N TYR B 946 -11.85 84.68 -48.66
CA TYR B 946 -11.38 84.10 -49.93
C TYR B 946 -12.23 82.87 -50.27
N LYS B 947 -13.49 83.13 -50.56
CA LYS B 947 -14.41 82.10 -51.03
C LYS B 947 -14.31 81.97 -52.54
N THR B 948 -15.28 81.26 -53.14
CA THR B 948 -15.46 80.97 -54.56
C THR B 948 -14.36 80.06 -55.12
N ARG B 949 -13.39 79.65 -54.30
CA ARG B 949 -12.53 78.53 -54.66
C ARG B 949 -13.26 77.21 -54.45
N HIS B 950 -13.97 77.11 -53.31
CA HIS B 950 -14.90 76.04 -52.89
C HIS B 950 -14.41 74.62 -53.15
N ASN B 951 -13.11 74.40 -53.01
CA ASN B 951 -12.54 73.06 -52.92
C ASN B 951 -11.74 72.89 -51.63
N ILE B 952 -11.30 73.99 -51.04
CA ILE B 952 -10.72 73.94 -49.71
C ILE B 952 -11.79 73.56 -48.70
N ILE B 953 -13.03 73.98 -48.93
CA ILE B 953 -14.14 73.56 -48.09
C ILE B 953 -14.41 72.06 -48.26
N LEU B 954 -14.10 71.50 -49.42
CA LEU B 954 -14.14 70.05 -49.59
C LEU B 954 -13.05 69.38 -48.77
N SER B 955 -11.83 69.89 -48.87
CA SER B 955 -10.70 69.32 -48.14
C SER B 955 -10.84 69.45 -46.63
N ALA B 956 -11.72 70.34 -46.16
CA ALA B 956 -11.98 70.49 -44.73
C ALA B 956 -12.46 69.19 -44.08
N GLY B 957 -13.30 68.42 -44.78
CA GLY B 957 -13.87 67.23 -44.15
C GLY B 957 -12.92 66.07 -44.02
N ILE B 958 -11.94 65.99 -44.93
CA ILE B 958 -11.01 64.86 -44.93
C ILE B 958 -10.16 64.87 -43.68
N PHE B 959 -9.78 66.07 -43.21
CA PHE B 959 -9.03 66.18 -41.97
C PHE B 959 -9.88 65.72 -40.78
N PHE B 960 -11.18 65.98 -40.83
CA PHE B 960 -12.07 65.55 -39.74
C PHE B 960 -12.17 64.04 -39.69
N VAL B 961 -12.34 63.42 -40.85
CA VAL B 961 -12.48 61.97 -40.93
C VAL B 961 -11.17 61.29 -40.53
N SER B 962 -10.04 61.84 -41.00
CA SER B 962 -8.74 61.31 -40.61
C SER B 962 -8.48 61.49 -39.14
N ALA B 963 -8.99 62.58 -38.54
CA ALA B 963 -8.82 62.79 -37.12
C ALA B 963 -9.61 61.76 -36.32
N GLY B 964 -10.81 61.43 -36.78
CA GLY B 964 -11.56 60.36 -36.14
C GLY B 964 -10.86 59.02 -36.23
N LEU B 965 -10.26 58.74 -37.39
CA LEU B 965 -9.49 57.50 -37.57
C LEU B 965 -8.28 57.46 -36.65
N SER B 966 -7.58 58.59 -36.52
CA SER B 966 -6.45 58.67 -35.61
C SER B 966 -6.90 58.52 -34.16
N ASN B 967 -8.09 59.02 -33.85
CA ASN B 967 -8.62 58.91 -32.49
C ASN B 967 -8.86 57.45 -32.11
N ILE B 968 -9.54 56.71 -32.99
CA ILE B 968 -9.85 55.33 -32.63
C ILE B 968 -8.60 54.46 -32.64
N ILE B 969 -7.65 54.75 -33.54
CA ILE B 969 -6.43 53.94 -33.55
C ILE B 969 -5.54 54.27 -32.36
N GLY B 970 -5.64 55.47 -31.79
CA GLY B 970 -4.92 55.74 -30.56
C GLY B 970 -5.55 55.11 -29.34
N ILE B 971 -6.89 55.10 -29.28
CA ILE B 971 -7.60 54.47 -28.18
C ILE B 971 -7.29 52.99 -28.10
N ILE B 972 -7.17 52.35 -29.27
CA ILE B 972 -6.90 50.90 -29.33
C ILE B 972 -5.55 50.56 -28.71
N VAL B 973 -4.50 51.29 -29.10
CA VAL B 973 -3.17 50.95 -28.58
C VAL B 973 -3.07 51.30 -27.10
N TYR B 974 -3.84 52.31 -26.65
CA TYR B 974 -3.86 52.60 -25.22
C TYR B 974 -4.47 51.46 -24.42
N ILE B 975 -5.62 50.96 -24.87
CA ILE B 975 -6.29 49.88 -24.13
C ILE B 975 -5.49 48.59 -24.22
N SER B 976 -4.79 48.39 -25.34
CA SER B 976 -3.97 47.20 -25.48
C SER B 976 -2.77 47.24 -24.52
N ALA B 977 -2.09 48.37 -24.47
CA ALA B 977 -0.90 48.43 -23.63
C ALA B 977 -1.22 48.71 -22.17
N ASN B 978 -2.49 48.92 -21.82
CA ASN B 978 -2.87 48.89 -20.42
C ASN B 978 -2.59 47.51 -19.82
N ALA B 979 -3.25 46.48 -20.34
CA ALA B 979 -3.00 45.14 -19.86
C ALA B 979 -1.75 44.52 -20.47
N GLY B 980 -1.11 45.18 -21.43
CA GLY B 980 0.14 44.69 -21.97
C GLY B 980 1.35 44.89 -21.07
N LYS B 988 -11.33 39.83 -12.90
CA LYS B 988 -10.30 40.56 -13.64
C LYS B 988 -8.88 40.57 -12.96
N LYS B 989 -8.66 40.90 -11.67
CA LYS B 989 -9.62 41.39 -10.67
C LYS B 989 -9.65 42.91 -10.62
N ASN B 990 -8.58 43.52 -10.10
CA ASN B 990 -8.02 44.87 -10.34
C ASN B 990 -8.97 46.08 -10.35
N SER B 991 -10.29 45.83 -10.30
CA SER B 991 -11.40 46.79 -10.13
C SER B 991 -11.20 48.12 -10.87
N TYR B 992 -10.80 48.05 -12.13
CA TYR B 992 -10.47 49.32 -12.78
C TYR B 992 -11.71 49.97 -13.35
N SER B 993 -11.57 51.28 -13.61
CA SER B 993 -12.65 52.08 -14.17
C SER B 993 -12.01 53.16 -15.03
N TYR B 994 -12.83 53.82 -15.84
CA TYR B 994 -12.34 54.78 -16.81
C TYR B 994 -12.72 56.20 -16.40
N GLY B 995 -11.75 57.10 -16.46
CA GLY B 995 -12.01 58.50 -16.20
C GLY B 995 -12.76 59.16 -17.34
N TRP B 996 -13.24 60.38 -17.07
CA TRP B 996 -14.11 61.07 -17.99
C TRP B 996 -13.41 61.50 -19.27
N SER B 997 -12.08 61.68 -19.23
CA SER B 997 -11.33 62.06 -20.42
C SER B 997 -11.40 61.01 -21.50
N PHE B 998 -11.49 59.74 -21.10
CA PHE B 998 -11.64 58.65 -22.06
C PHE B 998 -12.97 58.75 -22.79
N TYR B 999 -14.05 58.94 -22.03
CA TYR B 999 -15.37 59.13 -22.62
C TYR B 999 -15.45 60.45 -23.37
N PHE B 1000 -14.66 61.44 -22.96
CA PHE B 1000 -14.56 62.69 -23.70
C PHE B 1000 -13.91 62.48 -25.06
N GLY B 1001 -12.88 61.63 -25.13
CA GLY B 1001 -12.27 61.34 -26.42
C GLY B 1001 -13.21 60.57 -27.32
N ALA B 1002 -14.00 59.67 -26.73
CA ALA B 1002 -15.03 58.97 -27.48
C ALA B 1002 -16.09 59.93 -28.03
N LEU B 1003 -16.51 60.89 -27.19
CA LEU B 1003 -17.44 61.91 -27.62
C LEU B 1003 -16.84 62.76 -28.72
N SER B 1004 -15.53 63.03 -28.63
CA SER B 1004 -14.85 63.83 -29.64
C SER B 1004 -14.84 63.12 -30.98
N PHE B 1005 -14.65 61.80 -30.94
CA PHE B 1005 -14.73 61.00 -32.16
C PHE B 1005 -16.10 61.11 -32.81
N ILE B 1006 -17.16 60.94 -32.02
CA ILE B 1006 -18.52 60.97 -32.58
C ILE B 1006 -18.86 62.35 -33.14
N ILE B 1007 -18.47 63.40 -32.42
CA ILE B 1007 -18.76 64.77 -32.86
C ILE B 1007 -17.97 65.10 -34.12
N ALA B 1008 -16.72 64.65 -34.20
CA ALA B 1008 -15.90 64.90 -35.38
C ALA B 1008 -16.47 64.21 -36.60
N GLU B 1009 -17.01 63.01 -36.42
CA GLU B 1009 -17.67 62.32 -37.53
C GLU B 1009 -18.93 63.07 -37.97
N MET B 1010 -19.70 63.57 -37.00
CA MET B 1010 -20.93 64.27 -37.34
C MET B 1010 -20.64 65.61 -38.00
N VAL B 1011 -19.49 66.21 -37.72
CA VAL B 1011 -19.10 67.43 -38.42
C VAL B 1011 -18.65 67.11 -39.84
N GLY B 1012 -17.79 66.09 -39.98
CA GLY B 1012 -17.24 65.75 -41.27
C GLY B 1012 -18.28 65.27 -42.26
N VAL B 1013 -19.37 64.66 -41.78
CA VAL B 1013 -20.41 64.26 -42.72
C VAL B 1013 -21.17 65.48 -43.23
N LEU B 1014 -21.23 66.56 -42.44
CA LEU B 1014 -21.89 67.77 -42.89
C LEU B 1014 -21.04 68.52 -43.90
N ALA B 1015 -19.72 68.38 -43.78
CA ALA B 1015 -18.81 69.10 -44.69
C ALA B 1015 -19.04 68.72 -46.15
N VAL B 1016 -19.25 67.43 -46.41
CA VAL B 1016 -19.43 66.97 -47.77
C VAL B 1016 -20.77 67.43 -48.31
N HIS B 1017 -21.79 67.50 -47.45
CA HIS B 1017 -23.08 68.03 -47.88
C HIS B 1017 -22.99 69.51 -48.20
N MET B 1018 -22.18 70.25 -47.44
CA MET B 1018 -21.92 71.65 -47.78
C MET B 1018 -21.23 71.76 -49.14
N PHE B 1019 -20.30 70.85 -49.41
CA PHE B 1019 -19.62 70.85 -50.70
C PHE B 1019 -20.56 70.52 -51.84
N ILE B 1020 -21.44 69.54 -51.66
CA ILE B 1020 -22.41 69.18 -52.69
C ILE B 1020 -23.41 70.31 -52.88
N ASP B 1021 -23.72 71.03 -51.80
CA ASP B 1021 -24.61 72.18 -51.89
C ASP B 1021 -24.00 73.28 -52.75
N ARG B 1022 -22.77 73.68 -52.43
CA ARG B 1022 -22.11 74.74 -53.19
C ARG B 1022 -21.79 74.32 -54.61
N HIS B 1023 -21.50 73.03 -54.82
CA HIS B 1023 -21.19 72.54 -56.17
C HIS B 1023 -22.46 72.47 -57.01
N LYS B 1024 -23.57 72.08 -56.39
CA LYS B 1024 -24.87 72.11 -57.06
C LYS B 1024 -25.27 73.54 -57.42
N GLN B 1025 -25.01 74.49 -56.51
CA GLN B 1025 -25.29 75.88 -56.79
C GLN B 1025 -24.41 76.42 -57.91
N LEU B 1026 -23.17 75.94 -58.00
CA LEU B 1026 -22.31 76.33 -59.11
C LEU B 1026 -22.82 75.76 -60.43
N THR B 1027 -23.20 74.49 -60.43
CA THR B 1027 -23.68 73.86 -61.66
C THR B 1027 -25.04 74.38 -62.08
N GLY B 1028 -25.81 74.91 -61.14
CA GLY B 1028 -27.13 75.44 -61.45
C GLY B 1028 -28.19 74.36 -61.55
N ASN C 1 57.60 13.95 80.89
CA ASN C 1 57.57 12.58 80.45
C ASN C 1 58.03 12.45 79.00
N SER C 2 59.34 12.23 78.81
CA SER C 2 59.90 12.07 77.47
C SER C 2 59.53 10.69 76.93
N ILE C 3 58.67 10.67 75.92
CA ILE C 3 58.14 9.44 75.36
C ILE C 3 58.76 9.22 73.98
N GLN C 4 59.32 8.03 73.76
CA GLN C 4 59.94 7.69 72.49
C GLN C 4 58.89 7.49 71.41
N ILE C 5 58.98 8.26 70.33
CA ILE C 5 58.14 8.05 69.16
C ILE C 5 59.07 7.85 67.96
N GLY C 6 58.46 7.42 66.85
CA GLY C 6 59.22 7.11 65.66
C GLY C 6 58.56 7.68 64.43
N GLY C 7 59.40 8.24 63.55
CA GLY C 7 58.91 8.88 62.34
C GLY C 7 59.64 8.42 61.10
N LEU C 8 58.88 8.12 60.04
CA LEU C 8 59.45 7.66 58.77
C LEU C 8 59.05 8.63 57.68
N PHE C 9 59.99 9.41 57.22
CA PHE C 9 59.65 10.26 56.10
C PHE C 9 60.30 9.73 54.83
N PRO C 10 59.57 9.73 53.73
CA PRO C 10 60.20 9.48 52.43
C PRO C 10 61.14 10.62 52.09
N ARG C 11 62.22 10.28 51.39
CA ARG C 11 63.25 11.26 51.09
C ARG C 11 62.75 12.21 50.03
N GLY C 12 62.44 13.44 50.44
CA GLY C 12 61.86 14.44 49.57
C GLY C 12 60.69 15.16 50.21
N ALA C 13 60.25 14.70 51.38
CA ALA C 13 59.11 15.29 52.08
C ALA C 13 59.56 16.37 53.06
N ASP C 14 60.31 17.33 52.53
CA ASP C 14 60.91 18.34 53.39
C ASP C 14 59.87 19.30 53.93
N GLN C 15 58.85 19.62 53.13
CA GLN C 15 57.76 20.47 53.59
C GLN C 15 56.99 19.78 54.71
N GLU C 16 56.75 18.48 54.59
CA GLU C 16 56.07 17.76 55.64
C GLU C 16 56.92 17.64 56.89
N TYR C 17 58.23 17.49 56.73
CA TYR C 17 59.11 17.44 57.89
C TYR C 17 59.15 18.78 58.61
N SER C 18 59.14 19.87 57.85
CA SER C 18 59.06 21.20 58.44
C SER C 18 57.75 21.41 59.17
N ALA C 19 56.65 20.92 58.59
CA ALA C 19 55.35 21.00 59.25
C ALA C 19 55.31 20.16 60.50
N PHE C 20 56.03 19.03 60.50
CA PHE C 20 56.12 18.20 61.69
C PHE C 20 56.85 18.92 62.82
N ARG C 21 57.94 19.62 62.48
CA ARG C 21 58.64 20.38 63.50
C ARG C 21 57.81 21.57 63.98
N VAL C 22 57.03 22.18 63.08
CA VAL C 22 56.15 23.28 63.49
C VAL C 22 55.07 22.78 64.44
N GLY C 23 54.52 21.60 64.17
CA GLY C 23 53.56 21.02 65.11
C GLY C 23 54.18 20.63 66.43
N MET C 24 55.44 20.16 66.38
CA MET C 24 56.20 19.91 67.61
C MET C 24 56.33 21.16 68.46
N VAL C 25 56.62 22.29 67.81
CA VAL C 25 56.68 23.58 68.49
C VAL C 25 55.31 23.95 69.06
N GLN C 26 54.28 23.88 68.22
CA GLN C 26 52.96 24.36 68.59
C GLN C 26 52.27 23.50 69.63
N PHE C 27 52.69 22.24 69.80
CA PHE C 27 51.97 21.36 70.71
C PHE C 27 52.86 20.73 71.76
N SER C 28 54.11 21.17 71.91
CA SER C 28 54.91 20.72 73.04
C SER C 28 54.38 21.32 74.33
N THR C 29 54.20 20.48 75.36
CA THR C 29 53.71 20.92 76.66
C THR C 29 54.82 20.83 77.70
N SER C 30 54.44 21.08 78.96
CA SER C 30 55.41 21.12 80.05
C SER C 30 55.65 19.74 80.67
N GLU C 31 54.60 18.93 80.86
CA GLU C 31 54.77 17.67 81.56
C GLU C 31 55.42 16.61 80.67
N PHE C 32 54.73 16.21 79.60
CA PHE C 32 55.19 15.09 78.78
C PHE C 32 55.82 15.62 77.51
N ARG C 33 56.98 15.07 77.18
CA ARG C 33 57.78 15.52 76.06
C ARG C 33 57.95 14.38 75.07
N LEU C 34 58.45 14.71 73.89
CA LEU C 34 58.49 13.74 72.81
C LEU C 34 59.95 13.47 72.43
N THR C 35 60.23 12.22 72.11
CA THR C 35 61.54 11.81 71.63
C THR C 35 61.35 11.32 70.20
N PRO C 36 61.46 12.20 69.21
CA PRO C 36 61.28 11.77 67.82
C PRO C 36 62.55 11.10 67.31
N HIS C 37 62.39 9.94 66.71
CA HIS C 37 63.48 9.33 65.96
C HIS C 37 63.08 9.40 64.49
N ILE C 38 63.64 10.38 63.80
CA ILE C 38 63.26 10.67 62.42
C ILE C 38 64.16 9.88 61.49
N ASP C 39 63.54 9.19 60.53
CA ASP C 39 64.26 8.37 59.57
C ASP C 39 63.83 8.76 58.17
N ASN C 40 64.62 9.62 57.53
CA ASN C 40 64.41 9.98 56.14
C ASN C 40 64.90 8.82 55.29
N LEU C 41 64.04 7.83 55.10
CA LEU C 41 64.39 6.63 54.36
C LEU C 41 63.34 6.37 53.29
N GLU C 42 63.59 5.36 52.47
CA GLU C 42 62.81 5.12 51.27
C GLU C 42 61.45 4.52 51.61
N VAL C 43 60.62 4.35 50.59
CA VAL C 43 59.30 3.76 50.77
C VAL C 43 59.00 2.65 49.79
N ALA C 44 59.71 2.55 48.66
CA ALA C 44 59.35 1.55 47.66
C ALA C 44 59.92 0.18 47.99
N ASN C 45 61.01 0.13 48.75
CA ASN C 45 61.70 -1.12 49.03
C ASN C 45 61.27 -1.64 50.40
N SER C 46 60.45 -2.69 50.38
CA SER C 46 59.94 -3.28 51.60
C SER C 46 61.02 -3.90 52.45
N PHE C 47 62.15 -4.29 51.84
CA PHE C 47 63.33 -4.67 52.59
C PHE C 47 63.80 -3.54 53.50
N ALA C 48 63.95 -2.34 52.95
CA ALA C 48 64.40 -1.20 53.74
C ALA C 48 63.35 -0.79 54.76
N VAL C 49 62.07 -0.92 54.40
CA VAL C 49 61.00 -0.60 55.33
C VAL C 49 61.01 -1.57 56.51
N THR C 50 61.22 -2.85 56.23
CA THR C 50 61.31 -3.86 57.25
C THR C 50 62.52 -3.63 58.14
N ASN C 51 63.64 -3.22 57.54
CA ASN C 51 64.84 -2.89 58.29
C ASN C 51 64.59 -1.76 59.27
N ALA C 52 63.98 -0.68 58.80
CA ALA C 52 63.73 0.47 59.65
C ALA C 52 62.73 0.14 60.75
N PHE C 53 61.72 -0.68 60.43
CA PHE C 53 60.71 -0.99 61.43
C PHE C 53 61.25 -1.91 62.50
N CYS C 54 62.04 -2.92 62.10
CA CYS C 54 62.68 -3.79 63.07
C CYS C 54 63.68 -3.02 63.92
N SER C 55 64.36 -2.04 63.31
CA SER C 55 65.32 -1.25 64.05
C SER C 55 64.64 -0.38 65.10
N GLN C 56 63.52 0.26 64.75
CA GLN C 56 62.88 1.11 65.74
C GLN C 56 62.10 0.31 66.78
N PHE C 57 61.63 -0.89 66.43
CA PHE C 57 61.04 -1.71 67.48
C PHE C 57 62.10 -2.28 68.39
N SER C 58 63.31 -2.49 67.87
CA SER C 58 64.44 -2.81 68.73
C SER C 58 64.80 -1.64 69.63
N ARG C 59 64.68 -0.43 69.09
CA ARG C 59 64.84 0.78 69.88
C ARG C 59 63.75 0.93 70.93
N GLY C 60 62.60 0.30 70.74
CA GLY C 60 61.59 0.30 71.77
C GLY C 60 60.67 1.50 71.65
N VAL C 61 60.20 1.74 70.43
CA VAL C 61 59.35 2.89 70.17
C VAL C 61 57.97 2.67 70.78
N TYR C 62 57.37 3.75 71.28
CA TYR C 62 56.02 3.67 71.84
C TYR C 62 54.93 4.00 70.83
N ALA C 63 55.26 4.73 69.76
CA ALA C 63 54.26 5.11 68.77
C ALA C 63 54.97 5.31 67.44
N ILE C 64 54.57 4.55 66.43
CA ILE C 64 55.20 4.61 65.12
C ILE C 64 54.36 5.48 64.18
N PHE C 65 55.05 6.35 63.46
CA PHE C 65 54.43 7.25 62.50
C PHE C 65 55.24 7.22 61.21
N GLY C 66 54.56 7.35 60.08
CA GLY C 66 55.26 7.36 58.82
C GLY C 66 54.28 7.21 57.68
N PHE C 67 54.84 7.23 56.48
CA PHE C 67 54.03 7.14 55.28
C PHE C 67 54.18 5.75 54.71
N TYR C 68 53.39 5.44 53.68
CA TYR C 68 53.58 4.19 52.97
C TYR C 68 53.04 4.33 51.56
N ASP C 69 53.65 3.58 50.65
CA ASP C 69 53.23 3.54 49.26
C ASP C 69 52.38 2.28 49.09
N LYS C 70 52.00 1.98 47.84
CA LYS C 70 51.13 0.83 47.58
C LYS C 70 51.84 -0.50 47.73
N LYS C 71 53.17 -0.50 47.82
CA LYS C 71 53.90 -1.74 47.84
C LYS C 71 54.28 -2.19 49.24
N SER C 72 54.32 -1.29 50.20
CA SER C 72 54.74 -1.61 51.55
C SER C 72 53.57 -1.70 52.51
N VAL C 73 52.35 -1.50 52.02
CA VAL C 73 51.19 -1.38 52.89
C VAL C 73 50.88 -2.72 53.55
N ASN C 74 51.02 -3.82 52.81
CA ASN C 74 50.78 -5.13 53.38
C ASN C 74 51.84 -5.47 54.39
N THR C 75 53.08 -5.06 54.13
CA THR C 75 54.17 -5.30 55.07
C THR C 75 53.93 -4.57 56.38
N ILE C 76 53.49 -3.32 56.30
CA ILE C 76 53.27 -2.54 57.52
C ILE C 76 52.06 -3.07 58.28
N THR C 77 50.97 -3.38 57.59
CA THR C 77 49.81 -3.88 58.34
C THR C 77 50.05 -5.29 58.87
N SER C 78 50.91 -6.06 58.20
CA SER C 78 51.21 -7.41 58.66
C SER C 78 52.12 -7.38 59.87
N PHE C 79 53.03 -6.42 59.93
CA PHE C 79 53.80 -6.24 61.16
C PHE C 79 52.93 -5.70 62.29
N CYS C 80 52.06 -4.74 61.99
CA CYS C 80 51.33 -4.06 63.06
C CYS C 80 50.25 -4.93 63.66
N GLY C 81 49.61 -5.79 62.85
CA GLY C 81 48.65 -6.73 63.39
C GLY C 81 49.27 -7.74 64.33
N THR C 82 50.50 -8.15 64.04
CA THR C 82 51.19 -9.08 64.93
C THR C 82 51.69 -8.37 66.18
N LEU C 83 52.46 -7.30 66.02
CA LEU C 83 53.17 -6.72 67.13
C LEU C 83 52.34 -5.75 67.95
N HIS C 84 51.12 -5.42 67.50
CA HIS C 84 50.15 -4.61 68.25
C HIS C 84 50.70 -3.23 68.57
N VAL C 85 51.21 -2.56 67.55
CA VAL C 85 51.82 -1.24 67.68
C VAL C 85 50.96 -0.25 66.92
N SER C 86 50.64 0.87 67.58
CA SER C 86 49.74 1.86 67.01
C SER C 86 50.46 2.66 65.93
N PHE C 87 49.96 2.58 64.70
CA PHE C 87 50.57 3.26 63.56
C PHE C 87 49.63 4.32 63.02
N ILE C 88 50.20 5.46 62.64
CA ILE C 88 49.44 6.64 62.25
C ILE C 88 49.96 7.07 60.89
N THR C 89 49.06 7.45 59.98
CA THR C 89 49.51 7.75 58.63
C THR C 89 48.66 8.83 57.99
N PRO C 90 49.26 9.66 57.14
CA PRO C 90 48.50 10.50 56.19
C PRO C 90 48.38 9.92 54.79
N SER C 91 48.75 8.66 54.58
CA SER C 91 48.78 8.11 53.23
C SER C 91 47.37 7.75 52.77
N PHE C 92 47.29 7.01 51.68
CA PHE C 92 46.00 6.58 51.16
C PHE C 92 45.34 5.59 52.12
N PRO C 93 44.02 5.64 52.27
CA PRO C 93 43.35 4.69 53.14
C PRO C 93 43.38 3.28 52.56
N THR C 94 43.18 2.31 53.44
CA THR C 94 43.25 0.91 53.07
C THR C 94 41.91 0.46 52.50
N ASP C 95 41.75 -0.86 52.38
CA ASP C 95 40.51 -1.44 51.90
C ASP C 95 39.84 -2.30 52.95
N GLY C 96 40.56 -3.26 53.52
CA GLY C 96 40.02 -4.04 54.60
C GLY C 96 40.23 -3.36 55.94
N THR C 97 39.38 -3.72 56.90
CA THR C 97 39.45 -3.14 58.24
C THR C 97 40.67 -3.73 58.94
N HIS C 98 41.74 -2.97 58.96
CA HIS C 98 42.90 -3.50 59.64
C HIS C 98 43.10 -2.82 60.99
N PRO C 99 43.52 -3.56 62.01
CA PRO C 99 43.73 -2.95 63.31
C PRO C 99 44.99 -2.10 63.33
N PHE C 100 45.07 -1.25 64.36
CA PHE C 100 46.25 -0.47 64.75
C PHE C 100 46.70 0.51 63.68
N VAL C 101 45.82 0.88 62.75
CA VAL C 101 46.17 1.82 61.69
C VAL C 101 45.18 2.97 61.77
N ILE C 102 45.66 4.12 62.20
CA ILE C 102 44.89 5.34 62.17
C ILE C 102 45.31 6.12 60.93
N GLN C 103 44.34 6.64 60.19
CA GLN C 103 44.67 7.29 58.94
C GLN C 103 43.94 8.61 58.80
N MET C 104 44.72 9.66 58.53
CA MET C 104 44.24 11.03 58.52
C MET C 104 43.57 11.43 57.21
N ARG C 105 43.94 10.78 56.12
CA ARG C 105 43.36 11.12 54.83
C ARG C 105 41.96 10.52 54.75
N PRO C 106 40.93 11.32 54.57
CA PRO C 106 39.57 10.79 54.54
C PRO C 106 39.29 10.09 53.23
N ASP C 107 38.15 9.41 53.19
CA ASP C 107 37.72 8.76 51.97
C ASP C 107 37.21 9.80 50.98
N LEU C 108 37.07 9.39 49.73
CA LEU C 108 36.84 10.33 48.65
C LEU C 108 35.70 9.90 47.73
N LYS C 109 35.44 8.59 47.74
CA LYS C 109 34.66 7.95 46.69
C LYS C 109 33.20 8.36 46.71
N GLY C 110 32.63 8.54 47.90
CA GLY C 110 31.25 9.00 47.99
C GLY C 110 31.08 10.42 47.47
N ALA C 111 32.02 11.29 47.79
CA ALA C 111 31.97 12.67 47.28
C ALA C 111 32.13 12.70 45.77
N LEU C 112 33.00 11.85 45.23
CA LEU C 112 33.22 11.87 43.78
C LEU C 112 32.01 11.32 43.04
N LEU C 113 31.38 10.27 43.57
CA LEU C 113 30.15 9.77 42.98
C LEU C 113 29.03 10.79 43.08
N SER C 114 28.96 11.51 44.20
CA SER C 114 27.95 12.56 44.35
C SER C 114 28.18 13.69 43.36
N LEU C 115 29.43 14.00 43.07
CA LEU C 115 29.73 15.04 42.10
C LEU C 115 29.36 14.60 40.69
N ILE C 116 29.57 13.32 40.38
CA ILE C 116 29.14 12.80 39.09
C ILE C 116 27.62 12.87 38.95
N GLU C 117 26.92 12.50 40.01
CA GLU C 117 25.46 12.57 39.95
C GLU C 117 24.95 14.00 39.90
N TYR C 118 25.69 14.94 40.49
CA TYR C 118 25.26 16.33 40.41
C TYR C 118 25.47 16.90 39.02
N TYR C 119 26.64 16.66 38.43
CA TYR C 119 26.86 17.09 37.05
C TYR C 119 26.07 16.30 36.04
N GLN C 120 25.47 15.17 36.43
CA GLN C 120 24.48 14.43 35.65
C GLN C 120 25.09 13.93 34.34
N TRP C 121 26.04 13.02 34.48
CA TRP C 121 26.74 12.48 33.33
C TRP C 121 26.29 11.06 33.00
N ASP C 122 26.69 10.61 31.82
CA ASP C 122 26.53 9.22 31.41
C ASP C 122 27.77 8.61 30.78
N LYS C 123 28.60 9.41 30.11
CA LYS C 123 29.72 8.90 29.33
C LYS C 123 30.92 9.78 29.60
N PHE C 124 32.03 9.18 30.01
CA PHE C 124 33.21 9.95 30.37
C PHE C 124 34.44 9.07 30.32
N ALA C 125 35.59 9.73 30.31
CA ALA C 125 36.88 9.07 30.36
C ALA C 125 37.51 9.26 31.72
N TYR C 126 38.43 8.36 32.05
CA TYR C 126 38.94 8.25 33.41
C TYR C 126 40.40 7.83 33.31
N LEU C 127 41.31 8.78 33.50
CA LEU C 127 42.74 8.50 33.48
C LEU C 127 43.22 8.26 34.90
N TYR C 128 43.93 7.17 35.10
CA TYR C 128 44.35 6.81 36.45
C TYR C 128 45.84 6.51 36.49
N ASP C 129 46.39 6.69 37.68
CA ASP C 129 47.71 6.21 38.05
C ASP C 129 47.55 5.05 39.02
N SER C 130 48.47 4.10 38.95
CA SER C 130 48.37 2.90 39.75
C SER C 130 48.99 3.03 41.13
N ASP C 131 49.87 4.01 41.32
CA ASP C 131 50.71 4.02 42.52
C ASP C 131 49.94 4.38 43.77
N ARG C 132 48.86 5.14 43.63
CA ARG C 132 48.09 5.49 44.81
C ARG C 132 47.09 4.41 45.19
N GLY C 133 46.81 3.49 44.28
CA GLY C 133 45.85 2.43 44.51
C GLY C 133 44.84 2.34 43.38
N LEU C 134 43.99 1.33 43.48
CA LEU C 134 42.98 1.09 42.46
C LEU C 134 41.58 0.99 43.06
N SER C 135 41.40 1.45 44.30
CA SER C 135 40.13 1.31 44.99
C SER C 135 39.06 2.18 44.34
N THR C 136 39.42 3.38 43.89
CA THR C 136 38.45 4.23 43.22
C THR C 136 38.06 3.65 41.87
N LEU C 137 39.01 3.02 41.18
CA LEU C 137 38.71 2.36 39.92
C LEU C 137 37.78 1.19 40.15
N GLN C 138 37.98 0.44 41.22
CA GLN C 138 37.05 -0.63 41.56
C GLN C 138 35.69 -0.08 41.99
N ALA C 139 35.66 1.12 42.55
CA ALA C 139 34.42 1.68 43.06
C ALA C 139 33.54 2.20 41.93
N VAL C 140 34.11 2.96 40.99
CA VAL C 140 33.28 3.62 39.99
C VAL C 140 32.72 2.65 38.97
N LEU C 141 33.34 1.48 38.81
CA LEU C 141 32.81 0.52 37.85
C LEU C 141 31.52 -0.11 38.34
N ASP C 142 31.34 -0.22 39.65
CA ASP C 142 30.10 -0.78 40.18
C ASP C 142 28.93 0.16 39.93
N SER C 143 29.13 1.44 40.19
CA SER C 143 28.09 2.41 39.89
C SER C 143 27.91 2.60 38.40
N ALA C 144 28.94 2.30 37.60
CA ALA C 144 28.75 2.25 36.17
C ALA C 144 27.87 1.07 35.77
N ALA C 145 28.00 -0.04 36.48
CA ALA C 145 27.15 -1.20 36.21
C ALA C 145 25.72 -0.95 36.63
N GLU C 146 25.52 -0.16 37.68
CA GLU C 146 24.17 0.11 38.15
C GLU C 146 23.49 1.21 37.32
N LYS C 147 24.12 2.36 37.23
CA LYS C 147 23.55 3.53 36.57
C LYS C 147 23.74 3.52 35.06
N LYS C 148 24.18 2.40 34.49
CA LYS C 148 24.47 2.17 33.07
C LYS C 148 25.28 3.31 32.42
N TRP C 149 26.51 3.47 32.91
CA TRP C 149 27.39 4.49 32.38
C TRP C 149 28.28 3.93 31.28
N GLN C 150 28.72 4.81 30.40
CA GLN C 150 29.67 4.47 29.35
C GLN C 150 31.05 4.96 29.77
N VAL C 151 31.85 4.07 30.32
CA VAL C 151 33.09 4.44 30.97
C VAL C 151 34.27 3.90 30.17
N THR C 152 35.19 4.79 29.83
CA THR C 152 36.47 4.40 29.24
C THR C 152 37.57 4.78 30.22
N ALA C 153 38.32 3.79 30.67
CA ALA C 153 39.34 3.99 31.69
C ALA C 153 40.69 3.52 31.16
N ILE C 154 41.69 4.39 31.28
CA ILE C 154 43.00 4.16 30.67
C ILE C 154 44.07 4.43 31.71
N ASN C 155 45.03 3.51 31.83
CA ASN C 155 46.21 3.73 32.66
C ASN C 155 47.12 4.76 32.03
N VAL C 156 47.86 5.47 32.88
CA VAL C 156 48.81 6.45 32.36
C VAL C 156 50.13 6.31 33.10
N GLY C 157 50.11 5.61 34.24
CA GLY C 157 51.22 5.62 35.17
C GLY C 157 52.48 4.90 34.75
N ASN C 158 52.44 4.12 33.67
CA ASN C 158 53.61 3.37 33.26
C ASN C 158 54.53 4.14 32.32
N ILE C 159 54.10 5.27 31.81
CA ILE C 159 54.82 5.94 30.73
C ILE C 159 56.05 6.63 31.27
N ASN C 160 57.21 6.34 30.67
CA ASN C 160 58.47 6.87 31.12
C ASN C 160 58.69 8.28 30.60
N ASN C 161 59.63 8.99 31.23
CA ASN C 161 59.76 10.44 31.04
C ASN C 161 60.31 10.79 29.67
N ASP C 162 60.99 9.83 29.02
CA ASP C 162 61.60 10.13 27.74
C ASP C 162 60.61 10.16 26.60
N LYS C 163 59.35 9.79 26.82
CA LYS C 163 58.35 9.69 25.77
C LYS C 163 57.09 10.48 26.08
N LYS C 164 57.14 11.34 27.11
CA LYS C 164 55.94 12.04 27.58
C LYS C 164 55.74 13.36 26.84
N ASP C 165 55.88 13.28 25.56
CA ASP C 165 55.43 14.33 24.66
C ASP C 165 54.59 13.77 23.53
N GLU C 166 54.92 12.57 23.07
CA GLU C 166 54.17 11.93 21.99
C GLU C 166 53.22 10.85 22.47
N THR C 167 53.52 10.18 23.59
CA THR C 167 52.60 9.16 24.08
C THR C 167 51.29 9.78 24.55
N TYR C 168 51.37 10.91 25.26
CA TYR C 168 50.17 11.61 25.68
C TYR C 168 49.39 12.16 24.50
N ARG C 169 50.11 12.61 23.46
CA ARG C 169 49.45 13.09 22.25
C ARG C 169 48.69 11.96 21.57
N SER C 170 49.30 10.78 21.49
CA SER C 170 48.61 9.61 20.94
C SER C 170 47.41 9.23 21.80
N LEU C 171 47.53 9.38 23.11
CA LEU C 171 46.42 9.12 24.01
C LEU C 171 45.25 10.05 23.75
N PHE C 172 45.53 11.35 23.60
CA PHE C 172 44.45 12.28 23.36
C PHE C 172 43.87 12.16 21.95
N GLN C 173 44.69 11.76 20.97
CA GLN C 173 44.14 11.46 19.66
C GLN C 173 43.21 10.26 19.71
N ASP C 174 43.55 9.26 20.52
CA ASP C 174 42.69 8.11 20.68
C ASP C 174 41.45 8.43 21.50
N LEU C 175 41.51 9.44 22.36
CA LEU C 175 40.28 9.95 22.95
C LEU C 175 39.45 10.70 21.92
N GLU C 176 40.10 11.38 20.98
CA GLU C 176 39.37 12.09 19.94
C GLU C 176 38.86 11.18 18.85
N LEU C 177 39.22 9.89 18.86
CA LEU C 177 38.50 8.93 18.06
C LEU C 177 37.05 8.81 18.52
N LYS C 178 36.80 9.00 19.81
CA LYS C 178 35.46 9.05 20.33
C LYS C 178 35.01 10.46 20.68
N LYS C 179 35.93 11.44 20.63
CA LYS C 179 35.68 12.85 20.95
C LYS C 179 35.11 13.00 22.36
N GLU C 180 35.95 12.64 23.33
CA GLU C 180 35.52 12.72 24.71
C GLU C 180 35.45 14.15 25.21
N ARG C 181 34.47 14.41 26.06
CA ARG C 181 34.22 15.74 26.55
C ARG C 181 34.36 15.86 28.06
N ARG C 182 34.37 14.74 28.77
CA ARG C 182 34.26 14.73 30.22
C ARG C 182 35.36 13.83 30.75
N VAL C 183 36.34 14.42 31.42
CA VAL C 183 37.53 13.71 31.83
C VAL C 183 37.66 13.81 33.34
N ILE C 184 37.81 12.66 34.00
CA ILE C 184 38.19 12.62 35.40
C ILE C 184 39.67 12.25 35.45
N LEU C 185 40.49 13.15 35.96
CA LEU C 185 41.88 12.81 36.23
C LEU C 185 42.00 12.32 37.66
N ASP C 186 42.84 11.31 37.86
CA ASP C 186 43.02 10.71 39.17
C ASP C 186 44.49 10.34 39.30
N CYS C 187 45.28 11.27 39.80
CA CYS C 187 46.72 11.09 39.92
C CYS C 187 47.22 11.88 41.12
N GLU C 188 48.52 12.10 41.15
CA GLU C 188 49.14 12.99 42.11
C GLU C 188 49.42 14.33 41.46
N ARG C 189 49.86 15.29 42.28
CA ARG C 189 50.04 16.67 41.86
C ARG C 189 51.11 16.81 40.79
N ASP C 190 52.14 15.96 40.85
CA ASP C 190 53.20 15.99 39.84
C ASP C 190 52.66 15.57 38.49
N LYS C 191 51.90 14.47 38.46
CA LYS C 191 51.31 14.01 37.22
C LYS C 191 50.27 15.00 36.69
N VAL C 192 49.56 15.67 37.60
CA VAL C 192 48.58 16.67 37.17
C VAL C 192 49.27 17.84 36.49
N ASN C 193 50.34 18.35 37.12
CA ASN C 193 51.11 19.41 36.49
C ASN C 193 51.77 18.96 35.19
N ASP C 194 52.10 17.70 35.08
CA ASP C 194 52.67 17.24 33.82
C ASP C 194 51.61 17.08 32.73
N ILE C 195 50.37 16.77 33.11
CA ILE C 195 49.38 16.48 32.10
C ILE C 195 48.63 17.73 31.64
N VAL C 196 48.50 18.73 32.52
CA VAL C 196 47.73 19.93 32.14
C VAL C 196 48.53 20.77 31.15
N ASP C 197 49.85 20.76 31.27
CA ASP C 197 50.70 21.41 30.29
C ASP C 197 50.56 20.75 28.92
N GLN C 198 50.41 19.43 28.89
CA GLN C 198 50.19 18.73 27.64
C GLN C 198 48.81 19.07 27.06
N VAL C 199 47.82 19.27 27.94
CA VAL C 199 46.50 19.68 27.48
C VAL C 199 46.56 21.08 26.87
N ILE C 200 47.40 21.95 27.43
CA ILE C 200 47.58 23.27 26.83
C ILE C 200 48.28 23.16 25.49
N THR C 201 49.28 22.29 25.39
CA THR C 201 50.04 22.14 24.15
C THR C 201 49.17 21.60 23.02
N ILE C 202 48.27 20.67 23.35
CA ILE C 202 47.30 20.23 22.36
C ILE C 202 46.14 21.21 22.23
N GLY C 203 46.02 22.16 23.15
CA GLY C 203 45.03 23.21 23.02
C GLY C 203 43.61 22.82 23.35
N LYS C 204 43.43 21.95 24.33
CA LYS C 204 42.09 21.47 24.69
C LYS C 204 41.56 22.11 25.96
N HIS C 205 41.81 23.40 26.13
CA HIS C 205 41.30 24.17 27.25
C HIS C 205 40.23 25.17 26.85
N VAL C 206 39.61 24.96 25.68
CA VAL C 206 38.54 25.82 25.20
C VAL C 206 37.22 25.41 25.83
N LYS C 207 36.18 26.20 25.57
CA LYS C 207 34.81 25.86 25.94
C LYS C 207 34.40 24.50 25.39
N GLY C 208 33.70 23.74 26.22
CA GLY C 208 33.15 22.46 25.81
C GLY C 208 33.68 21.30 26.61
N TYR C 209 34.98 21.30 26.86
CA TYR C 209 35.60 20.24 27.60
C TYR C 209 35.36 20.43 29.09
N HIS C 210 35.49 19.36 29.85
CA HIS C 210 35.17 19.45 31.27
C HIS C 210 36.12 18.55 32.05
N TYR C 211 36.65 19.07 33.15
CA TYR C 211 37.73 18.41 33.87
C TYR C 211 37.42 18.34 35.36
N ILE C 212 37.67 17.17 35.94
CA ILE C 212 37.55 16.97 37.38
C ILE C 212 38.87 16.39 37.89
N ILE C 213 39.45 17.04 38.88
CA ILE C 213 40.70 16.61 39.48
C ILE C 213 40.40 15.90 40.79
N ALA C 214 40.84 14.66 40.89
CA ALA C 214 40.59 13.85 42.09
C ALA C 214 41.74 13.95 43.09
N ASN C 215 42.19 15.16 43.39
CA ASN C 215 43.18 15.39 44.42
C ASN C 215 42.59 16.31 45.47
N LEU C 216 42.95 16.05 46.73
CA LEU C 216 42.44 16.86 47.82
C LEU C 216 42.99 18.28 47.78
N GLY C 217 44.21 18.43 47.28
CA GLY C 217 44.83 19.74 47.13
C GLY C 217 44.54 20.38 45.80
N PHE C 218 43.31 20.86 45.64
CA PHE C 218 42.86 21.37 44.35
C PHE C 218 43.57 22.66 43.96
N THR C 219 44.01 23.44 44.94
CA THR C 219 44.77 24.65 44.67
C THR C 219 46.28 24.44 44.77
N ASP C 220 46.74 23.20 44.92
CA ASP C 220 48.18 23.00 44.97
C ASP C 220 48.79 23.10 43.57
N GLY C 221 48.06 22.64 42.56
CA GLY C 221 48.54 22.74 41.21
C GLY C 221 48.51 24.15 40.68
N ASP C 222 49.27 24.37 39.61
CA ASP C 222 49.36 25.68 38.98
C ASP C 222 48.21 25.80 38.00
N LEU C 223 47.04 26.17 38.51
CA LEU C 223 45.84 26.30 37.70
C LEU C 223 45.74 27.62 36.98
N LEU C 224 46.72 28.51 37.17
CA LEU C 224 46.65 29.83 36.56
C LEU C 224 46.90 29.78 35.06
N LYS C 225 47.46 28.69 34.55
CA LYS C 225 47.71 28.54 33.13
C LYS C 225 46.51 27.98 32.38
N ILE C 226 45.43 27.62 33.07
CA ILE C 226 44.18 27.26 32.40
C ILE C 226 43.01 27.99 33.03
N GLN C 227 43.28 29.05 33.78
CA GLN C 227 42.20 29.81 34.39
C GLN C 227 41.40 30.56 33.33
N PHE C 228 42.09 31.09 32.33
CA PHE C 228 41.49 32.00 31.36
C PHE C 228 41.26 31.33 30.01
N GLY C 229 41.35 30.01 29.94
CA GLY C 229 41.24 29.31 28.67
C GLY C 229 39.83 29.19 28.14
N GLY C 230 38.95 28.58 28.92
CA GLY C 230 37.58 28.37 28.47
C GLY C 230 37.00 27.06 28.95
N ALA C 231 37.87 26.16 29.40
CA ALA C 231 37.40 24.90 29.93
C ALA C 231 36.78 25.08 31.31
N GLU C 232 36.26 24.00 31.86
CA GLU C 232 35.57 24.01 33.15
C GLU C 232 36.21 22.97 34.05
N VAL C 233 36.95 23.44 35.06
CA VAL C 233 37.72 22.57 35.94
C VAL C 233 37.14 22.67 37.33
N SER C 234 36.70 21.55 37.87
CA SER C 234 36.18 21.48 39.22
C SER C 234 37.03 20.54 40.04
N GLY C 235 37.02 20.76 41.36
CA GLY C 235 37.70 19.90 42.29
C GLY C 235 37.21 20.13 43.70
N PHE C 236 38.06 19.87 44.68
CA PHE C 236 37.60 19.89 46.07
C PHE C 236 38.78 20.08 47.01
N GLN C 237 38.47 20.61 48.19
CA GLN C 237 39.46 20.90 49.20
C GLN C 237 39.06 20.29 50.52
N ILE C 238 40.09 20.08 51.36
CA ILE C 238 39.90 19.79 52.77
C ILE C 238 40.44 20.91 53.64
N VAL C 239 41.30 21.77 53.10
CA VAL C 239 41.88 22.88 53.84
C VAL C 239 41.05 24.11 53.55
N ASP C 240 40.58 24.77 54.60
CA ASP C 240 39.68 25.91 54.46
C ASP C 240 40.43 27.18 54.80
N TYR C 241 40.88 27.90 53.77
CA TYR C 241 41.55 29.17 53.95
C TYR C 241 40.63 30.26 54.50
N ASP C 242 39.32 30.04 54.51
CA ASP C 242 38.37 30.98 55.08
C ASP C 242 38.27 30.89 56.60
N ASP C 243 38.88 29.89 57.23
CA ASP C 243 38.75 29.76 58.68
C ASP C 243 39.80 30.56 59.41
N SER C 244 39.44 30.95 60.64
CA SER C 244 40.27 31.87 61.42
C SER C 244 41.55 31.21 61.88
N LEU C 245 41.47 29.98 62.39
CA LEU C 245 42.64 29.28 62.86
C LEU C 245 43.58 28.96 61.70
N VAL C 246 43.01 28.65 60.54
CA VAL C 246 43.82 28.38 59.35
C VAL C 246 44.52 29.65 58.90
N SER C 247 43.81 30.79 58.96
CA SER C 247 44.41 32.06 58.58
C SER C 247 45.53 32.45 59.54
N LYS C 248 45.34 32.17 60.83
CA LYS C 248 46.40 32.35 61.82
C LYS C 248 47.59 31.47 61.50
N PHE C 249 47.33 30.23 61.10
CA PHE C 249 48.42 29.32 60.76
C PHE C 249 49.17 29.79 59.53
N ILE C 250 48.46 30.37 58.56
CA ILE C 250 49.11 30.93 57.38
C ILE C 250 49.97 32.13 57.74
N GLU C 251 49.47 32.98 58.64
CA GLU C 251 50.23 34.16 59.06
C GLU C 251 51.47 33.77 59.83
N ARG C 252 51.37 32.74 60.67
CA ARG C 252 52.56 32.17 61.28
C ARG C 252 53.47 31.53 60.25
N TRP C 253 52.89 30.94 59.22
CA TRP C 253 53.61 30.08 58.29
C TRP C 253 54.52 30.87 57.36
N SER C 254 53.91 31.80 56.61
CA SER C 254 54.57 32.42 55.47
C SER C 254 55.75 33.28 55.88
N THR C 255 55.72 33.81 57.10
CA THR C 255 56.76 34.71 57.57
C THR C 255 58.05 33.99 57.95
N LEU C 256 58.05 32.66 57.98
CA LEU C 256 59.17 31.93 58.54
C LEU C 256 60.35 31.89 57.56
N GLU C 257 61.44 31.31 58.04
CA GLU C 257 62.68 31.25 57.28
C GLU C 257 62.67 30.04 56.36
N GLU C 258 62.94 30.28 55.08
CA GLU C 258 63.03 29.20 54.10
C GLU C 258 64.26 28.33 54.35
N LYS C 259 65.33 28.91 54.89
CA LYS C 259 66.54 28.14 55.14
C LYS C 259 66.37 27.21 56.33
N GLU C 260 65.75 27.70 57.40
CA GLU C 260 65.53 26.87 58.57
C GLU C 260 64.44 25.84 58.33
N TYR C 261 63.45 26.18 57.51
CA TYR C 261 62.38 25.26 57.16
C TYR C 261 62.15 25.34 55.65
N PRO C 262 62.62 24.35 54.89
CA PRO C 262 62.47 24.42 53.44
C PRO C 262 61.03 24.17 53.01
N GLY C 263 60.62 24.90 51.98
CA GLY C 263 59.27 24.76 51.48
C GLY C 263 58.22 25.32 52.41
N ALA C 264 58.49 26.44 53.05
CA ALA C 264 57.57 27.01 54.02
C ALA C 264 57.31 28.49 53.86
N HIS C 265 58.05 29.18 53.01
CA HIS C 265 57.89 30.62 52.85
C HIS C 265 56.98 30.92 51.66
N THR C 266 55.78 30.34 51.71
CA THR C 266 54.77 30.52 50.67
C THR C 266 53.44 30.84 51.33
N ALA C 267 52.44 31.13 50.50
CA ALA C 267 51.10 31.41 51.00
C ALA C 267 50.28 30.13 51.18
N THR C 268 50.50 29.13 50.33
CA THR C 268 49.71 27.91 50.35
C THR C 268 50.50 26.79 51.00
N ILE C 269 49.86 25.63 51.14
CA ILE C 269 50.44 24.49 51.83
C ILE C 269 49.80 23.23 51.26
N LYS C 270 50.49 22.10 51.42
CA LYS C 270 49.98 20.84 50.95
C LYS C 270 49.13 20.17 52.02
N TYR C 271 48.13 19.40 51.56
CA TYR C 271 47.23 18.73 52.48
C TYR C 271 47.94 17.62 53.24
N THR C 272 48.99 17.05 52.65
CA THR C 272 49.84 16.11 53.35
C THR C 272 50.49 16.77 54.55
N SER C 273 51.05 17.97 54.34
CA SER C 273 51.66 18.70 55.44
C SER C 273 50.61 19.15 56.45
N ALA C 274 49.39 19.42 55.99
CA ALA C 274 48.33 19.80 56.92
C ALA C 274 47.96 18.64 57.83
N LEU C 275 47.82 17.44 57.27
CA LEU C 275 47.56 16.28 58.10
C LEU C 275 48.76 15.94 58.97
N THR C 276 49.97 16.26 58.50
CA THR C 276 51.16 16.10 59.30
C THR C 276 51.11 16.99 60.54
N TYR C 277 50.71 18.24 60.35
CA TYR C 277 50.52 19.16 61.46
C TYR C 277 49.40 18.69 62.38
N ASP C 278 48.36 18.08 61.84
CA ASP C 278 47.25 17.63 62.67
C ASP C 278 47.62 16.39 63.49
N ALA C 279 48.51 15.56 62.96
CA ALA C 279 48.88 14.32 63.64
C ALA C 279 49.61 14.57 64.95
N VAL C 280 50.36 15.66 65.03
CA VAL C 280 51.08 15.99 66.26
C VAL C 280 50.10 16.38 67.37
N GLN C 281 49.07 17.16 67.01
CA GLN C 281 48.02 17.50 67.95
C GLN C 281 47.26 16.25 68.40
N VAL C 282 47.05 15.31 67.47
CA VAL C 282 46.43 14.03 67.82
C VAL C 282 47.29 13.28 68.83
N MET C 283 48.60 13.25 68.60
CA MET C 283 49.53 12.54 69.48
C MET C 283 49.57 13.16 70.87
N THR C 284 49.60 14.49 70.93
CA THR C 284 49.66 15.20 72.20
C THR C 284 48.37 15.02 72.98
N GLU C 285 47.22 15.07 72.31
CA GLU C 285 45.94 14.84 72.98
C GLU C 285 45.82 13.41 73.49
N ALA C 286 46.33 12.46 72.72
CA ALA C 286 46.31 11.05 73.14
C ALA C 286 47.13 10.85 74.41
N PHE C 287 48.37 11.30 74.41
CA PHE C 287 49.20 11.10 75.60
C PHE C 287 48.81 12.03 76.75
N ARG C 288 48.03 13.07 76.48
CA ARG C 288 47.40 13.86 77.55
C ARG C 288 46.32 13.04 78.25
N ASN C 289 45.41 12.45 77.48
CA ASN C 289 44.35 11.68 78.07
C ASN C 289 44.84 10.36 78.67
N LEU C 290 46.01 9.89 78.26
CA LEU C 290 46.66 8.79 78.99
C LEU C 290 47.03 9.17 80.41
N ARG C 291 47.46 10.42 80.63
CA ARG C 291 47.76 10.84 81.99
C ARG C 291 46.50 11.09 82.79
N LYS C 292 45.48 11.69 82.16
CA LYS C 292 44.25 11.95 82.89
C LYS C 292 43.46 10.69 83.19
N GLN C 293 43.57 9.67 82.34
CA GLN C 293 43.02 8.37 82.68
C GLN C 293 44.00 7.52 83.47
N ARG C 294 45.21 8.03 83.70
CA ARG C 294 46.24 7.41 84.54
C ARG C 294 46.65 6.04 84.03
N ILE C 295 46.64 5.89 82.72
CA ILE C 295 47.11 4.67 82.07
C ILE C 295 48.61 4.80 81.91
N GLU C 296 49.37 3.88 82.50
CA GLU C 296 50.82 3.92 82.42
C GLU C 296 51.31 2.99 81.31
N ILE C 297 52.11 3.55 80.42
CA ILE C 297 52.63 2.84 79.26
C ILE C 297 54.11 2.65 79.46
N SER C 298 54.50 2.49 80.72
CA SER C 298 55.90 2.35 81.12
C SER C 298 56.54 1.13 80.46
N ARG C 299 57.87 1.17 80.40
CA ARG C 299 58.65 0.36 79.46
C ARG C 299 58.52 -1.13 79.72
N ARG C 300 58.41 -1.87 78.63
CA ARG C 300 58.29 -3.32 78.60
C ARG C 300 59.69 -3.91 78.36
N GLY C 301 59.73 -5.21 78.04
CA GLY C 301 60.98 -5.80 77.60
C GLY C 301 61.51 -5.13 76.35
N ASN C 302 62.84 -5.03 76.27
CA ASN C 302 63.52 -4.04 75.43
C ASN C 302 63.26 -4.22 73.92
N ALA C 303 63.73 -5.30 73.32
CA ALA C 303 63.58 -5.45 71.87
C ALA C 303 62.70 -6.63 71.47
N GLY C 304 63.14 -7.87 71.72
CA GLY C 304 62.58 -9.04 71.05
C GLY C 304 62.44 -8.82 69.55
N ASP C 305 63.58 -8.73 68.84
CA ASP C 305 63.82 -7.76 67.77
C ASP C 305 62.70 -7.53 66.76
N CYS C 306 62.48 -8.46 65.84
CA CYS C 306 61.19 -8.57 65.15
C CYS C 306 60.92 -10.03 64.80
N LEU C 307 61.95 -10.87 64.89
CA LEU C 307 61.85 -12.26 64.47
C LEU C 307 61.55 -13.18 65.64
N ALA C 308 60.78 -12.71 66.61
CA ALA C 308 60.33 -13.55 67.71
C ALA C 308 59.31 -14.56 67.19
N ASN C 309 59.61 -15.85 67.36
CA ASN C 309 58.74 -16.86 66.76
C ASN C 309 57.50 -17.06 67.62
N PRO C 310 57.58 -17.14 68.99
CA PRO C 310 56.34 -16.86 69.74
C PRO C 310 56.26 -15.38 70.13
N ALA C 311 55.95 -14.54 69.14
CA ALA C 311 56.01 -13.09 69.31
C ALA C 311 55.01 -12.60 70.34
N VAL C 312 55.45 -11.67 71.17
CA VAL C 312 54.74 -11.31 72.40
C VAL C 312 54.13 -9.92 72.26
N PRO C 313 52.83 -9.79 72.42
CA PRO C 313 52.22 -8.45 72.41
C PRO C 313 52.18 -7.83 73.80
N TRP C 314 51.59 -6.64 73.89
CA TRP C 314 51.29 -6.01 75.17
C TRP C 314 50.17 -5.01 74.96
N GLY C 315 49.05 -5.21 75.66
CA GLY C 315 47.78 -4.53 75.45
C GLY C 315 47.67 -3.12 75.97
N GLN C 316 48.74 -2.59 76.56
CA GLN C 316 48.75 -1.17 76.86
C GLN C 316 48.71 -0.34 75.58
N GLY C 317 49.31 -0.85 74.50
CA GLY C 317 49.12 -0.24 73.20
C GLY C 317 47.71 -0.38 72.67
N VAL C 318 47.00 -1.44 73.06
CA VAL C 318 45.60 -1.56 72.70
C VAL C 318 44.78 -0.50 73.41
N GLU C 319 45.12 -0.20 74.66
CA GLU C 319 44.41 0.89 75.32
C GLU C 319 44.86 2.25 74.81
N ILE C 320 46.10 2.36 74.33
CA ILE C 320 46.53 3.53 73.58
C ILE C 320 45.64 3.73 72.37
N GLU C 321 45.39 2.65 71.63
CA GLU C 321 44.51 2.68 70.48
C GLU C 321 43.08 3.09 70.88
N ARG C 322 42.62 2.60 72.04
CA ARG C 322 41.29 2.96 72.52
C ARG C 322 41.20 4.45 72.84
N ALA C 323 42.27 5.01 73.41
CA ALA C 323 42.31 6.45 73.63
C ALA C 323 42.41 7.20 72.31
N LEU C 324 43.08 6.61 71.31
CA LEU C 324 43.21 7.23 70.00
C LEU C 324 41.86 7.37 69.32
N LYS C 325 41.06 6.29 69.33
CA LYS C 325 39.73 6.35 68.74
C LYS C 325 38.80 7.31 69.45
N GLN C 326 39.07 7.65 70.72
CA GLN C 326 38.20 8.54 71.47
C GLN C 326 38.67 10.00 71.43
N VAL C 327 39.64 10.32 70.58
CA VAL C 327 40.03 11.71 70.40
C VAL C 327 38.97 12.42 69.56
N GLN C 328 38.52 13.58 70.03
CA GLN C 328 37.66 14.45 69.23
C GLN C 328 38.17 15.88 69.43
N VAL C 329 39.10 16.28 68.57
CA VAL C 329 39.64 17.64 68.62
C VAL C 329 39.43 18.32 67.28
N GLU C 330 39.91 19.55 67.15
CA GLU C 330 39.68 20.37 65.98
C GLU C 330 41.02 20.74 65.36
N GLY C 331 41.22 20.35 64.11
CA GLY C 331 42.46 20.65 63.43
C GLY C 331 42.23 21.38 62.13
N LEU C 332 43.20 21.31 61.22
CA LEU C 332 43.12 22.07 59.99
C LEU C 332 42.12 21.48 59.01
N SER C 333 41.75 20.22 59.18
CA SER C 333 40.67 19.62 58.39
C SER C 333 39.32 19.80 59.06
N GLY C 334 39.24 20.53 60.16
CA GLY C 334 38.00 20.71 60.89
C GLY C 334 37.85 19.67 62.00
N ASN C 335 36.69 19.05 62.05
CA ASN C 335 36.41 18.04 63.06
C ASN C 335 37.02 16.70 62.63
N ILE C 336 37.39 15.91 63.62
CA ILE C 336 37.85 14.54 63.39
C ILE C 336 37.06 13.60 64.29
N LYS C 337 36.85 12.38 63.81
CA LYS C 337 36.16 11.34 64.57
C LYS C 337 36.51 9.99 63.96
N PHE C 338 36.75 9.00 64.82
CA PHE C 338 37.22 7.70 64.39
C PHE C 338 36.13 6.66 64.61
N ASP C 339 36.14 5.65 63.74
CA ASP C 339 35.24 4.51 63.87
C ASP C 339 35.88 3.46 64.78
N GLN C 340 35.34 2.25 64.75
CA GLN C 340 35.99 1.15 65.44
C GLN C 340 37.21 0.64 64.68
N ASN C 341 37.45 1.11 63.47
CA ASN C 341 38.51 0.61 62.63
C ASN C 341 39.66 1.57 62.45
N GLY C 342 39.48 2.85 62.79
CA GLY C 342 40.51 3.84 62.61
C GLY C 342 40.28 4.79 61.45
N LYS C 343 39.20 4.63 60.71
CA LYS C 343 38.91 5.51 59.59
C LYS C 343 38.14 6.72 60.07
N ARG C 344 38.28 7.83 59.35
CA ARG C 344 37.76 9.10 59.80
C ARG C 344 36.31 9.28 59.35
N ILE C 345 35.47 9.64 60.31
CA ILE C 345 34.12 10.12 60.06
C ILE C 345 33.99 11.49 60.70
N ASN C 346 32.78 12.06 60.59
CA ASN C 346 32.45 13.43 61.00
C ASN C 346 33.42 14.44 60.35
N TYR C 347 33.66 14.23 59.07
CA TYR C 347 34.50 15.10 58.26
C TYR C 347 33.63 15.79 57.23
N THR C 348 34.18 16.82 56.61
CA THR C 348 33.43 17.63 55.66
C THR C 348 34.35 18.07 54.54
N ILE C 349 33.92 17.85 53.31
CA ILE C 349 34.70 18.17 52.13
C ILE C 349 34.02 19.30 51.38
N ASN C 350 34.78 20.32 51.02
CA ASN C 350 34.23 21.45 50.30
C ASN C 350 34.54 21.31 48.82
N ILE C 351 33.57 21.69 47.98
CA ILE C 351 33.66 21.52 46.54
C ILE C 351 34.03 22.85 45.92
N MET C 352 35.05 22.84 45.07
CA MET C 352 35.58 24.04 44.47
C MET C 352 35.39 24.00 42.96
N GLU C 353 35.31 25.19 42.36
CA GLU C 353 35.15 25.32 40.92
C GLU C 353 35.98 26.49 40.44
N LEU C 354 36.73 26.27 39.37
CA LEU C 354 37.57 27.33 38.83
C LEU C 354 36.73 28.29 38.02
N LYS C 355 36.93 29.58 38.26
CA LYS C 355 36.29 30.62 37.47
C LYS C 355 37.31 31.66 37.03
N THR C 356 36.83 32.78 36.50
CA THR C 356 37.73 33.84 36.06
C THR C 356 38.42 34.52 37.24
N ASN C 357 37.67 34.74 38.33
CA ASN C 357 38.27 35.31 39.54
C ASN C 357 39.20 34.34 40.25
N GLY C 358 39.08 33.04 39.96
CA GLY C 358 39.90 32.04 40.58
C GLY C 358 39.06 30.90 41.11
N PRO C 359 39.60 30.15 42.05
CA PRO C 359 38.82 29.10 42.68
C PRO C 359 37.78 29.69 43.62
N ARG C 360 36.63 29.02 43.69
CA ARG C 360 35.58 29.48 44.57
C ARG C 360 34.74 28.29 45.01
N LYS C 361 34.07 28.45 46.13
CA LYS C 361 33.28 27.38 46.72
C LYS C 361 31.85 27.46 46.23
N ILE C 362 31.25 26.30 45.95
CA ILE C 362 29.85 26.22 45.57
C ILE C 362 29.05 25.33 46.50
N GLY C 363 29.69 24.54 47.35
CA GLY C 363 28.96 23.67 48.25
C GLY C 363 29.90 22.80 49.03
N TYR C 364 29.32 22.01 49.93
CA TYR C 364 30.10 21.12 50.77
C TYR C 364 29.47 19.74 50.76
N TRP C 365 30.14 18.79 51.41
CA TRP C 365 29.63 17.43 51.49
C TRP C 365 30.05 16.84 52.83
N SER C 366 29.10 16.22 53.52
CA SER C 366 29.35 15.65 54.82
C SER C 366 29.39 14.14 54.74
N GLU C 367 29.51 13.50 55.90
CA GLU C 367 29.76 12.06 55.94
C GLU C 367 28.51 11.25 55.65
N VAL C 368 27.36 11.67 56.15
CA VAL C 368 26.11 10.99 55.83
C VAL C 368 25.19 12.00 55.18
N ASP C 369 25.39 13.27 55.50
CA ASP C 369 24.65 14.32 54.83
C ASP C 369 25.26 14.53 53.46
N LYS C 370 24.42 14.46 52.43
CA LYS C 370 24.93 14.47 51.06
C LYS C 370 25.18 15.90 50.61
N MET C 371 25.36 16.08 49.31
CA MET C 371 25.88 17.33 48.76
C MET C 371 24.92 18.49 48.97
N VAL C 372 25.36 19.45 49.77
CA VAL C 372 24.59 20.65 50.07
C VAL C 372 25.30 21.82 49.41
N LEU C 373 24.74 22.33 48.33
CA LEU C 373 25.32 23.47 47.66
C LEU C 373 24.86 24.75 48.35
N THR C 374 25.79 25.68 48.52
CA THR C 374 25.52 26.98 49.14
C THR C 374 25.91 28.05 48.12
N GLU C 375 24.92 28.66 47.48
CA GLU C 375 25.16 29.70 46.49
C GLU C 375 25.62 30.95 47.21
N ASP C 376 26.93 31.22 47.16
CA ASP C 376 27.50 32.32 47.91
C ASP C 376 27.22 33.67 47.25
N ASP C 377 27.65 33.83 46.01
CA ASP C 377 27.51 35.11 45.31
C ASP C 377 26.80 34.87 43.98
N THR C 378 25.47 34.92 44.00
CA THR C 378 24.70 34.91 42.78
C THR C 378 24.67 36.28 42.08
N SER C 379 25.14 37.33 42.76
CA SER C 379 25.19 38.66 42.17
C SER C 379 26.45 38.80 41.33
N GLY C 380 26.72 40.02 40.89
CA GLY C 380 27.74 40.24 39.88
C GLY C 380 27.31 39.62 38.58
N LEU C 381 28.05 38.61 38.14
CA LEU C 381 27.69 37.71 37.04
C LEU C 381 27.46 38.49 35.75
N GLU C 382 28.56 39.02 35.22
CA GLU C 382 28.55 39.51 33.86
C GLU C 382 28.11 38.39 32.93
N GLN C 383 26.96 38.60 32.29
CA GLN C 383 26.30 37.55 31.52
C GLN C 383 27.15 37.18 30.31
N LYS C 384 27.57 35.92 30.25
CA LYS C 384 28.44 35.47 29.18
C LYS C 384 27.71 35.48 27.85
N THR C 385 28.48 35.64 26.78
CA THR C 385 27.88 35.67 25.45
C THR C 385 27.40 34.28 25.05
N VAL C 386 26.13 34.18 24.70
CA VAL C 386 25.53 32.92 24.29
C VAL C 386 25.98 32.64 22.86
N VAL C 387 26.76 31.58 22.67
CA VAL C 387 27.33 31.29 21.36
C VAL C 387 26.21 30.68 20.51
N VAL C 388 25.67 31.48 19.60
CA VAL C 388 24.57 31.06 18.76
C VAL C 388 25.14 30.62 17.42
N THR C 389 24.87 29.38 17.05
CA THR C 389 25.27 28.88 15.76
C THR C 389 24.12 28.94 14.77
N THR C 390 24.48 29.18 13.51
CA THR C 390 23.55 29.13 12.40
C THR C 390 24.37 28.97 11.13
N ILE C 391 23.67 28.80 10.03
CA ILE C 391 24.29 28.52 8.74
C ILE C 391 23.77 29.53 7.73
N LEU C 392 24.63 29.99 6.83
CA LEU C 392 24.24 30.99 5.86
C LEU C 392 23.29 30.37 4.84
N GLU C 393 22.11 30.97 4.70
CA GLU C 393 21.10 30.45 3.78
C GLU C 393 20.11 31.55 3.50
N SER C 394 19.93 31.86 2.25
CA SER C 394 18.90 32.81 1.88
C SER C 394 17.53 32.13 2.02
N PRO C 395 16.54 32.82 2.61
CA PRO C 395 16.67 34.16 3.18
C PRO C 395 16.81 34.14 4.70
N TYR C 396 17.23 33.03 5.29
CA TYR C 396 17.31 32.99 6.75
C TYR C 396 18.52 33.75 7.24
N VAL C 397 19.68 33.46 6.69
CA VAL C 397 20.91 34.15 7.03
C VAL C 397 21.53 34.64 5.74
N MET C 398 21.66 35.95 5.59
CA MET C 398 22.22 36.55 4.39
C MET C 398 23.26 37.57 4.78
N MET C 399 24.33 37.62 3.99
CA MET C 399 25.39 38.59 4.21
C MET C 399 24.93 39.97 3.79
N LYS C 400 25.20 40.97 4.62
CA LYS C 400 25.06 42.33 4.17
C LYS C 400 26.28 42.70 3.34
N LYS C 401 26.07 43.58 2.36
CA LYS C 401 27.10 43.83 1.34
C LYS C 401 28.32 44.56 1.89
N ASN C 402 28.19 45.29 2.99
CA ASN C 402 29.30 46.07 3.54
C ASN C 402 29.90 45.40 4.75
N HIS C 403 29.97 44.06 4.72
CA HIS C 403 30.51 43.28 5.82
C HIS C 403 32.01 43.47 6.01
N GLU C 404 32.71 44.02 5.01
CA GLU C 404 34.09 44.43 5.19
C GLU C 404 34.19 45.51 6.25
N MET C 405 33.38 46.56 6.12
CA MET C 405 33.45 47.69 7.03
C MET C 405 32.80 47.36 8.38
N LEU C 406 31.69 46.64 8.35
CA LEU C 406 30.91 46.40 9.56
C LEU C 406 31.59 45.37 10.44
N GLU C 407 30.96 45.06 11.56
CA GLU C 407 31.61 44.24 12.57
C GLU C 407 30.65 43.24 13.20
N GLY C 408 31.06 41.97 13.19
CA GLY C 408 30.45 40.93 14.00
C GLY C 408 29.00 40.64 13.71
N ASN C 409 28.14 41.05 14.65
CA ASN C 409 26.70 40.83 14.52
C ASN C 409 26.10 41.61 13.36
N GLU C 410 26.63 42.79 13.09
CA GLU C 410 26.00 43.67 12.12
C GLU C 410 26.34 43.33 10.69
N ARG C 411 27.16 42.32 10.46
CA ARG C 411 27.45 41.87 9.10
C ARG C 411 26.35 40.99 8.53
N TYR C 412 25.38 40.59 9.35
CA TYR C 412 24.45 39.53 9.01
C TYR C 412 23.03 40.09 8.99
N GLU C 413 22.25 39.68 8.00
CA GLU C 413 20.83 40.00 7.93
C GLU C 413 20.06 38.76 7.50
N GLY C 414 18.75 38.88 7.52
CA GLY C 414 17.88 37.80 7.11
C GLY C 414 16.73 37.62 8.07
N TYR C 415 16.18 36.41 8.08
CA TYR C 415 14.99 36.10 8.86
C TYR C 415 15.36 35.87 10.32
N CYS C 416 16.21 34.88 10.56
CA CYS C 416 16.53 34.51 11.91
C CYS C 416 17.42 35.54 12.59
N VAL C 417 18.04 36.43 11.82
CA VAL C 417 18.77 37.54 12.42
C VAL C 417 17.82 38.47 13.16
N ASP C 418 16.63 38.69 12.61
CA ASP C 418 15.60 39.41 13.35
C ASP C 418 15.12 38.60 14.54
N LEU C 419 14.95 37.29 14.32
CA LEU C 419 14.41 36.43 15.37
C LEU C 419 15.33 36.34 16.59
N ALA C 420 16.64 36.40 16.36
CA ALA C 420 17.61 36.27 17.45
C ALA C 420 17.53 37.45 18.40
N ALA C 421 17.43 38.66 17.85
CA ALA C 421 17.24 39.83 18.69
C ALA C 421 15.91 39.80 19.39
N GLU C 422 14.88 39.23 18.76
CA GLU C 422 13.60 39.08 19.45
C GLU C 422 13.72 38.17 20.68
N ILE C 423 14.39 37.03 20.52
CA ILE C 423 14.52 36.09 21.61
C ILE C 423 15.40 36.65 22.72
N ALA C 424 16.47 37.35 22.34
CA ALA C 424 17.35 37.92 23.35
C ALA C 424 16.70 39.09 24.08
N LYS C 425 15.84 39.85 23.39
CA LYS C 425 15.08 40.89 24.08
C LYS C 425 14.06 40.28 25.02
N HIS C 426 13.53 39.12 24.66
CA HIS C 426 12.55 38.50 25.54
C HIS C 426 13.19 37.84 26.74
N CYS C 427 14.43 37.37 26.63
CA CYS C 427 15.04 36.62 27.74
C CYS C 427 16.27 37.27 28.35
N GLY C 428 16.59 38.50 28.00
CA GLY C 428 17.53 39.32 28.75
C GLY C 428 19.00 39.00 28.59
N PHE C 429 19.38 38.06 27.74
CA PHE C 429 20.77 37.66 27.65
C PHE C 429 21.48 38.42 26.53
N LYS C 430 22.75 38.07 26.33
CA LYS C 430 23.57 38.58 25.24
C LYS C 430 24.06 37.40 24.40
N TYR C 431 24.54 37.69 23.19
CA TYR C 431 24.88 36.60 22.29
C TYR C 431 25.90 37.08 21.27
N LYS C 432 26.32 36.14 20.43
CA LYS C 432 27.26 36.37 19.34
C LYS C 432 26.98 35.34 18.27
N LEU C 433 26.82 35.79 17.03
CA LEU C 433 26.49 34.89 15.95
C LEU C 433 27.75 34.19 15.46
N THR C 434 27.60 32.92 15.11
CA THR C 434 28.68 32.12 14.56
C THR C 434 28.16 31.30 13.40
N ILE C 435 29.04 31.04 12.43
CA ILE C 435 28.73 30.23 11.27
C ILE C 435 29.41 28.89 11.44
N VAL C 436 28.70 27.80 11.10
CA VAL C 436 29.24 26.46 11.26
C VAL C 436 30.37 26.25 10.26
N GLY C 437 31.33 25.41 10.65
CA GLY C 437 32.55 25.24 9.89
C GLY C 437 32.39 24.46 8.59
N ASP C 438 31.90 23.23 8.67
CA ASP C 438 31.77 22.40 7.48
C ASP C 438 30.66 22.88 6.56
N GLY C 439 29.70 23.61 7.10
CA GLY C 439 28.58 24.07 6.30
C GLY C 439 27.53 23.03 6.04
N LYS C 440 27.39 22.05 6.92
CA LYS C 440 26.38 21.02 6.76
C LYS C 440 25.42 21.05 7.94
N TYR C 441 24.21 20.55 7.71
CA TYR C 441 23.18 20.62 8.73
C TYR C 441 23.45 19.67 9.88
N GLY C 442 23.82 18.43 9.57
CA GLY C 442 24.21 17.51 10.60
C GLY C 442 23.44 16.20 10.59
N ALA C 443 24.18 15.11 10.43
CA ALA C 443 23.64 13.77 10.55
C ALA C 443 24.69 12.93 11.26
N ARG C 444 24.28 11.73 11.67
CA ARG C 444 25.27 10.82 12.24
C ARG C 444 26.07 10.18 11.13
N ASP C 445 27.29 9.81 11.44
CA ASP C 445 28.12 9.10 10.48
C ASP C 445 27.66 7.65 10.38
N ALA C 446 28.03 7.01 9.27
CA ALA C 446 27.83 5.58 9.15
C ALA C 446 28.72 4.83 10.14
N ASP C 447 28.10 3.95 10.92
CA ASP C 447 28.71 2.92 11.76
C ASP C 447 29.49 3.47 12.96
N THR C 448 29.63 4.78 13.11
CA THR C 448 30.35 5.33 14.24
C THR C 448 29.48 6.13 15.18
N LYS C 449 28.32 6.62 14.72
CA LYS C 449 27.45 7.54 15.44
C LYS C 449 28.24 8.77 15.89
N ILE C 450 28.68 9.52 14.89
CA ILE C 450 29.39 10.78 15.10
C ILE C 450 28.62 11.85 14.36
N TRP C 451 28.06 12.79 15.12
CA TRP C 451 27.25 13.86 14.54
C TRP C 451 28.17 14.96 14.04
N ASN C 452 28.20 15.16 12.74
CA ASN C 452 28.86 16.34 12.20
C ASN C 452 27.86 17.49 12.16
N GLY C 453 28.23 18.58 11.50
CA GLY C 453 27.27 19.66 11.29
C GLY C 453 26.96 20.41 12.57
N MET C 454 25.77 20.98 12.62
CA MET C 454 25.36 21.82 13.73
C MET C 454 24.87 21.03 14.93
N VAL C 455 24.28 19.86 14.68
CA VAL C 455 23.79 19.04 15.77
C VAL C 455 24.96 18.55 16.60
N GLY C 456 26.08 18.27 15.95
CA GLY C 456 27.30 17.97 16.68
C GLY C 456 27.82 19.14 17.47
N GLU C 457 27.57 20.37 16.99
CA GLU C 457 27.96 21.54 17.74
C GLU C 457 27.12 21.70 18.99
N LEU C 458 25.88 21.22 18.97
CA LEU C 458 25.12 21.24 20.21
C LEU C 458 25.45 20.06 21.11
N VAL C 459 25.76 18.90 20.55
CA VAL C 459 26.01 17.72 21.38
C VAL C 459 27.37 17.82 22.06
N TYR C 460 28.37 18.25 21.32
CA TYR C 460 29.74 18.18 21.80
C TYR C 460 30.15 19.41 22.62
N GLY C 461 29.18 20.16 23.14
CA GLY C 461 29.48 21.26 24.04
C GLY C 461 30.09 22.50 23.41
N LYS C 462 30.13 22.56 22.08
CA LYS C 462 30.77 23.69 21.41
C LYS C 462 29.85 24.89 21.25
N ALA C 463 28.56 24.66 21.08
CA ALA C 463 27.61 25.73 20.87
C ALA C 463 26.71 25.87 22.09
N ASP C 464 25.76 26.80 21.99
CA ASP C 464 24.85 27.06 23.09
C ASP C 464 23.38 26.97 22.67
N ILE C 465 23.07 27.47 21.47
CA ILE C 465 21.72 27.41 20.95
C ILE C 465 21.82 27.56 19.43
N ALA C 466 20.82 27.05 18.72
CA ALA C 466 20.86 26.99 17.26
C ALA C 466 19.54 27.51 16.71
N ILE C 467 19.49 28.81 16.41
CA ILE C 467 18.38 29.38 15.66
C ILE C 467 18.71 29.22 14.19
N ALA C 468 18.02 28.30 13.52
CA ALA C 468 18.44 27.84 12.21
C ALA C 468 17.26 27.13 11.55
N PRO C 469 17.25 27.05 10.23
CA PRO C 469 16.24 26.22 9.56
C PRO C 469 16.51 24.74 9.76
N LEU C 470 16.05 24.20 10.87
CA LEU C 470 16.39 22.84 11.28
C LEU C 470 15.12 22.01 11.41
N THR C 471 15.10 20.85 10.79
CA THR C 471 13.92 20.01 10.75
C THR C 471 13.89 19.05 11.93
N ILE C 472 12.78 19.08 12.67
CA ILE C 472 12.58 18.15 13.78
C ILE C 472 12.34 16.76 13.21
N THR C 473 13.30 15.88 13.39
CA THR C 473 13.19 14.49 12.99
C THR C 473 13.05 13.63 14.24
N LEU C 474 13.09 12.32 14.06
CA LEU C 474 13.05 11.43 15.19
C LEU C 474 14.38 11.41 15.93
N VAL C 475 15.46 11.06 15.22
CA VAL C 475 16.72 10.76 15.86
C VAL C 475 17.39 12.00 16.43
N ARG C 476 16.96 13.18 16.03
CA ARG C 476 17.49 14.39 16.63
C ARG C 476 16.89 14.66 18.00
N GLU C 477 15.76 14.02 18.32
CA GLU C 477 15.18 14.21 19.65
C GLU C 477 15.96 13.50 20.74
N GLU C 478 16.64 12.42 20.40
CA GLU C 478 17.27 11.63 21.44
C GLU C 478 18.59 12.22 21.94
N VAL C 479 19.10 13.26 21.30
CA VAL C 479 20.39 13.78 21.71
C VAL C 479 20.26 15.23 22.17
N ILE C 480 19.27 15.96 21.65
CA ILE C 480 19.07 17.35 22.04
C ILE C 480 17.59 17.57 22.25
N ASP C 481 17.22 18.82 22.51
CA ASP C 481 15.83 19.17 22.76
C ASP C 481 15.36 20.24 21.79
N PHE C 482 14.11 20.11 21.36
CA PHE C 482 13.47 21.10 20.52
C PHE C 482 12.35 21.80 21.28
N SER C 483 12.05 23.02 20.85
CA SER C 483 10.89 23.74 21.34
C SER C 483 9.69 23.34 20.50
N LYS C 484 8.59 24.06 20.64
CA LYS C 484 7.48 23.86 19.74
C LYS C 484 7.85 24.40 18.35
N PRO C 485 7.30 23.84 17.29
CA PRO C 485 7.62 24.34 15.95
C PRO C 485 7.02 25.71 15.71
N PHE C 486 7.74 26.52 14.96
CA PHE C 486 7.28 27.86 14.65
C PHE C 486 6.87 28.06 13.20
N MET C 487 7.34 27.22 12.29
CA MET C 487 6.97 27.37 10.89
C MET C 487 6.86 25.98 10.26
N SER C 488 5.78 25.74 9.55
CA SER C 488 5.45 24.42 9.03
C SER C 488 5.76 24.36 7.54
N LEU C 489 6.16 23.18 7.08
CA LEU C 489 6.51 23.00 5.68
C LEU C 489 6.39 21.54 5.31
N GLY C 490 6.78 21.23 4.07
CA GLY C 490 6.85 19.88 3.57
C GLY C 490 7.82 19.78 2.42
N ILE C 491 8.12 18.55 2.03
CA ILE C 491 9.01 18.30 0.90
C ILE C 491 8.27 18.61 -0.39
N SER C 492 8.89 19.40 -1.25
CA SER C 492 8.34 19.74 -2.55
C SER C 492 9.35 19.42 -3.65
N ILE C 493 8.87 19.51 -4.89
CA ILE C 493 9.64 19.17 -6.08
C ILE C 493 9.81 20.43 -6.91
N MET C 494 11.05 20.75 -7.27
CA MET C 494 11.35 21.92 -8.09
C MET C 494 11.97 21.47 -9.40
N ILE C 495 11.50 22.04 -10.50
CA ILE C 495 12.01 21.76 -11.84
C ILE C 495 12.16 23.07 -12.61
N LYS C 496 12.77 22.96 -13.79
CA LYS C 496 12.87 24.10 -14.69
C LYS C 496 11.52 24.35 -15.34
N LYS C 497 11.04 25.58 -15.25
CA LYS C 497 9.79 25.97 -15.88
C LYS C 497 9.94 25.93 -17.39
N PRO C 498 9.10 25.21 -18.12
CA PRO C 498 9.18 25.24 -19.58
C PRO C 498 8.68 26.58 -20.12
N GLN C 499 9.40 27.10 -21.12
CA GLN C 499 9.10 28.43 -21.64
C GLN C 499 7.88 28.36 -22.54
N LYS C 500 6.81 29.02 -22.14
CA LYS C 500 5.57 28.98 -22.88
C LYS C 500 5.60 30.01 -24.01
N SER C 501 4.78 29.76 -25.02
CA SER C 501 4.71 30.60 -26.21
C SER C 501 3.57 31.59 -26.09
N LYS C 502 3.82 32.83 -26.49
CA LYS C 502 2.78 33.84 -26.42
C LYS C 502 2.15 34.06 -27.78
N PRO C 503 0.84 34.29 -27.82
CA PRO C 503 0.19 34.62 -29.09
C PRO C 503 0.63 36.00 -29.54
N GLY C 504 1.13 36.08 -30.77
CA GLY C 504 1.60 37.33 -31.30
C GLY C 504 0.47 38.24 -31.72
N VAL C 505 0.84 39.21 -32.57
CA VAL C 505 -0.15 40.17 -33.06
C VAL C 505 -1.10 39.50 -34.03
N PHE C 506 -0.56 38.82 -35.02
CA PHE C 506 -1.40 38.17 -36.01
C PHE C 506 -1.69 36.74 -35.59
N SER C 507 -2.36 36.62 -34.45
CA SER C 507 -2.69 35.33 -33.89
C SER C 507 -4.06 34.83 -34.31
N PHE C 508 -4.58 35.32 -35.42
CA PHE C 508 -5.83 34.84 -35.96
C PHE C 508 -5.65 34.11 -37.27
N LEU C 509 -4.49 34.21 -37.89
CA LEU C 509 -4.16 33.42 -39.07
C LEU C 509 -3.60 32.07 -38.69
N ASP C 510 -3.69 31.71 -37.41
CA ASP C 510 -3.07 30.49 -36.91
C ASP C 510 -3.67 29.18 -37.43
N PRO C 511 -5.00 28.96 -37.51
CA PRO C 511 -5.43 27.61 -37.90
C PRO C 511 -5.41 27.34 -39.40
N LEU C 512 -4.38 27.83 -40.07
CA LEU C 512 -3.93 27.30 -41.35
C LEU C 512 -2.43 27.51 -41.37
N ALA C 513 -1.79 27.14 -42.46
CA ALA C 513 -0.40 27.50 -42.58
C ALA C 513 -0.18 28.36 -43.82
N TYR C 514 1.01 28.97 -43.87
CA TYR C 514 1.29 30.01 -44.84
C TYR C 514 1.30 29.49 -46.27
N GLU C 515 1.57 28.20 -46.44
CA GLU C 515 1.43 27.57 -47.74
C GLU C 515 -0.01 27.62 -48.21
N ILE C 516 -0.94 27.29 -47.32
CA ILE C 516 -2.36 27.33 -47.64
C ILE C 516 -2.80 28.76 -47.91
N TRP C 517 -2.25 29.70 -47.15
CA TRP C 517 -2.60 31.10 -47.37
C TRP C 517 -2.09 31.62 -48.71
N MET C 518 -0.96 31.11 -49.21
CA MET C 518 -0.58 31.59 -50.53
C MET C 518 -1.31 30.84 -51.64
N CYS C 519 -1.67 29.58 -51.40
CA CYS C 519 -2.36 28.81 -52.43
C CYS C 519 -3.77 29.31 -52.64
N ILE C 520 -4.42 29.79 -51.57
CA ILE C 520 -5.76 30.32 -51.74
C ILE C 520 -5.73 31.63 -52.51
N VAL C 521 -4.65 32.41 -52.39
CA VAL C 521 -4.52 33.63 -53.17
C VAL C 521 -4.32 33.31 -54.65
N PHE C 522 -3.42 32.35 -54.92
CA PHE C 522 -3.17 31.90 -56.28
C PHE C 522 -4.45 31.42 -56.95
N ALA C 523 -5.20 30.57 -56.24
CA ALA C 523 -6.40 29.98 -56.78
C ALA C 523 -7.48 31.02 -56.98
N TYR C 524 -7.54 32.02 -56.09
CA TYR C 524 -8.45 33.15 -56.27
C TYR C 524 -8.23 33.85 -57.60
N ILE C 525 -6.95 34.16 -57.89
CA ILE C 525 -6.60 34.83 -59.13
C ILE C 525 -6.98 33.98 -60.33
N GLY C 526 -6.65 32.69 -60.26
CA GLY C 526 -6.88 31.81 -61.39
C GLY C 526 -8.35 31.60 -61.70
N VAL C 527 -9.16 31.43 -60.64
CA VAL C 527 -10.58 31.22 -60.82
C VAL C 527 -11.24 32.44 -61.43
N SER C 528 -10.86 33.63 -60.94
CA SER C 528 -11.49 34.82 -61.47
C SER C 528 -11.09 35.08 -62.92
N VAL C 529 -9.84 34.81 -63.28
CA VAL C 529 -9.44 35.11 -64.65
C VAL C 529 -10.01 34.07 -65.62
N VAL C 530 -10.21 32.83 -65.16
CA VAL C 530 -10.85 31.84 -66.03
C VAL C 530 -12.31 32.20 -66.24
N LEU C 531 -12.96 32.72 -65.20
CA LEU C 531 -14.34 33.19 -65.36
C LEU C 531 -14.43 34.36 -66.32
N PHE C 532 -13.44 35.24 -66.29
CA PHE C 532 -13.41 36.34 -67.27
C PHE C 532 -13.25 35.81 -68.69
N LEU C 533 -12.30 34.91 -68.87
CA LEU C 533 -12.03 34.33 -70.18
C LEU C 533 -13.24 33.64 -70.76
N VAL C 534 -13.96 32.89 -69.93
CA VAL C 534 -15.12 32.19 -70.43
C VAL C 534 -16.29 33.15 -70.65
N SER C 535 -16.32 34.29 -69.95
CA SER C 535 -17.40 35.22 -70.17
C SER C 535 -17.24 35.98 -71.47
N ARG C 536 -16.14 36.72 -71.61
CA ARG C 536 -15.97 37.60 -72.77
C ARG C 536 -15.23 36.84 -73.87
N PHE C 537 -15.99 36.23 -74.77
CA PHE C 537 -15.37 35.30 -75.71
C PHE C 537 -16.01 35.40 -77.09
N SER C 538 -16.64 36.54 -77.42
CA SER C 538 -17.42 36.78 -78.63
C SER C 538 -18.50 35.71 -78.83
N PRO C 539 -19.58 35.74 -78.05
CA PRO C 539 -20.58 34.66 -78.12
C PRO C 539 -21.37 34.64 -79.43
N TYR C 540 -21.89 35.79 -79.83
CA TYR C 540 -22.84 36.01 -80.93
C TYR C 540 -23.88 34.89 -81.15
N SER C 556 -25.38 41.99 -78.34
CA SER C 556 -24.61 41.00 -79.07
C SER C 556 -23.34 40.66 -78.32
N GLU C 557 -22.50 41.68 -78.11
CA GLU C 557 -21.26 41.51 -77.36
C GLU C 557 -21.32 42.13 -75.98
N SER C 558 -21.89 43.33 -75.85
CA SER C 558 -22.07 43.97 -74.55
C SER C 558 -23.30 43.46 -73.81
N THR C 559 -23.85 42.33 -74.24
CA THR C 559 -25.04 41.77 -73.61
C THR C 559 -24.73 41.25 -72.21
N ASN C 560 -23.70 40.43 -72.09
CA ASN C 560 -23.30 39.91 -70.79
C ASN C 560 -22.64 41.01 -69.98
N GLU C 561 -22.61 40.83 -68.66
CA GLU C 561 -22.21 41.89 -67.74
C GLU C 561 -20.85 41.67 -67.11
N PHE C 562 -20.18 40.58 -67.43
CA PHE C 562 -18.95 40.25 -66.74
C PHE C 562 -17.73 40.89 -67.39
N GLY C 563 -16.79 41.27 -66.54
CA GLY C 563 -15.49 41.71 -66.97
C GLY C 563 -14.48 41.27 -65.93
N ILE C 564 -13.25 41.74 -66.11
CA ILE C 564 -12.18 41.42 -65.17
C ILE C 564 -12.50 41.95 -63.78
N PHE C 565 -13.11 43.12 -63.71
CA PHE C 565 -13.23 43.80 -62.45
C PHE C 565 -14.42 43.26 -61.66
N ASN C 566 -15.57 43.19 -62.35
CA ASN C 566 -16.75 42.47 -61.86
C ASN C 566 -16.40 41.07 -61.40
N SER C 567 -15.59 40.36 -62.19
CA SER C 567 -15.26 38.97 -61.84
C SER C 567 -14.36 38.91 -60.61
N LEU C 568 -13.39 39.82 -60.53
CA LEU C 568 -12.52 39.89 -59.36
C LEU C 568 -13.28 40.07 -58.08
N TRP C 569 -14.30 40.95 -58.06
CA TRP C 569 -14.95 41.00 -56.76
C TRP C 569 -16.15 40.07 -56.65
N PHE C 570 -16.59 39.47 -57.76
CA PHE C 570 -17.58 38.41 -57.66
C PHE C 570 -17.02 37.20 -56.96
N SER C 571 -15.79 36.83 -57.29
CA SER C 571 -15.21 35.67 -56.62
C SER C 571 -14.99 35.93 -55.14
N LEU C 572 -14.64 37.15 -54.78
CA LEU C 572 -14.43 37.45 -53.37
C LEU C 572 -15.76 37.47 -52.62
N GLY C 573 -16.79 38.06 -53.22
CA GLY C 573 -18.09 38.04 -52.60
C GLY C 573 -18.75 36.68 -52.58
N ALA C 574 -18.28 35.77 -53.43
CA ALA C 574 -18.70 34.40 -53.27
C ALA C 574 -17.91 33.72 -52.17
N PHE C 575 -16.63 34.08 -52.03
CA PHE C 575 -15.77 33.43 -51.05
C PHE C 575 -16.19 33.78 -49.64
N MET C 576 -16.09 35.05 -49.27
CA MET C 576 -16.69 35.48 -48.04
C MET C 576 -18.19 35.54 -48.26
N GLN C 577 -18.96 35.00 -47.33
CA GLN C 577 -20.40 34.82 -47.56
C GLN C 577 -21.10 36.16 -47.47
N GLN C 578 -21.00 36.94 -48.53
CA GLN C 578 -21.70 38.20 -48.63
C GLN C 578 -22.59 38.27 -49.85
N GLY C 579 -22.70 37.18 -50.59
CA GLY C 579 -23.52 37.16 -51.77
C GLY C 579 -22.89 37.95 -52.89
N CYS C 580 -23.75 38.45 -53.77
CA CYS C 580 -23.25 39.04 -54.99
C CYS C 580 -24.21 40.13 -55.44
N ASP C 581 -24.02 40.56 -56.67
CA ASP C 581 -24.99 41.37 -57.36
C ASP C 581 -25.49 40.72 -58.62
N ILE C 582 -24.70 39.84 -59.23
CA ILE C 582 -25.00 39.21 -60.50
C ILE C 582 -24.50 37.78 -60.50
N SER C 583 -25.01 37.00 -61.44
CA SER C 583 -24.71 35.59 -61.53
C SER C 583 -24.26 35.27 -62.95
N PRO C 584 -23.42 34.26 -63.13
CA PRO C 584 -23.12 33.79 -64.49
C PRO C 584 -24.37 33.16 -65.09
N ARG C 585 -24.65 33.50 -66.33
CA ARG C 585 -25.80 32.96 -67.03
C ARG C 585 -25.43 31.98 -68.12
N SER C 586 -24.24 32.08 -68.67
CA SER C 586 -23.76 31.10 -69.63
C SER C 586 -23.48 29.78 -68.93
N LEU C 587 -23.56 28.70 -69.72
CA LEU C 587 -23.45 27.34 -69.17
C LEU C 587 -22.09 27.10 -68.55
N SER C 588 -21.03 27.46 -69.25
CA SER C 588 -19.71 27.21 -68.72
C SER C 588 -19.38 28.16 -67.57
N GLY C 589 -19.97 29.35 -67.58
CA GLY C 589 -19.81 30.24 -66.44
C GLY C 589 -20.47 29.70 -65.19
N ARG C 590 -21.65 29.09 -65.35
CA ARG C 590 -22.29 28.46 -64.21
C ARG C 590 -21.48 27.25 -63.74
N ILE C 591 -20.93 26.49 -64.69
CA ILE C 591 -20.24 25.27 -64.31
C ILE C 591 -18.85 25.57 -63.78
N VAL C 592 -18.35 26.78 -63.98
CA VAL C 592 -17.13 27.14 -63.26
C VAL C 592 -17.45 27.80 -61.93
N GLY C 593 -18.60 28.48 -61.81
CA GLY C 593 -18.93 29.10 -60.54
C GLY C 593 -19.30 28.10 -59.47
N GLY C 594 -19.91 26.98 -59.88
CA GLY C 594 -20.26 25.94 -58.92
C GLY C 594 -19.05 25.31 -58.28
N VAL C 595 -17.94 25.26 -59.02
CA VAL C 595 -16.72 24.69 -58.47
C VAL C 595 -16.18 25.59 -57.37
N TRP C 596 -16.24 26.90 -57.57
CA TRP C 596 -15.76 27.84 -56.56
C TRP C 596 -16.67 27.81 -55.34
N TRP C 597 -17.97 27.65 -55.58
CA TRP C 597 -18.92 27.45 -54.50
C TRP C 597 -18.59 26.21 -53.69
N PHE C 598 -18.17 25.14 -54.35
CA PHE C 598 -17.80 23.97 -53.57
C PHE C 598 -16.48 24.19 -52.87
N PHE C 599 -15.62 25.00 -53.45
CA PHE C 599 -14.30 25.21 -52.91
C PHE C 599 -14.35 25.98 -51.60
N THR C 600 -15.26 26.94 -51.50
CA THR C 600 -15.27 27.74 -50.28
C THR C 600 -15.84 26.96 -49.10
N LEU C 601 -16.74 26.02 -49.36
CA LEU C 601 -17.51 25.43 -48.29
C LEU C 601 -16.67 24.44 -47.49
N ILE C 602 -15.62 23.91 -48.08
CA ILE C 602 -14.69 23.10 -47.30
C ILE C 602 -13.83 23.98 -46.43
N ILE C 603 -13.22 25.00 -47.02
CA ILE C 603 -12.14 25.71 -46.37
C ILE C 603 -12.64 26.59 -45.24
N ILE C 604 -13.68 27.39 -45.50
CA ILE C 604 -14.08 28.33 -44.47
C ILE C 604 -14.75 27.59 -43.31
N SER C 605 -15.34 26.44 -43.59
CA SER C 605 -15.88 25.61 -42.53
C SER C 605 -14.76 25.03 -41.67
N SER C 606 -13.71 24.54 -42.34
CA SER C 606 -12.54 24.07 -41.61
C SER C 606 -11.95 25.18 -40.77
N TYR C 607 -11.98 26.40 -41.29
CA TYR C 607 -11.43 27.55 -40.59
C TYR C 607 -12.19 27.83 -39.30
N THR C 608 -13.52 27.91 -39.39
CA THR C 608 -14.30 28.21 -38.19
C THR C 608 -14.22 27.07 -37.20
N ALA C 609 -14.30 25.83 -37.68
CA ALA C 609 -14.30 24.69 -36.79
C ALA C 609 -12.96 24.51 -36.10
N ASN C 610 -11.87 24.93 -36.72
CA ASN C 610 -10.59 24.79 -36.03
C ASN C 610 -10.28 26.02 -35.20
N LEU C 611 -10.83 27.19 -35.53
CA LEU C 611 -10.68 28.33 -34.65
C LEU C 611 -11.41 28.09 -33.34
N ALA C 612 -12.53 27.37 -33.43
CA ALA C 612 -13.19 26.86 -32.24
C ALA C 612 -12.30 25.93 -31.43
N ALA C 613 -11.37 25.23 -32.07
CA ALA C 613 -10.44 24.42 -31.30
C ALA C 613 -9.31 25.25 -30.68
N PHE C 614 -8.82 26.27 -31.39
CA PHE C 614 -7.79 27.12 -30.82
C PHE C 614 -8.29 28.00 -29.69
N LEU C 615 -9.59 28.28 -29.63
CA LEU C 615 -10.07 29.15 -28.57
C LEU C 615 -10.65 28.39 -27.40
N THR C 616 -10.09 27.24 -27.08
CA THR C 616 -10.50 26.49 -25.89
C THR C 616 -9.37 26.32 -24.89
N VAL C 617 -8.14 26.06 -25.35
CA VAL C 617 -7.06 25.67 -24.45
C VAL C 617 -5.77 26.36 -24.89
N GLU C 618 -4.96 26.74 -23.90
CA GLU C 618 -3.66 27.32 -24.13
C GLU C 618 -2.65 26.79 -23.12
N ARG C 619 -3.07 25.89 -22.24
CA ARG C 619 -2.29 25.49 -21.07
C ARG C 619 -1.46 24.25 -21.38
N MET C 620 -0.28 24.18 -20.78
CA MET C 620 0.63 23.08 -21.06
C MET C 620 0.22 21.82 -20.32
N VAL C 621 0.78 20.68 -20.78
CA VAL C 621 0.28 19.37 -20.39
C VAL C 621 0.81 18.93 -19.03
N SER C 622 1.71 19.72 -18.40
CA SER C 622 2.19 19.51 -17.04
C SER C 622 2.85 18.15 -16.82
N PRO C 623 4.15 18.03 -17.10
CA PRO C 623 4.90 16.77 -16.84
C PRO C 623 4.99 16.35 -15.38
N ILE C 624 6.06 15.64 -15.03
CA ILE C 624 6.23 14.47 -14.17
C ILE C 624 5.56 14.50 -12.77
N GLU C 625 4.55 15.38 -12.57
CA GLU C 625 3.75 15.60 -11.35
C GLU C 625 3.51 14.43 -10.41
N SER C 626 3.56 14.73 -9.10
CA SER C 626 3.24 13.86 -7.97
C SER C 626 4.23 12.72 -7.77
N ALA C 627 5.41 12.80 -8.40
CA ALA C 627 6.59 11.98 -8.13
C ALA C 627 6.44 10.50 -8.40
N GLU C 628 5.27 10.07 -8.88
CA GLU C 628 5.10 8.65 -9.14
C GLU C 628 5.78 8.26 -10.43
N ASP C 629 5.70 9.12 -11.45
CA ASP C 629 6.50 8.91 -12.64
C ASP C 629 7.98 9.17 -12.37
N LEU C 630 8.31 9.93 -11.31
CA LEU C 630 9.70 9.97 -10.89
C LEU C 630 10.17 8.63 -10.38
N SER C 631 9.25 7.81 -9.86
CA SER C 631 9.60 6.43 -9.58
C SER C 631 9.52 5.57 -10.84
N LYS C 632 8.69 5.94 -11.81
CA LYS C 632 8.43 5.04 -12.93
C LYS C 632 9.45 5.19 -14.05
N GLN C 633 9.66 6.40 -14.54
CA GLN C 633 10.56 6.61 -15.66
C GLN C 633 12.01 6.46 -15.21
N THR C 634 12.90 6.41 -16.20
CA THR C 634 14.33 6.43 -15.94
C THR C 634 14.99 7.64 -16.59
N GLU C 635 14.21 8.57 -17.13
CA GLU C 635 14.82 9.63 -17.93
C GLU C 635 15.36 10.75 -17.06
N ILE C 636 14.50 11.43 -16.33
CA ILE C 636 14.91 12.59 -15.55
C ILE C 636 15.39 12.13 -14.19
N ALA C 637 16.63 12.46 -13.86
CA ALA C 637 17.20 12.14 -12.57
C ALA C 637 16.69 13.11 -11.51
N TYR C 638 17.06 12.84 -10.26
CA TYR C 638 16.63 13.64 -9.12
C TYR C 638 17.51 13.31 -7.92
N GLY C 639 17.70 14.31 -7.06
CA GLY C 639 18.48 14.11 -5.86
C GLY C 639 18.04 15.03 -4.73
N THR C 640 18.72 14.89 -3.61
CA THR C 640 18.48 15.70 -2.42
C THR C 640 19.75 16.37 -1.97
N LEU C 641 19.72 16.95 -0.77
CA LEU C 641 20.90 17.53 -0.17
C LEU C 641 21.59 16.50 0.70
N ASP C 642 22.91 16.40 0.57
CA ASP C 642 23.67 15.53 1.46
C ASP C 642 23.74 16.13 2.86
N SER C 643 23.96 15.24 3.83
CA SER C 643 23.84 15.53 5.26
C SER C 643 22.49 16.15 5.57
N GLY C 644 21.44 15.57 5.00
CA GLY C 644 20.13 16.19 4.97
C GLY C 644 19.06 15.29 5.54
N SER C 645 18.08 15.94 6.20
CA SER C 645 16.99 15.21 6.81
C SER C 645 16.10 14.57 5.76
N THR C 646 15.98 15.17 4.59
CA THR C 646 15.19 14.57 3.52
C THR C 646 15.86 13.32 2.99
N LYS C 647 17.19 13.36 2.85
CA LYS C 647 17.95 12.20 2.41
C LYS C 647 17.85 11.08 3.43
N GLU C 648 17.89 11.43 4.72
CA GLU C 648 17.69 10.42 5.75
C GLU C 648 16.27 9.90 5.77
N PHE C 649 15.30 10.76 5.44
CA PHE C 649 13.90 10.37 5.38
C PHE C 649 13.66 9.36 4.28
N PHE C 650 14.25 9.57 3.11
CA PHE C 650 14.14 8.56 2.07
C PHE C 650 14.94 7.31 2.37
N ARG C 651 16.00 7.41 3.19
CA ARG C 651 16.66 6.20 3.63
C ARG C 651 15.77 5.37 4.54
N ARG C 652 15.13 6.00 5.52
CA ARG C 652 14.38 5.27 6.53
C ARG C 652 12.93 5.00 6.10
N SER C 653 12.47 5.60 5.01
CA SER C 653 11.08 5.51 4.62
C SER C 653 10.72 4.10 4.16
N LYS C 654 9.45 3.74 4.38
CA LYS C 654 8.99 2.39 4.12
C LYS C 654 7.85 2.31 3.12
N ILE C 655 7.31 3.43 2.67
CA ILE C 655 6.36 3.42 1.56
C ILE C 655 7.10 3.03 0.29
N ALA C 656 6.49 2.15 -0.51
CA ALA C 656 7.22 1.41 -1.54
C ALA C 656 7.67 2.32 -2.69
N VAL C 657 6.88 3.34 -3.01
CA VAL C 657 7.27 4.28 -4.06
C VAL C 657 8.49 5.09 -3.60
N PHE C 658 8.51 5.46 -2.32
CA PHE C 658 9.66 6.14 -1.74
C PHE C 658 10.84 5.20 -1.66
N ASP C 659 10.57 3.90 -1.47
CA ASP C 659 11.63 2.89 -1.44
C ASP C 659 12.30 2.78 -2.80
N LYS C 660 11.50 2.76 -3.87
CA LYS C 660 12.09 2.69 -5.20
C LYS C 660 12.83 3.97 -5.55
N MET C 661 12.33 5.11 -5.06
CA MET C 661 13.05 6.36 -5.27
C MET C 661 14.39 6.35 -4.55
N TRP C 662 14.42 5.82 -3.32
CA TRP C 662 15.67 5.68 -2.59
C TRP C 662 16.61 4.70 -3.28
N THR C 663 16.05 3.65 -3.89
CA THR C 663 16.84 2.70 -4.66
C THR C 663 17.52 3.37 -5.83
N TYR C 664 16.76 4.17 -6.58
CA TYR C 664 17.34 4.89 -7.72
C TYR C 664 18.36 5.94 -7.26
N MET C 665 18.12 6.57 -6.10
CA MET C 665 19.06 7.57 -5.64
C MET C 665 20.36 6.93 -5.16
N ARG C 666 20.28 5.78 -4.50
CA ARG C 666 21.51 5.14 -4.05
C ARG C 666 22.24 4.44 -5.19
N SER C 667 21.53 4.07 -6.26
CA SER C 667 22.17 3.51 -7.45
C SER C 667 22.21 4.60 -8.51
N ALA C 668 23.21 5.45 -8.42
CA ALA C 668 23.29 6.65 -9.25
C ALA C 668 24.62 6.73 -9.97
N GLU C 669 24.57 7.08 -11.25
CA GLU C 669 25.76 7.23 -12.09
C GLU C 669 25.60 8.46 -12.98
N PRO C 670 26.26 9.58 -12.65
CA PRO C 670 27.06 9.91 -11.47
C PRO C 670 26.22 10.24 -10.26
N SER C 671 26.81 10.97 -9.31
CA SER C 671 26.11 11.34 -8.10
C SER C 671 24.95 12.26 -8.41
N VAL C 672 23.75 11.81 -8.06
CA VAL C 672 22.58 12.68 -8.08
C VAL C 672 22.52 13.59 -6.87
N PHE C 673 23.38 13.37 -5.89
CA PHE C 673 23.37 14.17 -4.67
C PHE C 673 24.27 15.39 -4.83
N VAL C 674 23.94 16.43 -4.09
CA VAL C 674 24.70 17.68 -4.12
C VAL C 674 25.11 18.03 -2.70
N ARG C 675 25.97 19.03 -2.60
CA ARG C 675 26.55 19.42 -1.32
C ARG C 675 25.88 20.65 -0.71
N THR C 676 25.46 21.60 -1.53
CA THR C 676 24.77 22.78 -1.02
C THR C 676 23.58 23.08 -1.93
N THR C 677 22.74 24.01 -1.47
CA THR C 677 21.44 24.24 -2.09
C THR C 677 21.59 24.90 -3.46
N ALA C 678 22.40 25.95 -3.52
CA ALA C 678 22.59 26.69 -4.77
C ALA C 678 23.27 25.86 -5.83
N GLU C 679 24.06 24.85 -5.42
CA GLU C 679 24.64 23.89 -6.35
C GLU C 679 23.55 23.14 -7.12
N GLY C 680 22.59 22.57 -6.39
CA GLY C 680 21.49 21.89 -7.05
C GLY C 680 20.58 22.83 -7.81
N VAL C 681 20.46 24.07 -7.34
CA VAL C 681 19.71 25.09 -8.07
C VAL C 681 20.32 25.31 -9.45
N ALA C 682 21.63 25.52 -9.50
CA ALA C 682 22.30 25.74 -10.77
C ALA C 682 22.29 24.48 -11.64
N ARG C 683 22.35 23.31 -11.00
CA ARG C 683 22.32 22.06 -11.75
C ARG C 683 20.97 21.86 -12.42
N VAL C 684 19.88 22.23 -11.75
CA VAL C 684 18.58 22.12 -12.40
C VAL C 684 18.39 23.24 -13.43
N ARG C 685 18.94 24.43 -13.17
CA ARG C 685 18.89 25.50 -14.16
C ARG C 685 19.70 25.21 -15.41
N LYS C 686 20.64 24.26 -15.34
CA LYS C 686 21.40 23.90 -16.52
C LYS C 686 21.11 22.50 -17.04
N SER C 687 20.30 21.71 -16.35
CA SER C 687 20.04 20.34 -16.80
C SER C 687 19.02 20.27 -17.92
N LYS C 688 18.24 21.34 -18.13
CA LYS C 688 17.23 21.44 -19.21
C LYS C 688 16.19 20.34 -19.12
N GLY C 689 15.62 20.17 -17.92
CA GLY C 689 14.62 19.16 -17.73
C GLY C 689 15.14 17.75 -17.75
N LYS C 690 16.36 17.52 -17.26
CA LYS C 690 16.91 16.19 -17.16
C LYS C 690 17.32 15.84 -15.74
N TYR C 691 17.22 16.77 -14.80
CA TYR C 691 17.54 16.49 -13.41
C TYR C 691 16.56 17.25 -12.53
N ALA C 692 15.71 16.51 -11.83
CA ALA C 692 14.79 17.12 -10.88
C ALA C 692 15.52 17.40 -9.57
N TYR C 693 14.82 18.02 -8.64
CA TYR C 693 15.44 18.37 -7.37
C TYR C 693 14.41 18.36 -6.27
N LEU C 694 14.82 17.92 -5.09
CA LEU C 694 13.97 17.85 -3.93
C LEU C 694 14.46 18.83 -2.88
N LEU C 695 13.56 19.67 -2.38
CA LEU C 695 13.84 20.51 -1.23
C LEU C 695 12.53 20.79 -0.50
N GLU C 696 12.55 21.80 0.34
CA GLU C 696 11.42 22.13 1.20
C GLU C 696 10.66 23.32 0.63
N SER C 697 9.38 23.41 1.02
CA SER C 697 8.43 24.26 0.32
C SER C 697 8.73 25.75 0.47
N THR C 698 9.27 26.17 1.61
CA THR C 698 9.61 27.57 1.80
C THR C 698 10.77 27.98 0.91
N MET C 699 11.80 27.12 0.84
CA MET C 699 12.88 27.28 -0.12
C MET C 699 12.36 27.37 -1.53
N ASN C 700 11.38 26.52 -1.86
CA ASN C 700 10.85 26.44 -3.21
C ASN C 700 10.13 27.72 -3.60
N GLU C 701 9.27 28.21 -2.71
CA GLU C 701 8.55 29.43 -3.07
C GLU C 701 9.48 30.64 -3.04
N TYR C 702 10.53 30.63 -2.21
CA TYR C 702 11.46 31.75 -2.26
C TYR C 702 12.25 31.76 -3.56
N ILE C 703 12.66 30.59 -4.05
CA ILE C 703 13.33 30.53 -5.33
C ILE C 703 12.38 30.90 -6.47
N GLU C 704 11.09 30.60 -6.31
CA GLU C 704 10.12 31.01 -7.32
C GLU C 704 9.94 32.52 -7.35
N GLN C 705 10.01 33.18 -6.20
CA GLN C 705 9.74 34.61 -6.17
C GLN C 705 10.98 35.47 -6.42
N ARG C 706 11.97 34.94 -7.13
CA ARG C 706 13.15 35.72 -7.47
C ARG C 706 13.36 35.71 -8.98
N LYS C 707 14.22 36.60 -9.44
CA LYS C 707 14.69 36.53 -10.82
C LYS C 707 15.68 35.38 -10.96
N PRO C 708 15.69 34.69 -12.11
CA PRO C 708 14.97 34.93 -13.37
C PRO C 708 13.64 34.21 -13.51
N CYS C 709 13.08 33.68 -12.41
CA CYS C 709 11.81 32.96 -12.39
C CYS C 709 11.78 31.75 -13.33
N ASP C 710 12.94 31.15 -13.62
CA ASP C 710 12.96 30.03 -14.54
C ASP C 710 12.64 28.70 -13.89
N THR C 711 12.34 28.68 -12.60
CA THR C 711 12.02 27.47 -11.86
C THR C 711 10.52 27.38 -11.65
N MET C 712 10.08 26.23 -11.16
CA MET C 712 8.65 26.01 -11.01
C MET C 712 8.42 24.89 -10.00
N LYS C 713 7.49 25.13 -9.08
CA LYS C 713 7.02 24.09 -8.18
C LYS C 713 5.94 23.26 -8.86
N VAL C 714 6.08 21.95 -8.81
CA VAL C 714 5.08 21.04 -9.34
C VAL C 714 4.55 20.17 -8.22
N GLY C 715 3.36 19.62 -8.45
CA GLY C 715 2.72 18.72 -7.52
C GLY C 715 2.31 19.39 -6.22
N GLY C 716 1.97 18.54 -5.25
CA GLY C 716 1.63 18.97 -3.92
C GLY C 716 2.77 18.77 -2.94
N ASN C 717 2.42 18.63 -1.67
CA ASN C 717 3.42 18.38 -0.66
C ASN C 717 3.53 16.88 -0.42
N LEU C 718 4.36 16.48 0.53
CA LEU C 718 4.49 15.07 0.85
C LEU C 718 4.26 14.76 2.32
N ASP C 719 4.54 15.68 3.23
CA ASP C 719 4.46 15.41 4.66
C ASP C 719 4.37 16.75 5.40
N SER C 720 4.52 16.68 6.72
CA SER C 720 4.38 17.86 7.58
C SER C 720 5.57 17.90 8.53
N LYS C 721 6.64 18.55 8.10
CA LYS C 721 7.78 18.78 8.97
C LYS C 721 7.61 20.12 9.69
N GLY C 722 8.63 20.53 10.43
CA GLY C 722 8.58 21.80 11.14
C GLY C 722 9.92 22.27 11.64
N TYR C 723 10.19 23.56 11.48
CA TYR C 723 11.40 24.16 12.03
C TYR C 723 11.19 24.52 13.49
N GLY C 724 12.28 24.42 14.25
CA GLY C 724 12.20 24.67 15.67
C GLY C 724 13.47 25.30 16.18
N ILE C 725 13.47 25.60 17.48
CA ILE C 725 14.65 26.07 18.18
C ILE C 725 15.25 24.88 18.90
N ALA C 726 16.56 24.70 18.76
CA ALA C 726 17.25 23.54 19.31
C ALA C 726 18.18 23.97 20.44
N THR C 727 18.11 23.24 21.54
CA THR C 727 18.90 23.46 22.74
C THR C 727 19.62 22.17 23.11
N PRO C 728 20.76 22.27 23.77
CA PRO C 728 21.39 21.06 24.34
C PRO C 728 20.52 20.48 25.42
N LYS C 729 20.62 19.16 25.58
CA LYS C 729 19.68 18.42 26.41
C LYS C 729 20.00 18.65 27.87
N GLY C 730 19.11 19.32 28.58
CA GLY C 730 19.20 19.46 30.03
C GLY C 730 19.55 20.85 30.52
N SER C 731 19.85 21.79 29.63
CA SER C 731 20.18 23.12 30.11
C SER C 731 18.93 23.86 30.57
N SER C 732 19.15 24.99 31.23
CA SER C 732 18.07 25.77 31.81
C SER C 732 17.40 26.71 30.81
N LEU C 733 17.85 26.72 29.56
CA LEU C 733 17.29 27.64 28.59
C LEU C 733 16.01 27.12 27.96
N GLY C 734 15.73 25.83 28.13
CA GLY C 734 14.68 25.14 27.40
C GLY C 734 13.28 25.68 27.61
N THR C 735 12.82 25.67 28.86
CA THR C 735 11.50 26.20 29.14
C THR C 735 11.33 27.72 28.96
N PRO C 736 12.30 28.61 29.24
CA PRO C 736 12.07 30.01 28.86
C PRO C 736 12.06 30.26 27.36
N VAL C 737 12.89 29.55 26.59
CA VAL C 737 12.80 29.69 25.13
C VAL C 737 11.48 29.15 24.61
N ASN C 738 11.04 28.02 25.14
CA ASN C 738 9.78 27.41 24.72
C ASN C 738 8.60 28.29 25.10
N LEU C 739 8.69 28.98 26.23
CA LEU C 739 7.69 29.96 26.59
C LEU C 739 7.75 31.15 25.66
N ALA C 740 8.96 31.55 25.25
CA ALA C 740 9.13 32.77 24.47
C ALA C 740 8.61 32.60 23.04
N VAL C 741 8.63 31.38 22.52
CA VAL C 741 8.15 31.15 21.16
C VAL C 741 6.65 31.41 21.06
N LEU C 742 5.91 31.02 22.08
CA LEU C 742 4.46 31.10 22.01
C LEU C 742 3.95 32.53 22.06
N LYS C 743 4.67 33.41 22.75
CA LYS C 743 4.30 34.82 22.76
C LYS C 743 4.45 35.44 21.38
N LEU C 744 5.56 35.14 20.70
CA LEU C 744 5.75 35.62 19.35
C LEU C 744 4.78 35.00 18.37
N SER C 745 4.32 33.77 18.65
CA SER C 745 3.31 33.17 17.79
C SER C 745 1.97 33.85 17.95
N GLU C 746 1.57 34.11 19.19
CA GLU C 746 0.26 34.67 19.42
C GLU C 746 0.19 36.15 19.10
N GLN C 747 1.33 36.85 19.10
CA GLN C 747 1.33 38.28 18.80
C GLN C 747 1.56 38.59 17.32
N GLY C 748 1.53 37.57 16.45
CA GLY C 748 1.61 37.78 15.02
C GLY C 748 2.94 38.26 14.49
N VAL C 749 3.96 38.32 15.35
CA VAL C 749 5.27 38.81 14.94
C VAL C 749 5.87 37.87 13.92
N LEU C 750 5.57 36.58 14.04
CA LEU C 750 6.05 35.59 13.08
C LEU C 750 5.44 35.82 11.70
N ASP C 751 4.15 36.15 11.65
CA ASP C 751 3.52 36.42 10.36
C ASP C 751 4.07 37.69 9.73
N LYS C 752 4.31 38.70 10.57
CA LYS C 752 4.88 39.95 10.09
C LYS C 752 6.27 39.74 9.50
N LEU C 753 7.11 38.98 10.20
CA LEU C 753 8.46 38.69 9.71
C LEU C 753 8.41 37.81 8.47
N LYS C 754 7.46 36.88 8.42
CA LYS C 754 7.38 35.97 7.28
C LYS C 754 6.98 36.72 6.03
N ASN C 755 6.02 37.63 6.15
CA ASN C 755 5.66 38.47 5.01
C ASN C 755 6.82 39.38 4.63
N LYS C 756 7.53 39.89 5.63
CA LYS C 756 8.64 40.82 5.40
C LYS C 756 9.77 40.17 4.62
N TRP C 757 10.07 38.91 4.93
CA TRP C 757 11.21 38.26 4.30
C TRP C 757 10.82 37.24 3.25
N TRP C 758 9.54 37.11 2.90
CA TRP C 758 9.18 36.38 1.69
C TRP C 758 8.47 37.26 0.66
N TYR C 759 7.36 37.90 1.01
CA TYR C 759 6.47 38.39 -0.02
C TYR C 759 6.65 39.87 -0.31
N ASP C 760 7.21 40.62 0.63
CA ASP C 760 7.45 42.04 0.41
C ASP C 760 8.66 42.29 -0.48
N LYS C 761 9.47 41.27 -0.72
CA LYS C 761 10.56 41.34 -1.69
C LYS C 761 10.11 40.79 -3.04
N GLY C 762 8.84 40.97 -3.38
CA GLY C 762 8.36 40.53 -4.67
C GLY C 762 8.92 41.37 -5.78
N GLU C 763 9.89 40.80 -6.49
CA GLU C 763 10.56 41.48 -7.59
C GLU C 763 10.11 40.91 -8.93
N CYS C 764 10.27 39.60 -9.10
CA CYS C 764 9.85 38.90 -10.31
C CYS C 764 8.42 38.41 -10.10
N GLY C 765 7.52 39.38 -10.03
CA GLY C 765 6.12 39.08 -9.77
C GLY C 765 5.43 38.47 -10.98
N ALA C 766 5.80 37.24 -11.32
CA ALA C 766 5.23 36.57 -12.49
C ALA C 766 3.76 36.21 -12.23
N LYS C 767 3.51 35.55 -11.09
CA LYS C 767 2.16 35.37 -10.52
C LYS C 767 1.24 34.57 -11.45
N ASP C 768 1.79 33.50 -12.04
CA ASP C 768 1.04 32.62 -12.90
C ASP C 768 0.53 31.43 -12.10
N SER C 769 -0.80 31.32 -11.98
CA SER C 769 -1.42 30.22 -11.24
C SER C 769 -2.24 29.32 -12.15
N GLY C 770 -3.19 29.88 -12.91
CA GLY C 770 -3.96 29.09 -13.85
C GLY C 770 -5.35 28.73 -13.37
N SER C 771 -6.37 29.20 -14.08
CA SER C 771 -7.76 28.88 -13.80
C SER C 771 -8.34 28.08 -14.95
N LYS C 772 -8.99 26.96 -14.63
CA LYS C 772 -9.56 26.07 -15.62
C LYS C 772 -10.89 26.56 -16.18
N GLU C 773 -11.31 27.77 -15.81
CA GLU C 773 -12.59 28.32 -16.23
C GLU C 773 -12.52 28.65 -17.72
N LYS C 774 -13.07 27.76 -18.55
CA LYS C 774 -13.04 27.92 -19.99
C LYS C 774 -14.04 28.95 -20.50
N THR C 775 -14.82 29.57 -19.62
CA THR C 775 -15.76 30.61 -19.96
C THR C 775 -15.16 32.01 -19.79
N SER C 776 -13.88 32.15 -20.05
CA SER C 776 -13.22 33.45 -19.99
C SER C 776 -13.36 34.15 -21.33
N ALA C 777 -13.83 35.39 -21.30
CA ALA C 777 -14.04 36.16 -22.51
C ALA C 777 -12.72 36.55 -23.15
N LEU C 778 -12.80 37.17 -24.31
CA LEU C 778 -11.60 37.60 -25.01
C LEU C 778 -11.22 39.02 -24.63
N SER C 779 -9.92 39.24 -24.49
CA SER C 779 -9.41 40.59 -24.36
C SER C 779 -9.36 41.25 -25.72
N LEU C 780 -9.14 42.55 -25.72
CA LEU C 780 -8.91 43.25 -26.97
C LEU C 780 -7.54 42.92 -27.55
N SER C 781 -6.60 42.56 -26.67
CA SER C 781 -5.22 42.29 -27.03
C SER C 781 -5.05 41.08 -27.93
N ASN C 782 -6.03 40.18 -27.98
CA ASN C 782 -5.95 39.08 -28.93
C ASN C 782 -6.48 39.47 -30.29
N VAL C 783 -7.16 40.60 -30.40
CA VAL C 783 -7.97 40.88 -31.58
C VAL C 783 -7.46 42.07 -32.36
N ALA C 784 -6.75 43.02 -31.71
CA ALA C 784 -6.47 44.34 -32.26
C ALA C 784 -5.71 44.35 -33.58
N GLY C 785 -4.99 43.26 -33.88
CA GLY C 785 -4.30 43.13 -35.15
C GLY C 785 -5.24 43.23 -36.35
N VAL C 786 -6.48 42.79 -36.18
CA VAL C 786 -7.48 42.95 -37.23
C VAL C 786 -7.79 44.42 -37.44
N PHE C 787 -7.95 45.16 -36.34
CA PHE C 787 -8.30 46.57 -36.40
C PHE C 787 -7.24 47.39 -37.09
N TYR C 788 -5.97 46.99 -36.94
CA TYR C 788 -4.92 47.71 -37.66
C TYR C 788 -5.08 47.59 -39.16
N ILE C 789 -5.39 46.39 -39.65
CA ILE C 789 -5.66 46.18 -41.08
C ILE C 789 -6.87 46.97 -41.51
N LEU C 790 -7.88 47.08 -40.65
CA LEU C 790 -9.07 47.85 -40.97
C LEU C 790 -8.75 49.33 -41.18
N VAL C 791 -7.99 49.90 -40.25
CA VAL C 791 -7.65 51.32 -40.33
C VAL C 791 -6.77 51.59 -41.54
N GLY C 792 -5.80 50.71 -41.80
CA GLY C 792 -4.91 50.90 -42.94
C GLY C 792 -5.64 50.80 -44.25
N GLY C 793 -6.60 49.88 -44.36
CA GLY C 793 -7.38 49.77 -45.57
C GLY C 793 -8.27 50.96 -45.82
N LEU C 794 -8.82 51.54 -44.74
CA LEU C 794 -9.62 52.76 -44.88
C LEU C 794 -8.78 53.89 -45.44
N GLY C 795 -7.57 54.05 -44.90
CA GLY C 795 -6.68 55.09 -45.41
C GLY C 795 -6.26 54.85 -46.84
N LEU C 796 -6.02 53.59 -47.20
CA LEU C 796 -5.63 53.25 -48.57
C LEU C 796 -6.74 53.60 -49.55
N ALA C 797 -7.98 53.25 -49.20
CA ALA C 797 -9.09 53.51 -50.09
C ALA C 797 -9.34 55.00 -50.25
N MET C 798 -9.21 55.75 -49.15
CA MET C 798 -9.36 57.19 -49.23
C MET C 798 -8.30 57.82 -50.11
N LEU C 799 -7.07 57.29 -50.02
CA LEU C 799 -5.98 57.81 -50.84
C LEU C 799 -6.22 57.52 -52.32
N VAL C 800 -6.72 56.33 -52.64
CA VAL C 800 -6.96 55.97 -54.02
C VAL C 800 -8.09 56.81 -54.61
N ALA C 801 -9.14 57.05 -53.83
CA ALA C 801 -10.22 57.91 -54.30
C ALA C 801 -9.74 59.35 -54.51
N LEU C 802 -8.85 59.83 -53.64
CA LEU C 802 -8.32 61.18 -53.78
C LEU C 802 -7.45 61.32 -55.02
N ILE C 803 -6.60 60.33 -55.29
CA ILE C 803 -5.72 60.48 -56.45
C ILE C 803 -6.50 60.26 -57.74
N GLU C 804 -7.58 59.48 -57.70
CA GLU C 804 -8.41 59.39 -58.90
C GLU C 804 -9.19 60.68 -59.13
N PHE C 805 -9.58 61.37 -58.06
CA PHE C 805 -10.18 62.68 -58.26
C PHE C 805 -9.18 63.70 -58.76
N CYS C 806 -7.92 63.58 -58.36
CA CYS C 806 -6.89 64.48 -58.89
C CYS C 806 -6.64 64.22 -60.37
N TYR C 807 -6.70 62.95 -60.79
CA TYR C 807 -6.60 62.63 -62.21
C TYR C 807 -7.80 63.17 -62.97
N LYS C 808 -8.99 63.10 -62.37
CA LYS C 808 -10.16 63.68 -63.01
C LYS C 808 -10.08 65.20 -63.07
N SER C 809 -9.45 65.83 -62.08
CA SER C 809 -9.37 67.29 -62.06
C SER C 809 -8.34 67.80 -63.05
N ARG C 810 -7.24 67.07 -63.21
CA ARG C 810 -6.32 67.38 -64.30
C ARG C 810 -6.96 67.08 -65.64
N ALA C 811 -7.84 66.09 -65.70
CA ALA C 811 -8.62 65.80 -66.90
C ALA C 811 -9.69 66.86 -67.12
N LEU C 821 -5.81 49.23 -71.62
CA LEU C 821 -4.95 50.28 -71.10
C LEU C 821 -5.00 51.54 -71.96
N PHE C 822 -3.95 52.34 -71.88
CA PHE C 822 -3.91 53.64 -72.53
C PHE C 822 -3.05 53.55 -73.79
N ASP C 823 -3.58 54.09 -74.90
CA ASP C 823 -2.90 54.14 -76.21
C ASP C 823 -2.56 52.74 -76.72
N ARG C 824 -3.62 52.00 -77.10
CA ARG C 824 -3.50 50.69 -77.73
C ARG C 824 -2.50 50.70 -78.89
N GLY C 825 -1.69 49.65 -78.95
CA GLY C 825 -0.55 49.60 -79.82
C GLY C 825 0.68 49.30 -79.00
N VAL C 826 0.75 49.91 -77.82
CA VAL C 826 1.79 49.60 -76.84
C VAL C 826 1.48 48.31 -76.10
N GLN C 827 0.25 47.83 -76.23
CA GLN C 827 -0.18 46.61 -75.56
C GLN C 827 0.56 45.39 -76.07
N MET C 828 0.87 45.36 -77.37
CA MET C 828 1.58 44.21 -77.92
C MET C 828 3.02 44.18 -77.44
N LEU C 829 3.66 45.35 -77.39
CA LEU C 829 4.97 45.49 -76.76
C LEU C 829 4.94 45.02 -75.31
N LEU C 830 3.89 45.43 -74.59
CA LEU C 830 3.81 45.14 -73.17
C LEU C 830 3.57 43.66 -72.93
N THR C 831 2.76 43.02 -73.77
CA THR C 831 2.52 41.60 -73.57
C THR C 831 3.70 40.75 -74.04
N THR C 832 4.48 41.23 -75.03
CA THR C 832 5.67 40.49 -75.41
C THR C 832 6.74 40.57 -74.33
N VAL C 833 6.93 41.76 -73.74
CA VAL C 833 7.95 41.84 -72.70
C VAL C 833 7.50 41.14 -71.42
N GLY C 834 6.18 41.09 -71.17
CA GLY C 834 5.71 40.33 -70.03
C GLY C 834 5.86 38.83 -70.21
N ALA C 835 5.54 38.33 -71.40
CA ALA C 835 5.72 36.91 -71.69
C ALA C 835 7.18 36.52 -71.69
N PHE C 836 8.05 37.42 -72.15
CA PHE C 836 9.49 37.17 -72.11
C PHE C 836 9.99 37.12 -70.68
N ALA C 837 9.50 38.02 -69.83
CA ALA C 837 9.88 38.02 -68.42
C ALA C 837 9.41 36.76 -67.72
N ALA C 838 8.19 36.32 -68.04
CA ALA C 838 7.65 35.10 -67.43
C ALA C 838 8.43 33.87 -67.89
N PHE C 839 8.79 33.83 -69.17
CA PHE C 839 9.57 32.71 -69.69
C PHE C 839 10.95 32.66 -69.07
N SER C 840 11.56 33.84 -68.91
CA SER C 840 12.87 33.93 -68.28
C SER C 840 12.82 33.47 -66.84
N LEU C 841 11.87 33.98 -66.08
CA LEU C 841 11.78 33.63 -64.66
C LEU C 841 11.41 32.17 -64.47
N MET C 842 10.58 31.61 -65.34
CA MET C 842 10.22 30.20 -65.20
C MET C 842 11.38 29.29 -65.56
N THR C 843 12.16 29.63 -66.59
CA THR C 843 13.32 28.82 -66.91
C THR C 843 14.40 28.93 -65.85
N ILE C 844 14.57 30.13 -65.27
CA ILE C 844 15.50 30.29 -64.15
C ILE C 844 15.02 29.48 -62.96
N ALA C 845 13.71 29.47 -62.70
CA ALA C 845 13.17 28.74 -61.56
C ALA C 845 13.27 27.23 -61.74
N VAL C 846 13.16 26.75 -62.98
CA VAL C 846 13.33 25.32 -63.21
C VAL C 846 14.79 24.92 -63.09
N GLY C 847 15.67 25.59 -63.85
CA GLY C 847 17.07 25.24 -63.77
C GLY C 847 17.73 25.86 -62.56
N THR C 848 17.52 25.29 -61.38
CA THR C 848 17.91 25.95 -60.14
C THR C 848 18.39 24.93 -59.12
N ASP C 849 19.42 25.30 -58.37
CA ASP C 849 19.79 24.55 -57.17
C ASP C 849 19.21 25.11 -55.88
N TYR C 850 18.71 26.35 -55.89
CA TYR C 850 18.23 26.98 -54.66
C TYR C 850 16.72 27.20 -54.74
N TRP C 851 15.96 26.30 -54.10
CA TRP C 851 14.60 26.61 -53.72
C TRP C 851 14.43 26.68 -52.21
N LEU C 852 14.69 25.59 -51.49
CA LEU C 852 14.47 25.62 -50.06
C LEU C 852 15.78 25.43 -49.31
N TYR C 853 15.69 25.60 -47.99
CA TYR C 853 16.82 25.39 -47.11
C TYR C 853 16.33 24.67 -45.87
N SER C 854 17.01 23.59 -45.52
CA SER C 854 16.63 22.75 -44.39
C SER C 854 17.91 22.14 -43.83
N ARG C 855 17.75 21.09 -43.02
CA ARG C 855 18.88 20.37 -42.44
C ARG C 855 18.84 18.94 -42.92
N GLY C 856 19.88 18.52 -43.62
CA GLY C 856 19.96 17.18 -44.14
C GLY C 856 21.39 16.71 -44.24
N VAL C 857 21.64 15.83 -45.20
CA VAL C 857 22.97 15.28 -45.43
C VAL C 857 23.45 15.75 -46.80
N CYS C 858 24.72 15.49 -47.09
CA CYS C 858 25.27 15.77 -48.41
C CYS C 858 25.37 14.49 -49.25
N LYS C 859 26.11 13.50 -48.77
CA LYS C 859 26.28 12.25 -49.50
C LYS C 859 26.74 11.18 -48.51
N THR C 860 25.90 10.18 -48.29
CA THR C 860 26.22 9.13 -47.34
C THR C 860 26.71 7.88 -48.08
N LYS C 861 27.24 6.95 -47.29
CA LYS C 861 27.63 5.60 -47.70
C LYS C 861 28.67 5.57 -48.83
N VAL C 875 23.24 19.27 -41.42
CA VAL C 875 23.93 20.12 -42.39
C VAL C 875 22.92 21.00 -43.09
N MET C 876 23.17 22.31 -43.10
CA MET C 876 22.32 23.24 -43.83
C MET C 876 22.40 22.96 -45.32
N THR C 877 21.24 22.74 -45.94
CA THR C 877 21.16 22.11 -47.24
C THR C 877 20.67 23.11 -48.29
N HIS C 878 21.47 23.27 -49.35
CA HIS C 878 21.20 24.18 -50.47
C HIS C 878 20.30 23.48 -51.50
N SER C 879 19.12 23.10 -51.05
CA SER C 879 18.32 22.11 -51.75
C SER C 879 17.47 22.74 -52.86
N GLY C 880 17.27 21.98 -53.93
CA GLY C 880 16.50 22.44 -55.06
C GLY C 880 15.56 21.39 -55.62
N LEU C 881 15.64 21.12 -56.92
CA LEU C 881 14.69 20.23 -57.56
C LEU C 881 15.06 18.76 -57.36
N TRP C 882 16.24 18.35 -57.85
CA TRP C 882 16.72 17.00 -57.58
C TRP C 882 18.13 17.05 -57.02
N ARG C 883 18.89 18.05 -57.45
CA ARG C 883 20.21 18.23 -56.88
C ARG C 883 20.06 18.77 -55.48
N THR C 884 20.06 17.86 -54.49
CA THR C 884 20.03 18.26 -53.08
C THR C 884 21.44 18.65 -52.63
N CYS C 885 21.89 19.76 -53.19
CA CYS C 885 23.25 20.22 -52.96
C CYS C 885 23.33 20.84 -51.56
N CYS C 886 24.54 20.99 -51.07
CA CYS C 886 24.68 21.40 -49.67
C CYS C 886 25.83 22.38 -49.51
N LEU C 887 25.87 22.99 -48.33
CA LEU C 887 26.90 23.93 -47.97
C LEU C 887 27.12 23.84 -46.46
N GLU C 888 28.15 24.53 -45.98
CA GLU C 888 28.48 24.71 -44.55
C GLU C 888 28.74 23.36 -43.87
N GLY C 889 29.82 22.73 -44.29
CA GLY C 889 30.22 21.46 -43.70
C GLY C 889 31.67 21.14 -43.99
N ASN C 890 31.95 19.84 -44.08
CA ASN C 890 33.28 19.39 -44.47
C ASN C 890 33.61 19.81 -45.90
N PHE C 891 32.62 19.76 -46.80
CA PHE C 891 32.77 20.26 -48.15
C PHE C 891 31.51 21.03 -48.54
N LYS C 892 31.69 22.03 -49.39
CA LYS C 892 30.62 22.95 -49.76
C LYS C 892 30.44 22.91 -51.27
N GLY C 893 29.32 22.37 -51.72
CA GLY C 893 28.99 22.42 -53.14
C GLY C 893 29.14 21.10 -53.87
N LEU C 894 28.77 20.00 -53.23
CA LEU C 894 28.74 18.69 -53.85
C LEU C 894 27.28 18.27 -53.98
N CYS C 895 26.78 18.32 -55.21
CA CYS C 895 25.34 18.29 -55.46
C CYS C 895 24.92 16.85 -55.75
N LYS C 896 24.42 16.18 -54.70
CA LYS C 896 23.89 14.83 -54.87
C LYS C 896 22.57 14.86 -55.61
N GLN C 897 22.41 13.98 -56.59
CA GLN C 897 21.14 13.83 -57.30
C GLN C 897 20.26 12.84 -56.54
N ILE C 898 19.07 13.28 -56.16
CA ILE C 898 18.19 12.50 -55.29
C ILE C 898 17.02 11.97 -56.10
N ASP C 899 16.45 10.87 -55.60
CA ASP C 899 15.19 10.33 -56.10
C ASP C 899 14.50 9.69 -54.89
N HIS C 900 13.47 8.89 -55.15
CA HIS C 900 12.72 8.25 -54.08
C HIS C 900 13.25 6.83 -53.86
N PHE C 901 13.60 6.54 -52.60
CA PHE C 901 13.76 5.17 -52.13
C PHE C 901 13.65 5.16 -50.62
N PRO C 902 12.45 5.03 -50.07
CA PRO C 902 12.30 4.86 -48.62
C PRO C 902 12.58 3.42 -48.21
N GLU C 903 12.53 3.17 -46.90
CA GLU C 903 12.58 1.82 -46.35
C GLU C 903 11.34 1.65 -45.47
N ASP C 904 10.23 1.35 -46.15
CA ASP C 904 8.91 1.39 -45.54
C ASP C 904 8.46 0.01 -45.11
N ALA C 905 7.16 -0.12 -44.81
CA ALA C 905 6.50 -1.39 -44.56
C ALA C 905 6.05 -2.09 -45.84
N ASP C 906 6.72 -1.79 -46.97
CA ASP C 906 6.45 -2.35 -48.30
C ASP C 906 5.01 -2.05 -48.75
N TYR C 907 4.76 -0.76 -48.97
CA TYR C 907 3.51 -0.35 -49.60
C TYR C 907 3.49 -0.85 -51.04
N GLU C 908 2.45 -1.63 -51.37
CA GLU C 908 2.45 -2.37 -52.62
C GLU C 908 2.06 -1.49 -53.80
N ALA C 909 0.83 -1.00 -53.78
CA ALA C 909 0.32 -0.07 -54.78
C ALA C 909 -0.42 1.06 -54.09
N ASP C 910 0.17 1.56 -53.01
CA ASP C 910 -0.40 2.68 -52.26
C ASP C 910 -0.30 3.90 -53.15
N THR C 911 -1.41 4.23 -53.81
CA THR C 911 -1.38 5.11 -54.98
C THR C 911 -1.12 6.55 -54.60
N ALA C 912 -1.78 7.04 -53.54
CA ALA C 912 -1.58 8.42 -53.10
C ALA C 912 -0.21 8.66 -52.48
N GLU C 913 0.55 7.61 -52.19
CA GLU C 913 1.92 7.73 -51.73
C GLU C 913 2.92 7.16 -52.72
N TYR C 914 2.47 6.71 -53.89
CA TYR C 914 3.33 6.14 -54.91
C TYR C 914 3.26 6.91 -56.22
N PHE C 915 2.06 7.06 -56.79
CA PHE C 915 1.88 7.82 -58.01
C PHE C 915 2.15 9.29 -57.77
N LEU C 916 1.87 9.74 -56.54
CA LEU C 916 2.25 11.08 -56.13
C LEU C 916 3.77 11.27 -56.19
N ARG C 917 4.52 10.28 -55.71
CA ARG C 917 5.98 10.31 -55.82
C ARG C 917 6.42 10.25 -57.26
N ALA C 918 5.69 9.50 -58.09
CA ALA C 918 6.02 9.37 -59.51
C ALA C 918 5.86 10.69 -60.24
N VAL C 919 4.86 11.47 -59.85
CA VAL C 919 4.74 12.81 -60.42
C VAL C 919 5.75 13.75 -59.75
N ARG C 920 6.14 13.48 -58.51
CA ARG C 920 7.06 14.36 -57.80
C ARG C 920 8.47 14.30 -58.37
N ALA C 921 9.12 13.14 -58.29
CA ALA C 921 10.52 13.10 -58.75
C ALA C 921 10.63 12.79 -60.22
N SER C 922 9.73 13.41 -60.99
CA SER C 922 9.87 13.63 -62.42
C SER C 922 8.92 14.79 -62.69
N SER C 923 9.45 16.00 -62.74
CA SER C 923 8.60 17.19 -62.83
C SER C 923 8.02 17.27 -64.23
N ILE C 924 6.75 16.90 -64.37
CA ILE C 924 6.04 17.00 -65.63
C ILE C 924 5.11 18.21 -65.67
N PHE C 925 4.36 18.41 -64.61
CA PHE C 925 3.58 19.62 -64.42
C PHE C 925 4.43 20.89 -64.29
N PRO C 926 5.57 20.92 -63.59
CA PRO C 926 6.40 22.14 -63.69
C PRO C 926 7.04 22.35 -65.05
N ILE C 927 7.40 21.26 -65.74
CA ILE C 927 8.11 21.44 -67.01
C ILE C 927 7.14 21.82 -68.12
N LEU C 928 5.85 21.50 -67.96
CA LEU C 928 4.91 21.79 -69.02
C LEU C 928 4.54 23.25 -69.09
N SER C 929 4.79 23.99 -67.99
CA SER C 929 4.59 25.43 -68.00
C SER C 929 5.53 26.11 -68.99
N VAL C 930 6.78 25.66 -69.04
CA VAL C 930 7.75 26.17 -70.01
C VAL C 930 7.29 25.89 -71.43
N ILE C 931 6.73 24.70 -71.63
CA ILE C 931 6.33 24.27 -72.96
C ILE C 931 5.17 25.11 -73.47
N LEU C 932 4.10 25.22 -72.66
CA LEU C 932 2.97 26.05 -73.05
C LEU C 932 3.34 27.52 -73.14
N LEU C 933 4.27 27.96 -72.29
CA LEU C 933 4.64 29.36 -72.23
C LEU C 933 5.39 29.77 -73.49
N PHE C 934 6.32 28.93 -73.94
CA PHE C 934 6.99 29.23 -75.21
C PHE C 934 6.10 28.96 -76.41
N MET C 935 5.12 28.05 -76.27
CA MET C 935 4.17 27.84 -77.36
C MET C 935 3.31 29.08 -77.60
N GLY C 936 2.80 29.67 -76.51
CA GLY C 936 2.10 30.93 -76.62
C GLY C 936 2.98 32.08 -77.03
N GLY C 937 4.25 32.06 -76.63
CA GLY C 937 5.19 33.07 -77.10
C GLY C 937 5.43 32.99 -78.59
N LEU C 938 5.45 31.76 -79.13
CA LEU C 938 5.51 31.61 -80.58
C LEU C 938 4.25 32.13 -81.25
N CYS C 939 3.09 31.94 -80.62
CA CYS C 939 1.86 32.45 -81.24
C CYS C 939 1.80 33.97 -81.23
N ILE C 940 2.23 34.59 -80.13
CA ILE C 940 2.25 36.06 -80.10
C ILE C 940 3.38 36.59 -80.98
N ALA C 941 4.41 35.79 -81.24
CA ALA C 941 5.42 36.17 -82.22
C ALA C 941 4.89 36.02 -83.64
N ALA C 942 4.02 35.04 -83.88
CA ALA C 942 3.44 34.80 -85.18
C ALA C 942 2.16 35.58 -85.42
N SER C 943 1.82 36.47 -84.49
CA SER C 943 0.71 37.40 -84.69
C SER C 943 0.90 38.26 -85.95
N GLU C 944 2.10 38.80 -86.18
CA GLU C 944 2.29 39.78 -87.25
C GLU C 944 2.20 39.12 -88.63
N PHE C 945 2.91 38.02 -88.82
CA PHE C 945 2.78 37.29 -90.06
C PHE C 945 1.44 36.55 -90.07
N TYR C 946 0.91 36.32 -91.28
CA TYR C 946 -0.30 35.54 -91.54
C TYR C 946 -1.51 36.19 -90.85
N LYS C 947 -1.50 37.52 -90.81
CA LYS C 947 -2.45 38.29 -90.03
C LYS C 947 -3.72 38.54 -90.83
N THR C 948 -4.59 39.39 -90.27
CA THR C 948 -5.91 39.77 -90.80
C THR C 948 -6.76 38.51 -91.02
N ARG C 949 -6.78 37.69 -89.98
CA ARG C 949 -7.77 36.64 -89.83
C ARG C 949 -8.45 36.73 -88.48
N HIS C 950 -8.03 37.68 -87.63
CA HIS C 950 -8.67 38.07 -86.35
C HIS C 950 -9.03 36.90 -85.46
N ASN C 951 -8.20 35.85 -85.51
CA ASN C 951 -8.51 34.62 -84.80
C ASN C 951 -7.31 34.04 -84.07
N ILE C 952 -6.09 34.37 -84.48
CA ILE C 952 -4.93 33.60 -84.06
C ILE C 952 -4.50 33.96 -82.64
N ILE C 953 -4.61 35.23 -82.25
CA ILE C 953 -4.05 35.62 -80.97
C ILE C 953 -4.96 35.22 -79.82
N LEU C 954 -6.21 34.87 -80.11
CA LEU C 954 -7.07 34.21 -79.13
C LEU C 954 -6.46 32.89 -78.68
N SER C 955 -5.89 32.14 -79.62
CA SER C 955 -5.26 30.86 -79.29
C SER C 955 -4.04 31.04 -78.41
N ALA C 956 -3.39 32.21 -78.48
CA ALA C 956 -2.14 32.44 -77.76
C ALA C 956 -2.36 32.44 -76.25
N GLY C 957 -3.31 33.25 -75.77
CA GLY C 957 -3.50 33.44 -74.35
C GLY C 957 -3.96 32.22 -73.60
N ILE C 958 -4.56 31.26 -74.32
CA ILE C 958 -4.98 30.00 -73.71
C ILE C 958 -3.78 29.26 -73.16
N PHE C 959 -2.66 29.33 -73.88
CA PHE C 959 -1.42 28.73 -73.41
C PHE C 959 -0.93 29.40 -72.14
N PHE C 960 -1.03 30.74 -72.08
CA PHE C 960 -0.56 31.48 -70.92
C PHE C 960 -1.41 31.20 -69.70
N VAL C 961 -2.70 30.98 -69.91
CA VAL C 961 -3.59 30.61 -68.81
C VAL C 961 -3.25 29.21 -68.31
N SER C 962 -3.22 28.25 -69.25
CA SER C 962 -3.07 26.86 -68.88
C SER C 962 -1.68 26.55 -68.32
N ALA C 963 -0.67 27.34 -68.69
CA ALA C 963 0.66 27.14 -68.12
C ALA C 963 0.69 27.48 -66.65
N GLY C 964 0.01 28.57 -66.25
CA GLY C 964 -0.12 28.86 -64.84
C GLY C 964 -0.97 27.85 -64.12
N LEU C 965 -1.96 27.29 -64.83
CA LEU C 965 -2.73 26.19 -64.27
C LEU C 965 -1.87 24.97 -64.04
N SER C 966 -0.85 24.75 -64.87
CA SER C 966 0.09 23.67 -64.60
C SER C 966 1.01 24.03 -63.44
N ASN C 967 1.39 25.31 -63.38
CA ASN C 967 2.35 25.79 -62.38
C ASN C 967 1.80 25.63 -60.97
N ILE C 968 0.54 25.98 -60.77
CA ILE C 968 -0.05 25.92 -59.44
C ILE C 968 -0.16 24.48 -58.95
N ILE C 969 -0.41 23.55 -59.88
CA ILE C 969 -0.44 22.14 -59.55
C ILE C 969 0.94 21.65 -59.17
N GLY C 970 1.97 22.10 -59.89
CA GLY C 970 3.32 21.72 -59.56
C GLY C 970 3.76 22.22 -58.20
N ILE C 971 3.34 23.43 -57.84
CA ILE C 971 3.66 23.98 -56.53
C ILE C 971 2.98 23.17 -55.42
N ILE C 972 1.70 22.83 -55.65
CA ILE C 972 0.96 22.04 -54.67
C ILE C 972 1.60 20.67 -54.47
N VAL C 973 1.97 20.02 -55.56
CA VAL C 973 2.50 18.67 -55.39
C VAL C 973 3.91 18.71 -54.85
N TYR C 974 4.64 19.82 -55.07
CA TYR C 974 5.96 19.92 -54.50
C TYR C 974 5.91 20.12 -52.99
N ILE C 975 5.01 20.98 -52.52
CA ILE C 975 4.87 21.14 -51.08
C ILE C 975 4.30 19.89 -50.44
N SER C 976 3.41 19.21 -51.18
CA SER C 976 2.82 17.96 -50.75
C SER C 976 3.87 16.89 -50.51
N ALA C 977 4.73 16.66 -51.49
CA ALA C 977 5.72 15.60 -51.30
C ALA C 977 6.96 16.07 -50.57
N ASN C 978 7.11 17.37 -50.29
CA ASN C 978 8.08 17.76 -49.29
C ASN C 978 7.63 17.29 -47.93
N ALA C 979 6.36 17.50 -47.60
CA ALA C 979 5.85 16.95 -46.36
C ALA C 979 5.37 15.51 -46.50
N GLY C 980 5.62 14.88 -47.64
CA GLY C 980 5.13 13.55 -47.90
C GLY C 980 5.88 12.46 -47.17
N LYS C 988 10.50 17.36 -35.59
CA LYS C 988 9.62 18.53 -35.55
C LYS C 988 10.48 19.72 -35.13
N LYS C 989 9.99 20.93 -35.44
CA LYS C 989 10.69 22.20 -35.26
C LYS C 989 12.01 22.19 -36.03
N ASN C 990 11.86 22.04 -37.35
CA ASN C 990 12.99 22.05 -38.26
C ASN C 990 13.16 23.41 -38.93
N SER C 991 12.07 24.18 -39.04
CA SER C 991 12.05 25.58 -39.49
C SER C 991 12.63 25.70 -40.89
N TYR C 992 12.21 24.80 -41.78
CA TYR C 992 12.65 24.82 -43.16
C TYR C 992 12.12 26.07 -43.84
N SER C 993 12.93 26.67 -44.69
CA SER C 993 12.59 27.92 -45.33
C SER C 993 12.36 27.70 -46.81
N TYR C 994 11.25 28.22 -47.34
CA TYR C 994 11.00 28.15 -48.77
C TYR C 994 11.87 29.08 -49.58
N GLY C 995 12.65 29.94 -48.92
CA GLY C 995 13.81 30.65 -49.40
C GLY C 995 13.58 31.44 -50.66
N TRP C 996 14.61 31.46 -51.49
CA TRP C 996 14.65 32.20 -52.74
C TRP C 996 14.03 31.40 -53.87
N SER C 997 14.51 31.59 -55.10
CA SER C 997 13.84 31.58 -56.41
C SER C 997 12.58 30.75 -56.67
N PHE C 998 12.18 29.86 -55.77
CA PHE C 998 10.78 29.40 -55.73
C PHE C 998 9.76 30.53 -55.90
N TYR C 999 10.03 31.65 -55.23
CA TYR C 999 9.26 32.87 -55.45
C TYR C 999 9.34 33.39 -56.88
N PHE C 1000 10.39 33.06 -57.65
CA PHE C 1000 10.39 33.51 -59.04
C PHE C 1000 9.35 32.76 -59.85
N GLY C 1001 9.14 31.47 -59.56
CA GLY C 1001 8.05 30.75 -60.19
C GLY C 1001 6.70 31.29 -59.76
N ALA C 1002 6.60 31.64 -58.47
CA ALA C 1002 5.37 32.25 -57.97
C ALA C 1002 5.09 33.58 -58.66
N LEU C 1003 6.12 34.37 -58.89
CA LEU C 1003 5.97 35.64 -59.58
C LEU C 1003 5.64 35.42 -61.05
N SER C 1004 6.24 34.39 -61.65
CA SER C 1004 6.03 34.09 -63.05
C SER C 1004 4.59 33.68 -63.32
N PHE C 1005 3.96 33.02 -62.35
CA PHE C 1005 2.53 32.72 -62.44
C PHE C 1005 1.70 33.97 -62.62
N ILE C 1006 1.93 34.98 -61.78
CA ILE C 1006 1.16 36.22 -61.82
C ILE C 1006 1.43 36.97 -63.12
N ILE C 1007 2.69 36.99 -63.54
CA ILE C 1007 3.07 37.71 -64.75
C ILE C 1007 2.47 37.05 -65.99
N ALA C 1008 2.55 35.72 -66.07
CA ALA C 1008 1.99 35.00 -67.20
C ALA C 1008 0.48 35.13 -67.25
N GLU C 1009 -0.17 35.18 -66.10
CA GLU C 1009 -1.61 35.30 -66.13
C GLU C 1009 -2.03 36.71 -66.52
N MET C 1010 -1.24 37.71 -66.13
CA MET C 1010 -1.50 39.07 -66.56
C MET C 1010 -1.24 39.24 -68.05
N VAL C 1011 -0.35 38.42 -68.60
CA VAL C 1011 -0.18 38.38 -70.05
C VAL C 1011 -1.43 37.83 -70.72
N GLY C 1012 -1.89 36.66 -70.22
CA GLY C 1012 -2.97 35.95 -70.88
C GLY C 1012 -4.29 36.69 -70.86
N VAL C 1013 -4.52 37.53 -69.84
CA VAL C 1013 -5.77 38.27 -69.82
C VAL C 1013 -5.75 39.42 -70.83
N LEU C 1014 -4.58 40.02 -71.02
CA LEU C 1014 -4.48 41.15 -71.93
C LEU C 1014 -4.55 40.69 -73.36
N ALA C 1015 -4.16 39.44 -73.61
CA ALA C 1015 -4.38 38.83 -74.93
C ALA C 1015 -5.85 38.80 -75.29
N VAL C 1016 -6.72 38.48 -74.32
CA VAL C 1016 -8.15 38.41 -74.58
C VAL C 1016 -8.71 39.81 -74.79
N HIS C 1017 -8.16 40.79 -74.06
CA HIS C 1017 -8.50 42.19 -74.33
C HIS C 1017 -8.19 42.56 -75.78
N MET C 1018 -7.01 42.18 -76.25
CA MET C 1018 -6.62 42.48 -77.63
C MET C 1018 -7.52 41.76 -78.63
N PHE C 1019 -7.92 40.52 -78.31
CA PHE C 1019 -8.82 39.80 -79.21
C PHE C 1019 -10.15 40.50 -79.32
N ILE C 1020 -10.78 40.83 -78.19
CA ILE C 1020 -12.14 41.32 -78.27
C ILE C 1020 -12.17 42.75 -78.80
N ASP C 1021 -11.12 43.53 -78.53
CA ASP C 1021 -11.06 44.87 -79.08
C ASP C 1021 -10.77 44.83 -80.58
N ARG C 1022 -9.86 43.95 -81.00
CA ARG C 1022 -9.51 43.83 -82.40
C ARG C 1022 -10.68 43.28 -83.21
N HIS C 1023 -11.47 42.38 -82.64
CA HIS C 1023 -12.65 41.91 -83.35
C HIS C 1023 -13.76 42.95 -83.35
N LYS C 1024 -13.86 43.76 -82.29
CA LYS C 1024 -14.86 44.83 -82.27
C LYS C 1024 -14.53 45.91 -83.28
N GLN C 1025 -13.25 46.05 -83.63
CA GLN C 1025 -12.86 46.96 -84.70
C GLN C 1025 -13.49 46.59 -86.04
N LEU C 1026 -13.53 45.30 -86.38
CA LEU C 1026 -14.24 44.90 -87.59
C LEU C 1026 -15.68 44.45 -87.30
N THR C 1027 -16.41 45.29 -86.57
CA THR C 1027 -17.85 45.13 -86.41
C THR C 1027 -18.65 46.33 -86.88
N GLY C 1028 -18.06 47.52 -86.88
CA GLY C 1028 -18.76 48.73 -87.31
C GLY C 1028 -18.36 49.94 -86.51
N ASN D 1 76.24 -34.81 46.35
CA ASN D 1 76.16 -33.41 46.78
C ASN D 1 74.73 -33.04 47.15
N SER D 2 74.32 -33.37 48.37
CA SER D 2 72.99 -33.01 48.86
C SER D 2 72.97 -31.52 49.13
N ILE D 3 72.36 -30.76 48.23
CA ILE D 3 72.40 -29.31 48.26
C ILE D 3 71.18 -28.79 49.00
N GLN D 4 71.42 -27.92 49.98
CA GLN D 4 70.34 -27.38 50.81
C GLN D 4 69.49 -26.40 49.99
N ILE D 5 68.18 -26.65 49.97
CA ILE D 5 67.22 -25.75 49.34
C ILE D 5 66.11 -25.46 50.33
N GLY D 6 65.25 -24.52 49.96
CA GLY D 6 64.15 -24.13 50.80
C GLY D 6 62.82 -24.25 50.07
N GLY D 7 61.80 -24.63 50.82
CA GLY D 7 60.48 -24.89 50.24
C GLY D 7 59.37 -24.22 51.02
N LEU D 8 58.50 -23.53 50.29
CA LEU D 8 57.37 -22.83 50.88
C LEU D 8 56.08 -23.43 50.34
N PHE D 9 55.19 -23.86 51.26
CA PHE D 9 53.97 -24.49 50.85
C PHE D 9 52.81 -24.07 51.72
N PRO D 10 51.66 -23.79 51.13
CA PRO D 10 50.48 -23.40 51.92
C PRO D 10 49.91 -24.62 52.64
N ARG D 11 49.03 -24.33 53.59
CA ARG D 11 48.36 -25.38 54.34
C ARG D 11 47.07 -25.72 53.62
N GLY D 12 47.17 -26.66 52.68
CA GLY D 12 46.05 -27.03 51.86
C GLY D 12 46.45 -27.33 50.42
N ALA D 13 47.74 -27.15 50.11
CA ALA D 13 48.25 -27.43 48.77
C ALA D 13 48.79 -28.86 48.69
N ASP D 14 47.92 -29.80 49.06
CA ASP D 14 48.35 -31.16 49.30
C ASP D 14 48.69 -31.88 48.01
N GLN D 15 47.88 -31.66 46.97
CA GLN D 15 48.15 -32.25 45.66
C GLN D 15 49.45 -31.73 45.09
N GLU D 16 49.73 -30.44 45.29
CA GLU D 16 50.95 -29.85 44.77
C GLU D 16 52.17 -30.37 45.50
N TYR D 17 52.10 -30.47 46.83
CA TYR D 17 53.24 -30.98 47.57
C TYR D 17 53.45 -32.47 47.31
N SER D 18 52.37 -33.20 47.06
CA SER D 18 52.48 -34.60 46.69
C SER D 18 53.13 -34.76 45.32
N ALA D 19 52.78 -33.88 44.39
CA ALA D 19 53.42 -33.90 43.08
C ALA D 19 54.89 -33.52 43.17
N PHE D 20 55.22 -32.63 44.11
CA PHE D 20 56.63 -32.33 44.35
C PHE D 20 57.36 -33.55 44.90
N ARG D 21 56.72 -34.29 45.80
CA ARG D 21 57.36 -35.50 46.32
C ARG D 21 57.50 -36.58 45.26
N VAL D 22 56.58 -36.61 44.30
CA VAL D 22 56.71 -37.53 43.17
C VAL D 22 57.88 -37.15 42.29
N GLY D 23 57.92 -35.88 41.87
CA GLY D 23 59.00 -35.41 41.00
C GLY D 23 60.36 -35.39 41.66
N MET D 24 60.40 -35.45 43.00
CA MET D 24 61.66 -35.59 43.72
C MET D 24 62.42 -36.84 43.31
N VAL D 25 61.73 -37.96 43.17
CA VAL D 25 62.35 -39.23 42.84
C VAL D 25 61.94 -39.73 41.47
N GLN D 26 61.17 -38.94 40.72
CA GLN D 26 60.81 -39.33 39.35
C GLN D 26 62.02 -39.38 38.45
N PHE D 27 62.99 -38.49 38.67
CA PHE D 27 64.25 -38.49 37.94
C PHE D 27 65.26 -37.69 38.75
N SER D 28 66.28 -38.38 39.28
CA SER D 28 67.35 -37.79 40.08
C SER D 28 68.44 -38.83 40.26
N THR D 29 69.46 -38.45 41.03
CA THR D 29 70.42 -39.35 41.69
C THR D 29 71.22 -40.20 40.69
N SER D 30 71.97 -39.50 39.86
CA SER D 30 73.21 -40.01 39.29
C SER D 30 74.35 -39.13 39.74
N GLU D 31 74.09 -38.29 40.74
CA GLU D 31 74.80 -37.05 40.98
C GLU D 31 74.35 -36.47 42.32
N PHE D 32 74.56 -35.16 42.47
CA PHE D 32 73.99 -34.32 43.53
C PHE D 32 72.55 -34.68 43.89
N ARG D 33 72.24 -34.59 45.16
CA ARG D 33 70.87 -34.70 45.64
C ARG D 33 70.40 -33.33 46.15
N LEU D 34 69.18 -33.32 46.67
CA LEU D 34 68.56 -32.11 47.16
C LEU D 34 68.20 -32.27 48.63
N THR D 35 68.25 -31.16 49.37
CA THR D 35 67.89 -31.15 50.78
C THR D 35 66.72 -30.19 50.94
N PRO D 36 65.48 -30.66 50.78
CA PRO D 36 64.32 -29.77 50.89
C PRO D 36 63.90 -29.62 52.34
N HIS D 37 64.04 -28.42 52.89
CA HIS D 37 63.40 -28.10 54.15
C HIS D 37 62.06 -27.45 53.84
N ILE D 38 60.99 -28.10 54.25
CA ILE D 38 59.63 -27.74 53.85
C ILE D 38 59.00 -26.88 54.93
N ASP D 39 58.31 -25.83 54.51
CA ASP D 39 57.61 -24.93 55.42
C ASP D 39 56.13 -24.92 55.05
N ASN D 40 55.35 -25.75 55.73
CA ASN D 40 53.91 -25.81 55.54
C ASN D 40 53.24 -24.68 56.33
N LEU D 41 53.42 -23.47 55.82
CA LEU D 41 52.97 -22.27 56.51
C LEU D 41 52.06 -21.47 55.61
N GLU D 42 51.50 -20.39 56.15
CA GLU D 42 50.53 -19.59 55.41
C GLU D 42 51.22 -18.74 54.35
N VAL D 43 50.42 -18.04 53.55
CA VAL D 43 50.97 -17.22 52.47
C VAL D 43 50.35 -15.84 52.56
N ALA D 44 49.28 -15.73 53.34
CA ALA D 44 48.62 -14.44 53.45
C ALA D 44 49.41 -13.48 54.33
N ASN D 45 49.87 -13.95 55.48
CA ASN D 45 50.61 -13.11 56.40
C ASN D 45 52.02 -12.91 55.87
N SER D 46 52.31 -11.70 55.40
CA SER D 46 53.66 -11.38 54.96
C SER D 46 54.65 -11.38 56.11
N PHE D 47 54.19 -11.17 57.35
CA PHE D 47 55.07 -11.36 58.49
C PHE D 47 55.48 -12.82 58.62
N ALA D 48 54.55 -13.73 58.37
CA ALA D 48 54.89 -15.15 58.39
C ALA D 48 55.81 -15.51 57.23
N VAL D 49 55.59 -14.88 56.07
CA VAL D 49 56.48 -15.09 54.94
C VAL D 49 57.88 -14.59 55.26
N THR D 50 57.96 -13.46 55.95
CA THR D 50 59.23 -12.86 56.36
C THR D 50 59.94 -13.77 57.35
N ASN D 51 59.20 -14.31 58.31
CA ASN D 51 59.76 -15.22 59.30
C ASN D 51 60.30 -16.47 58.63
N ALA D 52 59.54 -17.02 57.68
CA ALA D 52 59.98 -18.23 56.98
C ALA D 52 61.19 -17.94 56.09
N PHE D 53 61.22 -16.76 55.48
CA PHE D 53 62.32 -16.42 54.59
C PHE D 53 63.60 -16.20 55.37
N CYS D 54 63.51 -15.52 56.53
CA CYS D 54 64.69 -15.34 57.36
C CYS D 54 65.11 -16.64 58.01
N SER D 55 64.17 -17.56 58.27
CA SER D 55 64.55 -18.86 58.82
C SER D 55 65.31 -19.69 57.80
N GLN D 56 64.83 -19.72 56.55
CA GLN D 56 65.56 -20.45 55.52
C GLN D 56 66.84 -19.73 55.11
N PHE D 57 66.93 -18.42 55.32
CA PHE D 57 68.20 -17.76 55.07
C PHE D 57 69.17 -17.98 56.22
N SER D 58 68.67 -18.17 57.43
CA SER D 58 69.53 -18.59 58.53
C SER D 58 70.03 -20.01 58.31
N ARG D 59 69.21 -20.85 57.68
CA ARG D 59 69.70 -22.12 57.15
C ARG D 59 70.77 -21.89 56.09
N GLY D 60 70.60 -20.89 55.26
CA GLY D 60 71.62 -20.54 54.30
C GLY D 60 71.58 -21.42 53.07
N VAL D 61 70.39 -21.63 52.55
CA VAL D 61 70.19 -22.49 51.39
C VAL D 61 70.59 -21.73 50.13
N TYR D 62 70.70 -22.44 49.01
CA TYR D 62 71.11 -21.83 47.75
C TYR D 62 69.94 -21.45 46.85
N ALA D 63 68.77 -22.06 47.04
CA ALA D 63 67.62 -21.75 46.21
C ALA D 63 66.36 -22.04 47.02
N ILE D 64 65.34 -21.20 46.80
CA ILE D 64 64.07 -21.35 47.49
C ILE D 64 62.96 -21.45 46.45
N PHE D 65 62.15 -22.50 46.57
CA PHE D 65 61.02 -22.75 45.69
C PHE D 65 59.73 -22.70 46.49
N GLY D 66 58.70 -22.08 45.92
CA GLY D 66 57.42 -22.05 46.62
C GLY D 66 56.43 -21.15 45.90
N PHE D 67 55.36 -20.82 46.62
CA PHE D 67 54.26 -20.02 46.10
C PHE D 67 54.34 -18.61 46.67
N TYR D 68 53.44 -17.76 46.19
CA TYR D 68 53.22 -16.47 46.83
C TYR D 68 51.82 -16.00 46.54
N ASP D 69 51.40 -15.01 47.31
CA ASP D 69 50.11 -14.36 47.17
C ASP D 69 50.32 -12.92 46.73
N LYS D 70 49.25 -12.28 46.30
CA LYS D 70 49.31 -10.88 45.91
C LYS D 70 49.56 -9.94 47.08
N LYS D 71 49.43 -10.42 48.31
CA LYS D 71 49.83 -9.63 49.46
C LYS D 71 51.27 -9.90 49.85
N SER D 72 52.02 -10.61 49.02
CA SER D 72 53.35 -11.04 49.37
C SER D 72 54.36 -10.87 48.27
N VAL D 73 53.92 -10.59 47.04
CA VAL D 73 54.82 -10.52 45.89
C VAL D 73 55.81 -9.38 46.04
N ASN D 74 55.37 -8.26 46.64
CA ASN D 74 56.27 -7.15 46.90
C ASN D 74 57.34 -7.54 47.90
N THR D 75 56.96 -8.33 48.91
CA THR D 75 57.92 -8.77 49.92
C THR D 75 58.95 -9.71 49.32
N ILE D 76 58.49 -10.65 48.49
CA ILE D 76 59.41 -11.62 47.90
C ILE D 76 60.37 -10.94 46.94
N THR D 77 59.86 -10.05 46.08
CA THR D 77 60.74 -9.33 45.17
C THR D 77 61.69 -8.40 45.91
N SER D 78 61.22 -7.74 46.97
CA SER D 78 62.05 -6.79 47.71
C SER D 78 63.16 -7.48 48.46
N PHE D 79 62.93 -8.69 48.96
CA PHE D 79 64.02 -9.41 49.60
C PHE D 79 64.94 -10.08 48.59
N CYS D 80 64.39 -10.62 47.50
CA CYS D 80 65.25 -11.36 46.58
C CYS D 80 66.13 -10.44 45.75
N GLY D 81 65.61 -9.28 45.34
CA GLY D 81 66.44 -8.32 44.65
C GLY D 81 67.53 -7.73 45.53
N THR D 82 67.30 -7.69 46.84
CA THR D 82 68.38 -7.33 47.75
C THR D 82 69.41 -8.44 47.82
N LEU D 83 68.99 -9.60 48.32
CA LEU D 83 69.95 -10.60 48.78
C LEU D 83 70.38 -11.57 47.68
N HIS D 84 70.00 -11.31 46.42
CA HIS D 84 70.53 -12.01 45.25
C HIS D 84 70.26 -13.51 45.26
N VAL D 85 69.24 -13.94 46.01
CA VAL D 85 68.89 -15.35 46.09
C VAL D 85 67.84 -15.63 45.02
N SER D 86 68.11 -16.63 44.19
CA SER D 86 67.19 -16.95 43.10
C SER D 86 65.94 -17.63 43.65
N PHE D 87 64.78 -17.14 43.22
CA PHE D 87 63.49 -17.61 43.68
C PHE D 87 62.67 -18.09 42.49
N ILE D 88 62.03 -19.25 42.64
CA ILE D 88 61.32 -19.89 41.55
C ILE D 88 59.90 -20.20 42.03
N THR D 89 58.91 -19.97 41.18
CA THR D 89 57.52 -20.02 41.61
C THR D 89 56.60 -20.42 40.46
N PRO D 90 55.48 -21.08 40.77
CA PRO D 90 54.43 -21.36 39.77
C PRO D 90 53.24 -20.41 39.81
N SER D 91 53.27 -19.34 40.60
CA SER D 91 52.08 -18.52 40.80
C SER D 91 51.80 -17.58 39.64
N PHE D 92 50.93 -16.59 39.86
CA PHE D 92 50.63 -15.64 38.81
C PHE D 92 51.85 -14.80 38.48
N PRO D 93 52.05 -14.44 37.22
CA PRO D 93 53.28 -13.73 36.84
C PRO D 93 53.30 -12.30 37.35
N THR D 94 54.50 -11.80 37.59
CA THR D 94 54.66 -10.46 38.14
C THR D 94 54.37 -9.41 37.09
N ASP D 95 54.26 -8.17 37.55
CA ASP D 95 53.92 -7.05 36.68
C ASP D 95 55.18 -6.38 36.16
N GLY D 96 56.03 -5.91 37.06
CA GLY D 96 57.29 -5.33 36.67
C GLY D 96 58.35 -6.40 36.46
N THR D 97 59.31 -6.08 35.61
CA THR D 97 60.42 -6.99 35.34
C THR D 97 61.32 -6.99 36.56
N HIS D 98 61.30 -8.09 37.30
CA HIS D 98 62.09 -8.13 38.51
C HIS D 98 63.22 -9.13 38.39
N PRO D 99 64.37 -8.84 38.99
CA PRO D 99 65.48 -9.78 38.95
C PRO D 99 65.26 -10.93 39.92
N PHE D 100 66.00 -12.02 39.68
CA PHE D 100 66.11 -13.19 40.55
C PHE D 100 64.78 -13.89 40.78
N VAL D 101 63.86 -13.79 39.83
CA VAL D 101 62.58 -14.47 39.91
C VAL D 101 62.39 -15.26 38.64
N ILE D 102 62.23 -16.58 38.78
CA ILE D 102 61.84 -17.43 37.68
C ILE D 102 60.40 -17.82 37.93
N GLN D 103 59.52 -17.57 36.96
CA GLN D 103 58.11 -17.83 37.19
C GLN D 103 57.56 -18.78 36.14
N MET D 104 56.90 -19.84 36.61
CA MET D 104 56.55 -21.01 35.82
C MET D 104 55.23 -20.87 35.07
N ARG D 105 54.51 -19.83 35.29
CA ARG D 105 53.20 -19.78 34.64
C ARG D 105 53.28 -18.91 33.39
N PRO D 106 52.83 -19.39 32.24
CA PRO D 106 52.84 -18.55 31.04
C PRO D 106 51.79 -17.45 31.13
N ASP D 107 51.86 -16.54 30.17
CA ASP D 107 50.86 -15.49 30.09
C ASP D 107 49.55 -16.07 29.59
N LEU D 108 48.46 -15.42 29.98
CA LEU D 108 47.14 -15.75 29.49
C LEU D 108 46.54 -14.64 28.64
N LYS D 109 47.09 -13.43 28.76
CA LYS D 109 46.37 -12.23 28.32
C LYS D 109 46.32 -12.12 26.80
N GLY D 110 47.45 -12.40 26.13
CA GLY D 110 47.45 -12.38 24.68
C GLY D 110 46.59 -13.47 24.08
N ALA D 111 46.57 -14.63 24.72
CA ALA D 111 45.67 -15.71 24.31
C ALA D 111 44.22 -15.30 24.44
N LEU D 112 43.88 -14.60 25.52
CA LEU D 112 42.49 -14.24 25.76
C LEU D 112 42.04 -13.16 24.80
N LEU D 113 42.93 -12.22 24.49
CA LEU D 113 42.63 -11.23 23.45
C LEU D 113 42.45 -11.88 22.10
N SER D 114 43.27 -12.89 21.80
CA SER D 114 43.13 -13.65 20.56
C SER D 114 41.79 -14.36 20.50
N LEU D 115 41.36 -14.93 21.64
CA LEU D 115 40.09 -15.64 21.68
C LEU D 115 38.92 -14.71 21.46
N ILE D 116 38.97 -13.53 22.07
CA ILE D 116 37.87 -12.58 21.91
C ILE D 116 37.81 -12.08 20.48
N GLU D 117 38.97 -11.82 19.88
CA GLU D 117 38.96 -11.39 18.49
C GLU D 117 38.55 -12.51 17.55
N TYR D 118 38.72 -13.76 17.96
CA TYR D 118 38.23 -14.85 17.12
C TYR D 118 36.71 -14.95 17.19
N TYR D 119 36.14 -14.93 18.39
CA TYR D 119 34.70 -15.03 18.50
C TYR D 119 33.98 -13.76 18.06
N GLN D 120 34.69 -12.64 17.94
CA GLN D 120 34.18 -11.37 17.42
C GLN D 120 33.01 -10.85 18.26
N TRP D 121 33.34 -10.53 19.50
CA TRP D 121 32.36 -9.91 20.38
C TRP D 121 32.47 -8.40 20.33
N ASP D 122 31.45 -7.74 20.88
CA ASP D 122 31.44 -6.29 20.97
C ASP D 122 31.05 -5.82 22.36
N LYS D 123 30.20 -6.59 23.04
CA LYS D 123 29.63 -6.19 24.32
C LYS D 123 29.53 -7.42 25.19
N PHE D 124 30.03 -7.32 26.42
CA PHE D 124 30.06 -8.47 27.30
C PHE D 124 30.27 -8.01 28.73
N ALA D 125 30.10 -8.95 29.65
CA ALA D 125 30.36 -8.73 31.07
C ALA D 125 31.57 -9.53 31.50
N TYR D 126 32.25 -9.05 32.53
CA TYR D 126 33.55 -9.56 32.94
C TYR D 126 33.57 -9.68 34.46
N LEU D 127 33.23 -10.87 34.97
CA LEU D 127 33.29 -11.12 36.40
C LEU D 127 34.71 -11.47 36.78
N TYR D 128 35.32 -10.65 37.63
CA TYR D 128 36.69 -10.90 38.04
C TYR D 128 36.76 -11.11 39.54
N ASP D 129 37.87 -11.69 39.97
CA ASP D 129 38.19 -11.85 41.37
C ASP D 129 39.34 -10.92 41.71
N SER D 130 39.21 -10.23 42.83
CA SER D 130 40.23 -9.28 43.24
C SER D 130 41.49 -9.98 43.74
N ASP D 131 41.34 -11.12 44.41
CA ASP D 131 42.43 -11.72 45.15
C ASP D 131 43.45 -12.43 44.26
N ARG D 132 43.21 -12.54 42.97
CA ARG D 132 44.24 -13.00 42.06
C ARG D 132 45.02 -11.86 41.43
N GLY D 133 44.68 -10.62 41.74
CA GLY D 133 45.27 -9.48 41.07
C GLY D 133 44.36 -8.93 40.00
N LEU D 134 44.83 -7.89 39.33
CA LEU D 134 44.01 -7.16 38.37
C LEU D 134 44.74 -6.92 37.05
N SER D 135 45.74 -7.73 36.74
CA SER D 135 46.56 -7.45 35.56
C SER D 135 45.76 -7.67 34.28
N THR D 136 44.97 -8.74 34.24
CA THR D 136 44.13 -8.98 33.08
C THR D 136 43.04 -7.93 32.97
N LEU D 137 42.54 -7.46 34.11
CA LEU D 137 41.53 -6.41 34.10
C LEU D 137 42.09 -5.12 33.53
N GLN D 138 43.34 -4.81 33.87
CA GLN D 138 44.00 -3.66 33.25
C GLN D 138 44.23 -3.88 31.77
N ALA D 139 44.57 -5.11 31.39
CA ALA D 139 44.93 -5.38 30.01
C ALA D 139 43.73 -5.32 29.08
N VAL D 140 42.58 -5.82 29.52
CA VAL D 140 41.45 -5.91 28.61
C VAL D 140 40.82 -4.55 28.37
N LEU D 141 40.96 -3.60 29.30
CA LEU D 141 40.30 -2.33 29.13
C LEU D 141 40.96 -1.49 28.06
N ASP D 142 42.27 -1.64 27.87
CA ASP D 142 42.97 -0.91 26.84
C ASP D 142 42.50 -1.33 25.46
N SER D 143 42.49 -2.62 25.21
CA SER D 143 41.99 -3.13 23.94
C SER D 143 40.49 -2.95 23.82
N ALA D 144 39.78 -2.81 24.93
CA ALA D 144 38.36 -2.49 24.85
C ALA D 144 38.14 -1.07 24.39
N ALA D 145 38.99 -0.16 24.85
CA ALA D 145 38.90 1.22 24.40
C ALA D 145 39.30 1.34 22.94
N GLU D 146 40.32 0.59 22.53
CA GLU D 146 40.79 0.71 21.15
C GLU D 146 39.84 0.01 20.18
N LYS D 147 39.38 -1.18 20.54
CA LYS D 147 38.53 -1.98 19.68
C LYS D 147 37.05 -1.71 19.90
N LYS D 148 36.70 -0.55 20.45
CA LYS D 148 35.34 -0.04 20.70
C LYS D 148 34.41 -1.05 21.39
N TRP D 149 34.98 -1.84 22.30
CA TRP D 149 34.16 -2.79 23.04
C TRP D 149 33.35 -2.06 24.12
N GLN D 150 32.35 -2.75 24.65
CA GLN D 150 31.53 -2.24 25.73
C GLN D 150 31.63 -3.24 26.88
N VAL D 151 32.41 -2.90 27.90
CA VAL D 151 32.71 -3.81 28.99
C VAL D 151 31.97 -3.38 30.24
N THR D 152 31.23 -4.31 30.82
CA THR D 152 30.68 -4.14 32.14
C THR D 152 31.45 -5.10 33.05
N ALA D 153 32.45 -4.56 33.74
CA ALA D 153 33.23 -5.34 34.69
C ALA D 153 32.60 -5.25 36.06
N ILE D 154 32.62 -6.35 36.79
CA ILE D 154 32.01 -6.42 38.11
C ILE D 154 32.94 -7.18 39.04
N ASN D 155 33.26 -6.60 40.19
CA ASN D 155 33.96 -7.33 41.23
C ASN D 155 32.99 -8.25 41.96
N VAL D 156 33.45 -9.46 42.27
CA VAL D 156 32.58 -10.45 42.88
C VAL D 156 33.30 -11.12 44.04
N GLY D 157 34.60 -10.86 44.18
CA GLY D 157 35.45 -11.69 45.02
C GLY D 157 35.26 -11.54 46.50
N ASN D 158 34.77 -10.40 46.98
CA ASN D 158 34.74 -10.14 48.41
C ASN D 158 33.42 -10.51 49.07
N ILE D 159 32.56 -11.24 48.38
CA ILE D 159 31.26 -11.59 48.94
C ILE D 159 31.42 -12.76 49.90
N ASN D 160 30.84 -12.62 51.10
CA ASN D 160 30.91 -13.63 52.13
C ASN D 160 30.11 -14.87 51.75
N ASN D 161 30.31 -15.94 52.52
CA ASN D 161 29.64 -17.20 52.25
C ASN D 161 28.18 -17.15 52.68
N ASP D 162 27.86 -16.30 53.67
CA ASP D 162 26.59 -16.40 54.34
C ASP D 162 25.48 -15.62 53.66
N LYS D 163 25.76 -15.00 52.53
CA LYS D 163 24.75 -14.35 51.70
C LYS D 163 24.91 -14.80 50.26
N LYS D 164 25.77 -15.81 50.06
CA LYS D 164 26.22 -16.35 48.78
C LYS D 164 25.20 -17.35 48.23
N ASP D 165 23.95 -16.94 48.26
CA ASP D 165 22.92 -17.58 47.48
C ASP D 165 21.99 -16.57 46.85
N GLU D 166 21.92 -15.35 47.41
CA GLU D 166 21.08 -14.29 46.91
C GLU D 166 21.87 -13.14 46.33
N THR D 167 23.14 -12.99 46.72
CA THR D 167 24.00 -12.01 46.05
C THR D 167 24.12 -12.31 44.56
N TYR D 168 24.31 -13.57 44.21
CA TYR D 168 24.44 -13.94 42.81
C TYR D 168 23.13 -13.76 42.05
N ARG D 169 22.01 -14.01 42.72
CA ARG D 169 20.72 -13.80 42.07
C ARG D 169 20.50 -12.33 41.78
N SER D 170 20.82 -11.47 42.74
CA SER D 170 20.73 -10.03 42.50
C SER D 170 21.69 -9.60 41.39
N LEU D 171 22.86 -10.21 41.34
CA LEU D 171 23.86 -9.86 40.34
C LEU D 171 23.38 -10.22 38.93
N PHE D 172 22.93 -11.45 38.73
CA PHE D 172 22.51 -11.84 37.40
C PHE D 172 21.18 -11.23 37.01
N GLN D 173 20.33 -10.87 37.96
CA GLN D 173 19.14 -10.11 37.59
C GLN D 173 19.49 -8.68 37.22
N ASP D 174 20.57 -8.14 37.77
CA ASP D 174 21.06 -6.87 37.24
C ASP D 174 21.66 -7.03 35.86
N LEU D 175 22.24 -8.21 35.60
CA LEU D 175 22.71 -8.49 34.24
C LEU D 175 21.54 -8.67 33.28
N GLU D 176 20.37 -9.06 33.79
CA GLU D 176 19.18 -9.16 32.96
C GLU D 176 18.66 -7.81 32.51
N LEU D 177 19.11 -6.72 33.14
CA LEU D 177 18.61 -5.40 32.79
C LEU D 177 19.06 -5.01 31.39
N LYS D 178 20.34 -5.18 31.09
CA LYS D 178 20.80 -4.97 29.73
C LYS D 178 20.67 -6.22 28.88
N LYS D 179 20.14 -7.31 29.45
CA LYS D 179 19.97 -8.61 28.79
C LYS D 179 21.31 -9.13 28.25
N GLU D 180 22.18 -9.42 29.20
CA GLU D 180 23.51 -9.88 28.87
C GLU D 180 23.48 -11.30 28.31
N ARG D 181 24.45 -11.58 27.46
CA ARG D 181 24.55 -12.87 26.82
C ARG D 181 25.92 -13.48 26.89
N ARG D 182 26.96 -12.72 27.19
CA ARG D 182 28.33 -13.16 27.00
C ARG D 182 29.12 -12.84 28.24
N VAL D 183 29.61 -13.86 28.92
CA VAL D 183 30.22 -13.75 30.23
C VAL D 183 31.63 -14.30 30.15
N ILE D 184 32.60 -13.56 30.68
CA ILE D 184 33.95 -14.05 30.86
C ILE D 184 34.20 -14.15 32.35
N LEU D 185 34.55 -15.36 32.80
CA LEU D 185 34.83 -15.60 34.20
C LEU D 185 36.32 -15.62 34.43
N ASP D 186 36.75 -15.05 35.55
CA ASP D 186 38.17 -14.99 35.90
C ASP D 186 38.24 -15.23 37.41
N CYS D 187 38.41 -16.49 37.79
CA CYS D 187 38.41 -16.84 39.20
C CYS D 187 39.35 -18.02 39.43
N GLU D 188 39.43 -18.42 40.69
CA GLU D 188 39.97 -19.70 41.08
C GLU D 188 38.91 -20.79 40.88
N ARG D 189 39.36 -22.04 40.97
CA ARG D 189 38.50 -23.17 40.67
C ARG D 189 37.35 -23.31 41.66
N ASP D 190 37.58 -22.93 42.92
CA ASP D 190 36.52 -22.98 43.90
C ASP D 190 35.42 -21.97 43.60
N LYS D 191 35.79 -20.75 43.22
CA LYS D 191 34.80 -19.76 42.85
C LYS D 191 34.10 -20.14 41.56
N VAL D 192 34.81 -20.82 40.65
CA VAL D 192 34.18 -21.32 39.43
C VAL D 192 33.12 -22.37 39.77
N ASN D 193 33.48 -23.34 40.61
CA ASN D 193 32.52 -24.38 40.97
C ASN D 193 31.37 -23.84 41.82
N ASP D 194 31.56 -22.72 42.50
CA ASP D 194 30.41 -22.12 43.17
C ASP D 194 29.50 -21.40 42.17
N ILE D 195 30.10 -20.64 41.26
CA ILE D 195 29.27 -19.80 40.42
C ILE D 195 28.56 -20.62 39.35
N VAL D 196 29.15 -21.74 38.91
CA VAL D 196 28.48 -22.59 37.93
C VAL D 196 27.24 -23.22 38.55
N ASP D 197 27.36 -23.62 39.82
CA ASP D 197 26.23 -24.22 40.52
C ASP D 197 25.12 -23.21 40.73
N GLN D 198 25.48 -21.96 41.02
CA GLN D 198 24.41 -20.98 41.17
C GLN D 198 23.76 -20.62 39.83
N VAL D 199 24.54 -20.62 38.74
CA VAL D 199 23.97 -20.40 37.42
C VAL D 199 23.03 -21.53 37.05
N ILE D 200 23.44 -22.76 37.32
CA ILE D 200 22.62 -23.91 36.96
C ILE D 200 21.41 -24.02 37.86
N THR D 201 21.44 -23.38 39.03
CA THR D 201 20.23 -23.31 39.85
C THR D 201 19.27 -22.27 39.29
N ILE D 202 19.75 -21.07 39.00
CA ILE D 202 18.83 -20.05 38.49
C ILE D 202 18.49 -20.22 37.02
N GLY D 203 19.01 -21.25 36.36
CA GLY D 203 18.56 -21.58 35.03
C GLY D 203 19.07 -20.65 33.97
N LYS D 204 20.39 -20.57 33.84
CA LYS D 204 20.96 -19.69 32.83
C LYS D 204 22.03 -20.42 32.05
N HIS D 205 21.71 -21.61 31.56
CA HIS D 205 22.63 -22.41 30.78
C HIS D 205 21.92 -23.04 29.60
N VAL D 206 20.87 -22.37 29.12
CA VAL D 206 20.12 -22.77 27.94
C VAL D 206 20.91 -22.38 26.70
N LYS D 207 20.43 -22.79 25.53
CA LYS D 207 20.92 -22.23 24.29
C LYS D 207 20.70 -20.73 24.26
N GLY D 208 21.77 -19.98 24.00
CA GLY D 208 21.70 -18.54 23.97
C GLY D 208 22.81 -17.88 24.74
N TYR D 209 23.21 -18.49 25.85
CA TYR D 209 24.30 -17.94 26.64
C TYR D 209 25.62 -18.53 26.21
N HIS D 210 26.71 -17.91 26.66
CA HIS D 210 28.02 -18.30 26.19
C HIS D 210 29.05 -17.92 27.23
N TYR D 211 29.98 -18.82 27.52
CA TYR D 211 30.88 -18.66 28.65
C TYR D 211 32.32 -18.93 28.25
N ILE D 212 33.22 -18.14 28.84
CA ILE D 212 34.66 -18.31 28.66
C ILE D 212 35.30 -18.37 30.03
N ILE D 213 35.96 -19.49 30.30
CA ILE D 213 36.72 -19.65 31.53
C ILE D 213 38.15 -19.18 31.30
N ALA D 214 38.62 -18.26 32.12
CA ALA D 214 39.98 -17.75 32.01
C ALA D 214 40.84 -18.43 33.07
N ASN D 215 41.16 -19.70 32.83
CA ASN D 215 42.12 -20.41 33.65
C ASN D 215 42.96 -21.29 32.75
N LEU D 216 43.76 -22.15 33.38
CA LEU D 216 44.62 -23.07 32.68
C LEU D 216 44.15 -24.50 32.78
N GLY D 217 43.55 -24.87 33.90
CA GLY D 217 42.92 -26.17 34.05
C GLY D 217 41.45 -26.11 33.68
N PHE D 218 41.18 -25.98 32.38
CA PHE D 218 39.80 -25.86 31.91
C PHE D 218 38.97 -27.08 32.24
N THR D 219 39.54 -28.26 32.11
CA THR D 219 38.82 -29.46 32.48
C THR D 219 39.11 -29.88 33.91
N ASP D 220 39.91 -29.13 34.65
CA ASP D 220 40.20 -29.50 36.03
C ASP D 220 39.01 -29.25 36.94
N GLY D 221 38.11 -28.35 36.54
CA GLY D 221 36.89 -28.12 37.28
C GLY D 221 35.77 -29.04 36.80
N ASP D 222 34.59 -28.81 37.36
CA ASP D 222 33.42 -29.60 37.03
C ASP D 222 32.81 -29.13 35.72
N LEU D 223 32.55 -30.08 34.82
CA LEU D 223 31.88 -29.75 33.58
C LEU D 223 30.72 -30.69 33.27
N LEU D 224 30.48 -31.70 34.09
CA LEU D 224 29.33 -32.57 33.90
C LEU D 224 28.02 -31.85 34.19
N LYS D 225 28.06 -30.73 34.91
CA LYS D 225 26.85 -30.01 35.24
C LYS D 225 26.24 -29.38 34.00
N ILE D 226 26.99 -28.50 33.34
CA ILE D 226 26.47 -27.77 32.21
C ILE D 226 26.91 -28.37 30.88
N GLN D 227 27.28 -29.65 30.87
CA GLN D 227 27.65 -30.29 29.62
C GLN D 227 26.47 -30.38 28.68
N PHE D 228 25.31 -30.74 29.22
CA PHE D 228 24.13 -30.97 28.41
C PHE D 228 23.21 -29.78 28.37
N GLY D 229 23.74 -28.59 28.64
CA GLY D 229 22.88 -27.44 28.83
C GLY D 229 22.27 -26.89 27.56
N GLY D 230 23.11 -26.37 26.67
CA GLY D 230 22.63 -25.66 25.52
C GLY D 230 23.50 -24.44 25.31
N ALA D 231 24.04 -23.94 26.40
CA ALA D 231 25.06 -22.90 26.31
C ALA D 231 26.36 -23.50 25.83
N GLU D 232 27.31 -22.62 25.52
CA GLU D 232 28.59 -23.04 24.96
C GLU D 232 29.71 -22.49 25.83
N VAL D 233 30.67 -23.35 26.15
CA VAL D 233 31.71 -23.05 27.12
C VAL D 233 33.06 -23.31 26.47
N SER D 234 33.94 -22.32 26.53
CA SER D 234 35.28 -22.44 25.99
C SER D 234 36.31 -22.06 27.03
N GLY D 235 37.51 -22.62 26.91
CA GLY D 235 38.59 -22.31 27.81
C GLY D 235 39.95 -22.71 27.27
N PHE D 236 40.91 -22.84 28.19
CA PHE D 236 42.30 -23.01 27.82
C PHE D 236 42.95 -24.15 28.58
N GLN D 237 43.79 -24.90 27.88
CA GLN D 237 44.61 -25.94 28.49
C GLN D 237 46.08 -25.75 28.13
N ILE D 238 46.93 -26.01 29.11
CA ILE D 238 48.36 -26.15 28.89
C ILE D 238 48.84 -27.56 29.14
N VAL D 239 47.95 -28.45 29.57
CA VAL D 239 48.28 -29.85 29.82
C VAL D 239 47.43 -30.67 28.87
N ASP D 240 48.06 -31.30 27.88
CA ASP D 240 47.37 -32.02 26.82
C ASP D 240 47.54 -33.52 27.04
N TYR D 241 46.42 -34.22 27.27
CA TYR D 241 46.46 -35.62 27.66
C TYR D 241 46.75 -36.57 26.49
N ASP D 242 46.85 -36.07 25.26
CA ASP D 242 47.09 -36.94 24.12
C ASP D 242 48.55 -37.35 23.99
N ASP D 243 49.46 -36.70 24.70
CA ASP D 243 50.87 -36.88 24.39
C ASP D 243 51.48 -38.04 25.17
N SER D 244 52.67 -38.42 24.74
CA SER D 244 53.30 -39.67 25.18
C SER D 244 53.73 -39.60 26.63
N LEU D 245 54.60 -38.63 26.96
CA LEU D 245 55.08 -38.48 28.32
C LEU D 245 53.95 -38.08 29.25
N VAL D 246 52.96 -37.36 28.73
CA VAL D 246 51.80 -36.98 29.52
C VAL D 246 51.02 -38.21 29.93
N SER D 247 50.69 -39.07 28.96
CA SER D 247 49.93 -40.28 29.26
C SER D 247 50.73 -41.26 30.11
N LYS D 248 52.05 -41.26 29.95
CA LYS D 248 52.92 -42.04 30.82
C LYS D 248 52.82 -41.58 32.26
N PHE D 249 52.84 -40.26 32.47
CA PHE D 249 52.65 -39.73 33.81
C PHE D 249 51.24 -39.98 34.31
N ILE D 250 50.25 -40.03 33.39
CA ILE D 250 48.88 -40.33 33.78
C ILE D 250 48.77 -41.74 34.35
N GLU D 251 49.37 -42.70 33.66
CA GLU D 251 49.34 -44.08 34.14
C GLU D 251 50.12 -44.24 35.44
N ARG D 252 51.30 -43.64 35.51
CA ARG D 252 52.11 -43.65 36.72
C ARG D 252 51.38 -42.99 37.88
N TRP D 253 50.64 -41.92 37.61
CA TRP D 253 49.94 -41.17 38.65
C TRP D 253 48.70 -41.90 39.12
N SER D 254 47.97 -42.51 38.19
CA SER D 254 46.75 -43.23 38.53
C SER D 254 47.07 -44.48 39.34
N THR D 255 48.20 -45.13 39.08
CA THR D 255 48.52 -46.33 39.84
C THR D 255 49.02 -46.07 41.24
N LEU D 256 49.21 -44.82 41.65
CA LEU D 256 49.72 -44.59 42.99
C LEU D 256 48.61 -44.73 44.02
N GLU D 257 49.01 -44.93 45.27
CA GLU D 257 48.08 -45.09 46.37
C GLU D 257 47.65 -43.72 46.89
N GLU D 258 46.35 -43.57 47.10
CA GLU D 258 45.82 -42.33 47.64
C GLU D 258 46.29 -42.08 49.07
N LYS D 259 46.56 -43.14 49.84
CA LYS D 259 46.91 -42.98 51.24
C LYS D 259 48.34 -42.47 51.41
N GLU D 260 49.23 -42.79 50.48
CA GLU D 260 50.58 -42.26 50.56
C GLU D 260 50.67 -40.85 50.01
N TYR D 261 49.98 -40.59 48.91
CA TYR D 261 49.94 -39.27 48.28
C TYR D 261 48.49 -38.86 48.15
N PRO D 262 48.00 -37.91 48.93
CA PRO D 262 46.59 -37.53 48.86
C PRO D 262 46.27 -36.81 47.57
N GLY D 263 45.10 -37.11 47.02
CA GLY D 263 44.68 -36.51 45.77
C GLY D 263 45.43 -37.00 44.55
N ALA D 264 46.09 -38.15 44.63
CA ALA D 264 46.88 -38.66 43.53
C ALA D 264 46.23 -39.82 42.78
N HIS D 265 45.28 -40.53 43.40
CA HIS D 265 44.73 -41.73 42.79
C HIS D 265 43.52 -41.39 41.93
N THR D 266 43.71 -40.45 41.03
CA THR D 266 42.69 -39.98 40.11
C THR D 266 43.22 -40.11 38.68
N ALA D 267 42.42 -39.65 37.72
CA ALA D 267 42.82 -39.67 36.32
C ALA D 267 43.53 -38.39 35.91
N THR D 268 42.90 -37.24 36.11
CA THR D 268 43.47 -35.96 35.74
C THR D 268 44.35 -35.43 36.87
N ILE D 269 44.88 -34.22 36.65
CA ILE D 269 45.77 -33.58 37.62
C ILE D 269 45.66 -32.08 37.44
N LYS D 270 46.01 -31.33 38.48
CA LYS D 270 45.99 -29.89 38.40
C LYS D 270 47.22 -29.36 37.67
N TYR D 271 47.01 -28.26 36.94
CA TYR D 271 48.09 -27.61 36.21
C TYR D 271 49.12 -27.04 37.16
N THR D 272 48.69 -26.65 38.36
CA THR D 272 49.63 -26.19 39.37
C THR D 272 50.59 -27.31 39.76
N SER D 273 50.06 -28.51 39.96
CA SER D 273 50.92 -29.64 40.26
C SER D 273 51.78 -30.01 39.05
N ALA D 274 51.27 -29.79 37.84
CA ALA D 274 52.08 -30.06 36.65
C ALA D 274 53.27 -29.13 36.55
N LEU D 275 53.05 -27.84 36.83
CA LEU D 275 54.16 -26.90 36.83
C LEU D 275 55.11 -27.16 37.99
N THR D 276 54.56 -27.65 39.11
CA THR D 276 55.41 -28.07 40.23
C THR D 276 56.31 -29.23 39.83
N TYR D 277 55.79 -30.15 39.01
CA TYR D 277 56.58 -31.26 38.52
C TYR D 277 57.67 -30.78 37.57
N ASP D 278 57.34 -29.85 36.68
CA ASP D 278 58.33 -29.36 35.73
C ASP D 278 59.40 -28.49 36.38
N ALA D 279 59.06 -27.87 37.52
CA ALA D 279 60.02 -27.03 38.24
C ALA D 279 61.21 -27.84 38.74
N VAL D 280 60.97 -29.09 39.12
CA VAL D 280 62.06 -29.96 39.59
C VAL D 280 62.99 -30.30 38.44
N GLN D 281 62.43 -30.48 37.24
CA GLN D 281 63.25 -30.74 36.05
C GLN D 281 64.16 -29.56 35.75
N VAL D 282 63.61 -28.35 35.83
CA VAL D 282 64.43 -27.15 35.60
C VAL D 282 65.49 -27.01 36.68
N MET D 283 65.10 -27.22 37.94
CA MET D 283 65.97 -26.97 39.07
C MET D 283 67.11 -27.99 39.15
N THR D 284 66.87 -29.20 38.64
CA THR D 284 67.92 -30.21 38.57
C THR D 284 68.82 -30.00 37.36
N GLU D 285 68.25 -29.56 36.22
CA GLU D 285 69.05 -29.18 35.07
C GLU D 285 70.04 -28.07 35.38
N ALA D 286 69.67 -27.17 36.29
CA ALA D 286 70.56 -26.09 36.73
C ALA D 286 71.86 -26.63 37.34
N PHE D 287 71.74 -27.40 38.42
CA PHE D 287 72.92 -27.94 39.08
C PHE D 287 73.65 -28.96 38.21
N ARG D 288 72.93 -29.63 37.31
CA ARG D 288 73.55 -30.47 36.30
C ARG D 288 74.51 -29.67 35.44
N ASN D 289 74.04 -28.52 34.93
CA ASN D 289 74.89 -27.70 34.07
C ASN D 289 76.01 -27.02 34.84
N LEU D 290 75.79 -26.73 36.13
CA LEU D 290 76.88 -26.17 36.91
C LEU D 290 77.97 -27.19 37.21
N ARG D 291 77.61 -28.46 37.34
CA ARG D 291 78.66 -29.47 37.38
C ARG D 291 79.25 -29.76 36.01
N LYS D 292 78.50 -29.49 34.93
CA LYS D 292 79.08 -29.57 33.59
C LYS D 292 80.16 -28.51 33.41
N GLN D 293 79.91 -27.29 33.85
CA GLN D 293 80.92 -26.25 33.82
C GLN D 293 81.82 -26.26 35.05
N ARG D 294 81.53 -27.16 36.01
CA ARG D 294 82.40 -27.45 37.17
C ARG D 294 82.62 -26.23 38.05
N ILE D 295 81.66 -25.33 38.10
CA ILE D 295 81.77 -24.12 38.90
C ILE D 295 81.29 -24.46 40.31
N GLU D 296 82.16 -24.27 41.29
CA GLU D 296 81.82 -24.62 42.67
C GLU D 296 80.94 -23.56 43.29
N ILE D 297 80.00 -24.01 44.11
CA ILE D 297 79.04 -23.14 44.78
C ILE D 297 79.31 -23.15 46.27
N SER D 298 80.59 -23.34 46.64
CA SER D 298 80.97 -23.45 48.04
C SER D 298 80.73 -22.13 48.77
N ARG D 299 79.82 -22.18 49.75
CA ARG D 299 79.46 -21.01 50.53
C ARG D 299 80.63 -20.54 51.38
N ARG D 300 81.45 -21.49 51.84
CA ARG D 300 82.73 -21.30 52.53
C ARG D 300 82.59 -20.56 53.85
N GLY D 301 81.38 -20.48 54.39
CA GLY D 301 81.10 -19.75 55.62
C GLY D 301 79.63 -19.91 55.93
N ASN D 302 79.25 -19.38 57.07
CA ASN D 302 77.86 -19.43 57.48
C ASN D 302 77.10 -18.24 56.94
N ALA D 303 75.79 -18.34 56.97
CA ALA D 303 74.93 -17.19 56.74
C ALA D 303 74.70 -16.49 58.09
N GLY D 304 73.87 -15.47 58.10
CA GLY D 304 73.65 -14.74 59.34
C GLY D 304 72.31 -14.08 59.42
N ASP D 305 72.30 -12.86 59.95
CA ASP D 305 71.06 -12.11 60.08
C ASP D 305 70.60 -11.63 58.70
N CYS D 306 69.32 -11.84 58.42
CA CYS D 306 68.69 -11.23 57.26
C CYS D 306 68.56 -9.73 57.40
N LEU D 307 68.68 -9.20 58.62
CA LEU D 307 68.68 -7.77 58.89
C LEU D 307 70.09 -7.20 59.00
N ALA D 308 71.05 -7.77 58.27
CA ALA D 308 72.43 -7.31 58.33
C ALA D 308 72.54 -5.92 57.71
N ASN D 309 73.20 -5.02 58.44
CA ASN D 309 73.17 -3.60 58.10
C ASN D 309 74.59 -3.10 57.86
N PRO D 310 75.00 -2.94 56.60
CA PRO D 310 74.29 -3.38 55.39
C PRO D 310 74.61 -4.82 55.05
N ALA D 311 73.63 -5.56 54.57
CA ALA D 311 73.88 -6.92 54.11
C ALA D 311 74.60 -6.89 52.77
N VAL D 312 75.48 -7.85 52.56
CA VAL D 312 76.23 -7.96 51.31
C VAL D 312 76.02 -9.36 50.73
N PRO D 313 75.55 -9.46 49.49
CA PRO D 313 75.31 -10.78 48.88
C PRO D 313 76.49 -11.30 48.09
N TRP D 314 76.29 -12.44 47.43
CA TRP D 314 77.34 -13.15 46.71
C TRP D 314 76.90 -13.49 45.29
N GLY D 315 77.70 -13.06 44.31
CA GLY D 315 77.38 -13.07 42.89
C GLY D 315 77.39 -14.42 42.20
N GLN D 316 77.75 -15.47 42.91
CA GLN D 316 77.57 -16.79 42.33
C GLN D 316 76.09 -17.14 42.22
N GLY D 317 75.24 -16.52 43.04
CA GLY D 317 73.81 -16.61 42.82
C GLY D 317 73.38 -15.91 41.56
N VAL D 318 74.06 -14.82 41.18
CA VAL D 318 73.81 -14.19 39.88
C VAL D 318 74.17 -15.16 38.77
N GLU D 319 75.27 -15.89 38.93
CA GLU D 319 75.61 -16.90 37.93
C GLU D 319 74.63 -18.06 37.93
N ILE D 320 74.08 -18.42 39.09
CA ILE D 320 73.04 -19.45 39.19
C ILE D 320 71.82 -19.04 38.39
N GLU D 321 71.34 -17.81 38.59
CA GLU D 321 70.19 -17.31 37.85
C GLU D 321 70.51 -17.19 36.36
N ARG D 322 71.76 -16.88 36.04
CA ARG D 322 72.22 -16.80 34.66
C ARG D 322 72.14 -18.15 33.97
N ALA D 323 72.54 -19.21 34.66
CA ALA D 323 72.40 -20.54 34.10
C ALA D 323 70.95 -21.02 34.13
N LEU D 324 70.16 -20.48 35.06
CA LEU D 324 68.73 -20.80 35.10
C LEU D 324 68.02 -20.26 33.87
N LYS D 325 68.41 -19.08 33.41
CA LYS D 325 67.74 -18.50 32.24
C LYS D 325 68.13 -19.17 30.92
N GLN D 326 69.01 -20.15 30.94
CA GLN D 326 69.47 -20.81 29.72
C GLN D 326 68.94 -22.23 29.60
N VAL D 327 68.16 -22.68 30.59
CA VAL D 327 67.62 -24.02 30.59
C VAL D 327 66.54 -24.15 29.53
N GLN D 328 66.59 -25.24 28.76
CA GLN D 328 65.54 -25.52 27.78
C GLN D 328 65.33 -27.03 27.74
N VAL D 329 64.26 -27.50 28.38
CA VAL D 329 63.93 -28.93 28.41
C VAL D 329 62.50 -29.12 27.94
N GLU D 330 62.03 -30.35 27.95
CA GLU D 330 60.65 -30.69 27.64
C GLU D 330 59.97 -31.22 28.89
N GLY D 331 58.73 -30.78 29.11
CA GLY D 331 57.99 -31.18 30.27
C GLY D 331 56.50 -31.31 30.02
N LEU D 332 55.70 -31.17 31.09
CA LEU D 332 54.26 -31.36 30.97
C LEU D 332 53.61 -30.23 30.20
N SER D 333 54.14 -29.02 30.32
CA SER D 333 53.64 -27.90 29.53
C SER D 333 54.17 -27.91 28.11
N GLY D 334 55.15 -28.76 27.81
CA GLY D 334 55.79 -28.74 26.52
C GLY D 334 57.19 -28.16 26.60
N ASN D 335 57.61 -27.45 25.56
CA ASN D 335 58.90 -26.81 25.60
C ASN D 335 58.85 -25.60 26.53
N ILE D 336 60.01 -25.22 27.03
CA ILE D 336 60.17 -24.02 27.84
C ILE D 336 61.33 -23.19 27.31
N LYS D 337 61.18 -21.87 27.37
CA LYS D 337 62.29 -20.94 27.21
C LYS D 337 62.07 -19.75 28.12
N PHE D 338 63.16 -19.08 28.45
CA PHE D 338 63.11 -17.95 29.37
C PHE D 338 63.58 -16.69 28.66
N ASP D 339 63.23 -15.56 29.26
CA ASP D 339 63.67 -14.26 28.77
C ASP D 339 64.97 -13.87 29.49
N GLN D 340 65.31 -12.59 29.42
CA GLN D 340 66.40 -12.04 30.21
C GLN D 340 66.00 -11.73 31.64
N ASN D 341 64.80 -12.11 32.06
CA ASN D 341 64.29 -11.73 33.37
C ASN D 341 63.81 -12.91 34.20
N GLY D 342 63.43 -14.03 33.58
CA GLY D 342 62.85 -15.14 34.30
C GLY D 342 61.41 -15.43 33.91
N LYS D 343 60.85 -14.71 32.96
CA LYS D 343 59.51 -14.99 32.47
C LYS D 343 59.59 -16.03 31.36
N ARG D 344 58.55 -16.84 31.26
CA ARG D 344 58.56 -17.91 30.28
C ARG D 344 58.14 -17.41 28.92
N ILE D 345 58.89 -17.84 27.90
CA ILE D 345 58.48 -17.70 26.52
C ILE D 345 58.54 -19.08 25.90
N ASN D 346 58.19 -19.17 24.61
CA ASN D 346 58.15 -20.41 23.83
C ASN D 346 57.23 -21.46 24.49
N TYR D 347 55.95 -21.11 24.56
CA TYR D 347 54.93 -22.00 25.07
C TYR D 347 53.85 -22.16 24.01
N THR D 348 52.89 -23.04 24.30
CA THR D 348 51.78 -23.28 23.37
C THR D 348 50.55 -23.63 24.19
N ILE D 349 49.42 -23.01 23.86
CA ILE D 349 48.20 -23.17 24.63
C ILE D 349 47.10 -23.66 23.70
N ASN D 350 46.41 -24.72 24.12
CA ASN D 350 45.34 -25.31 23.36
C ASN D 350 44.00 -24.66 23.70
N ILE D 351 43.17 -24.48 22.69
CA ILE D 351 41.85 -23.89 22.86
C ILE D 351 40.84 -25.02 22.98
N MET D 352 40.10 -25.04 24.09
CA MET D 352 39.27 -26.17 24.44
C MET D 352 37.82 -25.74 24.52
N GLU D 353 36.99 -26.30 23.63
CA GLU D 353 35.56 -26.05 23.61
C GLU D 353 34.82 -27.28 24.08
N LEU D 354 33.78 -27.08 24.90
CA LEU D 354 32.99 -28.17 25.43
C LEU D 354 31.91 -28.56 24.45
N LYS D 355 31.80 -29.85 24.18
CA LYS D 355 30.73 -30.39 23.36
C LYS D 355 29.94 -31.43 24.13
N THR D 356 29.01 -32.08 23.44
CA THR D 356 28.09 -33.00 24.10
C THR D 356 28.81 -34.26 24.57
N ASN D 357 29.70 -34.80 23.73
CA ASN D 357 30.53 -35.91 24.17
C ASN D 357 31.53 -35.50 25.22
N GLY D 358 31.95 -34.24 25.21
CA GLY D 358 32.89 -33.76 26.18
C GLY D 358 33.77 -32.65 25.63
N PRO D 359 34.89 -32.41 26.30
CA PRO D 359 35.81 -31.37 25.82
C PRO D 359 36.59 -31.86 24.61
N ARG D 360 37.02 -30.91 23.80
CA ARG D 360 37.84 -31.19 22.63
C ARG D 360 38.56 -29.91 22.25
N LYS D 361 39.60 -30.05 21.44
CA LYS D 361 40.37 -28.91 20.99
C LYS D 361 39.97 -28.52 19.58
N ILE D 362 40.18 -27.25 19.24
CA ILE D 362 39.89 -26.77 17.90
C ILE D 362 41.11 -26.05 17.34
N GLY D 363 42.08 -25.76 18.19
CA GLY D 363 43.26 -25.05 17.72
C GLY D 363 44.23 -24.73 18.83
N TYR D 364 45.34 -24.12 18.45
CA TYR D 364 46.39 -23.75 19.37
C TYR D 364 46.74 -22.27 19.17
N TRP D 365 47.52 -21.76 20.11
CA TRP D 365 47.98 -20.38 20.10
C TRP D 365 49.39 -20.35 20.65
N SER D 366 50.30 -19.72 19.93
CA SER D 366 51.70 -19.74 20.32
C SER D 366 52.09 -18.43 21.00
N GLU D 367 53.37 -18.35 21.39
CA GLU D 367 53.87 -17.15 22.05
C GLU D 367 54.00 -15.99 21.09
N VAL D 368 54.18 -16.27 19.81
CA VAL D 368 54.26 -15.26 18.77
C VAL D 368 53.19 -15.46 17.71
N ASP D 369 52.89 -16.70 17.35
CA ASP D 369 51.89 -16.97 16.34
C ASP D 369 50.52 -16.81 16.96
N LYS D 370 49.58 -16.35 16.15
CA LYS D 370 48.23 -16.09 16.63
C LYS D 370 47.44 -17.39 16.62
N MET D 371 46.12 -17.29 16.76
CA MET D 371 45.27 -18.46 16.88
C MET D 371 45.25 -19.25 15.58
N VAL D 372 45.77 -20.47 15.62
CA VAL D 372 45.79 -21.35 14.47
C VAL D 372 44.85 -22.50 14.77
N LEU D 373 43.70 -22.50 14.10
CA LEU D 373 42.77 -23.60 14.22
C LEU D 373 43.30 -24.82 13.46
N THR D 374 43.00 -26.00 13.99
CA THR D 374 43.55 -27.24 13.46
C THR D 374 42.63 -27.90 12.44
N GLU D 375 41.69 -27.13 11.88
CA GLU D 375 40.84 -27.53 10.75
C GLU D 375 39.98 -28.75 11.09
N ASP D 376 39.55 -28.83 12.34
CA ASP D 376 38.77 -29.97 12.81
C ASP D 376 37.32 -29.74 12.38
N ASP D 377 37.05 -30.05 11.12
CA ASP D 377 35.73 -29.85 10.53
C ASP D 377 34.97 -31.16 10.56
N THR D 378 34.40 -31.48 11.72
CA THR D 378 33.53 -32.64 11.88
C THR D 378 32.07 -32.33 11.59
N SER D 379 31.80 -31.24 10.87
CA SER D 379 30.44 -30.89 10.50
C SER D 379 29.92 -31.83 9.42
N GLY D 380 29.20 -32.87 9.82
CA GLY D 380 28.73 -33.88 8.87
C GLY D 380 27.52 -33.46 8.07
N LEU D 381 26.76 -32.48 8.54
CA LEU D 381 25.56 -32.02 7.86
C LEU D 381 25.78 -30.56 7.47
N GLU D 382 26.03 -30.32 6.18
CA GLU D 382 26.08 -28.98 5.62
C GLU D 382 24.96 -28.83 4.61
N GLN D 383 24.15 -27.79 4.78
CA GLN D 383 23.03 -27.54 3.88
C GLN D 383 23.55 -27.07 2.53
N LYS D 384 23.50 -27.95 1.54
CA LYS D 384 24.11 -27.65 0.25
C LYS D 384 23.32 -26.59 -0.49
N THR D 385 24.04 -25.60 -1.04
CA THR D 385 23.44 -24.59 -1.90
C THR D 385 22.94 -25.29 -3.15
N VAL D 386 21.61 -25.38 -3.30
CA VAL D 386 21.03 -26.29 -4.27
C VAL D 386 21.23 -25.76 -5.68
N VAL D 387 21.12 -26.67 -6.64
CA VAL D 387 21.39 -26.35 -8.03
C VAL D 387 20.14 -25.74 -8.63
N VAL D 388 20.23 -24.48 -9.05
CA VAL D 388 19.12 -23.77 -9.66
C VAL D 388 19.53 -23.42 -11.08
N THR D 389 18.89 -24.07 -12.06
CA THR D 389 19.18 -23.80 -13.45
C THR D 389 18.13 -22.86 -14.05
N THR D 390 18.57 -22.06 -15.00
CA THR D 390 17.71 -21.10 -15.69
C THR D 390 18.36 -20.76 -17.03
N ILE D 391 17.84 -19.72 -17.68
CA ILE D 391 18.38 -19.25 -18.94
C ILE D 391 18.15 -17.75 -19.01
N LEU D 392 18.99 -17.05 -19.76
CA LEU D 392 18.89 -15.60 -19.86
C LEU D 392 17.70 -15.21 -20.74
N GLU D 393 16.78 -14.44 -20.17
CA GLU D 393 15.67 -13.91 -20.92
C GLU D 393 15.15 -12.66 -20.23
N SER D 394 14.96 -11.63 -21.00
CA SER D 394 14.41 -10.43 -20.41
C SER D 394 12.90 -10.57 -20.28
N PRO D 395 12.31 -10.12 -19.17
CA PRO D 395 12.99 -9.64 -17.97
C PRO D 395 13.03 -10.72 -16.91
N TYR D 396 13.01 -11.97 -17.38
CA TYR D 396 12.95 -13.11 -16.48
C TYR D 396 14.27 -13.28 -15.74
N VAL D 397 15.35 -13.48 -16.49
CA VAL D 397 16.70 -13.54 -15.95
C VAL D 397 17.57 -12.68 -16.85
N MET D 398 18.17 -11.65 -16.27
CA MET D 398 19.04 -10.76 -17.02
C MET D 398 20.36 -10.58 -16.28
N MET D 399 21.40 -10.33 -17.06
CA MET D 399 22.68 -9.93 -16.50
C MET D 399 22.57 -8.53 -15.92
N LYS D 400 23.45 -8.23 -14.98
CA LYS D 400 23.69 -6.87 -14.57
C LYS D 400 24.92 -6.34 -15.30
N LYS D 401 25.01 -5.01 -15.40
CA LYS D 401 26.11 -4.41 -16.12
C LYS D 401 27.42 -4.45 -15.34
N ASN D 402 27.35 -4.71 -14.04
CA ASN D 402 28.50 -4.70 -13.16
C ASN D 402 28.76 -6.11 -12.61
N HIS D 403 28.59 -7.10 -13.49
CA HIS D 403 28.60 -8.50 -13.08
C HIS D 403 30.00 -8.99 -12.74
N GLU D 404 31.03 -8.40 -13.33
CA GLU D 404 32.39 -8.85 -13.06
C GLU D 404 32.83 -8.47 -11.67
N MET D 405 32.46 -7.26 -11.23
CA MET D 405 32.81 -6.82 -9.88
C MET D 405 31.98 -7.54 -8.83
N LEU D 406 30.71 -7.79 -9.14
CA LEU D 406 29.85 -8.52 -8.23
C LEU D 406 30.08 -10.02 -8.42
N GLU D 407 29.33 -10.84 -7.70
CA GLU D 407 29.66 -12.26 -7.66
C GLU D 407 28.43 -13.12 -7.51
N GLY D 408 28.35 -14.17 -8.35
CA GLY D 408 27.45 -15.29 -8.16
C GLY D 408 25.98 -14.95 -8.23
N ASN D 409 25.30 -15.19 -7.10
CA ASN D 409 23.86 -14.96 -7.03
C ASN D 409 23.49 -13.49 -7.03
N GLU D 410 24.44 -12.60 -6.83
CA GLU D 410 24.19 -11.18 -6.95
C GLU D 410 24.20 -10.71 -8.40
N ARG D 411 24.74 -11.52 -9.31
CA ARG D 411 24.99 -11.03 -10.66
C ARG D 411 23.72 -10.95 -11.50
N TYR D 412 22.74 -11.77 -11.18
CA TYR D 412 21.58 -11.92 -12.04
C TYR D 412 20.42 -11.08 -11.50
N GLU D 413 19.52 -10.70 -12.39
CA GLU D 413 18.45 -9.81 -11.98
C GLU D 413 17.24 -10.04 -12.86
N GLY D 414 16.07 -10.12 -12.22
CA GLY D 414 14.84 -10.19 -12.98
C GLY D 414 13.72 -10.80 -12.15
N TYR D 415 12.65 -11.13 -12.88
CA TYR D 415 11.45 -11.70 -12.28
C TYR D 415 11.75 -13.04 -11.62
N CYS D 416 12.49 -13.90 -12.33
CA CYS D 416 12.81 -15.22 -11.79
C CYS D 416 13.76 -15.13 -10.62
N VAL D 417 14.66 -14.14 -10.63
CA VAL D 417 15.57 -13.93 -9.52
C VAL D 417 14.80 -13.55 -8.26
N ASP D 418 13.88 -12.59 -8.40
CA ASP D 418 13.05 -12.17 -7.28
C ASP D 418 12.19 -13.32 -6.76
N LEU D 419 11.65 -14.12 -7.69
CA LEU D 419 10.80 -15.25 -7.31
C LEU D 419 11.58 -16.31 -6.56
N ALA D 420 12.79 -16.62 -7.03
CA ALA D 420 13.61 -17.62 -6.36
C ALA D 420 14.04 -17.16 -4.99
N ALA D 421 14.25 -15.85 -4.82
CA ALA D 421 14.50 -15.30 -3.50
C ALA D 421 13.30 -15.52 -2.58
N GLU D 422 12.08 -15.35 -3.12
CA GLU D 422 10.88 -15.56 -2.30
C GLU D 422 10.72 -17.03 -1.91
N ILE D 423 11.00 -17.94 -2.84
CA ILE D 423 10.89 -19.37 -2.57
C ILE D 423 11.90 -19.80 -1.53
N ALA D 424 13.14 -19.31 -1.66
CA ALA D 424 14.16 -19.65 -0.68
C ALA D 424 13.87 -19.03 0.68
N LYS D 425 13.21 -17.86 0.70
CA LYS D 425 12.81 -17.28 1.97
C LYS D 425 11.73 -18.13 2.65
N HIS D 426 10.77 -18.63 1.88
CA HIS D 426 9.72 -19.41 2.50
C HIS D 426 10.17 -20.82 2.85
N CYS D 427 11.17 -21.37 2.17
CA CYS D 427 11.55 -22.75 2.40
C CYS D 427 12.89 -22.94 3.07
N GLY D 428 13.62 -21.87 3.38
CA GLY D 428 14.76 -21.94 4.26
C GLY D 428 16.00 -22.64 3.74
N PHE D 429 16.05 -22.99 2.46
CA PHE D 429 17.22 -23.68 1.94
C PHE D 429 18.22 -22.69 1.36
N LYS D 430 19.40 -23.20 1.03
CA LYS D 430 20.43 -22.45 0.33
C LYS D 430 20.42 -22.81 -1.14
N TYR D 431 20.91 -21.89 -1.97
CA TYR D 431 20.82 -22.09 -3.41
C TYR D 431 21.97 -21.39 -4.10
N LYS D 432 22.32 -21.90 -5.28
CA LYS D 432 23.26 -21.23 -6.16
C LYS D 432 22.66 -21.18 -7.55
N LEU D 433 22.72 -20.01 -8.16
CA LEU D 433 22.06 -19.78 -9.46
C LEU D 433 23.00 -20.19 -10.58
N THR D 434 22.56 -21.14 -11.40
CA THR D 434 23.35 -21.66 -12.51
C THR D 434 22.64 -21.42 -13.83
N ILE D 435 23.37 -21.63 -14.91
CA ILE D 435 22.88 -21.43 -16.27
C ILE D 435 22.98 -22.76 -17.01
N VAL D 436 21.98 -23.07 -17.84
CA VAL D 436 22.05 -24.25 -18.69
C VAL D 436 23.15 -24.06 -19.72
N GLY D 437 23.82 -25.15 -20.08
CA GLY D 437 24.97 -25.09 -20.93
C GLY D 437 24.64 -24.87 -22.39
N ASP D 438 23.81 -25.74 -22.97
CA ASP D 438 23.55 -25.72 -24.39
C ASP D 438 22.61 -24.60 -24.83
N GLY D 439 22.06 -23.83 -23.89
CA GLY D 439 21.29 -22.66 -24.25
C GLY D 439 19.96 -22.95 -24.89
N LYS D 440 19.34 -24.06 -24.53
CA LYS D 440 18.04 -24.44 -25.10
C LYS D 440 17.02 -24.60 -23.98
N TYR D 441 15.78 -24.80 -24.39
CA TYR D 441 14.76 -25.22 -23.43
C TYR D 441 14.78 -26.73 -23.26
N GLY D 442 14.79 -27.47 -24.37
CA GLY D 442 15.01 -28.90 -24.26
C GLY D 442 13.89 -29.74 -24.82
N ALA D 443 14.27 -30.74 -25.60
CA ALA D 443 13.35 -31.73 -26.12
C ALA D 443 14.08 -33.06 -26.23
N ARG D 444 13.33 -34.11 -26.50
CA ARG D 444 13.93 -35.43 -26.58
C ARG D 444 14.58 -35.63 -27.93
N ASP D 445 15.55 -36.53 -27.96
CA ASP D 445 16.15 -36.94 -29.21
C ASP D 445 15.27 -37.97 -29.89
N ALA D 446 15.32 -38.00 -31.21
CA ALA D 446 14.72 -39.11 -31.94
C ALA D 446 15.56 -40.37 -31.72
N ASP D 447 14.88 -41.48 -31.44
CA ASP D 447 15.39 -42.86 -31.42
C ASP D 447 16.32 -43.16 -30.24
N THR D 448 16.67 -42.15 -29.45
CA THR D 448 17.47 -42.36 -28.26
C THR D 448 16.88 -41.69 -27.03
N LYS D 449 15.83 -40.87 -27.18
CA LYS D 449 15.11 -40.20 -26.08
C LYS D 449 16.02 -39.30 -25.25
N ILE D 450 17.08 -38.78 -25.86
CA ILE D 450 18.04 -37.97 -25.12
C ILE D 450 17.44 -36.57 -24.99
N TRP D 451 16.90 -36.27 -23.80
CA TRP D 451 16.41 -34.93 -23.50
C TRP D 451 17.60 -34.00 -23.30
N ASN D 452 17.72 -33.00 -24.16
CA ASN D 452 18.76 -31.99 -24.00
C ASN D 452 18.20 -30.80 -23.24
N GLY D 453 18.95 -29.70 -23.24
CA GLY D 453 18.45 -28.44 -22.72
C GLY D 453 18.28 -28.46 -21.21
N MET D 454 17.30 -27.71 -20.74
CA MET D 454 16.98 -27.70 -19.33
C MET D 454 16.22 -28.93 -18.88
N VAL D 455 15.69 -29.71 -19.82
CA VAL D 455 14.96 -30.91 -19.45
C VAL D 455 15.91 -31.98 -18.93
N GLY D 456 16.96 -32.27 -19.69
CA GLY D 456 17.92 -33.28 -19.30
C GLY D 456 18.72 -32.93 -18.05
N GLU D 457 18.80 -31.65 -17.72
CA GLU D 457 19.42 -31.23 -16.48
C GLU D 457 18.64 -31.73 -15.27
N LEU D 458 17.33 -31.90 -15.41
CA LEU D 458 16.51 -32.41 -14.33
C LEU D 458 16.23 -33.89 -14.46
N VAL D 459 16.17 -34.40 -15.68
CA VAL D 459 15.93 -35.83 -15.89
C VAL D 459 17.18 -36.62 -15.50
N TYR D 460 18.35 -36.17 -15.94
CA TYR D 460 19.57 -36.92 -15.78
C TYR D 460 20.28 -36.62 -14.47
N GLY D 461 19.57 -36.04 -13.49
CA GLY D 461 20.11 -35.83 -12.17
C GLY D 461 21.15 -34.74 -12.07
N LYS D 462 21.25 -33.87 -13.08
CA LYS D 462 22.28 -32.85 -13.08
C LYS D 462 21.88 -31.67 -12.21
N ALA D 463 20.76 -31.04 -12.51
CA ALA D 463 20.29 -29.88 -11.78
C ALA D 463 19.25 -30.30 -10.75
N ASP D 464 19.06 -29.46 -9.73
CA ASP D 464 18.21 -29.80 -8.61
C ASP D 464 16.81 -29.18 -8.71
N ILE D 465 16.70 -27.95 -9.18
CA ILE D 465 15.40 -27.30 -9.34
C ILE D 465 15.53 -26.27 -10.46
N ALA D 466 14.40 -25.88 -11.04
CA ALA D 466 14.39 -24.98 -12.19
C ALA D 466 13.23 -24.00 -12.06
N ILE D 467 13.53 -22.82 -11.53
CA ILE D 467 12.63 -21.68 -11.59
C ILE D 467 12.99 -20.93 -12.86
N ALA D 468 12.14 -21.06 -13.88
CA ALA D 468 12.48 -20.66 -15.23
C ALA D 468 11.20 -20.58 -16.04
N PRO D 469 11.21 -19.84 -17.15
CA PRO D 469 10.05 -19.89 -18.05
C PRO D 469 9.94 -21.21 -18.78
N LEU D 470 9.35 -22.21 -18.12
CA LEU D 470 9.15 -23.52 -18.71
C LEU D 470 7.67 -23.82 -18.79
N THR D 471 7.24 -24.40 -19.90
CA THR D 471 5.84 -24.62 -20.19
C THR D 471 5.44 -26.06 -19.91
N ILE D 472 4.36 -26.22 -19.13
CA ILE D 472 3.82 -27.53 -18.85
C ILE D 472 3.21 -28.12 -20.11
N THR D 473 3.72 -29.25 -20.54
CA THR D 473 3.20 -29.96 -21.69
C THR D 473 2.66 -31.31 -21.25
N LEU D 474 2.32 -32.16 -22.22
CA LEU D 474 1.98 -33.54 -21.93
C LEU D 474 3.23 -34.42 -21.85
N VAL D 475 4.20 -34.17 -22.73
CA VAL D 475 5.39 -35.01 -22.81
C VAL D 475 6.44 -34.67 -21.76
N ARG D 476 6.17 -33.72 -20.88
CA ARG D 476 7.12 -33.38 -19.84
C ARG D 476 6.73 -33.90 -18.47
N GLU D 477 5.46 -34.19 -18.24
CA GLU D 477 5.03 -34.75 -16.97
C GLU D 477 5.53 -36.16 -16.73
N GLU D 478 5.89 -36.88 -17.80
CA GLU D 478 6.30 -38.27 -17.63
C GLU D 478 7.70 -38.38 -17.04
N VAL D 479 8.52 -37.35 -17.21
CA VAL D 479 9.90 -37.42 -16.77
C VAL D 479 10.21 -36.51 -15.60
N ILE D 480 9.51 -35.38 -15.47
CA ILE D 480 9.68 -34.49 -14.33
C ILE D 480 8.30 -34.11 -13.83
N ASP D 481 8.27 -33.34 -12.74
CA ASP D 481 7.01 -32.92 -12.15
C ASP D 481 6.95 -31.41 -12.05
N PHE D 482 5.74 -30.89 -12.22
CA PHE D 482 5.47 -29.47 -12.14
C PHE D 482 4.59 -29.16 -10.94
N SER D 483 4.71 -27.95 -10.44
CA SER D 483 3.83 -27.45 -9.40
C SER D 483 2.55 -26.92 -10.05
N LYS D 484 1.74 -26.23 -9.27
CA LYS D 484 0.63 -25.51 -9.88
C LYS D 484 1.16 -24.33 -10.68
N PRO D 485 0.53 -24.00 -11.80
CA PRO D 485 1.05 -22.92 -12.63
C PRO D 485 0.85 -21.56 -12.00
N PHE D 486 1.80 -20.66 -12.26
CA PHE D 486 1.81 -19.37 -11.60
C PHE D 486 1.61 -18.20 -12.54
N MET D 487 1.71 -18.39 -13.86
CA MET D 487 1.47 -17.30 -14.78
C MET D 487 0.96 -17.83 -16.10
N SER D 488 -0.17 -17.32 -16.54
CA SER D 488 -0.86 -17.82 -17.71
C SER D 488 -0.44 -17.05 -18.95
N LEU D 489 -0.56 -17.69 -20.10
CA LEU D 489 -0.13 -17.13 -21.37
C LEU D 489 -0.76 -17.92 -22.51
N GLY D 490 -0.36 -17.58 -23.73
CA GLY D 490 -0.83 -18.27 -24.91
C GLY D 490 0.08 -17.99 -26.09
N ILE D 491 -0.19 -18.72 -27.17
CA ILE D 491 0.56 -18.52 -28.41
C ILE D 491 0.14 -17.20 -29.03
N SER D 492 1.11 -16.33 -29.24
CA SER D 492 0.86 -15.01 -29.79
C SER D 492 1.68 -14.79 -31.05
N ILE D 493 1.21 -13.86 -31.89
CA ILE D 493 1.84 -13.53 -33.15
C ILE D 493 2.48 -12.16 -33.02
N MET D 494 3.79 -12.12 -33.21
CA MET D 494 4.50 -10.85 -33.30
C MET D 494 4.80 -10.55 -34.76
N ILE D 495 4.42 -9.36 -35.19
CA ILE D 495 4.86 -8.78 -36.45
C ILE D 495 5.41 -7.39 -36.17
N LYS D 496 5.85 -6.73 -37.25
CA LYS D 496 6.53 -5.46 -37.16
C LYS D 496 5.57 -4.35 -36.75
N LYS D 497 6.10 -3.16 -36.62
CA LYS D 497 5.21 -2.03 -36.55
C LYS D 497 4.77 -1.65 -37.97
N PRO D 498 3.55 -1.18 -38.14
CA PRO D 498 3.16 -0.60 -39.43
C PRO D 498 3.41 0.90 -39.40
N GLN D 499 3.24 1.51 -40.57
CA GLN D 499 3.39 2.96 -40.72
C GLN D 499 2.04 3.64 -40.72
N LYS D 500 2.02 4.84 -40.14
CA LYS D 500 0.77 5.56 -39.87
C LYS D 500 0.18 6.07 -41.17
N SER D 501 -0.89 5.42 -41.62
CA SER D 501 -1.54 5.79 -42.86
C SER D 501 -2.33 7.08 -42.67
N LYS D 502 -1.83 8.16 -43.24
CA LYS D 502 -2.51 9.46 -43.31
C LYS D 502 -3.69 9.37 -44.29
N PRO D 503 -4.74 10.17 -44.07
CA PRO D 503 -5.93 10.02 -44.91
C PRO D 503 -5.70 10.52 -46.32
N GLY D 504 -6.43 9.92 -47.25
CA GLY D 504 -6.16 10.08 -48.66
C GLY D 504 -6.76 11.33 -49.26
N VAL D 505 -6.94 11.26 -50.58
CA VAL D 505 -7.41 12.41 -51.34
C VAL D 505 -8.86 12.71 -51.02
N PHE D 506 -9.74 11.76 -51.32
CA PHE D 506 -11.17 11.97 -51.14
C PHE D 506 -11.59 11.71 -49.70
N SER D 507 -11.02 12.51 -48.80
CA SER D 507 -11.32 12.41 -47.38
C SER D 507 -12.13 13.57 -46.86
N PHE D 508 -12.48 14.53 -47.72
CA PHE D 508 -13.29 15.64 -47.27
C PHE D 508 -14.74 15.21 -47.07
N LEU D 509 -15.23 14.28 -47.88
CA LEU D 509 -16.59 13.80 -47.77
C LEU D 509 -16.72 12.68 -46.75
N ASP D 510 -15.63 12.39 -46.06
CA ASP D 510 -15.61 11.34 -45.05
C ASP D 510 -16.62 11.44 -43.90
N PRO D 511 -16.93 12.59 -43.28
CA PRO D 511 -17.80 12.55 -42.09
C PRO D 511 -19.23 12.18 -42.37
N LEU D 512 -19.66 12.14 -43.62
CA LEU D 512 -21.01 11.74 -43.97
C LEU D 512 -20.94 10.46 -44.78
N ALA D 513 -21.84 9.53 -44.49
CA ALA D 513 -21.78 8.22 -45.14
C ALA D 513 -22.36 8.29 -46.55
N TYR D 514 -21.92 7.32 -47.35
CA TYR D 514 -22.17 7.30 -48.80
C TYR D 514 -23.65 7.22 -49.11
N GLU D 515 -24.41 6.54 -48.26
CA GLU D 515 -25.85 6.42 -48.44
C GLU D 515 -26.52 7.78 -48.30
N ILE D 516 -26.02 8.58 -47.36
CA ILE D 516 -26.54 9.92 -47.17
C ILE D 516 -26.22 10.79 -48.37
N TRP D 517 -25.01 10.64 -48.92
CA TRP D 517 -24.66 11.37 -50.15
C TRP D 517 -25.57 10.98 -51.32
N MET D 518 -25.90 9.69 -51.40
CA MET D 518 -26.79 9.20 -52.45
C MET D 518 -28.17 9.81 -52.33
N CYS D 519 -28.72 9.82 -51.12
CA CYS D 519 -30.03 10.42 -50.91
C CYS D 519 -30.01 11.92 -51.14
N ILE D 520 -28.86 12.56 -50.89
CA ILE D 520 -28.71 13.98 -51.20
C ILE D 520 -28.86 14.23 -52.69
N VAL D 521 -28.18 13.42 -53.52
CA VAL D 521 -28.24 13.60 -54.96
C VAL D 521 -29.66 13.37 -55.47
N PHE D 522 -30.32 12.34 -54.94
CA PHE D 522 -31.67 12.03 -55.38
C PHE D 522 -32.64 13.14 -54.99
N ALA D 523 -32.53 13.65 -53.76
CA ALA D 523 -33.40 14.71 -53.31
C ALA D 523 -33.15 16.00 -54.06
N TYR D 524 -31.89 16.26 -54.42
CA TYR D 524 -31.54 17.43 -55.21
C TYR D 524 -32.23 17.42 -56.56
N ILE D 525 -32.17 16.28 -57.24
CA ILE D 525 -32.84 16.14 -58.53
C ILE D 525 -34.35 16.29 -58.36
N GLY D 526 -34.90 15.65 -57.33
CA GLY D 526 -36.34 15.65 -57.16
C GLY D 526 -36.89 17.03 -56.82
N VAL D 527 -36.20 17.76 -55.96
CA VAL D 527 -36.63 19.10 -55.58
C VAL D 527 -36.58 20.02 -56.78
N SER D 528 -35.52 19.93 -57.59
CA SER D 528 -35.43 20.79 -58.75
C SER D 528 -36.51 20.47 -59.77
N VAL D 529 -36.85 19.20 -59.95
CA VAL D 529 -37.84 18.84 -60.95
C VAL D 529 -39.23 19.25 -60.49
N VAL D 530 -39.55 19.05 -59.21
CA VAL D 530 -40.86 19.44 -58.70
C VAL D 530 -41.04 20.95 -58.75
N LEU D 531 -39.97 21.69 -58.45
CA LEU D 531 -40.03 23.13 -58.56
C LEU D 531 -40.19 23.57 -60.01
N PHE D 532 -39.62 22.81 -60.95
CA PHE D 532 -39.90 23.09 -62.35
C PHE D 532 -41.36 22.83 -62.68
N LEU D 533 -41.95 21.82 -62.07
CA LEU D 533 -43.33 21.47 -62.39
C LEU D 533 -44.30 22.52 -61.88
N VAL D 534 -44.01 23.11 -60.72
CA VAL D 534 -44.93 24.08 -60.13
C VAL D 534 -45.05 25.32 -61.00
N SER D 535 -43.93 25.87 -61.44
CA SER D 535 -44.01 26.90 -62.44
C SER D 535 -44.20 26.27 -63.81
N ARG D 536 -44.29 27.14 -64.83
CA ARG D 536 -44.40 26.77 -66.25
C ARG D 536 -45.60 25.86 -66.50
N PHE D 537 -46.70 26.14 -65.82
CA PHE D 537 -47.83 25.24 -65.72
C PHE D 537 -49.07 25.92 -66.28
N SER D 538 -48.88 26.56 -67.44
CA SER D 538 -49.79 27.53 -68.07
C SER D 538 -50.25 28.58 -67.07
N PRO D 539 -49.41 29.55 -66.68
CA PRO D 539 -49.87 30.59 -65.76
C PRO D 539 -50.77 31.60 -66.46
N TYR D 540 -52.07 31.49 -66.20
CA TYR D 540 -53.01 32.47 -66.70
C TYR D 540 -53.87 32.98 -65.55
N GLN D 554 -49.30 39.80 -73.29
CA GLN D 554 -49.81 38.47 -73.64
C GLN D 554 -48.96 37.40 -72.98
N SER D 555 -48.29 37.78 -71.90
CA SER D 555 -47.40 36.87 -71.17
C SER D 555 -48.27 35.86 -70.43
N SER D 556 -48.42 34.68 -71.03
CA SER D 556 -49.21 33.60 -70.46
C SER D 556 -48.38 32.38 -70.13
N GLU D 557 -47.11 32.36 -70.51
CA GLU D 557 -46.21 31.27 -70.15
C GLU D 557 -44.86 31.74 -69.60
N SER D 558 -44.33 32.87 -70.06
CA SER D 558 -43.04 33.38 -69.62
C SER D 558 -43.17 34.34 -68.44
N THR D 559 -44.17 34.14 -67.58
CA THR D 559 -44.37 34.96 -66.39
C THR D 559 -43.18 34.84 -65.44
N ASN D 560 -42.67 33.63 -65.28
CA ASN D 560 -41.51 33.39 -64.44
C ASN D 560 -40.27 33.24 -65.31
N GLU D 561 -39.14 33.02 -64.65
CA GLU D 561 -37.89 32.79 -65.34
C GLU D 561 -37.36 31.39 -65.04
N PHE D 562 -38.13 30.58 -64.34
CA PHE D 562 -37.69 29.26 -63.92
C PHE D 562 -37.86 28.26 -65.06
N GLY D 563 -36.80 28.08 -65.84
CA GLY D 563 -36.67 26.89 -66.65
C GLY D 563 -36.20 25.74 -65.79
N ILE D 564 -36.11 24.57 -66.42
CA ILE D 564 -35.59 23.40 -65.73
C ILE D 564 -34.12 23.61 -65.36
N PHE D 565 -33.37 24.28 -66.22
CA PHE D 565 -31.98 24.51 -65.92
C PHE D 565 -31.81 25.64 -64.91
N ASN D 566 -32.70 26.63 -64.93
CA ASN D 566 -32.66 27.66 -63.90
C ASN D 566 -33.00 27.09 -62.53
N SER D 567 -33.95 26.15 -62.48
CA SER D 567 -34.26 25.50 -61.21
C SER D 567 -33.12 24.62 -60.74
N LEU D 568 -32.47 23.93 -61.68
CA LEU D 568 -31.28 23.16 -61.37
C LEU D 568 -30.18 24.06 -60.82
N TRP D 569 -30.10 25.28 -61.32
CA TRP D 569 -29.15 26.24 -60.77
C TRP D 569 -29.57 26.72 -59.39
N PHE D 570 -30.86 27.00 -59.20
CA PHE D 570 -31.35 27.58 -57.97
C PHE D 570 -31.20 26.63 -56.79
N SER D 571 -31.43 25.35 -57.03
CA SER D 571 -31.33 24.38 -55.95
C SER D 571 -29.90 24.26 -55.47
N LEU D 572 -28.96 24.14 -56.40
CA LEU D 572 -27.55 24.05 -56.04
C LEU D 572 -27.06 25.33 -55.41
N GLY D 573 -27.61 26.47 -55.84
CA GLY D 573 -27.22 27.72 -55.21
C GLY D 573 -27.72 27.81 -53.79
N ALA D 574 -28.97 27.40 -53.56
CA ALA D 574 -29.51 27.44 -52.22
C ALA D 574 -28.84 26.44 -51.30
N PHE D 575 -28.27 25.38 -51.86
CA PHE D 575 -27.68 24.37 -51.00
C PHE D 575 -26.39 24.86 -50.37
N MET D 576 -25.59 25.62 -51.08
CA MET D 576 -24.26 25.99 -50.62
C MET D 576 -24.15 27.45 -50.22
N GLN D 577 -25.20 27.97 -49.56
CA GLN D 577 -25.16 29.19 -48.77
C GLN D 577 -25.03 30.49 -49.57
N GLN D 578 -25.13 30.47 -50.88
CA GLN D 578 -25.24 31.71 -51.64
C GLN D 578 -26.49 31.65 -52.50
N GLY D 579 -27.50 32.42 -52.12
CA GLY D 579 -28.68 32.51 -52.94
C GLY D 579 -28.41 33.19 -54.27
N CYS D 580 -29.12 32.72 -55.29
CA CYS D 580 -28.96 33.27 -56.63
C CYS D 580 -29.76 34.55 -56.76
N ASP D 581 -29.87 35.06 -57.97
CA ASP D 581 -30.51 36.36 -58.17
C ASP D 581 -32.02 36.21 -58.17
N ILE D 582 -32.54 35.19 -58.82
CA ILE D 582 -33.97 35.03 -58.95
C ILE D 582 -34.55 34.48 -57.67
N SER D 583 -35.88 34.50 -57.57
CA SER D 583 -36.63 34.04 -56.42
C SER D 583 -37.91 33.42 -56.97
N PRO D 584 -38.54 32.49 -56.23
CA PRO D 584 -39.70 31.77 -56.77
C PRO D 584 -40.88 32.63 -57.18
N ARG D 585 -41.09 33.77 -56.51
CA ARG D 585 -41.95 34.88 -56.94
C ARG D 585 -43.45 34.55 -56.90
N SER D 586 -43.81 33.30 -56.66
CA SER D 586 -45.21 32.92 -56.52
C SER D 586 -45.34 31.85 -55.46
N LEU D 587 -46.58 31.59 -55.08
CA LEU D 587 -46.88 30.57 -54.08
C LEU D 587 -46.67 29.18 -54.67
N SER D 588 -46.54 28.20 -53.77
CA SER D 588 -46.57 26.75 -54.00
C SER D 588 -45.32 26.23 -54.66
N GLY D 589 -44.42 27.10 -55.08
CA GLY D 589 -43.08 26.66 -55.39
C GLY D 589 -42.26 26.98 -54.17
N ARG D 590 -42.80 27.89 -53.39
CA ARG D 590 -42.05 28.32 -52.23
C ARG D 590 -42.25 27.41 -51.04
N ILE D 591 -43.32 26.63 -51.01
CA ILE D 591 -43.40 25.63 -49.97
C ILE D 591 -42.71 24.36 -50.44
N VAL D 592 -42.11 24.40 -51.63
CA VAL D 592 -40.96 23.56 -51.89
C VAL D 592 -39.70 24.20 -51.31
N GLY D 593 -39.47 25.47 -51.69
CA GLY D 593 -38.20 26.09 -51.42
C GLY D 593 -37.90 26.31 -49.95
N GLY D 594 -38.92 26.58 -49.15
CA GLY D 594 -38.71 26.73 -47.74
C GLY D 594 -38.36 25.41 -47.08
N VAL D 595 -38.96 24.33 -47.57
CA VAL D 595 -38.62 23.01 -47.06
C VAL D 595 -37.20 22.67 -47.48
N TRP D 596 -36.80 23.07 -48.67
CA TRP D 596 -35.43 22.86 -49.11
C TRP D 596 -34.46 23.71 -48.31
N TRP D 597 -34.90 24.89 -47.89
CA TRP D 597 -34.08 25.72 -47.01
C TRP D 597 -33.92 25.11 -45.64
N PHE D 598 -35.00 24.54 -45.11
CA PHE D 598 -34.92 23.85 -43.82
C PHE D 598 -33.99 22.65 -43.91
N PHE D 599 -34.06 21.94 -45.03
CA PHE D 599 -33.18 20.83 -45.30
C PHE D 599 -31.73 21.26 -45.35
N THR D 600 -31.44 22.35 -46.05
CA THR D 600 -30.06 22.74 -46.18
C THR D 600 -29.52 23.37 -44.91
N LEU D 601 -30.39 23.82 -44.01
CA LEU D 601 -29.90 24.22 -42.71
C LEU D 601 -29.48 23.00 -41.90
N ILE D 602 -30.41 22.06 -41.74
CA ILE D 602 -30.17 20.92 -40.86
C ILE D 602 -29.07 20.00 -41.39
N ILE D 603 -28.84 19.95 -42.69
CA ILE D 603 -27.81 19.06 -43.21
C ILE D 603 -26.43 19.64 -42.98
N ILE D 604 -26.17 20.85 -43.46
CA ILE D 604 -24.79 21.30 -43.43
C ILE D 604 -24.38 21.77 -42.05
N SER D 605 -25.34 22.13 -41.19
CA SER D 605 -24.96 22.35 -39.81
C SER D 605 -24.52 21.05 -39.16
N SER D 606 -25.12 19.95 -39.55
CA SER D 606 -24.63 18.66 -39.11
C SER D 606 -23.34 18.28 -39.79
N TYR D 607 -23.09 18.81 -40.97
CA TYR D 607 -21.85 18.50 -41.68
C TYR D 607 -20.67 19.13 -40.96
N THR D 608 -20.77 20.40 -40.63
CA THR D 608 -19.61 21.16 -40.18
C THR D 608 -19.45 21.13 -38.68
N ALA D 609 -19.90 20.07 -38.03
CA ALA D 609 -19.80 20.02 -36.58
C ALA D 609 -18.37 19.81 -36.12
N ASN D 610 -17.73 18.77 -36.63
CA ASN D 610 -16.41 18.37 -36.16
C ASN D 610 -15.53 17.97 -37.33
N LEU D 611 -15.53 18.82 -38.37
CA LEU D 611 -14.87 18.47 -39.63
C LEU D 611 -13.35 18.34 -39.45
N ALA D 612 -12.77 19.15 -38.58
CA ALA D 612 -11.32 19.16 -38.41
C ALA D 612 -10.80 17.88 -37.80
N ALA D 613 -11.63 17.18 -37.03
CA ALA D 613 -11.22 15.88 -36.52
C ALA D 613 -11.17 14.82 -37.61
N PHE D 614 -11.84 15.04 -38.74
CA PHE D 614 -11.88 14.08 -39.82
C PHE D 614 -10.79 14.27 -40.85
N LEU D 615 -9.96 15.30 -40.74
CA LEU D 615 -8.90 15.47 -41.69
C LEU D 615 -7.53 15.24 -41.09
N THR D 616 -7.45 14.91 -39.80
CA THR D 616 -6.23 14.45 -39.15
C THR D 616 -6.62 13.24 -38.31
N VAL D 617 -6.48 12.04 -38.88
CA VAL D 617 -6.88 10.84 -38.18
C VAL D 617 -5.71 9.89 -37.95
N GLU D 618 -5.10 9.41 -39.05
CA GLU D 618 -3.93 8.53 -39.04
C GLU D 618 -4.19 7.24 -38.26
N ARG D 619 -5.09 6.43 -38.82
CA ARG D 619 -5.32 5.10 -38.29
C ARG D 619 -4.44 4.08 -39.02
N MET D 620 -4.33 2.89 -38.43
CA MET D 620 -3.41 1.86 -38.89
C MET D 620 -4.08 0.92 -39.88
N VAL D 621 -3.30 -0.02 -40.41
CA VAL D 621 -3.74 -0.84 -41.53
C VAL D 621 -4.01 -2.29 -41.12
N SER D 622 -3.11 -2.91 -40.33
CA SER D 622 -3.24 -4.24 -39.74
C SER D 622 -3.55 -5.33 -40.76
N PRO D 623 -2.54 -5.82 -41.51
CA PRO D 623 -2.82 -6.78 -42.59
C PRO D 623 -3.45 -8.09 -42.16
N ILE D 624 -2.98 -8.74 -41.10
CA ILE D 624 -3.52 -10.02 -40.66
C ILE D 624 -3.70 -10.02 -39.16
N GLU D 625 -4.74 -10.73 -38.69
CA GLU D 625 -4.88 -10.82 -37.24
C GLU D 625 -5.09 -12.23 -36.70
N SER D 626 -5.90 -13.06 -37.35
CA SER D 626 -6.23 -14.40 -36.87
C SER D 626 -5.75 -15.33 -37.95
N ALA D 627 -4.47 -15.73 -37.84
CA ALA D 627 -3.52 -15.60 -38.93
C ALA D 627 -4.03 -16.02 -40.29
N GLU D 628 -4.09 -17.33 -40.56
CA GLU D 628 -4.87 -17.99 -41.62
C GLU D 628 -4.60 -17.52 -43.05
N ASP D 629 -4.09 -16.31 -43.23
CA ASP D 629 -3.46 -15.91 -44.46
C ASP D 629 -2.02 -16.37 -44.45
N LEU D 630 -1.48 -16.63 -43.26
CA LEU D 630 -0.24 -17.36 -43.19
C LEU D 630 -0.39 -18.79 -43.71
N SER D 631 -1.62 -19.31 -43.72
CA SER D 631 -1.92 -20.47 -44.53
C SER D 631 -2.14 -20.07 -45.99
N LYS D 632 -2.91 -19.00 -46.22
CA LYS D 632 -3.43 -18.73 -47.57
C LYS D 632 -2.34 -18.21 -48.52
N GLN D 633 -1.78 -17.04 -48.23
CA GLN D 633 -0.77 -16.48 -49.13
C GLN D 633 0.55 -17.22 -48.98
N THR D 634 1.48 -16.90 -49.87
CA THR D 634 2.83 -17.39 -49.81
C THR D 634 3.84 -16.30 -49.46
N GLU D 635 3.39 -15.06 -49.27
CA GLU D 635 4.32 -13.94 -49.28
C GLU D 635 5.06 -13.79 -47.96
N ILE D 636 4.34 -13.51 -46.88
CA ILE D 636 5.00 -13.22 -45.62
C ILE D 636 5.34 -14.53 -44.93
N ALA D 637 6.61 -14.69 -44.56
CA ALA D 637 7.03 -15.91 -43.89
C ALA D 637 6.70 -15.85 -42.41
N TYR D 638 6.91 -16.97 -41.74
CA TYR D 638 6.68 -17.09 -40.31
C TYR D 638 7.36 -18.36 -39.82
N GLY D 639 7.95 -18.28 -38.62
CA GLY D 639 8.62 -19.41 -38.02
C GLY D 639 8.65 -19.28 -36.52
N THR D 640 9.12 -20.33 -35.87
CA THR D 640 9.18 -20.40 -34.41
C THR D 640 10.62 -20.61 -33.96
N LEU D 641 10.78 -20.84 -32.66
CA LEU D 641 12.06 -21.15 -32.07
C LEU D 641 12.39 -22.62 -32.28
N ASP D 642 13.67 -22.92 -32.36
CA ASP D 642 14.10 -24.31 -32.33
C ASP D 642 13.95 -24.89 -30.93
N SER D 643 13.79 -26.22 -30.88
CA SER D 643 13.62 -27.00 -29.64
C SER D 643 12.44 -26.51 -28.82
N GLY D 644 11.37 -26.11 -29.50
CA GLY D 644 10.29 -25.40 -28.87
C GLY D 644 9.06 -26.25 -28.61
N SER D 645 8.38 -25.92 -27.52
CA SER D 645 7.12 -26.58 -27.21
C SER D 645 6.06 -26.22 -28.23
N THR D 646 6.08 -24.98 -28.73
CA THR D 646 5.16 -24.60 -29.79
C THR D 646 5.53 -25.30 -31.09
N LYS D 647 6.84 -25.51 -31.31
CA LYS D 647 7.32 -26.26 -32.45
C LYS D 647 6.82 -27.71 -32.41
N GLU D 648 6.70 -28.28 -31.22
CA GLU D 648 6.11 -29.60 -31.12
C GLU D 648 4.59 -29.55 -31.14
N PHE D 649 4.02 -28.44 -30.67
CA PHE D 649 2.58 -28.24 -30.68
C PHE D 649 2.03 -28.25 -32.11
N PHE D 650 2.74 -27.60 -33.03
CA PHE D 650 2.32 -27.69 -34.42
C PHE D 650 2.64 -29.04 -35.02
N ARG D 651 3.65 -29.74 -34.50
CA ARG D 651 3.97 -31.06 -35.03
C ARG D 651 2.89 -32.06 -34.66
N ARG D 652 2.27 -31.91 -33.51
CA ARG D 652 1.28 -32.86 -33.03
C ARG D 652 -0.14 -32.31 -33.13
N SER D 653 -0.32 -31.11 -33.67
CA SER D 653 -1.64 -30.52 -33.76
C SER D 653 -2.49 -31.25 -34.81
N LYS D 654 -3.81 -31.07 -34.69
CA LYS D 654 -4.78 -31.79 -35.50
C LYS D 654 -5.77 -30.90 -36.23
N ILE D 655 -5.83 -29.61 -35.92
CA ILE D 655 -6.69 -28.68 -36.64
C ILE D 655 -6.13 -28.51 -38.05
N ALA D 656 -7.03 -28.36 -39.03
CA ALA D 656 -6.61 -28.38 -40.43
C ALA D 656 -5.80 -27.14 -40.80
N VAL D 657 -6.16 -25.99 -40.25
CA VAL D 657 -5.40 -24.78 -40.52
C VAL D 657 -4.02 -24.87 -39.89
N PHE D 658 -3.93 -25.47 -38.70
CA PHE D 658 -2.63 -25.70 -38.08
C PHE D 658 -1.83 -26.73 -38.84
N ASP D 659 -2.51 -27.69 -39.47
CA ASP D 659 -1.85 -28.70 -40.27
C ASP D 659 -1.23 -28.07 -41.50
N LYS D 660 -1.95 -27.15 -42.13
CA LYS D 660 -1.40 -26.43 -43.28
C LYS D 660 -0.24 -25.54 -42.86
N MET D 661 -0.34 -24.97 -41.65
CA MET D 661 0.76 -24.19 -41.10
C MET D 661 2.01 -25.04 -40.90
N TRP D 662 1.87 -26.19 -40.24
CA TRP D 662 3.00 -27.06 -39.98
C TRP D 662 3.54 -27.68 -41.27
N THR D 663 2.67 -27.85 -42.27
CA THR D 663 3.11 -28.28 -43.59
C THR D 663 4.04 -27.24 -44.21
N TYR D 664 3.67 -25.97 -44.12
CA TYR D 664 4.57 -24.92 -44.60
C TYR D 664 5.84 -24.84 -43.75
N MET D 665 5.71 -25.08 -42.45
CA MET D 665 6.85 -25.03 -41.55
C MET D 665 7.87 -26.10 -41.89
N ARG D 666 7.40 -27.30 -42.24
CA ARG D 666 8.33 -28.37 -42.58
C ARG D 666 8.81 -28.28 -44.02
N SER D 667 8.03 -27.66 -44.90
CA SER D 667 8.48 -27.44 -46.27
C SER D 667 9.15 -26.08 -46.45
N ALA D 668 9.50 -25.41 -45.35
CA ALA D 668 10.14 -24.11 -45.42
C ALA D 668 11.56 -24.20 -45.96
N GLU D 669 11.80 -23.52 -47.09
CA GLU D 669 13.14 -23.46 -47.70
C GLU D 669 13.46 -22.01 -48.00
N PRO D 670 14.46 -21.41 -47.32
CA PRO D 670 15.31 -21.94 -46.25
C PRO D 670 14.64 -21.94 -44.89
N SER D 671 15.46 -21.92 -43.84
CA SER D 671 14.97 -22.05 -42.48
C SER D 671 14.15 -20.84 -42.05
N VAL D 672 12.86 -21.07 -41.78
CA VAL D 672 12.10 -20.13 -40.97
C VAL D 672 12.33 -20.38 -39.49
N PHE D 673 12.96 -21.49 -39.15
CA PHE D 673 13.31 -21.78 -37.78
C PHE D 673 14.53 -20.95 -37.37
N VAL D 674 14.47 -20.36 -36.19
CA VAL D 674 15.60 -19.63 -35.65
C VAL D 674 15.94 -20.21 -34.28
N ARG D 675 17.17 -19.95 -33.85
CA ARG D 675 17.70 -20.62 -32.68
C ARG D 675 17.49 -19.83 -31.39
N THR D 676 17.52 -18.50 -31.44
CA THR D 676 17.35 -17.71 -30.22
C THR D 676 16.33 -16.61 -30.41
N THR D 677 15.95 -16.04 -29.27
CA THR D 677 14.85 -15.08 -29.21
C THR D 677 15.21 -13.79 -29.94
N ALA D 678 16.35 -13.20 -29.60
CA ALA D 678 16.75 -11.95 -30.24
C ALA D 678 17.11 -12.15 -31.69
N GLU D 679 17.53 -13.38 -32.06
CA GLU D 679 17.69 -13.74 -33.45
C GLU D 679 16.38 -13.58 -34.21
N GLY D 680 15.30 -14.16 -33.68
CA GLY D 680 14.00 -14.00 -34.30
C GLY D 680 13.50 -12.57 -34.31
N VAL D 681 13.76 -11.83 -33.23
CA VAL D 681 13.33 -10.43 -33.14
C VAL D 681 14.03 -9.58 -34.20
N ALA D 682 15.35 -9.75 -34.31
CA ALA D 682 16.11 -9.02 -35.31
C ALA D 682 15.75 -9.45 -36.71
N ARG D 683 15.36 -10.72 -36.89
CA ARG D 683 14.91 -11.16 -38.20
C ARG D 683 13.61 -10.49 -38.60
N VAL D 684 12.68 -10.37 -37.66
CA VAL D 684 11.42 -9.67 -37.93
C VAL D 684 11.68 -8.19 -38.19
N ARG D 685 12.63 -7.60 -37.47
CA ARG D 685 12.95 -6.18 -37.66
C ARG D 685 13.56 -5.92 -39.03
N LYS D 686 14.46 -6.78 -39.46
CA LYS D 686 15.15 -6.53 -40.72
C LYS D 686 14.38 -7.05 -41.92
N SER D 687 13.40 -7.95 -41.71
CA SER D 687 12.69 -8.54 -42.84
C SER D 687 11.76 -7.55 -43.53
N LYS D 688 11.38 -6.48 -42.83
CA LYS D 688 10.49 -5.42 -43.33
C LYS D 688 9.16 -5.99 -43.79
N GLY D 689 8.47 -6.67 -42.88
CA GLY D 689 7.16 -7.21 -43.18
C GLY D 689 7.15 -8.44 -44.05
N LYS D 690 8.22 -9.22 -44.02
CA LYS D 690 8.26 -10.46 -44.79
C LYS D 690 8.35 -11.69 -43.92
N TYR D 691 8.56 -11.53 -42.61
CA TYR D 691 8.73 -12.67 -41.73
C TYR D 691 8.01 -12.41 -40.42
N ALA D 692 6.93 -13.15 -40.17
CA ALA D 692 6.22 -13.06 -38.91
C ALA D 692 6.92 -13.91 -37.87
N TYR D 693 6.36 -13.95 -36.67
CA TYR D 693 7.01 -14.69 -35.60
C TYR D 693 5.95 -15.20 -34.63
N LEU D 694 6.24 -16.34 -34.00
CA LEU D 694 5.35 -16.92 -33.01
C LEU D 694 6.11 -17.06 -31.70
N LEU D 695 5.55 -16.53 -30.63
CA LEU D 695 6.07 -16.77 -29.29
C LEU D 695 4.93 -16.66 -28.29
N GLU D 696 5.27 -16.51 -27.02
CA GLU D 696 4.32 -16.45 -25.93
C GLU D 696 4.06 -15.01 -25.53
N SER D 697 2.80 -14.73 -25.18
CA SER D 697 2.26 -13.38 -25.16
C SER D 697 2.93 -12.48 -24.13
N THR D 698 3.48 -13.03 -23.06
CA THR D 698 4.18 -12.21 -22.07
C THR D 698 5.41 -11.58 -22.68
N MET D 699 6.19 -12.39 -23.39
CA MET D 699 7.34 -11.87 -24.12
C MET D 699 6.90 -10.91 -25.22
N ASN D 700 5.74 -11.19 -25.83
CA ASN D 700 5.24 -10.34 -26.90
C ASN D 700 4.94 -8.93 -26.41
N GLU D 701 4.18 -8.82 -25.33
CA GLU D 701 3.87 -7.49 -24.82
C GLU D 701 5.05 -6.85 -24.12
N TYR D 702 5.99 -7.65 -23.60
CA TYR D 702 7.16 -7.03 -22.99
C TYR D 702 8.04 -6.39 -24.05
N ILE D 703 8.28 -7.09 -25.16
CA ILE D 703 9.04 -6.49 -26.25
C ILE D 703 8.24 -5.37 -26.92
N GLU D 704 6.91 -5.46 -26.87
CA GLU D 704 6.07 -4.37 -27.36
C GLU D 704 6.22 -3.12 -26.49
N GLN D 705 6.56 -3.28 -25.22
CA GLN D 705 6.85 -2.13 -24.37
C GLN D 705 8.34 -1.85 -24.29
N ARG D 706 9.08 -2.10 -25.37
CA ARG D 706 10.48 -1.72 -25.43
C ARG D 706 10.71 -0.71 -26.55
N LYS D 707 11.78 -0.01 -26.44
CA LYS D 707 12.18 0.87 -27.52
C LYS D 707 12.80 0.06 -28.65
N PRO D 708 12.59 0.44 -29.91
CA PRO D 708 11.86 1.62 -30.39
C PRO D 708 10.44 1.35 -30.87
N CYS D 709 9.68 0.52 -30.14
CA CYS D 709 8.26 0.24 -30.41
C CYS D 709 8.02 -0.30 -31.82
N ASP D 710 8.99 -1.03 -32.36
CA ASP D 710 8.88 -1.48 -33.73
C ASP D 710 8.15 -2.82 -33.87
N THR D 711 7.71 -3.41 -32.76
CA THR D 711 6.96 -4.66 -32.76
C THR D 711 5.48 -4.38 -32.54
N MET D 712 4.65 -5.36 -32.90
CA MET D 712 3.22 -5.23 -32.68
C MET D 712 2.59 -6.61 -32.56
N LYS D 713 1.83 -6.81 -31.50
CA LYS D 713 0.98 -7.99 -31.37
C LYS D 713 -0.24 -7.83 -32.27
N VAL D 714 -0.65 -8.92 -32.91
CA VAL D 714 -1.91 -8.94 -33.65
C VAL D 714 -2.77 -10.09 -33.15
N GLY D 715 -4.08 -9.89 -33.28
CA GLY D 715 -5.07 -10.91 -32.96
C GLY D 715 -5.11 -11.39 -31.53
N GLY D 716 -5.95 -12.39 -31.28
CA GLY D 716 -6.01 -13.02 -29.98
C GLY D 716 -4.99 -14.14 -29.85
N ASN D 717 -5.16 -14.93 -28.81
CA ASN D 717 -4.26 -16.03 -28.56
C ASN D 717 -4.76 -17.27 -29.29
N LEU D 718 -4.08 -18.40 -29.07
CA LEU D 718 -4.43 -19.65 -29.70
C LEU D 718 -4.75 -20.77 -28.73
N ASP D 719 -4.32 -20.66 -27.47
CA ASP D 719 -4.56 -21.67 -26.46
C ASP D 719 -4.40 -21.02 -25.09
N SER D 720 -4.31 -21.83 -24.04
CA SER D 720 -4.00 -21.34 -22.70
C SER D 720 -2.93 -22.23 -22.11
N LYS D 721 -1.75 -21.65 -21.87
CA LYS D 721 -0.67 -22.39 -21.26
C LYS D 721 -0.14 -21.61 -20.06
N GLY D 722 0.60 -22.31 -19.21
CA GLY D 722 1.10 -21.71 -17.99
C GLY D 722 2.49 -22.19 -17.65
N TYR D 723 3.27 -21.28 -17.05
CA TYR D 723 4.57 -21.63 -16.53
C TYR D 723 4.44 -22.27 -15.15
N GLY D 724 5.35 -23.20 -14.87
CA GLY D 724 5.33 -23.88 -13.58
C GLY D 724 6.75 -24.13 -13.10
N ILE D 725 6.85 -24.39 -11.80
CA ILE D 725 8.13 -24.73 -11.20
C ILE D 725 8.43 -26.18 -11.51
N ALA D 726 9.62 -26.44 -12.03
CA ALA D 726 10.01 -27.78 -12.48
C ALA D 726 10.96 -28.42 -11.48
N THR D 727 10.60 -29.62 -11.03
CA THR D 727 11.44 -30.42 -10.17
C THR D 727 11.64 -31.79 -10.79
N PRO D 728 12.79 -32.44 -10.55
CA PRO D 728 12.93 -33.84 -10.95
C PRO D 728 11.99 -34.74 -10.17
N LYS D 729 11.60 -35.83 -10.80
CA LYS D 729 10.52 -36.66 -10.32
C LYS D 729 10.93 -37.41 -9.06
N GLY D 730 9.99 -37.53 -8.12
CA GLY D 730 10.19 -38.27 -6.91
C GLY D 730 10.95 -37.54 -5.83
N SER D 731 11.26 -36.27 -6.01
CA SER D 731 12.02 -35.52 -5.02
C SER D 731 11.14 -35.18 -3.81
N SER D 732 11.79 -34.66 -2.78
CA SER D 732 11.08 -34.25 -1.58
C SER D 732 10.71 -32.78 -1.59
N LEU D 733 11.04 -32.06 -2.66
CA LEU D 733 10.77 -30.64 -2.73
C LEU D 733 9.46 -30.33 -3.42
N GLY D 734 8.64 -31.33 -3.71
CA GLY D 734 7.39 -31.12 -4.42
C GLY D 734 6.36 -30.37 -3.61
N THR D 735 5.92 -30.98 -2.52
CA THR D 735 4.92 -30.36 -1.65
C THR D 735 5.30 -29.02 -1.01
N PRO D 736 6.56 -28.70 -0.64
CA PRO D 736 6.80 -27.33 -0.16
C PRO D 736 6.64 -26.26 -1.23
N VAL D 737 7.09 -26.53 -2.45
CA VAL D 737 6.85 -25.60 -3.55
C VAL D 737 5.37 -25.50 -3.85
N ASN D 738 4.67 -26.65 -3.78
CA ASN D 738 3.24 -26.69 -4.02
C ASN D 738 2.48 -25.86 -2.99
N LEU D 739 2.96 -25.83 -1.76
CA LEU D 739 2.32 -24.98 -0.77
C LEU D 739 2.80 -23.54 -0.80
N ALA D 740 3.98 -23.29 -1.39
CA ALA D 740 4.54 -21.93 -1.34
C ALA D 740 4.00 -21.04 -2.45
N VAL D 741 3.85 -21.61 -3.65
CA VAL D 741 3.36 -20.85 -4.79
C VAL D 741 1.94 -20.35 -4.52
N LEU D 742 1.15 -21.15 -3.82
CA LEU D 742 -0.19 -20.73 -3.47
C LEU D 742 -0.20 -19.60 -2.45
N LYS D 743 0.79 -19.56 -1.56
CA LYS D 743 0.90 -18.41 -0.65
C LYS D 743 1.16 -17.14 -1.42
N LEU D 744 2.04 -17.21 -2.42
CA LEU D 744 2.33 -16.02 -3.22
C LEU D 744 1.12 -15.59 -4.04
N SER D 745 0.37 -16.55 -4.58
CA SER D 745 -0.84 -16.23 -5.32
C SER D 745 -1.93 -15.68 -4.42
N GLU D 746 -1.97 -16.13 -3.18
CA GLU D 746 -2.98 -15.66 -2.25
C GLU D 746 -2.69 -14.24 -1.80
N GLN D 747 -1.42 -13.92 -1.58
CA GLN D 747 -1.07 -12.61 -1.04
C GLN D 747 -0.70 -11.61 -2.12
N GLY D 748 -0.79 -11.97 -3.39
CA GLY D 748 -0.65 -10.95 -4.42
C GLY D 748 0.77 -10.57 -4.70
N VAL D 749 1.72 -11.35 -4.18
CA VAL D 749 3.13 -11.13 -4.43
C VAL D 749 3.44 -11.28 -5.92
N LEU D 750 2.75 -12.22 -6.58
CA LEU D 750 2.88 -12.40 -8.02
C LEU D 750 2.40 -11.16 -8.77
N ASP D 751 1.30 -10.56 -8.31
CA ASP D 751 0.81 -9.32 -8.91
C ASP D 751 1.81 -8.20 -8.74
N LYS D 752 2.39 -8.09 -7.55
CA LYS D 752 3.35 -7.03 -7.27
C LYS D 752 4.60 -7.19 -8.13
N LEU D 753 5.08 -8.42 -8.28
CA LEU D 753 6.25 -8.66 -9.10
C LEU D 753 5.96 -8.44 -10.58
N LYS D 754 4.76 -8.81 -11.04
CA LYS D 754 4.40 -8.62 -12.43
C LYS D 754 4.26 -7.13 -12.75
N ASN D 755 3.71 -6.37 -11.81
CA ASN D 755 3.66 -4.92 -11.97
C ASN D 755 5.05 -4.31 -12.00
N LYS D 756 5.94 -4.80 -11.14
CA LYS D 756 7.30 -4.27 -11.10
C LYS D 756 8.06 -4.54 -12.39
N TRP D 757 7.92 -5.74 -12.94
CA TRP D 757 8.73 -6.13 -14.08
C TRP D 757 8.00 -6.03 -15.41
N TRP D 758 6.79 -5.52 -15.43
CA TRP D 758 6.26 -5.14 -16.73
C TRP D 758 5.70 -3.73 -16.78
N TYR D 759 5.03 -3.27 -15.73
CA TYR D 759 4.24 -2.06 -15.86
C TYR D 759 4.92 -0.83 -15.30
N ASP D 760 5.86 -1.00 -14.36
CA ASP D 760 6.62 0.13 -13.88
C ASP D 760 7.70 0.58 -14.85
N LYS D 761 7.97 -0.20 -15.89
CA LYS D 761 8.93 0.17 -16.92
C LYS D 761 8.22 0.42 -18.25
N GLY D 762 7.09 1.12 -18.19
CA GLY D 762 6.52 1.67 -19.40
C GLY D 762 7.38 2.78 -19.93
N GLU D 763 8.09 2.50 -21.02
CA GLU D 763 9.14 3.38 -21.52
C GLU D 763 8.78 3.98 -22.87
N CYS D 764 8.45 3.13 -23.84
CA CYS D 764 8.44 3.51 -25.24
C CYS D 764 7.05 4.01 -25.62
N GLY D 765 6.93 5.31 -25.87
CA GLY D 765 5.87 5.86 -26.68
C GLY D 765 4.45 5.76 -26.19
N ALA D 766 3.69 4.84 -26.82
CA ALA D 766 2.24 4.88 -26.82
C ALA D 766 1.63 4.67 -25.44
N LYS D 767 2.31 3.92 -24.56
CA LYS D 767 1.80 3.69 -23.21
C LYS D 767 1.77 5.00 -22.42
N ASP D 768 2.79 5.83 -22.58
CA ASP D 768 2.87 7.07 -21.82
C ASP D 768 2.13 8.20 -22.53
N SER D 769 2.31 8.30 -23.84
CA SER D 769 1.82 9.42 -24.63
C SER D 769 0.46 9.14 -25.30
N GLY D 770 -0.19 8.02 -24.98
CA GLY D 770 -1.46 7.73 -25.60
C GLY D 770 -2.64 8.49 -25.05
N SER D 771 -2.47 9.12 -23.88
CA SER D 771 -3.56 9.83 -23.21
C SER D 771 -3.30 11.33 -23.14
N LYS D 772 -2.62 11.89 -24.13
CA LYS D 772 -2.36 13.31 -24.20
C LYS D 772 -3.11 13.92 -25.39
N GLU D 773 -2.92 15.22 -25.60
CA GLU D 773 -3.72 15.95 -26.56
C GLU D 773 -2.89 17.08 -27.17
N LYS D 774 -2.97 17.19 -28.49
CA LYS D 774 -2.45 18.33 -29.23
C LYS D 774 -3.61 18.94 -29.99
N THR D 775 -3.57 20.26 -30.19
CA THR D 775 -4.78 20.88 -30.71
C THR D 775 -4.93 20.67 -32.20
N SER D 776 -4.13 21.37 -33.01
CA SER D 776 -4.11 21.28 -34.47
C SER D 776 -3.10 22.27 -35.03
N ALA D 777 -2.77 22.04 -36.30
CA ALA D 777 -2.27 23.05 -37.23
C ALA D 777 -2.47 22.48 -38.61
N LEU D 778 -3.32 23.10 -39.41
CA LEU D 778 -3.67 22.55 -40.71
C LEU D 778 -2.57 22.77 -41.73
N SER D 779 -2.11 21.70 -42.34
CA SER D 779 -1.10 21.75 -43.38
C SER D 779 -1.76 21.46 -44.72
N LEU D 780 -1.00 21.74 -45.78
CA LEU D 780 -1.50 21.57 -47.13
C LEU D 780 -1.70 20.11 -47.50
N SER D 781 -0.96 19.20 -46.86
CA SER D 781 -1.10 17.78 -47.16
C SER D 781 -2.46 17.25 -46.77
N ASN D 782 -3.14 17.91 -45.85
CA ASN D 782 -4.51 17.53 -45.53
C ASN D 782 -5.44 17.91 -46.67
N VAL D 783 -5.32 19.13 -47.18
CA VAL D 783 -6.27 19.64 -48.16
C VAL D 783 -5.52 19.74 -49.48
N ALA D 784 -5.62 18.72 -50.28
CA ALA D 784 -5.03 18.77 -51.62
C ALA D 784 -6.02 18.38 -52.70
N GLY D 785 -6.89 17.41 -52.43
CA GLY D 785 -7.88 17.01 -53.40
C GLY D 785 -8.89 18.08 -53.70
N VAL D 786 -9.10 18.99 -52.75
CA VAL D 786 -10.01 20.11 -52.99
C VAL D 786 -9.44 21.02 -54.07
N PHE D 787 -8.16 21.35 -53.98
CA PHE D 787 -7.50 22.11 -55.03
C PHE D 787 -7.47 21.34 -56.35
N TYR D 788 -7.32 20.02 -56.26
CA TYR D 788 -7.30 19.20 -57.46
C TYR D 788 -8.63 19.29 -58.20
N ILE D 789 -9.73 19.18 -57.45
CA ILE D 789 -11.07 19.30 -58.01
C ILE D 789 -11.28 20.68 -58.59
N LEU D 790 -10.76 21.70 -57.90
CA LEU D 790 -10.90 23.09 -58.36
C LEU D 790 -10.23 23.30 -59.72
N VAL D 791 -8.99 22.84 -59.85
CA VAL D 791 -8.26 23.05 -61.10
C VAL D 791 -8.85 22.21 -62.22
N GLY D 792 -9.27 20.98 -61.91
CA GLY D 792 -9.89 20.14 -62.92
C GLY D 792 -11.20 20.70 -63.42
N GLY D 793 -11.98 21.31 -62.53
CA GLY D 793 -13.21 21.96 -62.96
C GLY D 793 -12.95 23.16 -63.82
N LEU D 794 -11.87 23.90 -63.55
CA LEU D 794 -11.48 24.99 -64.42
C LEU D 794 -11.23 24.51 -65.84
N GLY D 795 -10.43 23.43 -65.95
CA GLY D 795 -10.12 22.89 -67.26
C GLY D 795 -11.35 22.37 -67.99
N LEU D 796 -12.27 21.75 -67.25
CA LEU D 796 -13.48 21.23 -67.85
C LEU D 796 -14.37 22.34 -68.38
N ALA D 797 -14.54 23.41 -67.60
CA ALA D 797 -15.37 24.53 -68.03
C ALA D 797 -14.79 25.21 -69.26
N MET D 798 -13.46 25.35 -69.28
CA MET D 798 -12.80 25.97 -70.42
C MET D 798 -12.97 25.13 -71.68
N LEU D 799 -12.87 23.80 -71.55
CA LEU D 799 -13.09 22.91 -72.67
C LEU D 799 -14.52 23.00 -73.19
N VAL D 800 -15.48 23.15 -72.27
CA VAL D 800 -16.88 23.29 -72.65
C VAL D 800 -17.08 24.53 -73.50
N ALA D 801 -16.49 25.64 -73.08
CA ALA D 801 -16.64 26.87 -73.86
C ALA D 801 -15.95 26.79 -75.21
N LEU D 802 -14.84 26.07 -75.28
CA LEU D 802 -14.14 25.93 -76.55
C LEU D 802 -14.98 25.14 -77.55
N ILE D 803 -15.62 24.06 -77.10
CA ILE D 803 -16.45 23.33 -78.06
C ILE D 803 -17.76 24.05 -78.32
N GLU D 804 -18.20 24.93 -77.42
CA GLU D 804 -19.35 25.78 -77.71
C GLU D 804 -19.05 26.75 -78.84
N PHE D 805 -17.89 27.41 -78.76
CA PHE D 805 -17.48 28.30 -79.84
C PHE D 805 -17.17 27.54 -81.12
N CYS D 806 -16.74 26.28 -80.99
CA CYS D 806 -16.53 25.44 -82.16
C CYS D 806 -17.85 25.13 -82.87
N TYR D 807 -18.89 24.79 -82.11
CA TYR D 807 -20.16 24.45 -82.72
C TYR D 807 -20.87 25.69 -83.26
N LYS D 808 -20.86 26.78 -82.51
CA LYS D 808 -21.49 28.01 -83.01
C LYS D 808 -20.49 28.86 -83.76
N SER D 809 -19.85 28.24 -84.75
CA SER D 809 -19.05 28.92 -85.75
C SER D 809 -19.54 28.44 -87.10
N ARG D 810 -19.98 27.18 -87.14
CA ARG D 810 -20.61 26.63 -88.32
C ARG D 810 -22.09 26.96 -88.28
N LEU D 821 -35.65 19.44 -77.90
CA LEU D 821 -34.87 18.56 -78.77
C LEU D 821 -35.16 18.82 -80.24
N PHE D 822 -34.72 17.89 -81.07
CA PHE D 822 -34.92 17.95 -82.52
C PHE D 822 -36.17 17.15 -82.89
N ASP D 823 -36.96 17.71 -83.80
CA ASP D 823 -38.21 17.11 -84.30
C ASP D 823 -39.20 16.84 -83.17
N ARG D 824 -39.76 17.94 -82.65
CA ARG D 824 -41.04 17.91 -81.98
C ARG D 824 -42.01 17.06 -82.79
N GLY D 825 -42.48 15.98 -82.20
CA GLY D 825 -42.61 14.77 -82.99
C GLY D 825 -41.87 13.64 -82.28
N VAL D 826 -40.68 13.27 -82.77
CA VAL D 826 -39.92 12.11 -82.26
C VAL D 826 -39.53 12.22 -80.78
N GLN D 827 -39.74 13.38 -80.14
CA GLN D 827 -39.78 13.44 -78.69
C GLN D 827 -40.83 12.50 -78.11
N MET D 828 -41.95 12.30 -78.81
CA MET D 828 -42.94 11.32 -78.38
C MET D 828 -42.38 9.92 -78.43
N LEU D 829 -41.62 9.60 -79.48
CA LEU D 829 -40.91 8.32 -79.56
C LEU D 829 -39.93 8.17 -78.40
N LEU D 830 -39.19 9.23 -78.10
CA LEU D 830 -38.20 9.21 -77.04
C LEU D 830 -38.84 9.01 -75.68
N THR D 831 -39.96 9.68 -75.43
CA THR D 831 -40.59 9.54 -74.12
C THR D 831 -41.34 8.21 -73.99
N THR D 832 -41.84 7.64 -75.08
CA THR D 832 -42.46 6.33 -74.96
C THR D 832 -41.44 5.24 -74.73
N VAL D 833 -40.29 5.30 -75.42
CA VAL D 833 -39.28 4.29 -75.17
C VAL D 833 -38.63 4.50 -73.81
N GLY D 834 -38.60 5.75 -73.33
CA GLY D 834 -38.10 5.99 -71.99
C GLY D 834 -39.03 5.49 -70.92
N ALA D 835 -40.35 5.61 -71.14
CA ALA D 835 -41.32 5.11 -70.18
C ALA D 835 -41.29 3.59 -70.10
N PHE D 836 -41.15 2.92 -71.25
CA PHE D 836 -41.03 1.46 -71.24
C PHE D 836 -39.73 1.01 -70.58
N ALA D 837 -38.62 1.68 -70.90
CA ALA D 837 -37.33 1.29 -70.31
C ALA D 837 -37.30 1.58 -68.82
N ALA D 838 -38.06 2.57 -68.37
CA ALA D 838 -38.20 2.80 -66.94
C ALA D 838 -39.03 1.71 -66.29
N PHE D 839 -40.19 1.40 -66.88
CA PHE D 839 -41.15 0.52 -66.23
C PHE D 839 -40.65 -0.91 -66.16
N SER D 840 -40.09 -1.41 -67.26
CA SER D 840 -39.61 -2.79 -67.29
C SER D 840 -38.46 -3.00 -66.32
N LEU D 841 -37.50 -2.07 -66.31
CA LEU D 841 -36.36 -2.21 -65.42
C LEU D 841 -36.76 -1.97 -63.97
N MET D 842 -37.80 -1.18 -63.73
CA MET D 842 -38.32 -1.01 -62.38
C MET D 842 -38.95 -2.30 -61.87
N THR D 843 -39.73 -2.97 -62.72
CA THR D 843 -40.34 -4.23 -62.33
C THR D 843 -39.29 -5.32 -62.12
N ILE D 844 -38.27 -5.33 -62.98
CA ILE D 844 -37.13 -6.24 -62.80
C ILE D 844 -36.45 -5.97 -61.47
N ALA D 845 -36.26 -4.69 -61.14
CA ALA D 845 -35.61 -4.33 -59.88
C ALA D 845 -36.44 -4.74 -58.68
N VAL D 846 -37.77 -4.71 -58.81
CA VAL D 846 -38.62 -5.15 -57.71
C VAL D 846 -38.52 -6.66 -57.53
N GLY D 847 -38.83 -7.42 -58.58
CA GLY D 847 -38.82 -8.86 -58.44
C GLY D 847 -37.45 -9.47 -58.60
N THR D 848 -36.59 -9.36 -57.59
CA THR D 848 -35.20 -9.74 -57.75
C THR D 848 -34.61 -10.10 -56.38
N ASP D 849 -33.76 -11.13 -56.34
CA ASP D 849 -33.11 -11.56 -55.10
C ASP D 849 -31.76 -10.92 -54.83
N TYR D 850 -31.23 -10.07 -55.71
CA TYR D 850 -29.96 -9.39 -55.40
C TYR D 850 -30.19 -7.95 -55.00
N TRP D 851 -30.47 -7.76 -53.71
CA TRP D 851 -30.49 -6.44 -53.10
C TRP D 851 -29.23 -6.17 -52.28
N LEU D 852 -28.90 -7.01 -51.31
CA LEU D 852 -27.67 -6.82 -50.56
C LEU D 852 -26.97 -8.15 -50.32
N TYR D 853 -25.65 -8.11 -50.40
CA TYR D 853 -24.82 -9.25 -50.06
C TYR D 853 -24.25 -9.03 -48.67
N SER D 854 -24.53 -9.96 -47.77
CA SER D 854 -24.01 -9.92 -46.42
C SER D 854 -23.87 -11.36 -45.93
N ARG D 855 -23.75 -11.54 -44.62
CA ARG D 855 -23.63 -12.89 -44.09
C ARG D 855 -24.56 -13.10 -42.91
N GLY D 856 -25.31 -14.20 -42.96
CA GLY D 856 -26.25 -14.56 -41.91
C GLY D 856 -26.45 -16.05 -41.89
N VAL D 857 -27.70 -16.49 -41.78
CA VAL D 857 -28.03 -17.90 -41.83
C VAL D 857 -28.92 -18.15 -43.05
N CYS D 858 -29.16 -19.43 -43.35
CA CYS D 858 -30.03 -19.82 -44.45
C CYS D 858 -31.42 -20.20 -43.98
N LYS D 859 -31.50 -21.21 -43.12
CA LYS D 859 -32.79 -21.69 -42.62
C LYS D 859 -32.54 -22.46 -41.33
N THR D 860 -33.08 -21.95 -40.23
CA THR D 860 -32.88 -22.55 -38.92
C THR D 860 -34.13 -23.30 -38.49
N LYS D 861 -33.93 -24.20 -37.52
CA LYS D 861 -34.98 -24.91 -36.77
C LYS D 861 -35.92 -25.72 -37.66
N VAL D 875 -22.51 -17.35 -42.88
CA VAL D 875 -22.88 -17.82 -44.20
C VAL D 875 -23.26 -16.65 -45.09
N MET D 876 -22.51 -16.46 -46.17
CA MET D 876 -22.79 -15.39 -47.13
C MET D 876 -24.14 -15.59 -47.80
N THR D 877 -24.79 -14.48 -48.13
CA THR D 877 -26.20 -14.54 -48.51
C THR D 877 -26.46 -13.65 -49.72
N HIS D 878 -27.09 -14.24 -50.73
CA HIS D 878 -27.60 -13.55 -51.92
C HIS D 878 -28.99 -12.98 -51.64
N SER D 879 -29.04 -12.10 -50.65
CA SER D 879 -30.30 -11.70 -50.03
C SER D 879 -30.98 -10.59 -50.82
N GLY D 880 -32.31 -10.69 -50.90
CA GLY D 880 -33.10 -9.71 -51.64
C GLY D 880 -34.13 -9.01 -50.80
N LEU D 881 -35.23 -8.59 -51.43
CA LEU D 881 -36.24 -7.83 -50.73
C LEU D 881 -37.09 -8.71 -49.83
N TRP D 882 -37.49 -9.88 -50.31
CA TRP D 882 -38.20 -10.82 -49.46
C TRP D 882 -37.41 -12.09 -49.20
N ARG D 883 -36.72 -12.60 -50.22
CA ARG D 883 -35.97 -13.83 -50.07
C ARG D 883 -34.56 -13.51 -49.55
N THR D 884 -34.21 -14.09 -48.41
CA THR D 884 -32.82 -14.11 -47.98
C THR D 884 -32.11 -15.38 -48.48
N CYS D 885 -32.23 -15.57 -49.79
CA CYS D 885 -31.81 -16.81 -50.42
C CYS D 885 -30.29 -16.86 -50.50
N CYS D 886 -29.69 -17.87 -49.89
CA CYS D 886 -28.27 -17.86 -49.64
C CYS D 886 -27.51 -18.66 -50.68
N LEU D 887 -26.23 -18.31 -50.84
CA LEU D 887 -25.26 -19.10 -51.58
C LEU D 887 -24.13 -19.49 -50.62
N GLU D 888 -23.16 -20.24 -51.15
CA GLU D 888 -21.95 -20.67 -50.45
C GLU D 888 -22.32 -21.50 -49.21
N GLY D 889 -22.88 -22.67 -49.46
CA GLY D 889 -23.29 -23.48 -48.34
C GLY D 889 -23.39 -24.95 -48.70
N ASN D 890 -23.79 -25.73 -47.71
CA ASN D 890 -24.12 -27.14 -47.93
C ASN D 890 -25.31 -27.31 -48.87
N PHE D 891 -26.21 -26.33 -48.89
CA PHE D 891 -27.23 -26.22 -49.94
C PHE D 891 -27.23 -24.80 -50.47
N LYS D 892 -27.29 -24.66 -51.79
CA LYS D 892 -27.30 -23.36 -52.45
C LYS D 892 -28.59 -23.22 -53.23
N GLY D 893 -29.21 -22.04 -53.16
CA GLY D 893 -30.40 -21.76 -53.91
C GLY D 893 -31.68 -22.03 -53.18
N LEU D 894 -31.62 -22.48 -51.93
CA LEU D 894 -32.82 -22.71 -51.14
C LEU D 894 -33.15 -21.43 -50.39
N CYS D 895 -34.26 -20.81 -50.77
CA CYS D 895 -34.56 -19.46 -50.34
C CYS D 895 -35.39 -19.48 -49.07
N LYS D 896 -35.33 -18.38 -48.32
CA LYS D 896 -36.08 -18.21 -47.09
C LYS D 896 -36.72 -16.83 -47.10
N GLN D 897 -37.94 -16.74 -46.59
CA GLN D 897 -38.68 -15.48 -46.55
C GLN D 897 -38.47 -14.82 -45.19
N ILE D 898 -37.97 -13.59 -45.21
CA ILE D 898 -37.55 -12.92 -43.99
C ILE D 898 -38.33 -11.63 -43.79
N ASP D 899 -38.74 -11.39 -42.56
CA ASP D 899 -39.31 -10.13 -42.11
C ASP D 899 -38.99 -9.99 -40.62
N HIS D 900 -39.74 -9.12 -39.93
CA HIS D 900 -39.47 -8.83 -38.53
C HIS D 900 -39.79 -10.01 -37.64
N PHE D 901 -39.49 -9.82 -36.35
CA PHE D 901 -39.65 -10.85 -35.37
C PHE D 901 -39.92 -10.21 -34.01
N PRO D 902 -40.88 -10.75 -33.25
CA PRO D 902 -41.18 -10.20 -31.92
C PRO D 902 -40.18 -10.64 -30.86
N GLU D 903 -39.46 -9.67 -30.32
CA GLU D 903 -38.49 -9.90 -29.24
C GLU D 903 -39.17 -9.67 -27.88
N ASP D 904 -38.37 -9.52 -26.83
CA ASP D 904 -38.85 -9.33 -25.46
C ASP D 904 -39.62 -8.01 -25.35
N ALA D 905 -40.95 -8.11 -25.23
CA ALA D 905 -41.92 -7.02 -25.06
C ALA D 905 -41.99 -6.05 -26.23
N ASP D 906 -41.24 -6.31 -27.31
CA ASP D 906 -41.27 -5.68 -28.62
C ASP D 906 -40.88 -4.20 -28.62
N TYR D 907 -40.58 -3.61 -27.46
CA TYR D 907 -40.59 -2.17 -27.19
C TYR D 907 -41.76 -1.48 -27.91
N GLU D 908 -42.96 -1.94 -27.55
CA GLU D 908 -44.20 -1.47 -28.16
C GLU D 908 -44.48 -0.01 -27.83
N ALA D 909 -43.85 0.53 -26.77
CA ALA D 909 -43.85 1.97 -26.53
C ALA D 909 -43.21 2.73 -27.68
N ASP D 910 -42.26 2.11 -28.39
CA ASP D 910 -41.83 2.61 -29.69
C ASP D 910 -42.73 2.04 -30.79
N THR D 911 -44.01 2.41 -30.70
CA THR D 911 -44.95 2.05 -31.74
C THR D 911 -44.68 2.83 -33.02
N ALA D 912 -43.95 3.94 -32.94
CA ALA D 912 -43.41 4.56 -34.15
C ALA D 912 -42.42 3.64 -34.83
N GLU D 913 -41.56 2.97 -34.06
CA GLU D 913 -40.66 1.98 -34.64
C GLU D 913 -41.44 0.80 -35.19
N TYR D 914 -42.52 0.40 -34.50
CA TYR D 914 -43.38 -0.66 -35.02
C TYR D 914 -44.02 -0.27 -36.34
N PHE D 915 -44.46 0.98 -36.45
CA PHE D 915 -45.05 1.50 -37.66
C PHE D 915 -44.05 1.51 -38.81
N LEU D 916 -42.83 1.98 -38.55
CA LEU D 916 -41.79 1.99 -39.58
C LEU D 916 -41.40 0.57 -39.98
N ARG D 917 -41.37 -0.35 -39.02
CA ARG D 917 -41.08 -1.74 -39.32
C ARG D 917 -42.17 -2.37 -40.18
N ALA D 918 -43.42 -2.03 -39.90
CA ALA D 918 -44.54 -2.55 -40.68
C ALA D 918 -44.53 -1.99 -42.09
N VAL D 919 -44.12 -0.74 -42.24
CA VAL D 919 -43.96 -0.17 -43.57
C VAL D 919 -42.80 -0.84 -44.30
N ARG D 920 -41.77 -1.25 -43.56
CA ARG D 920 -40.65 -1.95 -44.21
C ARG D 920 -41.08 -3.31 -44.74
N ALA D 921 -41.65 -4.15 -43.87
CA ALA D 921 -41.94 -5.53 -44.25
C ALA D 921 -43.00 -5.57 -45.34
N SER D 922 -44.02 -4.73 -45.23
CA SER D 922 -44.98 -4.52 -46.30
C SER D 922 -44.49 -3.33 -47.12
N SER D 923 -43.54 -3.59 -48.00
CA SER D 923 -42.90 -2.52 -48.77
C SER D 923 -43.86 -1.96 -49.81
N ILE D 924 -44.81 -1.16 -49.35
CA ILE D 924 -45.91 -0.70 -50.18
C ILE D 924 -45.42 0.39 -51.14
N PHE D 925 -44.35 1.09 -50.79
CA PHE D 925 -43.91 2.22 -51.62
C PHE D 925 -43.28 1.82 -52.95
N PRO D 926 -42.36 0.83 -53.05
CA PRO D 926 -41.89 0.45 -54.39
C PRO D 926 -42.96 -0.21 -55.22
N ILE D 927 -43.87 -0.94 -54.58
CA ILE D 927 -45.02 -1.52 -55.28
C ILE D 927 -45.89 -0.43 -55.86
N LEU D 928 -46.18 0.60 -55.05
CA LEU D 928 -47.01 1.70 -55.51
C LEU D 928 -46.30 2.55 -56.55
N SER D 929 -44.97 2.58 -56.51
CA SER D 929 -44.19 3.20 -57.58
C SER D 929 -44.41 2.47 -58.90
N VAL D 930 -44.39 1.14 -58.85
CA VAL D 930 -44.70 0.36 -60.05
C VAL D 930 -46.12 0.61 -60.51
N ILE D 931 -47.06 0.75 -59.57
CA ILE D 931 -48.46 0.99 -59.91
C ILE D 931 -48.63 2.32 -60.63
N LEU D 932 -48.07 3.39 -60.06
CA LEU D 932 -48.23 4.70 -60.69
C LEU D 932 -47.42 4.81 -61.98
N LEU D 933 -46.31 4.09 -62.08
CA LEU D 933 -45.56 4.11 -63.33
C LEU D 933 -46.27 3.33 -64.42
N PHE D 934 -46.99 2.28 -64.02
CA PHE D 934 -47.82 1.55 -64.96
C PHE D 934 -49.02 2.38 -65.41
N MET D 935 -49.59 3.15 -64.47
CA MET D 935 -50.67 4.08 -64.82
C MET D 935 -50.18 5.16 -65.78
N GLY D 936 -48.96 5.65 -65.57
CA GLY D 936 -48.38 6.60 -66.50
C GLY D 936 -48.08 5.99 -67.86
N GLY D 937 -47.70 4.71 -67.88
CA GLY D 937 -47.49 4.04 -69.15
C GLY D 937 -48.79 3.86 -69.94
N LEU D 938 -49.86 3.50 -69.25
CA LEU D 938 -51.18 3.48 -69.87
C LEU D 938 -51.59 4.86 -70.37
N CYS D 939 -51.26 5.89 -69.60
CA CYS D 939 -51.61 7.26 -69.96
C CYS D 939 -50.84 7.74 -71.18
N ILE D 940 -49.55 7.43 -71.25
CA ILE D 940 -48.74 7.87 -72.38
C ILE D 940 -49.08 7.08 -73.63
N ALA D 941 -49.55 5.83 -73.49
CA ALA D 941 -50.04 5.13 -74.66
C ALA D 941 -51.43 5.59 -75.07
N ALA D 942 -52.19 6.20 -74.15
CA ALA D 942 -53.52 6.70 -74.44
C ALA D 942 -53.52 8.17 -74.86
N SER D 943 -52.48 8.61 -75.57
CA SER D 943 -52.33 10.03 -75.89
C SER D 943 -52.95 10.39 -77.23
N GLU D 944 -52.47 9.77 -78.31
CA GLU D 944 -52.95 10.13 -79.65
C GLU D 944 -54.28 9.46 -79.97
N PHE D 945 -54.47 8.24 -79.50
CA PHE D 945 -55.79 7.63 -79.52
C PHE D 945 -56.69 8.43 -78.58
N TYR D 946 -57.75 9.03 -79.14
CA TYR D 946 -58.55 10.09 -78.51
C TYR D 946 -57.64 11.23 -78.06
N LYS D 947 -57.06 11.90 -79.06
CA LYS D 947 -56.25 13.08 -78.82
C LYS D 947 -57.16 14.31 -78.81
N THR D 948 -56.54 15.50 -78.86
CA THR D 948 -57.13 16.85 -78.88
C THR D 948 -57.81 17.21 -77.54
N ARG D 949 -57.80 16.29 -76.56
CA ARG D 949 -58.11 16.68 -75.19
C ARG D 949 -56.92 17.37 -74.56
N HIS D 950 -55.72 16.83 -74.79
CA HIS D 950 -54.38 17.31 -74.44
C HIS D 950 -54.25 17.91 -73.05
N ASN D 951 -54.93 17.31 -72.08
CA ASN D 951 -54.69 17.55 -70.67
C ASN D 951 -54.39 16.25 -69.95
N ILE D 952 -54.82 15.13 -70.51
CA ILE D 952 -54.40 13.83 -70.01
C ILE D 952 -52.91 13.64 -70.24
N ILE D 953 -52.39 14.19 -71.34
CA ILE D 953 -50.95 14.18 -71.58
C ILE D 953 -50.22 15.05 -70.56
N LEU D 954 -50.89 16.08 -70.02
CA LEU D 954 -50.31 16.83 -68.91
C LEU D 954 -50.27 15.97 -67.66
N SER D 955 -51.39 15.31 -67.35
CA SER D 955 -51.47 14.48 -66.15
C SER D 955 -50.54 13.28 -66.20
N ALA D 956 -50.05 12.91 -67.40
CA ALA D 956 -49.09 11.82 -67.54
C ALA D 956 -47.82 12.05 -66.73
N GLY D 957 -47.32 13.28 -66.68
CA GLY D 957 -46.05 13.52 -66.02
C GLY D 957 -46.11 13.49 -64.50
N ILE D 958 -47.27 13.82 -63.94
CA ILE D 958 -47.43 13.90 -62.49
C ILE D 958 -47.26 12.51 -61.88
N PHE D 959 -47.75 11.48 -62.56
CA PHE D 959 -47.57 10.12 -62.09
C PHE D 959 -46.10 9.72 -62.12
N PHE D 960 -45.35 10.21 -63.10
CA PHE D 960 -43.93 9.90 -63.20
C PHE D 960 -43.16 10.54 -62.04
N VAL D 961 -43.47 11.80 -61.75
CA VAL D 961 -42.78 12.52 -60.69
C VAL D 961 -43.14 11.93 -59.33
N SER D 962 -44.41 11.57 -59.14
CA SER D 962 -44.85 10.92 -57.91
C SER D 962 -44.23 9.55 -57.76
N ALA D 963 -44.00 8.85 -58.87
CA ALA D 963 -43.36 7.55 -58.82
C ALA D 963 -41.91 7.67 -58.40
N GLY D 964 -41.22 8.70 -58.88
CA GLY D 964 -39.87 8.95 -58.42
C GLY D 964 -39.81 9.28 -56.94
N LEU D 965 -40.79 10.06 -56.47
CA LEU D 965 -40.88 10.38 -55.04
C LEU D 965 -41.12 9.13 -54.20
N SER D 966 -42.02 8.27 -54.66
CA SER D 966 -42.28 7.00 -53.99
C SER D 966 -41.06 6.11 -53.99
N ASN D 967 -40.28 6.17 -55.08
CA ASN D 967 -39.06 5.36 -55.18
C ASN D 967 -38.05 5.76 -54.12
N ILE D 968 -37.77 7.07 -54.01
CA ILE D 968 -36.76 7.49 -53.06
C ILE D 968 -37.23 7.31 -51.62
N ILE D 969 -38.54 7.49 -51.37
CA ILE D 969 -39.01 7.32 -49.99
C ILE D 969 -39.05 5.84 -49.63
N GLY D 970 -39.15 4.93 -50.60
CA GLY D 970 -39.05 3.52 -50.27
C GLY D 970 -37.62 3.09 -50.02
N ILE D 971 -36.68 3.62 -50.81
CA ILE D 971 -35.27 3.29 -50.62
C ILE D 971 -34.79 3.72 -49.25
N ILE D 972 -35.28 4.87 -48.78
CA ILE D 972 -34.87 5.40 -47.47
C ILE D 972 -35.27 4.46 -46.34
N VAL D 973 -36.53 4.01 -46.33
CA VAL D 973 -36.97 3.15 -45.22
C VAL D 973 -36.32 1.78 -45.31
N TYR D 974 -35.96 1.33 -46.52
CA TYR D 974 -35.23 0.08 -46.65
C TYR D 974 -33.85 0.19 -46.02
N ILE D 975 -33.11 1.25 -46.35
CA ILE D 975 -31.76 1.40 -45.81
C ILE D 975 -31.80 1.65 -44.32
N SER D 976 -32.84 2.33 -43.84
CA SER D 976 -32.96 2.58 -42.41
C SER D 976 -33.22 1.28 -41.65
N ALA D 977 -34.15 0.47 -42.13
CA ALA D 977 -34.47 -0.75 -41.40
C ALA D 977 -33.52 -1.89 -41.68
N ASN D 978 -32.54 -1.70 -42.58
CA ASN D 978 -31.43 -2.64 -42.64
C ASN D 978 -30.69 -2.67 -41.32
N ALA D 979 -30.10 -1.54 -40.94
CA ALA D 979 -29.40 -1.47 -39.66
C ALA D 979 -30.34 -1.29 -38.48
N GLY D 980 -31.63 -1.07 -38.73
CA GLY D 980 -32.59 -1.00 -37.64
C GLY D 980 -32.95 -2.33 -37.02
N LYS D 988 -17.33 -1.24 -39.71
CA LYS D 988 -18.79 -1.40 -39.74
C LYS D 988 -19.34 -2.57 -38.85
N LYS D 989 -18.86 -3.83 -38.87
CA LYS D 989 -17.84 -4.42 -39.75
C LYS D 989 -18.45 -5.05 -40.98
N ASN D 990 -19.14 -6.19 -40.80
CA ASN D 990 -20.24 -6.80 -41.57
C ASN D 990 -20.12 -6.88 -43.10
N SER D 991 -19.09 -6.24 -43.68
CA SER D 991 -18.65 -6.29 -45.08
C SER D 991 -19.78 -6.34 -46.11
N TYR D 992 -20.78 -5.47 -45.93
CA TYR D 992 -21.94 -5.62 -46.79
C TYR D 992 -21.73 -4.90 -48.12
N SER D 993 -22.55 -5.28 -49.10
CA SER D 993 -22.50 -4.71 -50.43
C SER D 993 -23.92 -4.74 -50.99
N TYR D 994 -24.12 -4.05 -52.10
CA TYR D 994 -25.45 -3.87 -52.66
C TYR D 994 -25.59 -4.62 -53.97
N GLY D 995 -26.70 -5.34 -54.12
CA GLY D 995 -27.00 -6.01 -55.37
C GLY D 995 -27.42 -5.04 -56.45
N TRP D 996 -27.46 -5.56 -57.68
CA TRP D 996 -27.72 -4.73 -58.85
C TRP D 996 -29.13 -4.17 -58.87
N SER D 997 -30.10 -4.85 -58.24
CA SER D 997 -31.48 -4.40 -58.20
C SER D 997 -31.61 -3.06 -57.47
N PHE D 998 -30.77 -2.83 -56.47
CA PHE D 998 -30.73 -1.55 -55.79
C PHE D 998 -30.31 -0.44 -56.73
N TYR D 999 -29.22 -0.66 -57.46
CA TYR D 999 -28.75 0.31 -58.44
C TYR D 999 -29.70 0.40 -59.62
N PHE D 1000 -30.43 -0.68 -59.89
CA PHE D 1000 -31.47 -0.64 -60.90
C PHE D 1000 -32.63 0.25 -60.47
N GLY D 1001 -33.01 0.21 -59.20
CA GLY D 1001 -34.06 1.10 -58.72
C GLY D 1001 -33.62 2.55 -58.74
N ALA D 1002 -32.34 2.78 -58.44
CA ALA D 1002 -31.77 4.12 -58.58
C ALA D 1002 -31.81 4.62 -60.02
N LEU D 1003 -31.44 3.74 -60.95
CA LEU D 1003 -31.51 4.06 -62.37
C LEU D 1003 -32.94 4.33 -62.78
N SER D 1004 -33.89 3.58 -62.22
CA SER D 1004 -35.30 3.76 -62.54
C SER D 1004 -35.78 5.12 -62.09
N PHE D 1005 -35.32 5.56 -60.91
CA PHE D 1005 -35.63 6.91 -60.44
C PHE D 1005 -35.15 7.97 -61.41
N ILE D 1006 -33.89 7.87 -61.83
CA ILE D 1006 -33.31 8.89 -62.71
C ILE D 1006 -34.01 8.91 -64.06
N ILE D 1007 -34.31 7.73 -64.60
CA ILE D 1007 -34.98 7.65 -65.91
C ILE D 1007 -36.40 8.16 -65.83
N ALA D 1008 -37.10 7.87 -64.71
CA ALA D 1008 -38.46 8.36 -64.55
C ALA D 1008 -38.50 9.87 -64.45
N GLU D 1009 -37.49 10.46 -63.79
CA GLU D 1009 -37.42 11.92 -63.74
C GLU D 1009 -37.15 12.50 -65.12
N MET D 1010 -36.26 11.87 -65.89
CA MET D 1010 -35.94 12.39 -67.22
C MET D 1010 -37.11 12.22 -68.17
N VAL D 1011 -37.98 11.25 -67.94
CA VAL D 1011 -39.20 11.13 -68.75
C VAL D 1011 -40.21 12.21 -68.36
N GLY D 1012 -40.42 12.36 -67.04
CA GLY D 1012 -41.41 13.30 -66.56
C GLY D 1012 -41.10 14.74 -66.88
N VAL D 1013 -39.81 15.09 -67.00
CA VAL D 1013 -39.49 16.46 -67.38
C VAL D 1013 -39.80 16.68 -68.86
N LEU D 1014 -39.77 15.64 -69.67
CA LEU D 1014 -40.11 15.79 -71.08
C LEU D 1014 -41.61 15.91 -71.27
N ALA D 1015 -42.39 15.30 -70.38
CA ALA D 1015 -43.85 15.33 -70.49
C ALA D 1015 -44.39 16.76 -70.44
N VAL D 1016 -43.83 17.58 -69.55
CA VAL D 1016 -44.33 18.95 -69.42
C VAL D 1016 -43.94 19.78 -70.63
N HIS D 1017 -42.77 19.50 -71.22
CA HIS D 1017 -42.37 20.18 -72.44
C HIS D 1017 -43.28 19.80 -73.61
N MET D 1018 -43.69 18.53 -73.65
CA MET D 1018 -44.69 18.11 -74.63
C MET D 1018 -46.01 18.86 -74.44
N PHE D 1019 -46.40 19.04 -73.18
CA PHE D 1019 -47.62 19.78 -72.88
C PHE D 1019 -47.53 21.24 -73.30
N ILE D 1020 -46.39 21.87 -73.01
CA ILE D 1020 -46.19 23.27 -73.39
C ILE D 1020 -46.12 23.39 -74.91
N ASP D 1021 -45.58 22.38 -75.57
CA ASP D 1021 -45.54 22.35 -77.03
C ASP D 1021 -46.95 22.31 -77.62
N ARG D 1022 -47.76 21.36 -77.17
CA ARG D 1022 -49.12 21.24 -77.71
C ARG D 1022 -49.99 22.43 -77.30
N HIS D 1023 -49.75 23.00 -76.11
CA HIS D 1023 -50.53 24.14 -75.67
C HIS D 1023 -50.14 25.40 -76.44
N LYS D 1024 -48.86 25.54 -76.75
CA LYS D 1024 -48.39 26.63 -77.60
C LYS D 1024 -48.94 26.50 -79.01
N GLN D 1025 -49.02 25.26 -79.52
CA GLN D 1025 -49.61 25.03 -80.83
C GLN D 1025 -51.10 25.32 -80.85
N LEU D 1026 -51.78 25.06 -79.72
CA LEU D 1026 -53.19 25.41 -79.61
C LEU D 1026 -53.38 26.92 -79.59
N THR D 1027 -52.55 27.63 -78.80
CA THR D 1027 -52.69 29.08 -78.70
C THR D 1027 -52.24 29.78 -79.97
N GLY D 1028 -51.39 29.15 -80.77
CA GLY D 1028 -50.92 29.74 -82.00
C GLY D 1028 -49.79 30.72 -81.78
#